data_8A45
#
_entry.id   8A45
#
_cell.length_a   117.120
_cell.length_b   138.013
_cell.length_c   231.626
_cell.angle_alpha   90.000
_cell.angle_beta   90.000
_cell.angle_gamma   90.000
#
_symmetry.space_group_name_H-M   'P 21 21 21'
#
loop_
_entity.id
_entity.type
_entity.pdbx_description
1 polymer '1-deoxy-D-xylulose-5-phosphate synthase'
2 non-polymer '2-ACETYL-THIAMINE DIPHOSPHATE'
3 non-polymer 'MAGNESIUM ION'
4 non-polymer 'CALCIUM ION'
5 non-polymer 'SODIUM ION'
6 water water
#
_entity_poly.entity_id   1
_entity_poly.type   'polypeptide(L)'
_entity_poly.pdbx_seq_one_letter_code
;MGSSHHHHHHSSGLVPRGSMENLYFQSHMPKTLHEIPRERPATPLLDRASSPAELRRLGEADLETLADELRQYLLYTVGQ
TGGHFGAGLGVVELTIALHYVFDTPDDRLVWDVGHQAYPHKILTERRELMGTLRQKNGLAAFPRRAESEYDTFGVGHSST
SISAALGMAIAARLQGKERKSVAVIGDGALTAGMAFEALNHASEVDADMLVILNDNDMSISHNVGGLSNYLAKIGGGGGG
PGTLFEELGWNYIGPIDGHDLPTLVATLRNMRDMKGPQFLHVVTKKGKGFAPAELDPIGYHAITKLEAPGSAPKKTGGPK
YSSVFGQWLCDMAAQDARLLGITPAMKEGSDLVAFSERYPERYFDVAIAEQHAVTLAAGMACEGMKPVVAIYSTFLQRAY
DQLIHDVAVQHLDVLFAIDRAGLVGEDGPTHAGSFDISYLRCIPGMLVMTPSDEDELRKLLTTGYLFDGPAAVRYPRGSG
PNHPIDPDLQPVEIGKGVVRRRGGRVALLVFGVQLAEAMKVAESLDATVVDMRFVKPLDEALVRELAGSHELLVTIEENA
VMGGAGSAVGEFLASEGLEVPLLQLGLPDYYVEHAKPSEMLAECGLDAAGIEKAVRQRLDRQ
;
_entity_poly.pdbx_strand_id   A,B,C,D,E,F
#
# COMPACT_ATOMS: atom_id res chain seq x y z
N LEU A 33 1.89 0.99 -23.08
CA LEU A 33 2.43 2.33 -22.87
C LEU A 33 2.99 2.47 -21.46
N HIS A 34 3.92 3.43 -21.29
CA HIS A 34 4.58 3.66 -20.03
C HIS A 34 4.43 5.07 -19.49
N GLU A 35 4.11 6.04 -20.35
CA GLU A 35 3.90 7.42 -19.92
C GLU A 35 2.62 7.96 -20.56
N ILE A 36 1.98 8.88 -19.86
CA ILE A 36 0.77 9.52 -20.38
C ILE A 36 1.18 10.58 -21.40
N PRO A 37 0.66 10.55 -22.63
CA PRO A 37 1.01 11.60 -23.59
C PRO A 37 0.56 12.97 -23.10
N ARG A 38 1.42 13.97 -23.30
CA ARG A 38 1.10 15.34 -22.93
C ARG A 38 0.58 16.16 -24.10
N GLU A 39 0.87 15.75 -25.33
CA GLU A 39 0.31 16.37 -26.53
C GLU A 39 -0.66 15.40 -27.19
N ARG A 40 -1.65 15.95 -27.88
CA ARG A 40 -2.68 15.12 -28.47
C ARG A 40 -2.04 14.08 -29.40
N PRO A 41 -2.31 12.80 -29.22
CA PRO A 41 -1.74 11.79 -30.12
C PRO A 41 -2.42 11.79 -31.48
N ALA A 42 -1.70 11.29 -32.47
CA ALA A 42 -2.23 11.16 -33.82
C ALA A 42 -3.09 9.91 -33.88
N THR A 43 -4.39 10.08 -34.11
CA THR A 43 -5.36 8.98 -34.13
C THR A 43 -6.20 9.10 -35.41
N PRO A 44 -5.61 8.79 -36.57
CA PRO A 44 -6.36 8.98 -37.83
C PRO A 44 -7.59 8.10 -37.92
N LEU A 45 -7.55 6.89 -37.36
CA LEU A 45 -8.70 5.99 -37.44
C LEU A 45 -9.77 6.37 -36.42
N LEU A 46 -9.36 6.64 -35.18
CA LEU A 46 -10.32 7.10 -34.18
C LEU A 46 -11.05 8.35 -34.66
N ASP A 47 -10.34 9.25 -35.35
CA ASP A 47 -10.96 10.45 -35.88
C ASP A 47 -12.05 10.13 -36.90
N ARG A 48 -11.96 8.98 -37.56
CA ARG A 48 -12.99 8.52 -38.47
C ARG A 48 -14.08 7.71 -37.79
N ALA A 49 -13.99 7.51 -36.48
CA ALA A 49 -14.98 6.75 -35.73
C ALA A 49 -15.58 7.61 -34.63
N SER A 50 -16.08 8.79 -35.00
CA SER A 50 -16.61 9.73 -34.01
C SER A 50 -17.98 9.31 -33.49
N SER A 51 -18.68 8.41 -34.17
CA SER A 51 -19.95 7.87 -33.73
C SER A 51 -20.00 6.40 -34.08
N PRO A 52 -20.90 5.64 -33.45
CA PRO A 52 -20.96 4.19 -33.75
C PRO A 52 -21.25 3.90 -35.22
N ALA A 53 -22.14 4.67 -35.85
CA ALA A 53 -22.44 4.45 -37.26
C ALA A 53 -21.16 4.53 -38.10
N GLU A 54 -20.34 5.54 -37.85
CA GLU A 54 -19.04 5.65 -38.52
C GLU A 54 -18.16 4.45 -38.18
N LEU A 55 -18.10 4.09 -36.90
CA LEU A 55 -17.29 2.95 -36.47
C LEU A 55 -17.67 1.69 -37.24
N ARG A 56 -18.97 1.43 -37.39
CA ARG A 56 -19.42 0.19 -38.01
C ARG A 56 -19.08 0.12 -39.49
N ARG A 57 -18.73 1.25 -40.12
CA ARG A 57 -18.28 1.23 -41.51
C ARG A 57 -16.85 0.74 -41.64
N LEU A 58 -16.07 0.80 -40.57
CA LEU A 58 -14.70 0.28 -40.61
C LEU A 58 -14.71 -1.24 -40.70
N GLY A 59 -13.57 -1.79 -41.11
CA GLY A 59 -13.42 -3.22 -41.22
C GLY A 59 -12.85 -3.84 -39.96
N GLU A 60 -13.14 -5.14 -39.78
CA GLU A 60 -12.67 -5.83 -38.58
C GLU A 60 -11.16 -5.73 -38.44
N ALA A 61 -10.42 -5.88 -39.54
CA ALA A 61 -8.97 -5.77 -39.48
C ALA A 61 -8.50 -4.41 -38.97
N ASP A 62 -9.39 -3.42 -38.89
CA ASP A 62 -9.03 -2.10 -38.41
C ASP A 62 -9.26 -1.92 -36.92
N LEU A 63 -10.04 -2.79 -36.29
CA LEU A 63 -10.48 -2.52 -34.92
C LEU A 63 -9.33 -2.59 -33.92
N GLU A 64 -8.33 -3.44 -34.16
CA GLU A 64 -7.23 -3.54 -33.21
C GLU A 64 -6.31 -2.33 -33.29
N THR A 65 -6.19 -1.71 -34.47
CA THR A 65 -5.49 -0.43 -34.56
C THR A 65 -6.30 0.67 -33.87
N LEU A 66 -7.62 0.65 -34.06
CA LEU A 66 -8.48 1.61 -33.39
C LEU A 66 -8.36 1.50 -31.88
N ALA A 67 -8.33 0.27 -31.36
CA ALA A 67 -8.16 0.06 -29.92
C ALA A 67 -6.91 0.74 -29.41
N ASP A 68 -5.79 0.58 -30.13
CA ASP A 68 -4.55 1.24 -29.73
C ASP A 68 -4.71 2.76 -29.73
N GLU A 69 -5.32 3.30 -30.79
CA GLU A 69 -5.48 4.75 -30.88
C GLU A 69 -6.41 5.27 -29.79
N LEU A 70 -7.48 4.52 -29.49
CA LEU A 70 -8.40 4.93 -28.43
C LEU A 70 -7.69 4.94 -27.08
N ARG A 71 -6.92 3.89 -26.79
CA ARG A 71 -6.19 3.84 -25.53
C ARG A 71 -5.26 5.04 -25.39
N GLN A 72 -4.58 5.41 -26.48
CA GLN A 72 -3.67 6.56 -26.43
C GLN A 72 -4.45 7.86 -26.17
N TYR A 73 -5.54 8.07 -26.91
CA TYR A 73 -6.33 9.27 -26.68
C TYR A 73 -6.87 9.30 -25.25
N LEU A 74 -7.36 8.15 -24.77
CA LEU A 74 -7.88 8.08 -23.41
C LEU A 74 -6.83 8.51 -22.39
N LEU A 75 -5.63 7.91 -22.48
CA LEU A 75 -4.53 8.32 -21.62
C LEU A 75 -4.30 9.83 -21.70
N TYR A 76 -4.22 10.35 -22.93
CA TYR A 76 -3.96 11.77 -23.12
C TYR A 76 -5.01 12.63 -22.43
N THR A 77 -6.30 12.38 -22.72
CA THR A 77 -7.33 13.31 -22.28
C THR A 77 -7.56 13.23 -20.78
N VAL A 78 -7.55 12.01 -20.20
CA VAL A 78 -7.68 11.91 -18.75
C VAL A 78 -6.48 12.53 -18.06
N GLY A 79 -5.30 12.46 -18.69
CA GLY A 79 -4.17 13.20 -18.17
C GLY A 79 -4.42 14.70 -18.17
N GLN A 80 -5.21 15.20 -19.13
CA GLN A 80 -5.48 16.62 -19.23
C GLN A 80 -6.49 17.09 -18.19
N THR A 81 -7.53 16.29 -17.95
CA THR A 81 -8.65 16.70 -17.12
C THR A 81 -8.69 16.05 -15.75
N GLY A 82 -7.96 14.95 -15.56
CA GLY A 82 -8.19 14.11 -14.40
C GLY A 82 -9.48 13.32 -14.57
N GLY A 83 -9.67 12.29 -13.78
CA GLY A 83 -10.88 11.49 -13.84
C GLY A 83 -10.58 10.03 -13.61
N HIS A 84 -11.60 9.20 -13.80
CA HIS A 84 -11.45 7.77 -13.66
C HIS A 84 -10.57 7.24 -14.79
N PHE A 85 -9.75 6.24 -14.48
CA PHE A 85 -8.63 5.87 -15.31
C PHE A 85 -8.62 4.37 -15.61
N GLY A 86 -8.36 3.55 -14.60
CA GLY A 86 -8.07 2.15 -14.83
C GLY A 86 -9.22 1.36 -15.43
N ALA A 87 -10.45 1.59 -14.95
CA ALA A 87 -11.57 0.77 -15.39
C ALA A 87 -11.86 0.98 -16.87
N GLY A 88 -11.67 2.21 -17.36
CA GLY A 88 -11.92 2.47 -18.77
C GLY A 88 -10.91 1.78 -19.68
N LEU A 89 -9.63 1.80 -19.29
CA LEU A 89 -8.63 1.06 -20.04
C LEU A 89 -9.02 -0.41 -20.18
N GLY A 90 -9.67 -0.97 -19.16
CA GLY A 90 -10.04 -2.36 -19.17
C GLY A 90 -11.14 -2.70 -20.15
N VAL A 91 -11.93 -1.72 -20.59
CA VAL A 91 -13.06 -1.98 -21.47
C VAL A 91 -12.89 -1.30 -22.83
N VAL A 92 -11.67 -0.90 -23.18
CA VAL A 92 -11.46 -0.30 -24.49
C VAL A 92 -11.94 -1.23 -25.60
N GLU A 93 -11.48 -2.49 -25.56
CA GLU A 93 -11.87 -3.43 -26.60
C GLU A 93 -13.34 -3.78 -26.52
N LEU A 94 -13.85 -4.02 -25.30
CA LEU A 94 -15.26 -4.33 -25.13
C LEU A 94 -16.14 -3.23 -25.68
N THR A 95 -15.78 -1.97 -25.41
CA THR A 95 -16.58 -0.85 -25.90
C THR A 95 -16.59 -0.81 -27.43
N ILE A 96 -15.43 -0.99 -28.05
CA ILE A 96 -15.35 -1.02 -29.50
C ILE A 96 -16.22 -2.14 -30.06
N ALA A 97 -16.08 -3.34 -29.50
CA ALA A 97 -16.84 -4.48 -30.00
C ALA A 97 -18.34 -4.25 -29.86
N LEU A 98 -18.77 -3.66 -28.74
CA LEU A 98 -20.20 -3.49 -28.49
C LEU A 98 -20.84 -2.57 -29.53
N HIS A 99 -20.25 -1.39 -29.74
CA HIS A 99 -20.79 -0.46 -30.71
C HIS A 99 -20.59 -0.93 -32.15
N TYR A 100 -19.64 -1.84 -32.39
CA TYR A 100 -19.45 -2.38 -33.72
C TYR A 100 -20.51 -3.43 -34.05
N VAL A 101 -20.96 -4.20 -33.06
CA VAL A 101 -21.90 -5.29 -33.31
C VAL A 101 -23.35 -4.84 -33.13
N PHE A 102 -23.63 -4.04 -32.12
CA PHE A 102 -24.99 -3.63 -31.82
C PHE A 102 -25.34 -2.33 -32.52
N ASP A 103 -26.64 -2.17 -32.81
CA ASP A 103 -27.14 -1.05 -33.59
C ASP A 103 -27.49 0.13 -32.68
N THR A 104 -26.48 0.59 -31.94
CA THR A 104 -26.66 1.76 -31.09
C THR A 104 -26.83 3.01 -31.95
N PRO A 105 -27.65 3.98 -31.51
CA PRO A 105 -28.37 4.06 -30.23
C PRO A 105 -29.74 3.36 -30.24
N ASP A 106 -30.16 2.78 -31.36
CA ASP A 106 -31.42 2.04 -31.38
C ASP A 106 -31.39 0.88 -30.40
N ASP A 107 -30.33 0.08 -30.45
CA ASP A 107 -30.08 -0.91 -29.42
C ASP A 107 -29.59 -0.22 -28.14
N ARG A 108 -30.09 -0.67 -27.00
CA ARG A 108 -29.89 0.01 -25.73
C ARG A 108 -28.70 -0.59 -25.00
N LEU A 109 -27.71 0.25 -24.71
CA LEU A 109 -26.50 -0.15 -23.98
C LEU A 109 -26.49 0.59 -22.64
N VAL A 110 -26.41 -0.18 -21.55
CA VAL A 110 -26.42 0.36 -20.20
C VAL A 110 -25.10 -0.01 -19.53
N TRP A 111 -24.33 1.00 -19.16
CA TRP A 111 -23.07 0.80 -18.44
C TRP A 111 -23.34 0.90 -16.93
N ASP A 112 -22.85 -0.08 -16.19
CA ASP A 112 -23.00 -0.07 -14.74
C ASP A 112 -21.97 0.88 -14.12
N VAL A 113 -22.44 1.74 -13.21
CA VAL A 113 -21.63 2.73 -12.54
C VAL A 113 -21.27 3.86 -13.51
N GLY A 114 -20.62 3.51 -14.61
CA GLY A 114 -20.30 4.47 -15.64
C GLY A 114 -18.92 5.09 -15.55
N HIS A 115 -18.16 4.77 -14.51
CA HIS A 115 -16.80 5.26 -14.39
C HIS A 115 -15.89 4.68 -15.47
N GLN A 116 -16.31 3.59 -16.11
CA GLN A 116 -15.53 2.94 -17.17
C GLN A 116 -16.02 3.35 -18.56
N ALA A 117 -16.78 4.43 -18.67
CA ALA A 117 -17.48 4.76 -19.90
C ALA A 117 -16.84 5.89 -20.69
N TYR A 118 -15.60 6.27 -20.38
CA TYR A 118 -14.94 7.29 -21.20
C TYR A 118 -14.74 6.81 -22.63
N PRO A 119 -14.26 5.59 -22.88
CA PRO A 119 -14.23 5.11 -24.27
C PRO A 119 -15.59 5.15 -24.94
N HIS A 120 -16.65 4.84 -24.18
CA HIS A 120 -18.01 4.94 -24.71
C HIS A 120 -18.31 6.37 -25.16
N LYS A 121 -17.94 7.36 -24.35
CA LYS A 121 -18.20 8.75 -24.73
C LYS A 121 -17.33 9.17 -25.91
N ILE A 122 -16.09 8.69 -25.96
CA ILE A 122 -15.19 9.03 -27.06
C ILE A 122 -15.75 8.56 -28.39
N LEU A 123 -16.45 7.44 -28.40
CA LEU A 123 -17.00 6.86 -29.62
C LEU A 123 -18.43 7.29 -29.89
N THR A 124 -19.03 8.10 -29.02
CA THR A 124 -20.40 8.56 -29.22
C THR A 124 -20.45 10.09 -29.31
N GLU A 125 -19.75 10.65 -30.29
CA GLU A 125 -19.88 12.05 -30.68
C GLU A 125 -19.43 13.00 -29.57
N ARG A 126 -18.51 12.57 -28.71
CA ARG A 126 -18.02 13.41 -27.63
C ARG A 126 -16.50 13.40 -27.48
N ARG A 127 -15.77 12.83 -28.43
CA ARG A 127 -14.31 12.79 -28.29
C ARG A 127 -13.73 14.19 -28.13
N GLU A 128 -14.12 15.12 -28.99
CA GLU A 128 -13.58 16.47 -28.95
C GLU A 128 -14.16 17.31 -27.83
N LEU A 129 -15.08 16.76 -27.03
CA LEU A 129 -15.57 17.41 -25.82
C LEU A 129 -14.92 16.87 -24.56
N MET A 130 -14.10 15.82 -24.67
CA MET A 130 -13.49 15.23 -23.49
C MET A 130 -12.57 16.22 -22.77
N GLY A 131 -12.12 17.28 -23.45
CA GLY A 131 -11.37 18.31 -22.78
C GLY A 131 -12.16 19.05 -21.71
N THR A 132 -13.49 18.97 -21.77
CA THR A 132 -14.36 19.57 -20.76
C THR A 132 -14.77 18.59 -19.67
N LEU A 133 -14.25 17.37 -19.69
CA LEU A 133 -14.73 16.34 -18.77
C LEU A 133 -14.61 16.80 -17.33
N ARG A 134 -15.68 16.61 -16.56
CA ARG A 134 -15.72 16.89 -15.12
C ARG A 134 -15.39 18.34 -14.80
N GLN A 135 -15.60 19.24 -15.76
CA GLN A 135 -15.46 20.67 -15.55
C GLN A 135 -16.83 21.33 -15.64
N LYS A 136 -16.98 22.44 -14.91
CA LYS A 136 -18.22 23.19 -14.94
C LYS A 136 -18.68 23.41 -16.38
N ASN A 137 -19.92 23.02 -16.66
CA ASN A 137 -20.55 23.12 -17.98
C ASN A 137 -19.96 22.15 -18.98
N GLY A 138 -19.08 21.24 -18.55
CA GLY A 138 -18.52 20.23 -19.42
C GLY A 138 -19.21 18.89 -19.25
N LEU A 139 -18.65 17.89 -19.94
CA LEU A 139 -19.19 16.54 -19.87
C LEU A 139 -19.21 16.05 -18.43
N ALA A 140 -20.23 15.26 -18.10
CA ALA A 140 -20.41 14.75 -16.76
C ALA A 140 -19.45 13.58 -16.48
N ALA A 141 -19.33 13.23 -15.20
CA ALA A 141 -18.43 12.17 -14.80
C ALA A 141 -18.91 10.80 -15.29
N PHE A 142 -20.21 10.63 -15.50
CA PHE A 142 -20.80 9.36 -15.86
C PHE A 142 -21.76 9.54 -17.02
N PRO A 143 -22.20 8.44 -17.64
CA PRO A 143 -23.25 8.55 -18.65
C PRO A 143 -24.47 9.23 -18.08
N ARG A 144 -25.17 9.97 -18.93
CA ARG A 144 -26.28 10.82 -18.51
C ARG A 144 -27.23 11.01 -19.69
N ARG A 145 -28.50 10.65 -19.48
CA ARG A 145 -29.48 10.70 -20.57
C ARG A 145 -29.53 12.07 -21.21
N ALA A 146 -29.53 13.13 -20.40
CA ALA A 146 -29.64 14.48 -20.93
C ALA A 146 -28.41 14.89 -21.72
N GLU A 147 -27.29 14.16 -21.60
CA GLU A 147 -26.06 14.52 -22.28
C GLU A 147 -25.98 13.99 -23.69
N SER A 148 -26.62 12.86 -23.97
CA SER A 148 -26.44 12.20 -25.27
C SER A 148 -27.49 11.10 -25.42
N GLU A 149 -28.02 10.97 -26.64
CA GLU A 149 -28.95 9.87 -26.93
C GLU A 149 -28.27 8.51 -26.79
N TYR A 150 -26.94 8.47 -26.78
CA TYR A 150 -26.21 7.22 -26.62
C TYR A 150 -26.10 6.78 -25.17
N ASP A 151 -26.52 7.61 -24.23
CA ASP A 151 -26.54 7.26 -22.81
C ASP A 151 -27.99 6.91 -22.45
N THR A 152 -28.26 5.62 -22.30
CA THR A 152 -29.61 5.15 -22.03
C THR A 152 -30.02 5.32 -20.57
N PHE A 153 -29.06 5.43 -19.65
CA PHE A 153 -29.40 5.45 -18.23
C PHE A 153 -28.30 6.17 -17.46
N GLY A 154 -28.68 7.24 -16.76
CA GLY A 154 -27.75 7.92 -15.89
C GLY A 154 -27.38 7.02 -14.71
N VAL A 155 -26.08 6.82 -14.50
CA VAL A 155 -25.57 5.93 -13.48
C VAL A 155 -24.54 6.70 -12.65
N GLY A 156 -24.06 6.02 -11.61
CA GLY A 156 -23.08 6.58 -10.68
C GLY A 156 -23.02 5.68 -9.47
N HIS A 157 -24.16 5.53 -8.81
CA HIS A 157 -24.36 4.38 -7.94
C HIS A 157 -24.30 3.11 -8.78
N SER A 158 -23.90 2.02 -8.15
CA SER A 158 -23.62 0.79 -8.86
C SER A 158 -24.83 -0.13 -8.90
N SER A 159 -24.77 -1.10 -9.81
CA SER A 159 -25.63 -2.28 -9.81
C SER A 159 -27.03 -2.00 -10.32
N THR A 160 -27.26 -0.86 -10.99
CA THR A 160 -28.55 -0.54 -11.55
C THR A 160 -28.71 -1.01 -13.00
N SER A 161 -27.64 -1.47 -13.64
CA SER A 161 -27.67 -1.68 -15.09
C SER A 161 -28.65 -2.79 -15.48
N ILE A 162 -28.64 -3.91 -14.76
CA ILE A 162 -29.50 -5.03 -15.14
C ILE A 162 -30.97 -4.65 -14.98
N SER A 163 -31.31 -4.00 -13.88
CA SER A 163 -32.69 -3.58 -13.66
C SER A 163 -33.16 -2.64 -14.77
N ALA A 164 -32.34 -1.64 -15.09
CA ALA A 164 -32.72 -0.68 -16.12
C ALA A 164 -32.85 -1.35 -17.48
N ALA A 165 -31.87 -2.17 -17.84
CA ALA A 165 -31.91 -2.85 -19.14
C ALA A 165 -33.13 -3.75 -19.24
N LEU A 166 -33.50 -4.42 -18.15
CA LEU A 166 -34.67 -5.29 -18.19
C LEU A 166 -35.96 -4.49 -18.39
N GLY A 167 -36.04 -3.30 -17.80
CA GLY A 167 -37.21 -2.47 -18.01
C GLY A 167 -37.33 -2.01 -19.45
N MET A 168 -36.21 -1.65 -20.08
CA MET A 168 -36.25 -1.26 -21.48
C MET A 168 -36.62 -2.44 -22.37
N ALA A 169 -36.07 -3.62 -22.08
CA ALA A 169 -36.41 -4.81 -22.86
C ALA A 169 -37.90 -5.11 -22.76
N ILE A 170 -38.44 -5.09 -21.54
CA ILE A 170 -39.86 -5.35 -21.35
C ILE A 170 -40.70 -4.34 -22.14
N ALA A 171 -40.36 -3.06 -22.00
CA ALA A 171 -41.12 -2.02 -22.71
C ALA A 171 -41.03 -2.21 -24.22
N ALA A 172 -39.81 -2.45 -24.73
CA ALA A 172 -39.64 -2.61 -26.17
C ALA A 172 -40.48 -3.75 -26.72
N ARG A 173 -40.55 -4.87 -25.98
CA ARG A 173 -41.36 -5.99 -26.43
C ARG A 173 -42.84 -5.61 -26.47
N LEU A 174 -43.33 -4.97 -25.40
CA LEU A 174 -44.74 -4.57 -25.37
C LEU A 174 -45.07 -3.57 -26.47
N GLN A 175 -44.10 -2.74 -26.86
CA GLN A 175 -44.31 -1.76 -27.91
C GLN A 175 -44.19 -2.35 -29.31
N GLY A 176 -43.84 -3.64 -29.43
CA GLY A 176 -43.63 -4.22 -30.73
C GLY A 176 -42.34 -3.80 -31.40
N LYS A 177 -41.38 -3.29 -30.65
CA LYS A 177 -40.07 -2.94 -31.20
C LYS A 177 -39.14 -4.15 -31.11
N GLU A 178 -38.15 -4.16 -32.00
CA GLU A 178 -37.23 -5.28 -32.14
C GLU A 178 -35.82 -4.92 -31.67
N ARG A 179 -35.70 -4.00 -30.73
CA ARG A 179 -34.39 -3.54 -30.30
C ARG A 179 -33.79 -4.49 -29.28
N LYS A 180 -32.47 -4.44 -29.18
CA LYS A 180 -31.73 -5.24 -28.20
C LYS A 180 -31.53 -4.43 -26.92
N SER A 181 -31.27 -5.17 -25.83
CA SER A 181 -30.99 -4.57 -24.53
C SER A 181 -29.74 -5.23 -23.96
N VAL A 182 -28.76 -4.41 -23.56
CA VAL A 182 -27.49 -4.93 -23.07
C VAL A 182 -27.09 -4.16 -21.81
N ALA A 183 -26.58 -4.89 -20.82
CA ALA A 183 -26.08 -4.30 -19.57
C ALA A 183 -24.67 -4.82 -19.33
N VAL A 184 -23.73 -3.90 -19.16
CA VAL A 184 -22.35 -4.23 -18.81
C VAL A 184 -22.16 -3.94 -17.33
N ILE A 185 -21.86 -4.97 -16.54
CA ILE A 185 -21.77 -4.86 -15.10
C ILE A 185 -20.47 -5.49 -14.62
N GLY A 186 -19.72 -4.76 -13.79
CA GLY A 186 -18.49 -5.30 -13.25
C GLY A 186 -18.73 -6.30 -12.15
N ASP A 187 -17.68 -7.08 -11.85
CA ASP A 187 -17.79 -8.10 -10.81
C ASP A 187 -18.06 -7.48 -9.44
N GLY A 188 -17.58 -6.25 -9.21
CA GLY A 188 -17.88 -5.59 -7.94
C GLY A 188 -19.32 -5.15 -7.84
N ALA A 189 -19.82 -4.49 -8.90
CA ALA A 189 -21.22 -4.08 -8.91
C ALA A 189 -22.15 -5.28 -8.77
N LEU A 190 -21.73 -6.46 -9.23
CA LEU A 190 -22.57 -7.64 -9.17
C LEU A 190 -22.76 -8.17 -7.75
N THR A 191 -21.98 -7.68 -6.78
CA THR A 191 -22.14 -8.12 -5.39
C THR A 191 -23.34 -7.49 -4.70
N ALA A 192 -23.98 -6.49 -5.31
CA ALA A 192 -25.10 -5.81 -4.68
C ALA A 192 -26.37 -6.64 -4.80
N GLY A 193 -27.21 -6.55 -3.77
CA GLY A 193 -28.43 -7.33 -3.75
C GLY A 193 -29.38 -7.00 -4.88
N MET A 194 -29.42 -5.74 -5.33
CA MET A 194 -30.36 -5.38 -6.38
C MET A 194 -29.99 -5.98 -7.73
N ALA A 195 -28.71 -6.31 -7.95
CA ALA A 195 -28.35 -7.02 -9.16
C ALA A 195 -28.88 -8.45 -9.14
N PHE A 196 -28.85 -9.08 -7.96
CA PHE A 196 -29.44 -10.41 -7.78
C PHE A 196 -30.94 -10.37 -8.01
N GLU A 197 -31.62 -9.36 -7.46
CA GLU A 197 -33.06 -9.23 -7.69
C GLU A 197 -33.37 -9.11 -9.19
N ALA A 198 -32.52 -8.38 -9.93
CA ALA A 198 -32.78 -8.18 -11.35
C ALA A 198 -32.57 -9.47 -12.13
N LEU A 199 -31.46 -10.15 -11.90
CA LEU A 199 -31.21 -11.43 -12.58
C LEU A 199 -32.36 -12.39 -12.34
N ASN A 200 -32.91 -12.39 -11.12
CA ASN A 200 -34.01 -13.31 -10.80
C ASN A 200 -35.27 -12.96 -11.58
N HIS A 201 -35.59 -11.67 -11.69
CA HIS A 201 -36.83 -11.29 -12.35
C HIS A 201 -36.74 -11.49 -13.85
N ALA A 202 -35.57 -11.19 -14.45
CA ALA A 202 -35.42 -11.34 -15.89
C ALA A 202 -35.72 -12.77 -16.33
N SER A 203 -35.22 -13.76 -15.58
CA SER A 203 -35.55 -15.14 -15.87
C SER A 203 -37.06 -15.37 -15.83
N GLU A 204 -37.72 -14.81 -14.81
CA GLU A 204 -39.15 -15.03 -14.66
C GLU A 204 -39.92 -14.56 -15.89
N VAL A 205 -39.56 -13.40 -16.45
CA VAL A 205 -40.26 -12.87 -17.61
C VAL A 205 -39.65 -13.31 -18.93
N ASP A 206 -38.55 -14.08 -18.89
CA ASP A 206 -37.92 -14.60 -20.10
C ASP A 206 -37.62 -13.48 -21.09
N ALA A 207 -36.98 -12.43 -20.60
CA ALA A 207 -36.71 -11.24 -21.39
C ALA A 207 -35.54 -11.47 -22.34
N ASP A 208 -35.61 -10.84 -23.51
CA ASP A 208 -34.53 -10.87 -24.49
C ASP A 208 -33.54 -9.77 -24.14
N MET A 209 -32.53 -10.12 -23.36
CA MET A 209 -31.49 -9.17 -22.98
C MET A 209 -30.18 -9.89 -22.76
N LEU A 210 -29.09 -9.13 -22.86
CA LEU A 210 -27.74 -9.64 -22.68
C LEU A 210 -27.10 -8.92 -21.50
N VAL A 211 -26.67 -9.68 -20.50
CA VAL A 211 -25.85 -9.15 -19.42
C VAL A 211 -24.41 -9.57 -19.67
N ILE A 212 -23.50 -8.61 -19.69
CA ILE A 212 -22.08 -8.86 -19.85
C ILE A 212 -21.43 -8.60 -18.50
N LEU A 213 -20.84 -9.64 -17.91
CA LEU A 213 -20.06 -9.50 -16.68
C LEU A 213 -18.65 -9.10 -17.07
N ASN A 214 -18.26 -7.88 -16.68
CA ASN A 214 -16.89 -7.39 -16.89
C ASN A 214 -16.11 -7.76 -15.63
N ASP A 215 -15.46 -8.93 -15.69
CA ASP A 215 -14.79 -9.50 -14.52
C ASP A 215 -13.29 -9.21 -14.62
N ASN A 216 -12.81 -8.31 -13.78
CA ASN A 216 -11.37 -8.08 -13.63
C ASN A 216 -10.91 -8.42 -12.22
N ASP A 217 -11.73 -9.12 -11.44
CA ASP A 217 -11.38 -9.54 -10.09
C ASP A 217 -11.05 -8.35 -9.19
N MET A 218 -11.68 -7.21 -9.43
CA MET A 218 -11.41 -5.99 -8.69
C MET A 218 -12.69 -5.20 -8.49
N SER A 219 -12.72 -4.43 -7.40
CA SER A 219 -13.69 -3.36 -7.22
C SER A 219 -12.90 -2.05 -7.25
N ILE A 220 -12.97 -1.24 -6.18
CA ILE A 220 -11.99 -0.18 -6.00
C ILE A 220 -10.80 -0.85 -5.31
N SER A 221 -10.98 -1.28 -4.08
CA SER A 221 -10.09 -2.28 -3.50
C SER A 221 -10.31 -3.62 -4.19
N HIS A 222 -9.56 -4.63 -3.79
CA HIS A 222 -9.82 -5.98 -4.28
C HIS A 222 -11.24 -6.40 -3.94
N ASN A 223 -11.89 -7.08 -4.87
CA ASN A 223 -13.26 -7.54 -4.67
C ASN A 223 -13.25 -8.69 -3.67
N VAL A 224 -13.69 -8.42 -2.45
CA VAL A 224 -13.78 -9.41 -1.39
C VAL A 224 -15.24 -9.79 -1.20
N GLY A 225 -15.51 -11.09 -1.22
CA GLY A 225 -16.86 -11.58 -1.04
C GLY A 225 -17.01 -12.99 -1.57
N GLY A 226 -18.10 -13.63 -1.13
CA GLY A 226 -18.37 -14.99 -1.57
C GLY A 226 -18.66 -15.11 -3.06
N LEU A 227 -19.06 -14.01 -3.71
CA LEU A 227 -19.31 -14.06 -5.14
C LEU A 227 -18.01 -13.95 -5.93
N SER A 228 -17.07 -13.15 -5.45
CA SER A 228 -15.77 -13.06 -6.12
C SER A 228 -15.01 -14.37 -6.04
N ASN A 229 -15.12 -15.06 -4.90
CA ASN A 229 -14.53 -16.39 -4.79
C ASN A 229 -15.09 -17.33 -5.85
N TYR A 230 -16.42 -17.27 -6.07
CA TYR A 230 -17.04 -18.13 -7.07
C TYR A 230 -16.55 -17.79 -8.47
N LEU A 231 -16.62 -16.52 -8.85
CA LEU A 231 -16.15 -16.08 -10.15
C LEU A 231 -14.68 -16.44 -10.35
N THR A 243 -23.57 -23.61 -13.38
CA THR A 243 -23.25 -22.26 -12.92
C THR A 243 -24.44 -21.65 -12.20
N LEU A 244 -24.17 -20.76 -11.24
CA LEU A 244 -25.26 -20.07 -10.55
C LEU A 244 -26.13 -19.30 -11.55
N PHE A 245 -25.50 -18.66 -12.52
CA PHE A 245 -26.26 -17.93 -13.54
C PHE A 245 -27.13 -18.88 -14.35
N GLU A 246 -26.57 -20.04 -14.74
CA GLU A 246 -27.37 -21.05 -15.43
C GLU A 246 -28.57 -21.47 -14.59
N GLU A 247 -28.33 -21.82 -13.32
CA GLU A 247 -29.42 -22.32 -12.49
C GLU A 247 -30.50 -21.27 -12.26
N LEU A 248 -30.20 -20.00 -12.51
CA LEU A 248 -31.16 -18.93 -12.31
C LEU A 248 -31.96 -18.60 -13.58
N GLY A 249 -31.75 -19.35 -14.66
CA GLY A 249 -32.50 -19.16 -15.89
C GLY A 249 -31.76 -18.47 -17.00
N TRP A 250 -30.46 -18.27 -16.88
CA TRP A 250 -29.67 -17.56 -17.88
C TRP A 250 -28.83 -18.54 -18.69
N ASN A 251 -28.67 -18.25 -19.98
CA ASN A 251 -27.76 -19.02 -20.83
C ASN A 251 -26.37 -18.43 -20.67
N TYR A 252 -25.47 -19.20 -20.06
CA TYR A 252 -24.14 -18.72 -19.70
C TYR A 252 -23.13 -19.06 -20.77
N ILE A 253 -22.41 -18.05 -21.26
CA ILE A 253 -21.32 -18.23 -22.21
C ILE A 253 -20.07 -17.62 -21.59
N GLY A 254 -18.95 -18.35 -21.71
CA GLY A 254 -17.67 -17.84 -21.27
C GLY A 254 -16.96 -18.76 -20.31
N PRO A 255 -15.89 -18.25 -19.68
CA PRO A 255 -15.34 -16.89 -19.82
C PRO A 255 -14.53 -16.73 -21.11
N ILE A 256 -14.51 -15.52 -21.68
CA ILE A 256 -13.76 -15.23 -22.90
C ILE A 256 -12.78 -14.09 -22.61
N ASP A 257 -11.79 -13.97 -23.49
CA ASP A 257 -10.79 -12.91 -23.38
C ASP A 257 -11.42 -11.58 -23.74
N GLY A 258 -11.62 -10.72 -22.74
CA GLY A 258 -12.20 -9.41 -22.97
C GLY A 258 -11.32 -8.44 -23.73
N HIS A 259 -10.11 -8.85 -24.09
CA HIS A 259 -9.19 -8.02 -24.86
C HIS A 259 -8.83 -8.63 -26.21
N ASP A 260 -9.50 -9.73 -26.59
CA ASP A 260 -9.34 -10.32 -27.92
C ASP A 260 -10.52 -9.83 -28.76
N LEU A 261 -10.30 -8.72 -29.48
CA LEU A 261 -11.36 -8.16 -30.29
C LEU A 261 -11.97 -9.15 -31.27
N PRO A 262 -11.19 -9.97 -31.97
CA PRO A 262 -11.82 -10.98 -32.86
C PRO A 262 -12.82 -11.88 -32.14
N THR A 263 -12.44 -12.40 -30.97
CA THR A 263 -13.36 -13.26 -30.23
C THR A 263 -14.55 -12.48 -29.70
N LEU A 264 -14.32 -11.24 -29.25
CA LEU A 264 -15.41 -10.42 -28.75
C LEU A 264 -16.48 -10.20 -29.83
N VAL A 265 -16.05 -9.77 -31.01
CA VAL A 265 -17.01 -9.47 -32.08
C VAL A 265 -17.78 -10.72 -32.48
N ALA A 266 -17.08 -11.85 -32.63
CA ALA A 266 -17.75 -13.08 -33.04
C ALA A 266 -18.72 -13.55 -31.97
N THR A 267 -18.29 -13.55 -30.71
CA THR A 267 -19.17 -13.98 -29.63
C THR A 267 -20.38 -13.06 -29.53
N LEU A 268 -20.14 -11.75 -29.43
CA LEU A 268 -21.25 -10.80 -29.34
C LEU A 268 -22.21 -10.95 -30.52
N ARG A 269 -21.68 -11.14 -31.72
CA ARG A 269 -22.53 -11.35 -32.89
C ARG A 269 -23.44 -12.56 -32.68
N ASN A 270 -22.91 -13.64 -32.11
CA ASN A 270 -23.70 -14.84 -31.91
C ASN A 270 -24.83 -14.60 -30.92
N MET A 271 -24.52 -13.96 -29.78
CA MET A 271 -25.51 -13.79 -28.73
C MET A 271 -26.47 -12.64 -28.98
N ARG A 272 -26.10 -11.69 -29.85
CA ARG A 272 -27.00 -10.56 -30.14
C ARG A 272 -28.37 -11.05 -30.57
N ASP A 273 -28.42 -12.06 -31.44
CA ASP A 273 -29.68 -12.56 -31.98
C ASP A 273 -30.17 -13.81 -31.28
N MET A 274 -29.50 -14.25 -30.23
CA MET A 274 -30.07 -15.29 -29.37
C MET A 274 -31.18 -14.69 -28.52
N LYS A 275 -32.14 -15.54 -28.14
CA LYS A 275 -33.34 -15.10 -27.45
C LYS A 275 -33.28 -15.48 -25.98
N GLY A 276 -34.05 -14.76 -25.18
CA GLY A 276 -34.11 -14.99 -23.76
C GLY A 276 -32.94 -14.37 -23.02
N PRO A 277 -32.90 -14.55 -21.70
CA PRO A 277 -31.80 -13.97 -20.91
C PRO A 277 -30.47 -14.62 -21.25
N GLN A 278 -29.53 -13.79 -21.71
CA GLN A 278 -28.19 -14.23 -22.07
C GLN A 278 -27.17 -13.57 -21.16
N PHE A 279 -26.14 -14.33 -20.79
CA PHE A 279 -25.13 -13.91 -19.82
C PHE A 279 -23.76 -14.23 -20.37
N LEU A 280 -22.97 -13.20 -20.67
CA LEU A 280 -21.63 -13.35 -21.22
C LEU A 280 -20.60 -12.99 -20.16
N HIS A 281 -19.74 -13.96 -19.83
CA HIS A 281 -18.67 -13.76 -18.85
C HIS A 281 -17.41 -13.33 -19.59
N VAL A 282 -16.98 -12.09 -19.37
CA VAL A 282 -15.81 -11.52 -20.01
C VAL A 282 -14.76 -11.28 -18.94
N VAL A 283 -13.49 -11.47 -19.30
CA VAL A 283 -12.37 -11.28 -18.38
C VAL A 283 -11.49 -10.18 -18.94
N THR A 284 -11.31 -9.12 -18.16
CA THR A 284 -10.44 -8.01 -18.51
C THR A 284 -9.44 -7.76 -17.38
N LYS A 285 -8.45 -6.93 -17.66
CA LYS A 285 -7.48 -6.49 -16.66
C LYS A 285 -7.66 -5.00 -16.45
N LYS A 286 -7.92 -4.60 -15.20
CA LYS A 286 -8.00 -3.18 -14.89
C LYS A 286 -6.67 -2.50 -15.22
N GLY A 287 -6.74 -1.41 -15.97
CA GLY A 287 -5.55 -0.71 -16.40
C GLY A 287 -4.88 -1.27 -17.63
N LYS A 288 -5.52 -2.21 -18.32
CA LYS A 288 -4.91 -2.87 -19.47
C LYS A 288 -4.25 -1.86 -20.41
N GLY A 289 -2.99 -2.13 -20.74
CA GLY A 289 -2.27 -1.35 -21.72
C GLY A 289 -1.49 -0.18 -21.18
N PHE A 290 -1.57 0.08 -19.87
CA PHE A 290 -0.74 1.10 -19.22
C PHE A 290 -0.11 0.42 -18.01
N ALA A 291 1.16 0.01 -18.17
CA ALA A 291 1.82 -0.82 -17.16
C ALA A 291 1.76 -0.23 -15.76
N PRO A 292 2.02 1.06 -15.54
CA PRO A 292 1.92 1.58 -14.17
C PRO A 292 0.56 1.33 -13.52
N ALA A 293 -0.51 1.35 -14.30
CA ALA A 293 -1.83 1.09 -13.74
C ALA A 293 -2.07 -0.40 -13.53
N GLU A 294 -1.58 -1.24 -14.44
CA GLU A 294 -1.67 -2.68 -14.22
C GLU A 294 -0.96 -3.07 -12.93
N LEU A 295 0.15 -2.39 -12.62
CA LEU A 295 0.94 -2.73 -11.44
C LEU A 295 0.37 -2.14 -10.16
N ASP A 296 -0.46 -1.10 -10.25
CA ASP A 296 -1.06 -0.45 -9.08
C ASP A 296 -2.50 -0.09 -9.41
N PRO A 297 -3.39 -1.08 -9.47
CA PRO A 297 -4.77 -0.79 -9.86
C PRO A 297 -5.52 0.07 -8.86
N ILE A 298 -5.16 0.01 -7.57
CA ILE A 298 -5.81 0.89 -6.59
C ILE A 298 -5.51 2.35 -6.90
N GLY A 299 -4.21 2.69 -6.98
CA GLY A 299 -3.82 4.07 -7.18
C GLY A 299 -4.22 4.64 -8.52
N TYR A 300 -4.46 3.79 -9.51
CA TYR A 300 -4.86 4.25 -10.84
C TYR A 300 -6.35 4.03 -11.11
N HIS A 301 -7.13 3.71 -10.08
CA HIS A 301 -8.58 3.74 -10.24
C HIS A 301 -9.02 5.12 -10.72
N ALA A 302 -8.39 6.17 -10.21
CA ALA A 302 -8.63 7.54 -10.65
C ALA A 302 -7.34 8.32 -10.47
N ILE A 303 -7.16 9.34 -11.30
CA ILE A 303 -5.98 10.18 -11.25
C ILE A 303 -6.41 11.64 -11.28
N THR A 304 -5.52 12.50 -10.80
CA THR A 304 -5.68 13.94 -10.95
C THR A 304 -4.97 14.40 -12.21
N LYS A 305 -5.41 15.54 -12.74
CA LYS A 305 -4.80 16.09 -13.93
C LYS A 305 -3.29 16.27 -13.72
N LEU A 306 -2.53 16.05 -14.78
CA LEU A 306 -1.08 16.11 -14.68
C LEU A 306 -0.62 17.55 -14.43
N GLU A 307 0.53 17.68 -13.78
CA GLU A 307 1.16 18.97 -13.54
C GLU A 307 2.41 19.12 -14.40
N GLY A 317 -2.09 21.71 3.18
CA GLY A 317 -3.32 21.84 3.93
C GLY A 317 -3.42 20.83 5.06
N GLY A 318 -4.57 20.82 5.74
CA GLY A 318 -4.78 19.91 6.84
C GLY A 318 -5.22 18.55 6.36
N PRO A 319 -5.46 17.65 7.32
CA PRO A 319 -5.88 16.29 6.96
C PRO A 319 -7.30 16.27 6.42
N LYS A 320 -7.53 15.31 5.52
CA LYS A 320 -8.88 15.03 5.06
C LYS A 320 -9.73 14.55 6.23
N TYR A 321 -11.02 14.92 6.20
CA TYR A 321 -11.92 14.48 7.26
C TYR A 321 -11.95 12.96 7.34
N SER A 322 -11.89 12.28 6.19
CA SER A 322 -11.83 10.82 6.19
C SER A 322 -10.59 10.33 6.94
N SER A 323 -9.47 11.03 6.82
CA SER A 323 -8.26 10.66 7.54
C SER A 323 -8.42 10.89 9.04
N VAL A 324 -9.10 11.98 9.42
CA VAL A 324 -9.37 12.21 10.84
C VAL A 324 -10.23 11.08 11.39
N PHE A 325 -11.24 10.66 10.64
CA PHE A 325 -12.04 9.51 11.04
C PHE A 325 -11.18 8.26 11.17
N GLY A 326 -10.36 7.99 10.15
CA GLY A 326 -9.52 6.81 10.20
C GLY A 326 -8.62 6.77 11.42
N GLN A 327 -8.04 7.91 11.79
CA GLN A 327 -7.23 7.96 13.00
C GLN A 327 -8.09 7.74 14.25
N TRP A 328 -9.27 8.37 14.31
CA TRP A 328 -10.15 8.15 15.44
C TRP A 328 -10.51 6.68 15.57
N LEU A 329 -10.80 6.02 14.45
CA LEU A 329 -11.20 4.61 14.49
C LEU A 329 -10.07 3.75 15.05
N CYS A 330 -8.84 4.01 14.64
CA CYS A 330 -7.70 3.26 15.17
C CYS A 330 -7.51 3.55 16.65
N ASP A 331 -7.57 4.83 17.05
CA ASP A 331 -7.35 5.19 18.44
C ASP A 331 -8.41 4.58 19.34
N MET A 332 -9.68 4.64 18.94
CA MET A 332 -10.75 4.07 19.76
C MET A 332 -10.66 2.55 19.79
N ALA A 333 -10.27 1.93 18.68
CA ALA A 333 -10.11 0.49 18.66
C ALA A 333 -8.96 0.04 19.56
N ALA A 334 -7.91 0.86 19.66
CA ALA A 334 -6.80 0.53 20.55
C ALA A 334 -7.25 0.52 22.00
N GLN A 335 -8.26 1.31 22.34
CA GLN A 335 -8.71 1.43 23.72
C GLN A 335 -9.92 0.57 24.04
N ASP A 336 -10.67 0.11 23.02
CA ASP A 336 -11.87 -0.70 23.22
C ASP A 336 -11.82 -1.89 22.28
N ALA A 337 -11.65 -3.08 22.85
CA ALA A 337 -11.59 -4.30 22.05
C ALA A 337 -12.92 -4.66 21.39
N ARG A 338 -14.02 -3.99 21.76
CA ARG A 338 -15.32 -4.33 21.20
C ARG A 338 -15.59 -3.66 19.85
N LEU A 339 -14.84 -2.61 19.52
CA LEU A 339 -15.12 -1.85 18.31
C LEU A 339 -14.88 -2.70 17.07
N LEU A 340 -15.86 -2.71 16.16
CA LEU A 340 -15.76 -3.35 14.86
C LEU A 340 -15.99 -2.31 13.78
N GLY A 341 -15.26 -2.42 12.68
CA GLY A 341 -15.34 -1.48 11.57
C GLY A 341 -15.90 -2.14 10.32
N ILE A 342 -16.89 -1.48 9.72
CA ILE A 342 -17.58 -2.00 8.55
C ILE A 342 -17.53 -0.96 7.44
N THR A 343 -17.24 -1.40 6.22
CA THR A 343 -17.35 -0.55 5.04
C THR A 343 -17.96 -1.37 3.92
N PRO A 344 -18.81 -0.77 3.08
CA PRO A 344 -19.27 -1.46 1.86
C PRO A 344 -18.35 -1.12 0.68
N ALA A 345 -17.19 -1.78 0.65
CA ALA A 345 -16.23 -1.73 -0.46
C ALA A 345 -15.60 -0.36 -0.64
N MET A 346 -15.48 0.42 0.44
CA MET A 346 -14.90 1.76 0.37
C MET A 346 -13.82 1.94 1.43
N LYS A 347 -12.93 0.94 1.55
CA LYS A 347 -11.84 1.06 2.51
C LYS A 347 -11.00 2.30 2.23
N GLU A 348 -10.71 2.56 0.95
CA GLU A 348 -9.83 3.67 0.61
C GLU A 348 -10.53 5.01 0.80
N GLY A 349 -11.77 5.11 0.31
CA GLY A 349 -12.51 6.35 0.39
C GLY A 349 -12.79 6.82 1.80
N SER A 350 -13.45 5.97 2.60
CA SER A 350 -13.69 6.28 4.00
C SER A 350 -12.42 6.20 4.84
N ASP A 351 -11.33 5.66 4.29
CA ASP A 351 -10.04 5.58 4.96
C ASP A 351 -10.07 4.66 6.17
N LEU A 352 -10.37 3.38 5.95
CA LEU A 352 -10.14 2.35 6.94
C LEU A 352 -8.86 1.57 6.66
N VAL A 353 -7.90 2.19 5.96
CA VAL A 353 -6.72 1.47 5.50
C VAL A 353 -5.88 1.03 6.70
N ALA A 354 -5.40 1.99 7.49
CA ALA A 354 -4.60 1.63 8.66
C ALA A 354 -5.38 0.71 9.60
N PHE A 355 -6.66 1.01 9.82
CA PHE A 355 -7.46 0.17 10.71
C PHE A 355 -7.50 -1.27 10.20
N SER A 356 -7.70 -1.46 8.90
CA SER A 356 -7.77 -2.80 8.34
C SER A 356 -6.46 -3.55 8.56
N GLU A 357 -5.33 -2.85 8.47
CA GLU A 357 -4.04 -3.48 8.63
C GLU A 357 -3.75 -3.80 10.10
N ARG A 358 -4.13 -2.91 11.01
CA ARG A 358 -3.81 -3.10 12.42
C ARG A 358 -4.79 -4.02 13.13
N TYR A 359 -6.06 -4.00 12.72
CA TYR A 359 -7.13 -4.78 13.38
C TYR A 359 -7.87 -5.60 12.34
N PRO A 360 -7.16 -6.49 11.64
CA PRO A 360 -7.81 -7.24 10.55
C PRO A 360 -8.97 -8.11 11.01
N GLU A 361 -8.92 -8.58 12.26
CA GLU A 361 -9.97 -9.44 12.79
C GLU A 361 -11.22 -8.66 13.19
N ARG A 362 -11.17 -7.33 13.18
CA ARG A 362 -12.30 -6.49 13.55
C ARG A 362 -12.70 -5.56 12.41
N TYR A 363 -12.23 -5.82 11.21
CA TYR A 363 -12.53 -5.05 10.01
C TYR A 363 -13.31 -5.92 9.04
N PHE A 364 -14.33 -5.34 8.42
CA PHE A 364 -15.26 -6.11 7.58
C PHE A 364 -15.63 -5.29 6.35
N ASP A 365 -15.18 -5.74 5.18
CA ASP A 365 -15.60 -5.21 3.89
C ASP A 365 -16.67 -6.15 3.33
N VAL A 366 -17.91 -5.67 3.24
CA VAL A 366 -19.04 -6.50 2.86
C VAL A 366 -19.30 -6.41 1.36
N ALA A 367 -18.34 -5.91 0.60
CA ALA A 367 -18.53 -5.64 -0.82
C ALA A 367 -19.56 -4.52 -0.99
N ILE A 368 -20.10 -4.36 -2.19
CA ILE A 368 -21.03 -3.25 -2.43
C ILE A 368 -22.42 -3.65 -1.95
N ALA A 369 -22.58 -3.73 -0.64
CA ALA A 369 -23.77 -4.28 0.00
C ALA A 369 -24.10 -3.39 1.20
N GLU A 370 -24.56 -2.17 0.91
CA GLU A 370 -24.90 -1.23 1.97
C GLU A 370 -25.95 -1.81 2.91
N GLN A 371 -26.96 -2.47 2.35
CA GLN A 371 -28.03 -3.04 3.18
C GLN A 371 -27.46 -3.98 4.22
N HIS A 372 -26.71 -4.99 3.77
CA HIS A 372 -26.17 -5.98 4.70
C HIS A 372 -25.26 -5.34 5.74
N ALA A 373 -24.50 -4.32 5.33
CA ALA A 373 -23.59 -3.66 6.26
C ALA A 373 -24.30 -3.19 7.52
N VAL A 374 -25.50 -2.63 7.37
CA VAL A 374 -26.20 -2.03 8.50
C VAL A 374 -26.84 -3.10 9.37
N THR A 375 -27.54 -4.06 8.76
CA THR A 375 -28.15 -5.13 9.55
C THR A 375 -27.09 -6.00 10.20
N LEU A 376 -25.96 -6.20 9.53
CA LEU A 376 -24.84 -6.92 10.16
C LEU A 376 -24.39 -6.21 11.42
N ALA A 377 -24.29 -4.88 11.37
CA ALA A 377 -23.95 -4.12 12.57
C ALA A 377 -24.99 -4.32 13.67
N ALA A 378 -26.26 -4.34 13.30
CA ALA A 378 -27.32 -4.55 14.28
C ALA A 378 -27.12 -5.87 15.02
N GLY A 379 -26.81 -6.93 14.28
CA GLY A 379 -26.58 -8.23 14.92
C GLY A 379 -25.37 -8.21 15.84
N MET A 380 -24.29 -7.56 15.41
CA MET A 380 -23.12 -7.43 16.26
C MET A 380 -23.46 -6.72 17.56
N ALA A 381 -24.26 -5.65 17.47
CA ALA A 381 -24.62 -4.89 18.67
C ALA A 381 -25.47 -5.72 19.62
N CYS A 382 -26.25 -6.67 19.09
CA CYS A 382 -27.05 -7.52 19.96
C CYS A 382 -26.19 -8.37 20.89
N GLU A 383 -24.95 -8.66 20.48
CA GLU A 383 -24.04 -9.45 21.29
C GLU A 383 -23.07 -8.58 22.10
N GLY A 384 -23.30 -7.28 22.16
CA GLY A 384 -22.49 -6.40 22.98
C GLY A 384 -21.26 -5.83 22.33
N MET A 385 -20.99 -6.16 21.07
CA MET A 385 -19.91 -5.50 20.36
C MET A 385 -20.38 -4.13 19.87
N LYS A 386 -19.43 -3.33 19.38
CA LYS A 386 -19.66 -1.91 19.10
C LYS A 386 -19.30 -1.62 17.65
N PRO A 387 -20.21 -1.89 16.72
CA PRO A 387 -19.91 -1.66 15.29
C PRO A 387 -19.97 -0.19 14.91
N VAL A 388 -19.04 0.19 14.04
CA VAL A 388 -19.04 1.50 13.39
C VAL A 388 -19.20 1.27 11.90
N VAL A 389 -20.29 1.81 11.33
CA VAL A 389 -20.57 1.67 9.91
C VAL A 389 -20.07 2.93 9.22
N ALA A 390 -19.02 2.79 8.41
CA ALA A 390 -18.50 3.87 7.58
C ALA A 390 -19.21 3.81 6.23
N ILE A 391 -19.89 4.90 5.86
CA ILE A 391 -20.74 4.89 4.68
C ILE A 391 -20.91 6.32 4.20
N TYR A 392 -20.85 6.51 2.89
CA TYR A 392 -21.11 7.81 2.31
C TYR A 392 -22.58 8.17 2.45
N SER A 393 -22.86 9.47 2.62
CA SER A 393 -24.24 9.93 2.73
C SER A 393 -25.09 9.45 1.56
N THR A 394 -24.56 9.56 0.35
CA THR A 394 -25.33 9.16 -0.83
C THR A 394 -25.59 7.65 -0.86
N PHE A 395 -24.65 6.85 -0.37
CA PHE A 395 -24.82 5.40 -0.40
C PHE A 395 -25.66 4.91 0.78
N LEU A 396 -25.66 5.62 1.91
CA LEU A 396 -26.55 5.26 3.01
C LEU A 396 -28.01 5.35 2.60
N GLN A 397 -28.31 6.07 1.51
CA GLN A 397 -29.67 6.07 0.98
C GLN A 397 -30.15 4.66 0.68
N ARG A 398 -29.23 3.76 0.31
CA ARG A 398 -29.59 2.40 -0.08
C ARG A 398 -29.82 1.47 1.11
N ALA A 399 -29.41 1.88 2.32
CA ALA A 399 -29.61 1.09 3.52
C ALA A 399 -30.57 1.77 4.50
N TYR A 400 -31.40 2.69 4.01
CA TYR A 400 -32.31 3.44 4.87
C TYR A 400 -33.21 2.51 5.68
N ASP A 401 -33.76 1.47 5.03
CA ASP A 401 -34.68 0.59 5.73
C ASP A 401 -34.00 -0.17 6.85
N GLN A 402 -32.76 -0.62 6.62
CA GLN A 402 -32.05 -1.35 7.65
C GLN A 402 -31.74 -0.44 8.84
N LEU A 403 -31.37 0.81 8.57
CA LEU A 403 -31.14 1.77 9.64
C LEU A 403 -32.39 1.98 10.47
N ILE A 404 -33.54 2.18 9.81
CA ILE A 404 -34.78 2.43 10.53
C ILE A 404 -35.24 1.17 11.25
N HIS A 405 -35.41 0.08 10.49
CA HIS A 405 -36.13 -1.10 10.99
C HIS A 405 -35.26 -1.96 11.89
N ASP A 406 -33.99 -2.14 11.53
CA ASP A 406 -33.14 -3.06 12.27
C ASP A 406 -32.34 -2.38 13.38
N VAL A 407 -32.02 -1.09 13.23
CA VAL A 407 -31.24 -0.36 14.23
C VAL A 407 -32.14 0.58 15.05
N ALA A 408 -32.75 1.57 14.40
CA ALA A 408 -33.46 2.61 15.14
C ALA A 408 -34.63 2.04 15.93
N VAL A 409 -35.47 1.21 15.28
CA VAL A 409 -36.64 0.68 15.94
C VAL A 409 -36.25 -0.13 17.18
N GLN A 410 -35.09 -0.76 17.14
CA GLN A 410 -34.61 -1.57 18.25
C GLN A 410 -33.68 -0.80 19.19
N HIS A 411 -33.38 0.46 18.87
CA HIS A 411 -32.44 1.28 19.63
C HIS A 411 -31.15 0.52 19.91
N LEU A 412 -30.58 -0.05 18.85
CA LEU A 412 -29.33 -0.78 18.97
C LEU A 412 -28.14 0.16 18.83
N ASP A 413 -27.03 -0.22 19.46
CA ASP A 413 -25.87 0.66 19.63
C ASP A 413 -24.97 0.56 18.40
N VAL A 414 -25.27 1.39 17.40
CA VAL A 414 -24.56 1.40 16.13
C VAL A 414 -24.19 2.84 15.78
N LEU A 415 -22.92 3.07 15.46
CA LEU A 415 -22.42 4.38 15.06
C LEU A 415 -22.26 4.43 13.55
N PHE A 416 -22.84 5.45 12.92
CA PHE A 416 -22.75 5.69 11.49
C PHE A 416 -21.83 6.88 11.24
N ALA A 417 -20.70 6.63 10.58
CA ALA A 417 -19.75 7.67 10.19
C ALA A 417 -20.04 8.02 8.74
N ILE A 418 -20.68 9.17 8.53
CA ILE A 418 -21.27 9.52 7.23
C ILE A 418 -20.34 10.50 6.53
N ASP A 419 -19.53 9.98 5.62
CA ASP A 419 -18.59 10.74 4.82
C ASP A 419 -19.28 11.31 3.58
N ARG A 420 -18.56 12.18 2.87
CA ARG A 420 -19.06 12.82 1.65
C ARG A 420 -20.43 13.46 1.89
N ALA A 421 -20.57 14.09 3.05
CA ALA A 421 -21.78 14.83 3.38
C ALA A 421 -21.75 16.18 2.69
N GLY A 422 -22.82 16.51 1.97
CA GLY A 422 -22.89 17.75 1.23
C GLY A 422 -22.51 17.60 -0.22
N LEU A 423 -22.03 18.68 -0.83
CA LEU A 423 -21.64 18.65 -2.23
C LEU A 423 -20.27 17.98 -2.39
N VAL A 424 -20.16 17.07 -3.35
CA VAL A 424 -18.96 16.25 -3.50
C VAL A 424 -18.10 16.65 -4.67
N GLY A 425 -18.54 17.61 -5.49
CA GLY A 425 -17.70 18.16 -6.53
C GLY A 425 -17.94 17.50 -7.88
N GLU A 426 -16.85 17.03 -8.52
CA GLU A 426 -16.90 16.67 -9.93
C GLU A 426 -17.73 15.43 -10.20
N ASP A 427 -17.89 14.54 -9.21
CA ASP A 427 -18.72 13.36 -9.41
C ASP A 427 -20.19 13.73 -9.63
N GLY A 428 -20.61 14.91 -9.19
CA GLY A 428 -21.90 15.44 -9.57
C GLY A 428 -23.05 14.99 -8.68
N PRO A 429 -24.28 15.17 -9.17
CA PRO A 429 -25.45 14.98 -8.29
C PRO A 429 -25.70 13.53 -7.89
N THR A 430 -25.28 12.55 -8.68
CA THR A 430 -25.54 11.16 -8.31
C THR A 430 -24.85 10.77 -7.01
N HIS A 431 -23.81 11.51 -6.60
CA HIS A 431 -23.03 11.20 -5.41
C HIS A 431 -23.15 12.26 -4.32
N ALA A 432 -24.01 13.26 -4.51
CA ALA A 432 -24.14 14.31 -3.52
C ALA A 432 -24.74 13.77 -2.22
N GLY A 433 -24.17 14.18 -1.10
CA GLY A 433 -24.71 13.85 0.20
C GLY A 433 -25.67 14.92 0.69
N SER A 434 -26.74 15.14 -0.06
CA SER A 434 -27.59 16.30 0.13
C SER A 434 -28.68 16.12 1.18
N PHE A 435 -28.98 14.88 1.58
CA PHE A 435 -30.25 14.60 2.24
C PHE A 435 -30.16 13.93 3.61
N ASP A 436 -28.97 13.57 4.08
CA ASP A 436 -28.91 12.69 5.25
C ASP A 436 -29.44 13.36 6.51
N ILE A 437 -29.28 14.68 6.66
CA ILE A 437 -29.90 15.35 7.80
C ILE A 437 -31.42 15.20 7.72
N SER A 438 -31.98 15.42 6.53
CA SER A 438 -33.43 15.36 6.38
C SER A 438 -33.96 13.95 6.63
N TYR A 439 -33.34 12.94 6.01
CA TYR A 439 -33.92 11.60 6.11
C TYR A 439 -33.56 10.87 7.40
N LEU A 440 -32.61 11.37 8.18
CA LEU A 440 -32.29 10.76 9.46
C LEU A 440 -32.98 11.42 10.64
N ARG A 441 -33.12 12.75 10.63
CA ARG A 441 -33.63 13.44 11.83
C ARG A 441 -35.11 13.16 12.08
N CYS A 442 -35.84 12.69 11.07
CA CYS A 442 -37.24 12.32 11.26
C CYS A 442 -37.40 10.95 11.89
N ILE A 443 -36.31 10.23 12.13
CA ILE A 443 -36.36 8.86 12.62
C ILE A 443 -36.19 8.89 14.14
N PRO A 444 -37.16 8.39 14.91
CA PRO A 444 -37.01 8.42 16.36
C PRO A 444 -35.82 7.61 16.83
N GLY A 445 -35.11 8.15 17.82
CA GLY A 445 -33.97 7.49 18.43
C GLY A 445 -32.62 7.89 17.87
N MET A 446 -32.59 8.53 16.69
CA MET A 446 -31.34 8.86 16.05
C MET A 446 -30.70 10.08 16.72
N LEU A 447 -29.43 9.96 17.06
CA LEU A 447 -28.59 11.08 17.47
C LEU A 447 -27.83 11.55 16.23
N VAL A 448 -28.06 12.81 15.83
CA VAL A 448 -27.57 13.32 14.56
C VAL A 448 -26.64 14.51 14.84
N MET A 449 -25.39 14.40 14.39
CA MET A 449 -24.34 15.34 14.73
C MET A 449 -23.68 15.88 13.46
N THR A 450 -23.19 17.12 13.55
CA THR A 450 -22.64 17.83 12.41
C THR A 450 -21.39 18.60 12.84
N PRO A 451 -20.22 17.95 12.81
CA PRO A 451 -18.99 18.63 13.24
C PRO A 451 -18.59 19.76 12.31
N SER A 452 -17.97 20.78 12.88
CA SER A 452 -17.56 21.97 12.16
C SER A 452 -16.10 21.98 11.74
N ASP A 453 -15.26 21.10 12.29
CA ASP A 453 -13.87 21.03 11.87
C ASP A 453 -13.30 19.69 12.34
N GLU A 454 -11.96 19.57 12.28
CA GLU A 454 -11.31 18.29 12.56
C GLU A 454 -11.47 17.91 14.02
N ASP A 455 -11.13 18.81 14.94
CA ASP A 455 -11.28 18.51 16.36
C ASP A 455 -12.71 18.16 16.71
N GLU A 456 -13.67 18.89 16.13
CA GLU A 456 -15.08 18.61 16.42
C GLU A 456 -15.48 17.23 15.92
N LEU A 457 -14.96 16.82 14.75
CA LEU A 457 -15.28 15.49 14.24
C LEU A 457 -14.81 14.41 15.20
N ARG A 458 -13.56 14.51 15.65
CA ARG A 458 -13.03 13.54 16.61
C ARG A 458 -13.89 13.51 17.87
N LYS A 459 -14.28 14.68 18.38
CA LYS A 459 -15.07 14.75 19.60
C LYS A 459 -16.45 14.13 19.40
N LEU A 460 -17.12 14.46 18.29
CA LEU A 460 -18.48 13.97 18.10
C LEU A 460 -18.50 12.49 17.73
N LEU A 461 -17.48 12.00 17.02
CA LEU A 461 -17.34 10.56 16.84
C LEU A 461 -17.25 9.87 18.19
N THR A 462 -16.42 10.40 19.09
CA THR A 462 -16.35 9.85 20.44
C THR A 462 -17.69 9.95 21.14
N THR A 463 -18.37 11.09 21.01
CA THR A 463 -19.68 11.26 21.64
C THR A 463 -20.68 10.24 21.11
N GLY A 464 -20.75 10.09 19.78
CA GLY A 464 -21.66 9.11 19.21
C GLY A 464 -21.32 7.69 19.61
N TYR A 465 -20.02 7.38 19.69
CA TYR A 465 -19.61 6.03 20.05
C TYR A 465 -19.99 5.70 21.49
N LEU A 466 -19.73 6.62 22.42
CA LEU A 466 -20.02 6.35 23.82
C LEU A 466 -21.51 6.36 24.10
N PHE A 467 -22.28 7.13 23.34
CA PHE A 467 -23.73 7.06 23.43
C PHE A 467 -24.20 5.64 23.21
N ASP A 468 -25.13 5.18 24.06
CA ASP A 468 -25.65 3.83 23.97
C ASP A 468 -26.92 3.87 23.11
N GLY A 469 -26.73 3.76 21.80
CA GLY A 469 -27.82 3.81 20.86
C GLY A 469 -27.38 4.29 19.49
N PRO A 470 -28.35 4.49 18.59
CA PRO A 470 -28.00 4.83 17.20
C PRO A 470 -27.53 6.28 17.09
N ALA A 471 -26.37 6.47 16.46
CA ALA A 471 -25.76 7.79 16.33
C ALA A 471 -25.20 7.95 14.92
N ALA A 472 -25.24 9.19 14.43
CA ALA A 472 -24.73 9.53 13.10
C ALA A 472 -23.86 10.76 13.18
N VAL A 473 -22.70 10.72 12.54
CA VAL A 473 -21.80 11.87 12.44
C VAL A 473 -21.49 12.09 10.97
N ARG A 474 -21.80 13.28 10.46
CA ARG A 474 -21.70 13.59 9.04
C ARG A 474 -20.59 14.60 8.80
N TYR A 475 -19.81 14.39 7.74
CA TYR A 475 -18.71 15.28 7.41
C TYR A 475 -18.44 15.21 5.92
N PRO A 476 -17.85 16.26 5.35
CA PRO A 476 -17.69 16.33 3.90
C PRO A 476 -16.43 15.65 3.40
N ARG A 477 -16.38 15.50 2.08
CA ARG A 477 -15.12 15.15 1.42
C ARG A 477 -14.12 16.29 1.57
N GLY A 478 -12.85 15.97 1.34
CA GLY A 478 -11.81 16.98 1.39
C GLY A 478 -11.33 17.25 2.80
N SER A 479 -10.62 18.36 2.93
CA SER A 479 -10.01 18.78 4.19
C SER A 479 -10.72 20.01 4.73
N GLY A 480 -10.32 20.39 5.95
CA GLY A 480 -11.02 21.42 6.69
C GLY A 480 -10.19 22.65 6.93
N PRO A 481 -10.57 23.44 7.95
CA PRO A 481 -9.80 24.66 8.25
C PRO A 481 -8.45 24.39 8.89
N ASN A 482 -8.16 23.13 9.23
CA ASN A 482 -6.86 22.73 9.79
C ASN A 482 -6.66 23.35 11.17
N HIS A 483 -7.65 23.19 12.04
CA HIS A 483 -7.53 23.62 13.42
C HIS A 483 -6.83 22.53 14.24
N PRO A 484 -6.25 22.90 15.39
CA PRO A 484 -5.60 21.88 16.22
C PRO A 484 -6.58 20.80 16.65
N ILE A 485 -6.07 19.57 16.72
CA ILE A 485 -6.86 18.39 17.06
C ILE A 485 -6.42 17.91 18.43
N ASP A 486 -7.34 17.91 19.38
CA ASP A 486 -7.07 17.39 20.72
C ASP A 486 -6.80 15.89 20.63
N PRO A 487 -5.66 15.40 21.12
CA PRO A 487 -5.37 13.97 21.00
C PRO A 487 -6.17 13.11 21.95
N ASP A 488 -6.73 13.67 23.01
CA ASP A 488 -7.56 12.91 23.93
C ASP A 488 -8.77 12.34 23.21
N LEU A 489 -9.40 11.35 23.84
CA LEU A 489 -10.63 10.73 23.36
C LEU A 489 -11.72 11.02 24.39
N GLN A 490 -12.28 12.23 24.34
CA GLN A 490 -13.27 12.66 25.31
C GLN A 490 -14.52 13.15 24.58
N PRO A 491 -15.70 12.80 25.08
CA PRO A 491 -16.94 13.25 24.44
C PRO A 491 -17.29 14.68 24.85
N VAL A 492 -18.34 15.19 24.22
CA VAL A 492 -18.94 16.46 24.60
C VAL A 492 -20.39 16.20 25.02
N GLU A 493 -20.95 17.15 25.77
CA GLU A 493 -22.31 16.99 26.27
C GLU A 493 -23.30 16.96 25.11
N ILE A 494 -24.23 16.02 25.17
CA ILE A 494 -25.18 15.79 24.08
C ILE A 494 -26.23 16.89 24.08
N GLY A 495 -26.55 17.39 22.88
CA GLY A 495 -27.62 18.34 22.73
C GLY A 495 -27.28 19.76 23.12
N LYS A 496 -25.99 20.12 23.15
CA LYS A 496 -25.57 21.45 23.54
C LYS A 496 -24.69 22.05 22.44
N GLY A 497 -25.08 23.23 21.97
CA GLY A 497 -24.23 23.97 21.05
C GLY A 497 -23.11 24.70 21.77
N VAL A 498 -22.24 25.31 20.99
CA VAL A 498 -21.13 26.12 21.51
C VAL A 498 -21.20 27.49 20.86
N VAL A 499 -21.28 28.53 21.67
CA VAL A 499 -21.25 29.90 21.18
C VAL A 499 -19.81 30.25 20.80
N ARG A 500 -19.60 30.56 19.53
CA ARG A 500 -18.27 30.88 19.02
C ARG A 500 -18.03 32.38 18.90
N ARG A 501 -19.09 33.18 18.79
CA ARG A 501 -18.97 34.63 18.74
C ARG A 501 -20.23 35.23 19.34
N ARG A 502 -20.05 36.29 20.13
CA ARG A 502 -21.16 37.03 20.73
C ARG A 502 -21.25 38.39 20.05
N GLY A 503 -22.39 38.65 19.42
CA GLY A 503 -22.63 39.87 18.68
C GLY A 503 -23.98 40.46 19.06
N GLY A 504 -24.63 41.05 18.08
CA GLY A 504 -25.79 41.88 18.33
C GLY A 504 -27.11 41.44 17.75
N ARG A 505 -27.33 41.71 16.46
CA ARG A 505 -28.66 41.67 15.87
C ARG A 505 -28.97 40.38 15.13
N VAL A 506 -27.97 39.70 14.59
CA VAL A 506 -28.15 38.46 13.84
C VAL A 506 -27.44 37.35 14.59
N ALA A 507 -28.11 36.20 14.68
CA ALA A 507 -27.54 34.98 15.26
C ALA A 507 -27.45 33.93 14.17
N LEU A 508 -26.23 33.48 13.87
CA LEU A 508 -25.99 32.45 12.86
C LEU A 508 -25.88 31.11 13.59
N LEU A 509 -26.85 30.23 13.34
CA LEU A 509 -26.86 28.88 13.92
C LEU A 509 -26.31 27.93 12.85
N VAL A 510 -25.06 27.52 13.02
CA VAL A 510 -24.33 26.74 12.02
C VAL A 510 -24.33 25.28 12.41
N PHE A 511 -24.80 24.43 11.50
CA PHE A 511 -24.75 22.98 11.62
C PHE A 511 -23.70 22.47 10.62
N GLY A 512 -22.45 22.35 11.07
CA GLY A 512 -21.43 21.76 10.22
C GLY A 512 -20.33 22.69 9.78
N VAL A 513 -19.77 22.43 8.59
CA VAL A 513 -18.46 22.95 8.23
C VAL A 513 -18.50 24.35 7.62
N GLN A 514 -19.68 24.96 7.51
CA GLN A 514 -19.75 26.36 7.09
C GLN A 514 -19.43 27.32 8.22
N LEU A 515 -18.98 26.82 9.38
CA LEU A 515 -18.73 27.68 10.53
C LEU A 515 -17.68 28.74 10.21
N ALA A 516 -16.57 28.33 9.60
CA ALA A 516 -15.50 29.28 9.29
C ALA A 516 -16.01 30.41 8.38
N GLU A 517 -16.85 30.06 7.40
CA GLU A 517 -17.41 31.09 6.53
C GLU A 517 -18.39 31.97 7.28
N ALA A 518 -19.18 31.38 8.18
CA ALA A 518 -20.11 32.17 8.98
C ALA A 518 -19.37 33.09 9.93
N MET A 519 -18.21 32.66 10.44
CA MET A 519 -17.42 33.53 11.31
C MET A 519 -16.95 34.77 10.56
N LYS A 520 -16.52 34.60 9.32
CA LYS A 520 -16.15 35.76 8.51
C LYS A 520 -17.32 36.72 8.38
N VAL A 521 -18.51 36.19 8.08
CA VAL A 521 -19.69 37.03 7.96
C VAL A 521 -19.99 37.72 9.28
N ALA A 522 -19.87 36.98 10.39
CA ALA A 522 -20.22 37.53 11.69
C ALA A 522 -19.23 38.61 12.13
N GLU A 523 -17.97 38.50 11.73
CA GLU A 523 -17.01 39.56 12.01
C GLU A 523 -17.33 40.82 11.21
N SER A 524 -17.87 40.65 9.99
CA SER A 524 -18.23 41.81 9.19
C SER A 524 -19.49 42.48 9.72
N LEU A 525 -20.46 41.70 10.19
CA LEU A 525 -21.74 42.23 10.65
C LEU A 525 -21.80 42.42 12.16
N ASP A 526 -20.78 41.99 12.91
CA ASP A 526 -20.82 41.96 14.37
C ASP A 526 -22.04 41.17 14.84
N ALA A 527 -22.05 39.89 14.47
CA ALA A 527 -23.17 39.00 14.72
C ALA A 527 -22.78 37.89 15.68
N THR A 528 -23.79 37.23 16.22
CA THR A 528 -23.60 36.06 17.06
C THR A 528 -23.50 34.81 16.19
N VAL A 529 -22.61 33.90 16.58
CA VAL A 529 -22.41 32.65 15.86
C VAL A 529 -22.46 31.50 16.85
N VAL A 530 -23.19 30.45 16.51
CA VAL A 530 -23.31 29.26 17.34
C VAL A 530 -22.88 28.05 16.52
N ASP A 531 -21.99 27.24 17.10
CA ASP A 531 -21.62 25.94 16.54
C ASP A 531 -22.58 24.91 17.13
N MET A 532 -23.61 24.56 16.36
CA MET A 532 -24.75 23.85 16.94
C MET A 532 -24.40 22.44 17.38
N ARG A 533 -23.53 21.75 16.64
CA ARG A 533 -23.06 20.42 16.95
C ARG A 533 -24.12 19.33 16.74
N PHE A 534 -25.34 19.55 17.21
CA PHE A 534 -26.39 18.53 17.18
C PHE A 534 -27.63 19.04 16.48
N VAL A 535 -28.10 18.26 15.49
CA VAL A 535 -29.43 18.49 14.92
C VAL A 535 -30.49 17.90 15.82
N LYS A 536 -30.21 16.73 16.40
CA LYS A 536 -31.15 15.97 17.21
C LYS A 536 -30.38 15.22 18.29
N PRO A 537 -30.62 15.52 19.58
CA PRO A 537 -31.53 16.54 20.12
C PRO A 537 -30.99 17.95 19.91
N LEU A 538 -31.89 18.87 19.58
CA LEU A 538 -31.52 20.27 19.37
C LEU A 538 -31.29 20.96 20.71
N ASP A 539 -30.32 21.88 20.73
CA ASP A 539 -30.09 22.73 21.89
C ASP A 539 -31.24 23.75 21.96
N GLU A 540 -32.39 23.28 22.45
CA GLU A 540 -33.57 24.11 22.47
C GLU A 540 -33.39 25.33 23.38
N ALA A 541 -32.77 25.14 24.54
CA ALA A 541 -32.56 26.24 25.47
C ALA A 541 -31.82 27.39 24.80
N LEU A 542 -30.74 27.08 24.08
CA LEU A 542 -29.96 28.12 23.43
C LEU A 542 -30.72 28.77 22.29
N VAL A 543 -31.43 27.98 21.48
CA VAL A 543 -32.24 28.54 20.41
C VAL A 543 -33.28 29.50 20.99
N ARG A 544 -33.92 29.10 22.08
CA ARG A 544 -34.93 29.95 22.71
C ARG A 544 -34.33 31.26 23.17
N GLU A 545 -33.15 31.22 23.79
CA GLU A 545 -32.52 32.44 24.28
C GLU A 545 -32.19 33.38 23.13
N LEU A 546 -31.57 32.86 22.06
CA LEU A 546 -31.20 33.69 20.93
C LEU A 546 -32.42 34.25 20.21
N ALA A 547 -33.53 33.51 20.19
CA ALA A 547 -34.73 33.99 19.53
C ALA A 547 -35.32 35.21 20.23
N GLY A 548 -35.05 35.37 21.52
CA GLY A 548 -35.57 36.50 22.26
C GLY A 548 -34.68 37.73 22.19
N SER A 549 -33.38 37.51 22.04
CA SER A 549 -32.39 38.58 22.13
C SER A 549 -31.87 39.04 20.78
N HIS A 550 -32.30 38.42 19.68
CA HIS A 550 -31.85 38.80 18.34
C HIS A 550 -33.07 39.04 17.46
N GLU A 551 -32.86 39.86 16.43
CA GLU A 551 -33.92 40.20 15.48
C GLU A 551 -34.01 39.23 14.31
N LEU A 552 -33.03 38.35 14.14
CA LEU A 552 -33.03 37.43 13.00
C LEU A 552 -32.17 36.22 13.34
N LEU A 553 -32.76 35.04 13.21
CA LEU A 553 -32.03 33.78 13.31
C LEU A 553 -31.72 33.29 11.91
N VAL A 554 -30.48 32.85 11.70
CA VAL A 554 -30.02 32.34 10.41
C VAL A 554 -29.43 30.96 10.64
N THR A 555 -30.00 29.95 9.98
CA THR A 555 -29.51 28.59 10.07
C THR A 555 -28.73 28.25 8.80
N ILE A 556 -27.62 27.53 8.96
CA ILE A 556 -26.73 27.20 7.85
C ILE A 556 -26.33 25.73 7.97
N GLU A 557 -26.47 25.01 6.87
CA GLU A 557 -26.20 23.58 6.82
C GLU A 557 -25.85 23.22 5.38
N GLU A 558 -25.03 22.18 5.22
CA GLU A 558 -24.74 21.65 3.88
C GLU A 558 -25.62 20.44 3.59
N ASN A 559 -26.92 20.72 3.62
CA ASN A 559 -27.97 19.72 3.44
C ASN A 559 -29.17 20.45 2.86
N ALA A 560 -30.06 19.69 2.22
CA ALA A 560 -31.29 20.26 1.68
C ALA A 560 -32.00 21.11 2.75
N VAL A 561 -32.33 22.34 2.39
CA VAL A 561 -33.13 23.17 3.29
C VAL A 561 -34.44 22.47 3.64
N MET A 562 -35.07 21.84 2.65
CA MET A 562 -36.30 21.10 2.88
C MET A 562 -36.04 19.92 3.82
N GLY A 563 -36.66 19.96 4.99
CA GLY A 563 -36.51 18.91 5.98
C GLY A 563 -35.23 18.96 6.79
N GLY A 564 -34.37 19.96 6.55
CA GLY A 564 -33.04 19.97 7.10
C GLY A 564 -32.98 20.45 8.54
N ALA A 565 -31.75 20.76 8.97
CA ALA A 565 -31.53 21.18 10.36
C ALA A 565 -32.20 22.51 10.66
N GLY A 566 -32.18 23.44 9.70
CA GLY A 566 -32.88 24.69 9.90
C GLY A 566 -34.36 24.50 10.15
N SER A 567 -34.96 23.50 9.50
CA SER A 567 -36.37 23.21 9.71
C SER A 567 -36.61 22.58 11.08
N ALA A 568 -35.60 21.90 11.64
CA ALA A 568 -35.71 21.46 13.03
C ALA A 568 -35.81 22.66 13.95
N VAL A 569 -35.04 23.72 13.68
CA VAL A 569 -35.16 24.94 14.46
C VAL A 569 -36.52 25.59 14.24
N GLY A 570 -37.00 25.59 12.99
CA GLY A 570 -38.32 26.13 12.71
C GLY A 570 -39.42 25.39 13.45
N GLU A 571 -39.35 24.06 13.45
CA GLU A 571 -40.33 23.27 14.19
C GLU A 571 -40.33 23.65 15.66
N PHE A 572 -39.15 23.83 16.25
CA PHE A 572 -39.08 24.21 17.65
C PHE A 572 -39.70 25.58 17.89
N LEU A 573 -39.29 26.58 17.10
CA LEU A 573 -39.82 27.92 17.28
C LEU A 573 -41.34 27.93 17.18
N ALA A 574 -41.89 27.21 16.21
CA ALA A 574 -43.34 27.17 16.04
C ALA A 574 -44.02 26.53 17.24
N SER A 575 -43.48 25.40 17.71
CA SER A 575 -44.13 24.68 18.81
C SER A 575 -44.18 25.52 20.09
N GLU A 576 -43.21 26.41 20.27
CA GLU A 576 -43.14 27.26 21.45
C GLU A 576 -43.76 28.63 21.23
N GLY A 577 -44.30 28.89 20.04
CA GLY A 577 -44.89 30.19 19.77
C GLY A 577 -43.91 31.32 19.68
N LEU A 578 -42.65 31.03 19.37
CA LEU A 578 -41.63 32.06 19.18
C LEU A 578 -41.66 32.51 17.72
N GLU A 579 -41.93 33.80 17.50
CA GLU A 579 -42.04 34.31 16.13
C GLU A 579 -40.91 35.28 15.82
N VAL A 580 -39.67 34.80 15.89
CA VAL A 580 -38.52 35.57 15.42
C VAL A 580 -38.34 35.28 13.94
N PRO A 581 -38.01 36.26 13.11
CA PRO A 581 -37.69 35.95 11.71
C PRO A 581 -36.62 34.88 11.61
N LEU A 582 -36.76 34.00 10.62
CA LEU A 582 -35.86 32.87 10.44
C LEU A 582 -35.46 32.78 8.98
N LEU A 583 -34.15 32.77 8.73
CA LEU A 583 -33.58 32.64 7.40
C LEU A 583 -32.84 31.31 7.33
N GLN A 584 -33.32 30.39 6.49
CA GLN A 584 -32.74 29.06 6.35
C GLN A 584 -31.84 29.03 5.12
N LEU A 585 -30.55 28.79 5.34
CA LEU A 585 -29.57 28.66 4.27
C LEU A 585 -29.09 27.22 4.18
N GLY A 586 -29.01 26.72 2.95
CA GLY A 586 -28.65 25.34 2.73
C GLY A 586 -28.68 25.01 1.26
N LEU A 587 -28.85 23.72 0.97
CA LEU A 587 -28.83 23.30 -0.43
C LEU A 587 -30.21 23.51 -1.06
N PRO A 588 -30.27 24.02 -2.28
CA PRO A 588 -31.56 24.29 -2.91
C PRO A 588 -32.25 23.01 -3.36
N ASP A 589 -33.49 23.16 -3.79
CA ASP A 589 -34.34 22.04 -4.20
C ASP A 589 -34.17 21.70 -5.68
N TYR A 590 -32.92 21.51 -6.10
CA TYR A 590 -32.61 20.96 -7.41
C TYR A 590 -31.28 20.23 -7.31
N TYR A 591 -30.89 19.58 -8.40
CA TYR A 591 -29.64 18.82 -8.45
C TYR A 591 -28.54 19.71 -9.00
N VAL A 592 -27.53 19.97 -8.19
CA VAL A 592 -26.49 20.93 -8.54
C VAL A 592 -25.52 20.28 -9.51
N GLU A 593 -25.28 20.96 -10.64
CA GLU A 593 -24.42 20.41 -11.67
C GLU A 593 -22.98 20.36 -11.21
N HIS A 594 -22.26 19.35 -11.72
CA HIS A 594 -20.88 19.12 -11.30
C HIS A 594 -20.01 20.34 -11.57
N ALA A 595 -19.07 20.58 -10.66
CA ALA A 595 -18.07 21.62 -10.77
C ALA A 595 -17.07 21.39 -9.64
N LYS A 596 -16.13 22.32 -9.47
CA LYS A 596 -15.29 22.26 -8.28
C LYS A 596 -16.17 22.44 -7.04
N PRO A 597 -15.80 21.82 -5.91
CA PRO A 597 -16.63 22.01 -4.70
C PRO A 597 -16.87 23.46 -4.36
N SER A 598 -15.87 24.33 -4.54
CA SER A 598 -16.05 25.74 -4.21
C SER A 598 -17.05 26.41 -5.16
N GLU A 599 -17.03 26.02 -6.44
CA GLU A 599 -17.99 26.59 -7.38
C GLU A 599 -19.41 26.15 -7.08
N MET A 600 -19.59 24.89 -6.64
CA MET A 600 -20.92 24.43 -6.30
C MET A 600 -21.42 25.08 -5.01
N LEU A 601 -20.54 25.23 -4.01
CA LEU A 601 -20.92 25.93 -2.79
C LEU A 601 -21.28 27.39 -3.08
N ALA A 602 -20.47 28.06 -3.91
CA ALA A 602 -20.78 29.44 -4.28
C ALA A 602 -22.14 29.53 -4.96
N GLU A 603 -22.46 28.57 -5.83
CA GLU A 603 -23.76 28.57 -6.50
C GLU A 603 -24.89 28.46 -5.49
N CYS A 604 -24.69 27.68 -4.43
CA CYS A 604 -25.70 27.48 -3.40
C CYS A 604 -25.69 28.56 -2.33
N GLY A 605 -24.79 29.54 -2.43
CA GLY A 605 -24.74 30.62 -1.48
C GLY A 605 -24.13 30.28 -0.14
N LEU A 606 -23.35 29.19 -0.07
CA LEU A 606 -22.82 28.71 1.20
C LEU A 606 -21.35 29.08 1.41
N ASP A 607 -20.86 30.09 0.69
CA ASP A 607 -19.61 30.76 1.05
C ASP A 607 -19.94 32.06 1.77
N ALA A 608 -18.89 32.69 2.34
CA ALA A 608 -19.10 33.92 3.08
C ALA A 608 -19.87 34.95 2.26
N ALA A 609 -19.51 35.11 0.98
CA ALA A 609 -20.17 36.11 0.15
C ALA A 609 -21.66 35.85 0.02
N GLY A 610 -22.03 34.59 -0.28
CA GLY A 610 -23.44 34.26 -0.42
C GLY A 610 -24.19 34.36 0.89
N ILE A 611 -23.57 33.90 1.98
CA ILE A 611 -24.22 33.97 3.29
C ILE A 611 -24.51 35.42 3.66
N GLU A 612 -23.50 36.30 3.53
CA GLU A 612 -23.67 37.69 3.93
C GLU A 612 -24.75 38.38 3.10
N LYS A 613 -24.73 38.17 1.78
CA LYS A 613 -25.75 38.76 0.93
C LYS A 613 -27.14 38.33 1.37
N ALA A 614 -27.32 37.04 1.63
CA ALA A 614 -28.62 36.53 2.07
C ALA A 614 -29.05 37.22 3.37
N VAL A 615 -28.14 37.29 4.34
CA VAL A 615 -28.48 37.91 5.62
C VAL A 615 -28.86 39.37 5.44
N ARG A 616 -28.00 40.13 4.75
CA ARG A 616 -28.25 41.55 4.59
C ARG A 616 -29.49 41.82 3.74
N GLN A 617 -29.78 40.95 2.77
CA GLN A 617 -31.02 41.09 2.01
C GLN A 617 -32.24 40.91 2.89
N ARG A 618 -32.19 39.92 3.81
CA ARG A 618 -33.29 39.75 4.76
C ARG A 618 -33.45 40.98 5.64
N LEU A 619 -32.35 41.44 6.24
CA LEU A 619 -32.36 42.66 7.02
C LEU A 619 -32.64 43.87 6.13
N THR B 32 21.62 -21.29 -54.92
CA THR B 32 21.12 -22.13 -53.83
C THR B 32 20.62 -23.48 -54.34
N LEU B 33 20.19 -24.33 -53.41
CA LEU B 33 19.57 -25.60 -53.72
C LEU B 33 18.22 -25.67 -53.02
N HIS B 34 17.47 -26.73 -53.32
CA HIS B 34 16.10 -26.87 -52.85
C HIS B 34 15.89 -27.99 -51.87
N GLU B 35 16.47 -29.17 -52.12
CA GLU B 35 16.28 -30.31 -51.23
C GLU B 35 17.63 -30.92 -50.86
N ILE B 36 17.68 -31.51 -49.69
CA ILE B 36 18.91 -32.15 -49.23
C ILE B 36 19.17 -33.40 -50.06
N PRO B 37 20.34 -33.55 -50.69
CA PRO B 37 20.60 -34.79 -51.44
C PRO B 37 20.51 -36.01 -50.54
N ARG B 38 19.84 -37.06 -51.03
CA ARG B 38 19.80 -38.33 -50.33
C ARG B 38 20.91 -39.27 -50.76
N GLU B 39 21.53 -39.03 -51.90
CA GLU B 39 22.66 -39.81 -52.39
C GLU B 39 23.92 -38.96 -52.36
N ARG B 40 25.06 -39.62 -52.16
CA ARG B 40 26.35 -38.96 -52.13
C ARG B 40 26.54 -38.17 -53.42
N PRO B 41 26.77 -36.86 -53.35
CA PRO B 41 27.00 -36.09 -54.57
C PRO B 41 28.40 -36.32 -55.13
N ALA B 42 28.54 -36.04 -56.41
CA ALA B 42 29.83 -36.14 -57.08
C ALA B 42 30.65 -34.89 -56.75
N THR B 43 31.71 -35.06 -55.97
CA THR B 43 32.58 -33.97 -55.55
C THR B 43 34.02 -34.31 -55.92
N PRO B 44 34.35 -34.26 -57.22
CA PRO B 44 35.72 -34.64 -57.63
C PRO B 44 36.78 -33.71 -57.07
N LEU B 45 36.50 -32.41 -56.98
CA LEU B 45 37.49 -31.48 -56.44
C LEU B 45 37.62 -31.60 -54.93
N LEU B 46 36.48 -31.76 -54.23
CA LEU B 46 36.53 -31.95 -52.79
C LEU B 46 37.33 -33.19 -52.42
N ASP B 47 37.11 -34.29 -53.15
CA ASP B 47 37.87 -35.52 -52.90
C ASP B 47 39.36 -35.30 -53.10
N ARG B 48 39.75 -34.28 -53.86
CA ARG B 48 41.15 -33.91 -54.02
C ARG B 48 41.62 -32.92 -52.96
N ALA B 49 40.75 -32.54 -52.03
CA ALA B 49 41.08 -31.60 -50.96
C ALA B 49 40.69 -32.20 -49.61
N SER B 50 41.29 -33.35 -49.31
CA SER B 50 41.01 -34.05 -48.06
C SER B 50 41.71 -33.43 -46.86
N SER B 51 42.70 -32.57 -47.10
CA SER B 51 43.43 -31.89 -46.04
C SER B 51 43.83 -30.52 -46.56
N PRO B 52 44.16 -29.59 -45.66
CA PRO B 52 44.54 -28.25 -46.14
C PRO B 52 45.75 -28.24 -47.05
N ALA B 53 46.72 -29.14 -46.82
CA ALA B 53 47.88 -29.20 -47.70
C ALA B 53 47.47 -29.50 -49.14
N GLU B 54 46.56 -30.45 -49.33
CA GLU B 54 46.10 -30.80 -50.67
C GLU B 54 45.27 -29.67 -51.27
N LEU B 55 44.46 -29.00 -50.44
CA LEU B 55 43.66 -27.89 -50.94
C LEU B 55 44.55 -26.77 -51.50
N ARG B 56 45.66 -26.48 -50.83
CA ARG B 56 46.54 -25.41 -51.27
C ARG B 56 47.31 -25.78 -52.52
N ARG B 57 47.24 -27.03 -52.97
CA ARG B 57 47.78 -27.40 -54.28
C ARG B 57 46.80 -27.14 -55.41
N LEU B 58 45.54 -26.85 -55.09
CA LEU B 58 44.57 -26.49 -56.11
C LEU B 58 44.80 -25.05 -56.57
N GLY B 59 44.31 -24.76 -57.77
CA GLY B 59 44.41 -23.41 -58.32
C GLY B 59 43.27 -22.53 -57.85
N GLU B 60 43.54 -21.22 -57.80
CA GLU B 60 42.53 -20.27 -57.38
C GLU B 60 41.28 -20.36 -58.26
N ALA B 61 41.45 -20.70 -59.54
CA ALA B 61 40.32 -20.80 -60.44
C ALA B 61 39.45 -22.02 -60.15
N ASP B 62 39.87 -22.92 -59.28
CA ASP B 62 39.11 -24.11 -58.93
C ASP B 62 38.28 -23.94 -57.66
N LEU B 63 38.53 -22.87 -56.89
CA LEU B 63 37.97 -22.80 -55.53
C LEU B 63 36.47 -22.58 -55.53
N GLU B 64 35.93 -21.84 -56.49
CA GLU B 64 34.49 -21.63 -56.54
C GLU B 64 33.76 -22.94 -56.78
N THR B 65 34.29 -23.77 -57.68
CA THR B 65 33.72 -25.10 -57.89
C THR B 65 33.84 -25.96 -56.64
N LEU B 66 34.94 -25.81 -55.91
CA LEU B 66 35.09 -26.54 -54.65
C LEU B 66 34.01 -26.14 -53.66
N ALA B 67 33.73 -24.84 -53.56
CA ALA B 67 32.70 -24.38 -52.63
C ALA B 67 31.34 -24.99 -52.96
N ASP B 68 30.99 -25.03 -54.25
CA ASP B 68 29.74 -25.69 -54.65
C ASP B 68 29.72 -27.15 -54.21
N GLU B 69 30.83 -27.86 -54.46
CA GLU B 69 30.89 -29.27 -54.09
C GLU B 69 30.87 -29.45 -52.57
N LEU B 70 31.60 -28.60 -51.85
CA LEU B 70 31.60 -28.67 -50.39
C LEU B 70 30.20 -28.44 -49.85
N ARG B 71 29.51 -27.42 -50.36
CA ARG B 71 28.15 -27.14 -49.92
C ARG B 71 27.24 -28.33 -50.16
N GLN B 72 27.36 -28.97 -51.33
CA GLN B 72 26.55 -30.13 -51.63
C GLN B 72 26.85 -31.28 -50.67
N TYR B 73 28.12 -31.51 -50.37
CA TYR B 73 28.47 -32.58 -49.44
C TYR B 73 27.97 -32.27 -48.03
N LEU B 74 28.07 -31.00 -47.62
CA LEU B 74 27.58 -30.61 -46.29
C LEU B 74 26.10 -30.91 -46.14
N LEU B 75 25.29 -30.49 -47.12
CA LEU B 75 23.86 -30.78 -47.08
C LEU B 75 23.61 -32.28 -46.98
N TYR B 76 24.29 -33.06 -47.82
CA TYR B 76 24.07 -34.51 -47.84
C TYR B 76 24.37 -35.13 -46.48
N THR B 77 25.57 -34.87 -45.95
CA THR B 77 25.99 -35.58 -44.73
C THR B 77 25.16 -35.16 -43.52
N VAL B 78 24.89 -33.86 -43.37
CA VAL B 78 24.07 -33.43 -42.24
C VAL B 78 22.64 -33.93 -42.38
N GLY B 79 22.18 -34.20 -43.61
CA GLY B 79 20.90 -34.85 -43.78
C GLY B 79 20.89 -36.27 -43.24
N GLN B 80 22.03 -36.96 -43.30
CA GLN B 80 22.11 -38.33 -42.81
C GLN B 80 22.22 -38.38 -41.29
N THR B 81 22.95 -37.43 -40.69
CA THR B 81 23.25 -37.48 -39.27
C THR B 81 22.45 -36.50 -38.44
N GLY B 82 21.94 -35.43 -39.04
CA GLY B 82 21.41 -34.32 -38.28
C GLY B 82 22.56 -33.52 -37.70
N GLY B 83 22.27 -32.35 -37.16
CA GLY B 83 23.27 -31.51 -36.53
C GLY B 83 23.04 -30.06 -36.85
N HIS B 84 24.06 -29.25 -36.61
CA HIS B 84 23.99 -27.83 -36.93
C HIS B 84 24.11 -27.63 -38.43
N PHE B 85 23.40 -26.63 -38.94
CA PHE B 85 23.11 -26.57 -40.37
C PHE B 85 23.42 -25.20 -40.95
N GLY B 86 22.61 -24.20 -40.63
CA GLY B 86 22.69 -22.92 -41.33
C GLY B 86 24.02 -22.22 -41.14
N ALA B 87 24.57 -22.26 -39.93
CA ALA B 87 25.79 -21.50 -39.66
C ALA B 87 26.96 -22.02 -40.49
N GLY B 88 27.07 -23.34 -40.63
CA GLY B 88 28.14 -23.90 -41.44
C GLY B 88 27.99 -23.55 -42.91
N LEU B 89 26.75 -23.53 -43.41
CA LEU B 89 26.53 -23.13 -44.79
C LEU B 89 27.03 -21.70 -45.03
N GLY B 90 26.94 -20.84 -44.01
CA GLY B 90 27.34 -19.46 -44.16
C GLY B 90 28.83 -19.24 -44.23
N VAL B 91 29.63 -20.23 -43.82
CA VAL B 91 31.08 -20.10 -43.79
C VAL B 91 31.76 -21.09 -44.73
N VAL B 92 31.05 -21.61 -45.73
CA VAL B 92 31.68 -22.52 -46.68
C VAL B 92 32.85 -21.83 -47.39
N GLU B 93 32.59 -20.66 -47.96
CA GLU B 93 33.64 -19.94 -48.69
C GLU B 93 34.74 -19.46 -47.75
N LEU B 94 34.36 -18.93 -46.58
CA LEU B 94 35.36 -18.44 -45.64
C LEU B 94 36.28 -19.55 -45.15
N THR B 95 35.73 -20.74 -44.92
CA THR B 95 36.56 -21.86 -44.49
C THR B 95 37.58 -22.24 -45.55
N ILE B 96 37.14 -22.33 -46.81
CA ILE B 96 38.04 -22.63 -47.92
C ILE B 96 39.16 -21.60 -47.96
N ALA B 97 38.81 -20.32 -47.96
CA ALA B 97 39.80 -19.27 -48.08
C ALA B 97 40.81 -19.31 -46.93
N LEU B 98 40.33 -19.58 -45.71
CA LEU B 98 41.22 -19.56 -44.55
C LEU B 98 42.27 -20.66 -44.65
N HIS B 99 41.85 -21.88 -45.00
CA HIS B 99 42.80 -22.98 -45.14
C HIS B 99 43.61 -22.88 -46.43
N TYR B 100 43.10 -22.19 -47.44
CA TYR B 100 43.87 -21.99 -48.67
C TYR B 100 44.99 -20.98 -48.45
N VAL B 101 44.74 -19.96 -47.63
CA VAL B 101 45.69 -18.87 -47.46
C VAL B 101 46.66 -19.13 -46.30
N PHE B 102 46.15 -19.61 -45.17
CA PHE B 102 46.98 -19.82 -44.00
C PHE B 102 47.57 -21.22 -43.99
N ASP B 103 48.72 -21.35 -43.36
CA ASP B 103 49.48 -22.60 -43.36
C ASP B 103 49.06 -23.50 -42.19
N THR B 104 47.80 -23.91 -42.23
CA THR B 104 47.26 -24.80 -41.21
C THR B 104 47.85 -26.20 -41.41
N PRO B 105 48.08 -26.95 -40.32
CA PRO B 105 47.75 -26.65 -38.92
C PRO B 105 48.82 -25.88 -38.14
N ASP B 106 49.95 -25.54 -38.76
CA ASP B 106 50.98 -24.78 -38.04
C ASP B 106 50.46 -23.41 -37.66
N ASP B 107 49.79 -22.72 -38.59
CA ASP B 107 49.02 -21.53 -38.26
C ASP B 107 47.78 -21.94 -37.46
N ARG B 108 47.51 -21.20 -36.39
CA ARG B 108 46.46 -21.57 -35.44
C ARG B 108 45.14 -20.90 -35.83
N LEU B 109 44.11 -21.71 -36.06
CA LEU B 109 42.78 -21.24 -36.39
C LEU B 109 41.82 -21.66 -35.28
N VAL B 110 41.07 -20.70 -34.74
CA VAL B 110 40.15 -20.93 -33.64
C VAL B 110 38.74 -20.56 -34.09
N TRP B 111 37.83 -21.52 -34.01
CA TRP B 111 36.43 -21.30 -34.36
C TRP B 111 35.64 -21.03 -33.08
N ASP B 112 34.93 -19.90 -33.04
CA ASP B 112 34.11 -19.58 -31.88
C ASP B 112 32.81 -20.39 -31.91
N VAL B 113 32.48 -20.99 -30.77
CA VAL B 113 31.34 -21.91 -30.63
C VAL B 113 31.64 -23.23 -31.34
N GLY B 114 31.86 -23.16 -32.65
CA GLY B 114 32.25 -24.34 -33.41
C GLY B 114 31.13 -25.07 -34.09
N HIS B 115 29.88 -24.61 -33.93
CA HIS B 115 28.76 -25.21 -34.65
C HIS B 115 28.83 -24.95 -36.15
N GLN B 116 29.64 -23.99 -36.57
CA GLN B 116 29.81 -23.65 -37.98
C GLN B 116 31.05 -24.31 -38.59
N ALA B 117 31.64 -25.29 -37.90
CA ALA B 117 32.93 -25.84 -38.28
C ALA B 117 32.81 -27.18 -39.01
N TYR B 118 31.63 -27.54 -39.50
CA TYR B 118 31.54 -28.75 -40.31
C TYR B 118 32.37 -28.65 -41.58
N PRO B 119 32.28 -27.55 -42.36
CA PRO B 119 33.21 -27.39 -43.48
C PRO B 119 34.66 -27.53 -43.06
N HIS B 120 35.04 -26.92 -41.92
CA HIS B 120 36.40 -27.04 -41.42
C HIS B 120 36.77 -28.51 -41.22
N LYS B 121 35.86 -29.30 -40.65
CA LYS B 121 36.14 -30.72 -40.45
C LYS B 121 36.23 -31.45 -41.78
N ILE B 122 35.35 -31.11 -42.73
CA ILE B 122 35.37 -31.78 -44.03
C ILE B 122 36.71 -31.56 -44.73
N LEU B 123 37.34 -30.41 -44.51
CA LEU B 123 38.61 -30.08 -45.14
C LEU B 123 39.82 -30.47 -44.31
N THR B 124 39.62 -31.03 -43.11
CA THR B 124 40.74 -31.42 -42.26
C THR B 124 40.71 -32.91 -41.95
N GLU B 125 40.80 -33.74 -42.99
CA GLU B 125 40.99 -35.18 -42.88
C GLU B 125 39.81 -35.91 -42.27
N ARG B 126 38.63 -35.29 -42.20
CA ARG B 126 37.49 -35.91 -41.56
C ARG B 126 36.27 -35.99 -42.47
N ARG B 127 36.42 -35.75 -43.77
CA ARG B 127 35.27 -35.78 -44.67
C ARG B 127 34.57 -37.13 -44.62
N GLU B 128 35.32 -38.21 -44.80
CA GLU B 128 34.74 -39.54 -44.84
C GLU B 128 34.42 -40.09 -43.45
N LEU B 129 34.60 -39.28 -42.41
CA LEU B 129 34.13 -39.59 -41.07
C LEU B 129 32.88 -38.80 -40.70
N MET B 130 32.40 -37.92 -41.59
CA MET B 130 31.21 -37.13 -41.27
C MET B 130 29.99 -38.02 -41.05
N GLY B 131 29.98 -39.24 -41.58
CA GLY B 131 28.88 -40.14 -41.36
C GLY B 131 28.71 -40.56 -39.92
N THR B 132 29.76 -40.45 -39.12
CA THR B 132 29.70 -40.75 -37.69
C THR B 132 29.40 -39.53 -36.84
N LEU B 133 29.18 -38.37 -37.46
CA LEU B 133 29.05 -37.13 -36.71
C LEU B 133 27.94 -37.24 -35.67
N ARG B 134 28.27 -36.82 -34.44
CA ARG B 134 27.34 -36.72 -33.31
C ARG B 134 26.76 -38.07 -32.91
N GLN B 135 27.32 -39.18 -33.39
CA GLN B 135 26.95 -40.50 -32.93
C GLN B 135 27.98 -41.01 -31.91
N LYS B 136 27.58 -42.02 -31.14
CA LYS B 136 28.48 -42.62 -30.18
C LYS B 136 29.78 -43.04 -30.85
N ASN B 137 30.91 -42.64 -30.27
CA ASN B 137 32.25 -42.95 -30.74
C ASN B 137 32.58 -42.28 -32.07
N GLY B 138 31.73 -41.36 -32.54
CA GLY B 138 31.96 -40.67 -33.79
C GLY B 138 32.52 -39.27 -33.58
N LEU B 139 32.51 -38.50 -34.66
CA LEU B 139 33.00 -37.12 -34.59
C LEU B 139 32.15 -36.31 -33.63
N ALA B 140 32.81 -35.43 -32.88
CA ALA B 140 32.14 -34.59 -31.91
C ALA B 140 31.35 -33.47 -32.60
N ALA B 141 30.45 -32.86 -31.84
CA ALA B 141 29.61 -31.79 -32.37
C ALA B 141 30.41 -30.52 -32.68
N PHE B 142 31.55 -30.33 -32.04
CA PHE B 142 32.35 -29.12 -32.15
C PHE B 142 33.82 -29.48 -32.34
N PRO B 143 34.64 -28.52 -32.77
CA PRO B 143 36.08 -28.75 -32.78
C PRO B 143 36.56 -29.21 -31.40
N ARG B 144 37.54 -30.12 -31.40
CA ARG B 144 37.98 -30.78 -30.18
C ARG B 144 39.46 -31.13 -30.33
N ARG B 145 40.28 -30.65 -29.40
CA ARG B 145 41.72 -30.85 -29.51
C ARG B 145 42.08 -32.33 -29.62
N ALA B 146 41.45 -33.17 -28.81
CA ALA B 146 41.77 -34.59 -28.82
C ALA B 146 41.36 -35.27 -30.12
N GLU B 147 40.50 -34.63 -30.91
CA GLU B 147 39.99 -35.25 -32.13
C GLU B 147 40.90 -35.05 -33.32
N SER B 148 41.59 -33.91 -33.43
CA SER B 148 42.35 -33.60 -34.62
C SER B 148 43.39 -32.54 -34.30
N GLU B 149 44.57 -32.68 -34.93
CA GLU B 149 45.58 -31.64 -34.85
C GLU B 149 45.11 -30.33 -35.48
N TYR B 150 44.08 -30.38 -36.31
CA TYR B 150 43.54 -29.18 -36.95
C TYR B 150 42.56 -28.44 -36.07
N ASP B 151 42.27 -28.94 -34.87
CA ASP B 151 41.39 -28.29 -33.91
C ASP B 151 42.25 -27.74 -32.78
N THR B 152 42.42 -26.42 -32.76
CA THR B 152 43.33 -25.80 -31.80
C THR B 152 42.70 -25.60 -30.43
N PHE B 153 41.37 -25.58 -30.33
CA PHE B 153 40.73 -25.25 -29.07
C PHE B 153 39.33 -25.86 -29.05
N GLY B 154 39.06 -26.67 -28.02
CA GLY B 154 37.73 -27.21 -27.86
C GLY B 154 36.74 -26.12 -27.47
N VAL B 155 35.65 -26.02 -28.24
CA VAL B 155 34.67 -24.97 -28.06
C VAL B 155 33.28 -25.59 -27.96
N GLY B 156 32.28 -24.74 -27.77
CA GLY B 156 30.91 -25.14 -27.55
C GLY B 156 30.18 -23.97 -26.94
N HIS B 157 30.58 -23.59 -25.73
CA HIS B 157 30.27 -22.27 -25.22
C HIS B 157 30.89 -21.23 -26.15
N SER B 158 30.26 -20.07 -26.21
CA SER B 158 30.64 -19.06 -27.19
C SER B 158 31.67 -18.09 -26.63
N SER B 159 32.31 -17.36 -27.55
CA SER B 159 33.07 -16.15 -27.26
C SER B 159 34.43 -16.42 -26.60
N THR B 160 34.96 -17.63 -26.73
CA THR B 160 36.26 -17.97 -26.19
C THR B 160 37.38 -17.85 -27.21
N SER B 161 37.05 -17.63 -28.49
CA SER B 161 38.04 -17.76 -29.56
C SER B 161 39.11 -16.68 -29.48
N ILE B 162 38.71 -15.44 -29.19
CA ILE B 162 39.69 -14.35 -29.19
C ILE B 162 40.69 -14.55 -28.04
N SER B 163 40.19 -14.88 -26.85
CA SER B 163 41.07 -15.12 -25.71
C SER B 163 42.03 -16.26 -26.00
N ALA B 164 41.52 -17.36 -26.56
CA ALA B 164 42.38 -18.51 -26.85
C ALA B 164 43.41 -18.17 -27.91
N ALA B 165 42.96 -17.58 -29.02
CA ALA B 165 43.89 -17.21 -30.09
C ALA B 165 44.97 -16.26 -29.57
N LEU B 166 44.59 -15.34 -28.68
CA LEU B 166 45.57 -14.39 -28.15
C LEU B 166 46.61 -15.09 -27.30
N GLY B 167 46.19 -16.03 -26.45
CA GLY B 167 47.15 -16.76 -25.64
C GLY B 167 48.09 -17.58 -26.49
N MET B 168 47.59 -18.15 -27.59
CA MET B 168 48.45 -18.87 -28.51
C MET B 168 49.48 -17.95 -29.14
N ALA B 169 49.05 -16.75 -29.55
CA ALA B 169 49.96 -15.81 -30.20
C ALA B 169 51.03 -15.31 -29.24
N ILE B 170 50.64 -15.02 -28.00
CA ILE B 170 51.63 -14.61 -27.00
C ILE B 170 52.66 -15.70 -26.81
N ALA B 171 52.20 -16.94 -26.65
CA ALA B 171 53.12 -18.06 -26.45
C ALA B 171 54.03 -18.23 -27.66
N ALA B 172 53.47 -18.19 -28.86
CA ALA B 172 54.28 -18.33 -30.07
C ALA B 172 55.37 -17.28 -30.13
N ARG B 173 55.04 -16.02 -29.81
CA ARG B 173 56.05 -14.96 -29.81
C ARG B 173 57.13 -15.24 -28.79
N LEU B 174 56.74 -15.71 -27.59
CA LEU B 174 57.73 -15.91 -26.53
C LEU B 174 58.71 -17.01 -26.88
N GLN B 175 58.26 -18.07 -27.55
CA GLN B 175 59.13 -19.18 -27.89
C GLN B 175 59.73 -19.05 -29.28
N GLY B 176 59.64 -17.86 -29.90
CA GLY B 176 60.31 -17.60 -31.15
C GLY B 176 59.72 -18.25 -32.37
N LYS B 177 58.51 -18.81 -32.27
CA LYS B 177 57.89 -19.52 -33.39
C LYS B 177 57.09 -18.54 -34.21
N GLU B 178 57.41 -18.44 -35.50
CA GLU B 178 56.66 -17.60 -36.44
C GLU B 178 55.47 -18.41 -36.93
N ARG B 179 54.31 -18.20 -36.30
CA ARG B 179 53.07 -18.82 -36.73
C ARG B 179 51.95 -17.81 -36.58
N LYS B 180 50.93 -17.94 -37.41
CA LYS B 180 49.80 -17.04 -37.37
C LYS B 180 48.75 -17.55 -36.39
N SER B 181 47.92 -16.63 -35.92
CA SER B 181 46.82 -16.93 -35.00
C SER B 181 45.58 -16.20 -35.49
N VAL B 182 44.51 -16.96 -35.73
CA VAL B 182 43.29 -16.44 -36.33
C VAL B 182 42.09 -16.92 -35.52
N ALA B 183 41.20 -15.99 -35.19
CA ALA B 183 39.96 -16.30 -34.47
C ALA B 183 38.78 -15.87 -35.31
N VAL B 184 37.85 -16.80 -35.57
CA VAL B 184 36.62 -16.52 -36.29
C VAL B 184 35.49 -16.48 -35.28
N ILE B 185 34.82 -15.34 -35.17
CA ILE B 185 33.80 -15.12 -34.15
C ILE B 185 32.57 -14.51 -34.79
N GLY B 186 31.40 -15.06 -34.48
CA GLY B 186 30.17 -14.53 -35.01
C GLY B 186 29.70 -13.29 -34.28
N ASP B 187 28.77 -12.57 -34.91
CA ASP B 187 28.26 -11.33 -34.32
C ASP B 187 27.50 -11.57 -33.03
N GLY B 188 26.85 -12.74 -32.90
CA GLY B 188 26.22 -13.07 -31.63
C GLY B 188 27.24 -13.33 -30.55
N ALA B 189 28.24 -14.17 -30.83
CA ALA B 189 29.26 -14.47 -29.84
C ALA B 189 29.99 -13.22 -29.38
N LEU B 190 30.06 -12.20 -30.24
CA LEU B 190 30.77 -10.98 -29.89
C LEU B 190 30.02 -10.11 -28.89
N THR B 191 28.77 -10.44 -28.57
CA THR B 191 28.05 -9.70 -27.54
C THR B 191 28.49 -10.06 -26.13
N ALA B 192 29.25 -11.14 -25.96
CA ALA B 192 29.64 -11.58 -24.62
C ALA B 192 30.76 -10.71 -24.07
N GLY B 193 30.71 -10.47 -22.76
CA GLY B 193 31.70 -9.61 -22.14
C GLY B 193 33.12 -10.09 -22.32
N MET B 194 33.33 -11.42 -22.26
CA MET B 194 34.69 -11.94 -22.32
C MET B 194 35.34 -11.64 -23.66
N ALA B 195 34.56 -11.51 -24.74
CA ALA B 195 35.14 -11.10 -26.01
C ALA B 195 35.62 -9.65 -25.94
N PHE B 196 34.87 -8.78 -25.29
CA PHE B 196 35.30 -7.41 -25.04
C PHE B 196 36.59 -7.39 -24.24
N GLU B 197 36.69 -8.23 -23.21
CA GLU B 197 37.92 -8.30 -22.41
C GLU B 197 39.11 -8.73 -23.26
N ALA B 198 38.90 -9.70 -24.15
CA ALA B 198 40.00 -10.20 -24.97
C ALA B 198 40.45 -9.16 -25.99
N LEU B 199 39.49 -8.47 -26.64
CA LEU B 199 39.85 -7.43 -27.59
C LEU B 199 40.68 -6.34 -26.92
N ASN B 200 40.32 -5.98 -25.69
CA ASN B 200 41.04 -4.91 -24.99
C ASN B 200 42.45 -5.32 -24.63
N HIS B 201 42.63 -6.56 -24.18
CA HIS B 201 43.96 -7.00 -23.77
C HIS B 201 44.86 -7.23 -24.98
N ALA B 202 44.33 -7.79 -26.06
CA ALA B 202 45.12 -7.98 -27.27
C ALA B 202 45.70 -6.65 -27.76
N SER B 203 44.88 -5.60 -27.75
CA SER B 203 45.37 -4.26 -28.08
C SER B 203 46.54 -3.89 -27.18
N GLU B 204 46.40 -4.11 -25.88
CA GLU B 204 47.44 -3.75 -24.93
C GLU B 204 48.77 -4.39 -25.28
N VAL B 205 48.78 -5.72 -25.50
CA VAL B 205 50.03 -6.42 -25.77
C VAL B 205 50.45 -6.33 -27.22
N ASP B 206 49.70 -5.63 -28.07
CA ASP B 206 50.05 -5.45 -29.48
C ASP B 206 50.33 -6.81 -30.12
N ALA B 207 49.41 -7.75 -29.91
CA ALA B 207 49.59 -9.11 -30.39
C ALA B 207 49.44 -9.18 -31.91
N ASP B 208 50.20 -10.10 -32.50
CA ASP B 208 50.09 -10.37 -33.94
C ASP B 208 49.03 -11.45 -34.12
N MET B 209 47.78 -11.03 -34.28
CA MET B 209 46.68 -11.95 -34.47
C MET B 209 45.63 -11.30 -35.37
N LEU B 210 44.78 -12.15 -35.94
CA LEU B 210 43.69 -11.71 -36.79
C LEU B 210 42.37 -12.17 -36.19
N VAL B 211 41.44 -11.24 -36.01
CA VAL B 211 40.07 -11.55 -35.62
C VAL B 211 39.18 -11.35 -36.83
N ILE B 212 38.41 -12.37 -37.19
CA ILE B 212 37.48 -12.30 -38.30
C ILE B 212 36.07 -12.28 -37.71
N LEU B 213 35.37 -11.17 -37.89
CA LEU B 213 33.98 -11.08 -37.47
C LEU B 213 33.09 -11.68 -38.55
N ASN B 214 32.41 -12.77 -38.22
CA ASN B 214 31.49 -13.45 -39.14
C ASN B 214 30.11 -12.87 -38.88
N ASP B 215 29.76 -11.84 -39.64
CA ASP B 215 28.57 -11.02 -39.38
C ASP B 215 27.46 -11.46 -40.33
N ASN B 216 26.44 -12.13 -39.79
CA ASN B 216 25.26 -12.51 -40.57
C ASN B 216 23.98 -11.97 -39.94
N ASP B 217 24.09 -11.01 -39.02
CA ASP B 217 22.93 -10.38 -38.39
C ASP B 217 22.06 -11.40 -37.67
N MET B 218 22.65 -12.49 -37.20
CA MET B 218 21.88 -13.55 -36.56
C MET B 218 22.63 -14.12 -35.37
N SER B 219 21.87 -14.48 -34.35
CA SER B 219 22.33 -15.38 -33.29
C SER B 219 21.68 -16.74 -33.51
N ILE B 220 20.98 -17.32 -32.55
CA ILE B 220 19.98 -18.34 -32.88
C ILE B 220 18.67 -17.67 -33.27
N SER B 221 18.11 -16.89 -32.36
CA SER B 221 17.14 -15.87 -32.72
C SER B 221 17.86 -14.75 -33.47
N HIS B 222 17.10 -13.73 -33.88
CA HIS B 222 17.72 -12.53 -34.39
C HIS B 222 18.60 -11.90 -33.31
N ASN B 223 19.74 -11.36 -33.71
CA ASN B 223 20.67 -10.78 -32.75
C ASN B 223 20.12 -9.46 -32.23
N VAL B 224 19.98 -9.34 -30.92
CA VAL B 224 19.39 -8.17 -30.28
C VAL B 224 20.43 -7.58 -29.33
N GLY B 225 20.73 -6.30 -29.51
CA GLY B 225 21.69 -5.62 -28.65
C GLY B 225 22.26 -4.40 -29.34
N GLY B 226 22.89 -3.55 -28.51
CA GLY B 226 23.45 -2.32 -29.04
C GLY B 226 24.56 -2.56 -30.07
N LEU B 227 25.40 -3.56 -29.82
CA LEU B 227 26.47 -3.87 -30.76
C LEU B 227 25.90 -4.23 -32.13
N SER B 228 24.82 -5.02 -32.16
CA SER B 228 24.21 -5.38 -33.43
C SER B 228 23.78 -4.15 -34.20
N ASN B 229 23.18 -3.17 -33.51
CA ASN B 229 22.77 -1.94 -34.19
C ASN B 229 23.97 -1.23 -34.80
N TYR B 230 25.13 -1.26 -34.13
CA TYR B 230 26.32 -0.63 -34.68
C TYR B 230 26.84 -1.39 -35.89
N LEU B 231 26.88 -2.72 -35.82
CA LEU B 231 27.36 -3.51 -36.96
C LEU B 231 26.43 -3.37 -38.15
N ALA B 232 25.15 -3.09 -37.91
CA ALA B 232 24.23 -2.82 -39.01
C ALA B 232 24.62 -1.56 -39.76
N LYS B 233 24.85 -0.47 -39.04
CA LYS B 233 25.28 0.79 -39.63
C LYS B 233 26.59 0.62 -40.41
N PHE B 245 36.19 -0.35 -33.36
CA PHE B 245 37.29 -1.32 -33.36
C PHE B 245 38.62 -0.62 -33.60
N GLU B 246 38.62 0.35 -34.51
CA GLU B 246 39.83 1.14 -34.73
C GLU B 246 40.26 1.84 -33.45
N GLU B 247 39.30 2.33 -32.67
CA GLU B 247 39.65 3.07 -31.46
C GLU B 247 40.33 2.17 -30.44
N LEU B 248 39.82 0.95 -30.27
CA LEU B 248 40.37 0.05 -29.27
C LEU B 248 41.70 -0.56 -29.69
N GLY B 249 42.37 -0.05 -30.72
CA GLY B 249 43.70 -0.50 -31.08
C GLY B 249 43.77 -1.54 -32.18
N TRP B 250 42.71 -1.71 -32.96
CA TRP B 250 42.64 -2.74 -33.98
C TRP B 250 42.60 -2.10 -35.36
N ASN B 251 43.32 -2.72 -36.32
CA ASN B 251 43.26 -2.29 -37.71
C ASN B 251 42.03 -2.94 -38.36
N TYR B 252 41.02 -2.13 -38.66
CA TYR B 252 39.75 -2.61 -39.17
C TYR B 252 39.76 -2.61 -40.69
N ILE B 253 39.39 -3.73 -41.29
CA ILE B 253 39.26 -3.86 -42.73
C ILE B 253 37.89 -4.46 -43.02
N GLY B 254 37.18 -3.88 -44.00
CA GLY B 254 35.88 -4.36 -44.39
C GLY B 254 34.82 -3.28 -44.33
N PRO B 255 33.54 -3.68 -44.39
CA PRO B 255 33.04 -5.06 -44.51
C PRO B 255 33.23 -5.62 -45.91
N ILE B 256 33.56 -6.90 -46.04
CA ILE B 256 33.72 -7.54 -47.34
C ILE B 256 32.67 -8.62 -47.50
N ASP B 257 32.45 -9.04 -48.74
CA ASP B 257 31.51 -10.10 -49.06
C ASP B 257 32.12 -11.45 -48.67
N GLY B 258 31.56 -12.08 -47.64
CA GLY B 258 32.05 -13.36 -47.17
C GLY B 258 31.77 -14.53 -48.07
N HIS B 259 31.08 -14.32 -49.19
CA HIS B 259 30.83 -15.38 -50.16
C HIS B 259 31.49 -15.14 -51.51
N ASP B 260 32.28 -14.07 -51.64
CA ASP B 260 33.07 -13.82 -52.85
C ASP B 260 34.47 -14.38 -52.60
N LEU B 261 34.70 -15.59 -53.10
CA LEU B 261 35.98 -16.24 -52.85
C LEU B 261 37.17 -15.43 -53.35
N PRO B 262 37.14 -14.84 -54.54
CA PRO B 262 38.29 -14.02 -54.97
C PRO B 262 38.61 -12.90 -53.99
N THR B 263 37.61 -12.17 -53.52
CA THR B 263 37.85 -11.10 -52.57
C THR B 263 38.36 -11.65 -51.24
N LEU B 264 37.82 -12.78 -50.80
CA LEU B 264 38.25 -13.35 -49.53
C LEU B 264 39.73 -13.72 -49.57
N VAL B 265 40.14 -14.47 -50.58
CA VAL B 265 41.53 -14.92 -50.66
C VAL B 265 42.48 -13.73 -50.74
N ALA B 266 42.12 -12.72 -51.54
CA ALA B 266 43.00 -11.56 -51.69
C ALA B 266 43.12 -10.81 -50.38
N THR B 267 42.00 -10.56 -49.70
CA THR B 267 42.06 -9.80 -48.45
C THR B 267 42.84 -10.56 -47.38
N LEU B 268 42.53 -11.84 -47.19
CA LEU B 268 43.24 -12.63 -46.18
C LEU B 268 44.73 -12.67 -46.47
N ARG B 269 45.11 -12.84 -47.74
CA ARG B 269 46.53 -12.83 -48.09
C ARG B 269 47.21 -11.57 -47.61
N ASN B 270 46.58 -10.42 -47.81
CA ASN B 270 47.19 -9.15 -47.40
C ASN B 270 47.25 -9.03 -45.89
N MET B 271 46.16 -9.38 -45.20
CA MET B 271 46.12 -9.26 -43.75
C MET B 271 47.03 -10.28 -43.08
N ARG B 272 47.25 -11.43 -43.72
CA ARG B 272 48.03 -12.49 -43.08
C ARG B 272 49.42 -12.02 -42.70
N ASP B 273 50.02 -11.13 -43.51
CA ASP B 273 51.37 -10.66 -43.26
C ASP B 273 51.42 -9.35 -42.49
N MET B 274 50.28 -8.70 -42.28
CA MET B 274 50.26 -7.49 -41.47
C MET B 274 50.51 -7.83 -40.00
N LYS B 275 50.99 -6.84 -39.27
CA LYS B 275 51.40 -7.03 -37.88
C LYS B 275 50.45 -6.30 -36.95
N GLY B 276 50.45 -6.72 -35.69
CA GLY B 276 49.59 -6.14 -34.68
C GLY B 276 48.17 -6.63 -34.78
N PRO B 277 47.29 -6.11 -33.92
CA PRO B 277 45.89 -6.56 -33.95
C PRO B 277 45.20 -6.20 -35.26
N GLN B 278 44.71 -7.23 -35.96
CA GLN B 278 44.01 -7.08 -37.23
C GLN B 278 42.58 -7.59 -37.08
N PHE B 279 41.64 -6.82 -37.62
CA PHE B 279 40.21 -7.10 -37.46
C PHE B 279 39.54 -7.03 -38.83
N LEU B 280 39.05 -8.18 -39.31
CA LEU B 280 38.41 -8.27 -40.61
C LEU B 280 36.92 -8.50 -40.42
N HIS B 281 36.11 -7.60 -40.95
CA HIS B 281 34.65 -7.69 -40.87
C HIS B 281 34.14 -8.34 -42.16
N VAL B 282 33.58 -9.54 -42.02
CA VAL B 282 33.05 -10.30 -43.14
C VAL B 282 31.53 -10.40 -42.97
N VAL B 283 30.81 -10.24 -44.08
CA VAL B 283 29.35 -10.33 -44.10
C VAL B 283 28.96 -11.63 -44.78
N THR B 284 28.27 -12.51 -44.05
CA THR B 284 27.77 -13.75 -44.60
C THR B 284 26.26 -13.82 -44.43
N LYS B 285 25.66 -14.81 -45.10
CA LYS B 285 24.24 -15.07 -45.04
C LYS B 285 24.05 -16.45 -44.43
N LYS B 286 23.39 -16.51 -43.28
CA LYS B 286 23.18 -17.79 -42.61
C LYS B 286 22.34 -18.71 -43.48
N GLY B 287 22.83 -19.93 -43.69
CA GLY B 287 22.14 -20.87 -44.57
C GLY B 287 22.39 -20.65 -46.05
N LYS B 288 23.38 -19.84 -46.40
CA LYS B 288 23.66 -19.52 -47.81
C LYS B 288 23.65 -20.76 -48.67
N GLY B 289 22.93 -20.68 -49.79
CA GLY B 289 22.92 -21.74 -50.78
C GLY B 289 21.88 -22.82 -50.57
N PHE B 290 21.08 -22.73 -49.51
CA PHE B 290 19.95 -23.64 -49.30
C PHE B 290 18.73 -22.75 -49.04
N ALA B 291 17.87 -22.64 -50.06
CA ALA B 291 16.75 -21.70 -50.00
C ALA B 291 15.89 -21.88 -48.76
N PRO B 292 15.48 -23.09 -48.37
CA PRO B 292 14.69 -23.23 -47.13
C PRO B 292 15.37 -22.60 -45.92
N ALA B 293 16.69 -22.74 -45.81
CA ALA B 293 17.40 -22.19 -44.67
C ALA B 293 17.50 -20.67 -44.76
N GLU B 294 17.70 -20.15 -45.97
CA GLU B 294 17.74 -18.69 -46.14
C GLU B 294 16.41 -18.06 -45.79
N LEU B 295 15.30 -18.78 -46.01
CA LEU B 295 13.98 -18.26 -45.71
C LEU B 295 13.58 -18.44 -44.26
N ASP B 296 14.19 -19.39 -43.55
CA ASP B 296 13.88 -19.67 -42.16
C ASP B 296 15.18 -19.96 -41.42
N PRO B 297 15.99 -18.93 -41.18
CA PRO B 297 17.30 -19.17 -40.54
C PRO B 297 17.20 -19.69 -39.11
N ILE B 298 16.17 -19.30 -38.36
CA ILE B 298 15.99 -19.83 -37.01
C ILE B 298 15.73 -21.33 -37.06
N GLY B 299 14.75 -21.74 -37.86
CA GLY B 299 14.40 -23.15 -37.93
C GLY B 299 15.52 -24.01 -38.46
N TYR B 300 16.41 -23.45 -39.27
CA TYR B 300 17.51 -24.19 -39.87
C TYR B 300 18.85 -23.93 -39.19
N HIS B 301 18.84 -23.35 -37.99
CA HIS B 301 20.03 -23.33 -37.17
C HIS B 301 20.53 -24.76 -36.93
N ALA B 302 19.60 -25.68 -36.71
CA ALA B 302 19.92 -27.09 -36.56
C ALA B 302 18.76 -27.92 -37.09
N ILE B 303 19.07 -29.10 -37.60
CA ILE B 303 18.06 -30.01 -38.13
C ILE B 303 18.29 -31.39 -37.55
N THR B 304 17.27 -32.23 -37.69
CA THR B 304 17.38 -33.65 -37.36
C THR B 304 17.59 -34.44 -38.66
N LYS B 305 18.08 -35.67 -38.50
CA LYS B 305 18.32 -36.52 -39.67
C LYS B 305 17.06 -36.62 -40.52
N LEU B 306 17.26 -36.85 -41.81
CA LEU B 306 16.12 -37.05 -42.70
C LEU B 306 15.46 -38.39 -42.41
N GLU B 307 14.14 -38.43 -42.61
CA GLU B 307 13.39 -39.66 -42.41
C GLU B 307 13.76 -40.67 -43.48
N ALA B 308 14.11 -41.88 -43.07
CA ALA B 308 14.45 -42.92 -44.02
C ALA B 308 13.30 -43.14 -44.99
N PRO B 309 13.59 -43.45 -46.26
CA PRO B 309 12.52 -43.69 -47.23
C PRO B 309 11.54 -44.77 -46.79
N GLY B 317 5.39 -38.02 -28.15
CA GLY B 317 4.25 -37.70 -27.30
C GLY B 317 4.67 -37.19 -25.93
N GLY B 318 4.28 -35.94 -25.63
CA GLY B 318 4.56 -35.35 -24.34
C GLY B 318 5.25 -34.00 -24.47
N PRO B 319 4.80 -33.00 -23.71
CA PRO B 319 5.40 -31.67 -23.84
C PRO B 319 6.82 -31.65 -23.32
N LYS B 320 7.70 -30.95 -24.03
CA LYS B 320 9.06 -30.75 -23.56
C LYS B 320 9.03 -29.92 -22.29
N TYR B 321 9.95 -30.22 -21.37
CA TYR B 321 10.00 -29.48 -20.11
C TYR B 321 10.12 -27.98 -20.36
N SER B 322 10.84 -27.59 -21.42
CA SER B 322 10.94 -26.17 -21.74
C SER B 322 9.59 -25.58 -22.14
N SER B 323 8.72 -26.38 -22.75
CA SER B 323 7.37 -25.90 -23.08
C SER B 323 6.53 -25.78 -21.82
N VAL B 324 6.69 -26.70 -20.87
CA VAL B 324 5.99 -26.60 -19.60
C VAL B 324 6.38 -25.32 -18.89
N PHE B 325 7.67 -25.01 -18.85
CA PHE B 325 8.12 -23.75 -18.28
C PHE B 325 7.55 -22.56 -19.04
N GLY B 326 7.55 -22.64 -20.38
CA GLY B 326 7.01 -21.55 -21.17
C GLY B 326 5.55 -21.28 -20.88
N GLN B 327 4.75 -22.35 -20.75
CA GLN B 327 3.35 -22.17 -20.37
C GLN B 327 3.23 -21.60 -18.97
N TRP B 328 4.02 -22.11 -18.03
CA TRP B 328 3.99 -21.57 -16.67
C TRP B 328 4.31 -20.08 -16.67
N LEU B 329 5.31 -19.68 -17.46
CA LEU B 329 5.72 -18.27 -17.47
C LEU B 329 4.59 -17.39 -17.97
N CYS B 330 3.86 -17.83 -19.00
CA CYS B 330 2.72 -17.06 -19.49
C CYS B 330 1.62 -17.01 -18.44
N ASP B 331 1.27 -18.16 -17.86
CA ASP B 331 0.19 -18.21 -16.89
C ASP B 331 0.46 -17.30 -15.69
N MET B 332 1.70 -17.30 -15.20
CA MET B 332 2.03 -16.46 -14.05
C MET B 332 2.09 -15.00 -14.45
N ALA B 333 2.56 -14.70 -15.67
CA ALA B 333 2.57 -13.32 -16.13
C ALA B 333 1.17 -12.75 -16.24
N ALA B 334 0.20 -13.58 -16.61
CA ALA B 334 -1.18 -13.10 -16.69
C ALA B 334 -1.73 -12.76 -15.31
N GLN B 335 -1.26 -13.44 -14.27
CA GLN B 335 -1.76 -13.19 -12.92
C GLN B 335 -0.96 -12.13 -12.18
N ASP B 336 0.34 -12.00 -12.48
CA ASP B 336 1.22 -11.09 -11.76
C ASP B 336 1.87 -10.13 -12.76
N ALA B 337 1.45 -8.87 -12.72
CA ALA B 337 2.01 -7.84 -13.60
C ALA B 337 3.49 -7.56 -13.31
N ARG B 338 4.01 -8.03 -12.17
CA ARG B 338 5.39 -7.75 -11.80
C ARG B 338 6.39 -8.71 -12.44
N LEU B 339 5.92 -9.84 -12.98
CA LEU B 339 6.82 -10.84 -13.52
C LEU B 339 7.55 -10.30 -14.75
N LEU B 340 8.86 -10.50 -14.79
CA LEU B 340 9.68 -10.13 -15.94
C LEU B 340 10.53 -11.33 -16.34
N GLY B 341 10.60 -11.57 -17.65
CA GLY B 341 11.28 -12.73 -18.19
C GLY B 341 12.57 -12.33 -18.89
N ILE B 342 13.66 -13.00 -18.51
CA ILE B 342 15.00 -12.72 -19.02
C ILE B 342 15.58 -13.99 -19.62
N THR B 343 16.22 -13.86 -20.78
CA THR B 343 16.97 -14.95 -21.40
C THR B 343 18.23 -14.38 -22.02
N PRO B 344 19.37 -15.08 -21.92
CA PRO B 344 20.57 -14.66 -22.68
C PRO B 344 20.61 -15.33 -24.05
N ALA B 345 19.76 -14.82 -24.95
CA ALA B 345 19.75 -15.17 -26.37
C ALA B 345 19.26 -16.60 -26.64
N MET B 346 18.45 -17.16 -25.74
CA MET B 346 17.93 -18.51 -25.91
C MET B 346 16.41 -18.52 -25.80
N LYS B 347 15.75 -17.57 -26.47
CA LYS B 347 14.28 -17.56 -26.50
C LYS B 347 13.73 -18.87 -27.01
N GLU B 348 14.29 -19.38 -28.11
CA GLU B 348 13.78 -20.60 -28.72
C GLU B 348 14.09 -21.83 -27.86
N GLY B 349 15.29 -21.89 -27.28
CA GLY B 349 15.68 -23.06 -26.52
C GLY B 349 14.95 -23.17 -25.20
N SER B 350 14.98 -22.09 -24.40
CA SER B 350 14.25 -22.06 -23.14
C SER B 350 12.75 -21.87 -23.36
N ASP B 351 12.33 -21.56 -24.59
CA ASP B 351 10.91 -21.44 -24.95
C ASP B 351 10.24 -20.29 -24.20
N LEU B 352 10.73 -19.08 -24.48
CA LEU B 352 10.04 -17.85 -24.10
C LEU B 352 9.30 -17.25 -25.30
N VAL B 353 8.97 -18.07 -26.30
CA VAL B 353 8.43 -17.55 -27.55
C VAL B 353 7.07 -16.91 -27.31
N ALA B 354 6.11 -17.68 -26.82
CA ALA B 354 4.79 -17.13 -26.55
C ALA B 354 4.85 -15.98 -25.57
N PHE B 355 5.65 -16.12 -24.51
CA PHE B 355 5.80 -15.04 -23.54
C PHE B 355 6.31 -13.78 -24.19
N SER B 356 7.30 -13.91 -25.09
CA SER B 356 7.85 -12.73 -25.75
C SER B 356 6.83 -12.07 -26.67
N GLU B 357 5.91 -12.85 -27.25
CA GLU B 357 4.89 -12.27 -28.12
C GLU B 357 3.78 -11.60 -27.33
N ARG B 358 3.36 -12.21 -26.21
CA ARG B 358 2.23 -11.69 -25.46
C ARG B 358 2.63 -10.57 -24.50
N TYR B 359 3.86 -10.59 -24.00
CA TYR B 359 4.32 -9.64 -22.97
C TYR B 359 5.63 -9.00 -23.41
N PRO B 360 5.63 -8.28 -24.54
CA PRO B 360 6.90 -7.79 -25.08
C PRO B 360 7.60 -6.78 -24.19
N GLU B 361 6.86 -5.99 -23.42
CA GLU B 361 7.46 -4.99 -22.54
C GLU B 361 7.98 -5.60 -21.24
N ARG B 362 7.76 -6.90 -21.01
CA ARG B 362 8.28 -7.59 -19.84
C ARG B 362 9.21 -8.74 -20.23
N TYR B 363 9.70 -8.72 -21.46
CA TYR B 363 10.59 -9.74 -21.99
C TYR B 363 11.92 -9.09 -22.37
N PHE B 364 13.03 -9.71 -21.98
CA PHE B 364 14.35 -9.12 -22.17
C PHE B 364 15.33 -10.18 -22.65
N ASP B 365 15.76 -10.05 -23.90
CA ASP B 365 16.86 -10.84 -24.47
C ASP B 365 18.12 -9.98 -24.38
N VAL B 366 19.05 -10.38 -23.53
CA VAL B 366 20.23 -9.59 -23.24
C VAL B 366 21.40 -10.00 -24.14
N ALA B 367 21.11 -10.67 -25.25
CA ALA B 367 22.15 -11.26 -26.09
C ALA B 367 22.89 -12.33 -25.30
N ILE B 368 24.08 -12.73 -25.75
CA ILE B 368 24.82 -13.83 -25.11
C ILE B 368 25.61 -13.20 -23.96
N ALA B 369 24.88 -12.87 -22.88
CA ALA B 369 25.42 -12.10 -21.76
C ALA B 369 24.81 -12.64 -20.47
N GLU B 370 25.22 -13.87 -20.11
CA GLU B 370 24.69 -14.50 -18.90
C GLU B 370 24.95 -13.65 -17.66
N GLN B 371 26.13 -13.02 -17.58
CA GLN B 371 26.48 -12.26 -16.39
C GLN B 371 25.53 -11.08 -16.21
N HIS B 372 25.34 -10.27 -17.26
CA HIS B 372 24.43 -9.14 -17.16
C HIS B 372 23.00 -9.60 -16.90
N ALA B 373 22.60 -10.74 -17.44
CA ALA B 373 21.24 -11.23 -17.24
C ALA B 373 20.91 -11.36 -15.75
N VAL B 374 21.88 -11.83 -14.95
CA VAL B 374 21.59 -12.10 -13.55
C VAL B 374 21.61 -10.81 -12.73
N THR B 375 22.59 -9.93 -12.98
CA THR B 375 22.65 -8.69 -12.21
C THR B 375 21.52 -7.74 -12.60
N LEU B 376 21.15 -7.74 -13.89
CA LEU B 376 19.95 -7.02 -14.30
C LEU B 376 18.74 -7.45 -13.48
N ALA B 377 18.54 -8.76 -13.35
CA ALA B 377 17.44 -9.28 -12.53
C ALA B 377 17.55 -8.78 -11.10
N ALA B 378 18.77 -8.76 -10.55
CA ALA B 378 18.96 -8.23 -9.19
C ALA B 378 18.46 -6.80 -9.09
N GLY B 379 18.84 -5.95 -10.04
CA GLY B 379 18.38 -4.58 -10.02
C GLY B 379 16.87 -4.47 -10.14
N MET B 380 16.27 -5.30 -10.99
CA MET B 380 14.81 -5.31 -11.11
C MET B 380 14.16 -5.66 -9.78
N ALA B 381 14.72 -6.65 -9.06
CA ALA B 381 14.11 -7.09 -7.81
C ALA B 381 14.25 -6.04 -6.72
N CYS B 382 15.28 -5.19 -6.79
CA CYS B 382 15.41 -4.13 -5.80
C CYS B 382 14.22 -3.18 -5.82
N GLU B 383 13.55 -3.05 -6.97
CA GLU B 383 12.43 -2.15 -7.12
C GLU B 383 11.08 -2.84 -7.00
N GLY B 384 11.06 -4.09 -6.56
CA GLY B 384 9.81 -4.78 -6.30
C GLY B 384 9.25 -5.60 -7.44
N MET B 385 9.92 -5.63 -8.59
CA MET B 385 9.49 -6.50 -9.67
C MET B 385 10.01 -7.92 -9.42
N LYS B 386 9.51 -8.87 -10.23
CA LYS B 386 9.73 -10.30 -10.00
C LYS B 386 10.40 -10.91 -11.22
N PRO B 387 11.71 -10.73 -11.36
CA PRO B 387 12.41 -11.30 -12.53
C PRO B 387 12.52 -12.82 -12.46
N VAL B 388 12.40 -13.45 -13.63
CA VAL B 388 12.66 -14.87 -13.80
C VAL B 388 13.75 -15.02 -14.85
N VAL B 389 14.87 -15.62 -14.45
CA VAL B 389 16.02 -15.78 -15.33
C VAL B 389 15.98 -17.21 -15.88
N ALA B 390 15.75 -17.33 -17.19
CA ALA B 390 15.81 -18.61 -17.88
C ALA B 390 17.21 -18.81 -18.43
N ILE B 391 17.86 -19.89 -18.04
CA ILE B 391 19.28 -20.07 -18.32
C ILE B 391 19.60 -21.55 -18.21
N TYR B 392 20.37 -22.06 -19.17
CA TYR B 392 20.79 -23.46 -19.15
C TYR B 392 21.80 -23.70 -18.02
N SER B 393 21.79 -24.93 -17.48
CA SER B 393 22.70 -25.25 -16.39
C SER B 393 24.15 -24.98 -16.78
N THR B 394 24.54 -25.37 -17.99
CA THR B 394 25.93 -25.20 -18.40
C THR B 394 26.27 -23.72 -18.58
N PHE B 395 25.32 -22.90 -19.01
CA PHE B 395 25.60 -21.48 -19.23
C PHE B 395 25.53 -20.67 -17.94
N LEU B 396 24.75 -21.13 -16.95
CA LEU B 396 24.72 -20.43 -15.66
C LEU B 396 26.08 -20.48 -14.98
N GLN B 397 26.95 -21.43 -15.36
CA GLN B 397 28.31 -21.44 -14.85
C GLN B 397 28.99 -20.09 -15.07
N ARG B 398 28.63 -19.39 -16.15
CA ARG B 398 29.27 -18.13 -16.50
C ARG B 398 28.72 -16.93 -15.72
N ALA B 399 27.59 -17.10 -15.04
CA ALA B 399 27.01 -16.04 -14.21
C ALA B 399 27.06 -16.39 -12.73
N TYR B 400 27.92 -17.34 -12.35
CA TYR B 400 27.99 -17.81 -10.97
C TYR B 400 28.26 -16.66 -10.00
N ASP B 401 29.17 -15.75 -10.37
CA ASP B 401 29.52 -14.65 -9.47
C ASP B 401 28.35 -13.70 -9.28
N GLN B 402 27.62 -13.40 -10.35
CA GLN B 402 26.46 -12.53 -10.24
C GLN B 402 25.39 -13.16 -9.37
N LEU B 403 25.19 -14.48 -9.51
CA LEU B 403 24.22 -15.18 -8.67
C LEU B 403 24.61 -15.09 -7.20
N ILE B 404 25.88 -15.34 -6.89
CA ILE B 404 26.33 -15.34 -5.49
C ILE B 404 26.33 -13.91 -4.93
N HIS B 405 27.08 -13.03 -5.59
CA HIS B 405 27.41 -11.72 -5.02
C HIS B 405 26.26 -10.74 -5.17
N ASP B 406 25.57 -10.75 -6.31
CA ASP B 406 24.53 -9.77 -6.57
C ASP B 406 23.16 -10.24 -6.12
N VAL B 407 22.88 -11.54 -6.16
CA VAL B 407 21.56 -12.03 -5.78
C VAL B 407 21.59 -12.65 -4.39
N ALA B 408 22.45 -13.64 -4.18
CA ALA B 408 22.37 -14.43 -2.95
C ALA B 408 22.83 -13.62 -1.73
N VAL B 409 23.99 -12.97 -1.83
CA VAL B 409 24.49 -12.17 -0.71
C VAL B 409 23.48 -11.13 -0.28
N GLN B 410 22.67 -10.63 -1.23
CA GLN B 410 21.64 -9.64 -0.93
C GLN B 410 20.27 -10.27 -0.70
N HIS B 411 20.16 -11.59 -0.83
CA HIS B 411 18.88 -12.30 -0.68
C HIS B 411 17.77 -11.65 -1.50
N LEU B 412 18.09 -11.31 -2.74
CA LEU B 412 17.11 -10.69 -3.63
C LEU B 412 16.20 -11.75 -4.22
N ASP B 413 14.98 -11.36 -4.54
CA ASP B 413 13.93 -12.28 -4.97
C ASP B 413 14.05 -12.47 -6.48
N VAL B 414 14.84 -13.48 -6.87
CA VAL B 414 15.05 -13.82 -8.28
C VAL B 414 14.85 -15.33 -8.42
N LEU B 415 14.09 -15.73 -9.43
CA LEU B 415 13.85 -17.13 -9.74
C LEU B 415 14.71 -17.54 -10.92
N PHE B 416 15.39 -18.69 -10.79
CA PHE B 416 16.26 -19.23 -11.84
C PHE B 416 15.61 -20.50 -12.38
N ALA B 417 15.22 -20.46 -13.65
CA ALA B 417 14.67 -21.63 -14.34
C ALA B 417 15.81 -22.26 -15.14
N ILE B 418 16.33 -23.38 -14.62
CA ILE B 418 17.59 -23.96 -15.10
C ILE B 418 17.25 -25.14 -16.01
N ASP B 419 17.27 -24.88 -17.32
CA ASP B 419 17.02 -25.88 -18.33
C ASP B 419 18.28 -26.68 -18.64
N ARG B 420 18.12 -27.78 -19.37
CA ARG B 420 19.23 -28.62 -19.81
C ARG B 420 20.06 -29.11 -18.62
N ALA B 421 19.37 -29.40 -17.51
CA ALA B 421 20.04 -29.98 -16.35
C ALA B 421 20.27 -31.47 -16.60
N GLY B 422 21.48 -31.93 -16.28
CA GLY B 422 21.86 -33.30 -16.55
C GLY B 422 22.60 -33.45 -17.86
N LEU B 423 22.62 -34.68 -18.37
CA LEU B 423 23.19 -34.95 -19.68
C LEU B 423 22.29 -34.38 -20.76
N VAL B 424 22.91 -33.92 -21.85
CA VAL B 424 22.17 -33.27 -22.94
C VAL B 424 22.27 -34.00 -24.26
N GLY B 425 23.07 -35.05 -24.37
CA GLY B 425 23.10 -35.88 -25.55
C GLY B 425 24.23 -35.50 -26.50
N GLU B 426 23.87 -35.27 -27.77
CA GLU B 426 24.88 -35.23 -28.83
C GLU B 426 25.77 -33.99 -28.76
N ASP B 427 25.28 -32.90 -28.16
CA ASP B 427 26.14 -31.73 -27.99
C ASP B 427 27.33 -32.03 -27.09
N GLY B 428 27.21 -33.01 -26.20
CA GLY B 428 28.36 -33.53 -25.48
C GLY B 428 28.70 -32.80 -24.19
N PRO B 429 29.92 -33.04 -23.68
CA PRO B 429 30.25 -32.54 -22.35
C PRO B 429 30.35 -31.03 -22.24
N THR B 430 30.69 -30.31 -23.31
CA THR B 430 30.77 -28.87 -23.21
C THR B 430 29.44 -28.24 -22.80
N HIS B 431 28.32 -28.92 -23.05
CA HIS B 431 27.01 -28.41 -22.75
C HIS B 431 26.31 -29.16 -21.61
N ALA B 432 26.99 -30.11 -20.97
CA ALA B 432 26.34 -30.91 -19.93
C ALA B 432 26.02 -30.06 -18.71
N GLY B 433 24.80 -30.20 -18.21
CA GLY B 433 24.39 -29.56 -16.99
C GLY B 433 24.64 -30.46 -15.79
N SER B 434 25.91 -30.73 -15.51
CA SER B 434 26.29 -31.77 -14.56
C SER B 434 26.51 -31.25 -13.14
N PHE B 435 26.54 -29.93 -12.91
CA PHE B 435 27.10 -29.40 -11.68
C PHE B 435 26.21 -28.43 -10.91
N ASP B 436 25.03 -28.07 -11.41
CA ASP B 436 24.32 -26.94 -10.82
C ASP B 436 23.81 -27.25 -9.41
N ILE B 437 23.47 -28.51 -9.11
CA ILE B 437 23.16 -28.84 -7.71
C ILE B 437 24.37 -28.59 -6.84
N SER B 438 25.55 -29.02 -7.30
CA SER B 438 26.76 -28.90 -6.50
C SER B 438 27.16 -27.44 -6.30
N TYR B 439 27.13 -26.63 -7.36
CA TYR B 439 27.61 -25.26 -7.21
C TYR B 439 26.55 -24.31 -6.67
N LEU B 440 25.27 -24.68 -6.67
CA LEU B 440 24.25 -23.83 -6.08
C LEU B 440 23.99 -24.13 -4.61
N ARG B 441 23.96 -25.40 -4.21
CA ARG B 441 23.51 -25.75 -2.87
C ARG B 441 24.49 -25.30 -1.79
N CYS B 442 25.75 -25.04 -2.13
CA CYS B 442 26.70 -24.56 -1.15
C CYS B 442 26.58 -23.07 -0.90
N ILE B 443 25.67 -22.38 -1.58
CA ILE B 443 25.52 -20.93 -1.49
C ILE B 443 24.42 -20.62 -0.48
N PRO B 444 24.71 -19.95 0.62
CA PRO B 444 23.65 -19.58 1.57
C PRO B 444 22.52 -18.81 0.90
N GLY B 445 21.29 -19.18 1.26
CA GLY B 445 20.11 -18.47 0.81
C GLY B 445 19.40 -19.09 -0.37
N MET B 446 20.02 -20.06 -1.04
CA MET B 446 19.44 -20.61 -2.27
C MET B 446 18.40 -21.67 -1.93
N LEU B 447 17.19 -21.48 -2.46
CA LEU B 447 16.18 -22.54 -2.51
C LEU B 447 16.42 -23.34 -3.78
N VAL B 448 16.67 -24.65 -3.63
CA VAL B 448 17.13 -25.50 -4.72
C VAL B 448 16.16 -26.66 -4.87
N MET B 449 15.54 -26.76 -6.06
CA MET B 449 14.46 -27.70 -6.31
C MET B 449 14.72 -28.54 -7.55
N THR B 450 14.22 -29.77 -7.53
CA THR B 450 14.47 -30.77 -8.58
C THR B 450 13.18 -31.49 -8.92
N PRO B 451 12.39 -30.95 -9.85
CA PRO B 451 11.13 -31.61 -10.22
C PRO B 451 11.34 -32.95 -10.91
N SER B 452 10.38 -33.85 -10.69
CA SER B 452 10.46 -35.21 -11.23
C SER B 452 9.60 -35.42 -12.47
N ASP B 453 8.67 -34.53 -12.78
CA ASP B 453 7.87 -34.66 -13.99
C ASP B 453 7.26 -33.29 -14.34
N GLU B 454 6.39 -33.28 -15.34
CA GLU B 454 5.81 -32.04 -15.82
C GLU B 454 5.02 -31.33 -14.73
N ASP B 455 4.12 -32.06 -14.06
CA ASP B 455 3.30 -31.46 -13.02
C ASP B 455 4.16 -30.86 -11.92
N GLU B 456 5.23 -31.57 -11.52
CA GLU B 456 6.10 -31.09 -10.47
C GLU B 456 6.87 -29.84 -10.91
N LEU B 457 7.23 -29.75 -12.19
CA LEU B 457 7.92 -28.56 -12.68
C LEU B 457 7.04 -27.33 -12.52
N ARG B 458 5.80 -27.39 -13.01
CA ARG B 458 4.87 -26.29 -12.82
C ARG B 458 4.71 -25.93 -11.36
N LYS B 459 4.60 -26.95 -10.49
CA LYS B 459 4.38 -26.68 -9.06
C LYS B 459 5.60 -26.04 -8.42
N LEU B 460 6.80 -26.54 -8.73
CA LEU B 460 8.00 -26.02 -8.08
C LEU B 460 8.42 -24.67 -8.63
N LEU B 461 8.08 -24.37 -9.89
CA LEU B 461 8.26 -23.01 -10.38
C LEU B 461 7.38 -22.04 -9.59
N THR B 462 6.10 -22.40 -9.40
CA THR B 462 5.23 -21.58 -8.58
C THR B 462 5.77 -21.46 -7.15
N THR B 463 6.25 -22.58 -6.59
CA THR B 463 6.82 -22.54 -5.24
C THR B 463 7.99 -21.56 -5.17
N GLY B 464 8.93 -21.68 -6.11
CA GLY B 464 10.10 -20.80 -6.07
C GLY B 464 9.75 -19.36 -6.36
N TYR B 465 8.78 -19.14 -7.26
CA TYR B 465 8.37 -17.77 -7.59
C TYR B 465 7.78 -17.08 -6.38
N LEU B 466 6.86 -17.75 -5.67
CA LEU B 466 6.20 -17.12 -4.54
C LEU B 466 7.13 -17.00 -3.34
N PHE B 467 8.13 -17.86 -3.24
CA PHE B 467 9.18 -17.69 -2.23
C PHE B 467 9.82 -16.32 -2.41
N ASP B 468 10.00 -15.61 -1.31
CA ASP B 468 10.64 -14.29 -1.33
C ASP B 468 12.14 -14.51 -1.12
N GLY B 469 12.86 -14.67 -2.22
CA GLY B 469 14.29 -14.87 -2.18
C GLY B 469 14.80 -15.65 -3.36
N PRO B 470 16.10 -16.00 -3.33
CA PRO B 470 16.70 -16.70 -4.47
C PRO B 470 16.19 -18.14 -4.55
N ALA B 471 15.73 -18.53 -5.73
CA ALA B 471 15.17 -19.85 -5.95
C ALA B 471 15.66 -20.41 -7.27
N ALA B 472 15.88 -21.72 -7.31
CA ALA B 472 16.38 -22.40 -8.48
C ALA B 472 15.55 -23.65 -8.72
N VAL B 473 15.12 -23.85 -9.97
CA VAL B 473 14.39 -25.03 -10.39
C VAL B 473 15.09 -25.57 -11.64
N ARG B 474 15.52 -26.83 -11.59
CA ARG B 474 16.30 -27.43 -12.66
C ARG B 474 15.56 -28.61 -13.27
N TYR B 475 15.64 -28.71 -14.60
CA TYR B 475 14.92 -29.73 -15.36
C TYR B 475 15.71 -30.03 -16.61
N PRO B 476 15.54 -31.23 -17.18
CA PRO B 476 16.34 -31.64 -18.33
C PRO B 476 15.77 -31.18 -19.66
N ARG B 477 16.61 -31.29 -20.69
CA ARG B 477 16.12 -31.20 -22.06
C ARG B 477 15.19 -32.37 -22.35
N GLY B 478 14.37 -32.21 -23.38
CA GLY B 478 13.49 -33.27 -23.80
C GLY B 478 12.16 -33.26 -23.07
N SER B 479 11.45 -34.38 -23.19
CA SER B 479 10.14 -34.56 -22.60
C SER B 479 10.23 -35.51 -21.40
N GLY B 480 9.12 -35.61 -20.67
CA GLY B 480 9.07 -36.41 -19.47
C GLY B 480 8.17 -37.63 -19.62
N PRO B 481 7.73 -38.19 -18.49
CA PRO B 481 6.83 -39.36 -18.55
C PRO B 481 5.42 -39.01 -19.00
N ASN B 482 5.12 -37.73 -19.21
CA ASN B 482 3.81 -37.31 -19.74
C ASN B 482 2.69 -37.60 -18.74
N HIS B 483 2.89 -37.18 -17.49
CA HIS B 483 1.85 -37.27 -16.49
C HIS B 483 0.89 -36.09 -16.62
N PRO B 484 -0.33 -36.21 -16.09
CA PRO B 484 -1.26 -35.08 -16.14
C PRO B 484 -0.71 -33.87 -15.41
N ILE B 485 -1.03 -32.70 -15.93
CA ILE B 485 -0.56 -31.42 -15.39
C ILE B 485 -1.74 -30.68 -14.80
N ASP B 486 -1.63 -30.29 -13.54
CA ASP B 486 -2.67 -29.52 -12.87
C ASP B 486 -2.71 -28.10 -13.45
N PRO B 487 -3.83 -27.63 -13.99
CA PRO B 487 -3.83 -26.28 -14.59
C PRO B 487 -3.81 -25.16 -13.56
N ASP B 488 -3.96 -25.46 -12.28
CA ASP B 488 -3.90 -24.44 -11.27
C ASP B 488 -2.45 -23.97 -11.05
N LEU B 489 -2.31 -22.81 -10.42
CA LEU B 489 -1.01 -22.25 -10.05
C LEU B 489 -0.95 -22.19 -8.52
N GLN B 490 -0.68 -23.33 -7.90
CA GLN B 490 -0.54 -23.42 -6.46
C GLN B 490 0.85 -23.93 -6.09
N PRO B 491 1.46 -23.42 -5.02
CA PRO B 491 2.76 -23.93 -4.60
C PRO B 491 2.60 -25.21 -3.78
N VAL B 492 3.74 -25.78 -3.39
CA VAL B 492 3.79 -26.89 -2.45
C VAL B 492 4.64 -26.45 -1.26
N GLU B 493 4.55 -27.21 -0.17
CA GLU B 493 5.26 -26.86 1.04
C GLU B 493 6.77 -26.98 0.82
N ILE B 494 7.51 -25.96 1.25
CA ILE B 494 8.96 -25.94 1.02
C ILE B 494 9.64 -26.92 1.96
N GLY B 495 10.62 -27.64 1.43
CA GLY B 495 11.42 -28.53 2.24
C GLY B 495 10.80 -29.86 2.58
N LYS B 496 9.77 -30.27 1.84
CA LYS B 496 9.06 -31.50 2.13
C LYS B 496 9.06 -32.40 0.91
N GLY B 497 9.48 -33.64 1.09
CA GLY B 497 9.41 -34.64 0.06
C GLY B 497 8.05 -35.31 0.01
N VAL B 498 7.89 -36.21 -0.94
CA VAL B 498 6.64 -36.91 -1.18
C VAL B 498 6.94 -38.39 -1.34
N VAL B 499 6.41 -39.20 -0.42
CA VAL B 499 6.57 -40.65 -0.51
C VAL B 499 5.71 -41.16 -1.65
N ARG B 500 6.37 -41.78 -2.64
CA ARG B 500 5.69 -42.31 -3.82
C ARG B 500 5.38 -43.79 -3.71
N ARG B 501 6.17 -44.55 -2.95
CA ARG B 501 5.94 -45.96 -2.75
C ARG B 501 6.43 -46.33 -1.36
N ARG B 502 5.80 -47.35 -0.78
CA ARG B 502 6.19 -47.85 0.55
C ARG B 502 6.77 -49.25 0.40
N GLY B 503 7.97 -49.44 0.96
CA GLY B 503 8.67 -50.70 0.86
C GLY B 503 9.35 -51.08 2.16
N GLY B 504 10.36 -51.94 2.07
CA GLY B 504 10.94 -52.54 3.26
C GLY B 504 12.35 -52.10 3.63
N ARG B 505 13.35 -52.71 3.01
CA ARG B 505 14.73 -52.58 3.45
C ARG B 505 15.54 -51.55 2.68
N VAL B 506 14.98 -50.95 1.64
CA VAL B 506 15.68 -49.96 0.83
C VAL B 506 14.77 -48.76 0.62
N ALA B 507 15.33 -47.56 0.72
CA ALA B 507 14.63 -46.32 0.45
C ALA B 507 15.36 -45.57 -0.65
N LEU B 508 14.65 -45.25 -1.72
CA LEU B 508 15.20 -44.50 -2.85
C LEU B 508 14.80 -43.04 -2.70
N LEU B 509 15.78 -42.19 -2.37
CA LEU B 509 15.56 -40.74 -2.28
C LEU B 509 15.94 -40.14 -3.63
N VAL B 510 14.95 -39.81 -4.44
CA VAL B 510 15.16 -39.40 -5.83
C VAL B 510 15.05 -37.89 -5.92
N PHE B 511 16.10 -37.26 -6.45
CA PHE B 511 16.14 -35.82 -6.70
C PHE B 511 16.01 -35.63 -8.22
N GLY B 512 14.77 -35.52 -8.70
CA GLY B 512 14.57 -35.19 -10.10
C GLY B 512 13.92 -36.27 -10.95
N VAL B 513 14.29 -36.28 -12.24
CA VAL B 513 13.51 -37.01 -13.24
C VAL B 513 13.83 -38.50 -13.31
N GLN B 514 14.75 -38.99 -12.49
CA GLN B 514 14.99 -40.42 -12.44
C GLN B 514 13.91 -41.17 -11.67
N LEU B 515 12.88 -40.47 -11.20
CA LEU B 515 11.86 -41.10 -10.36
C LEU B 515 11.17 -42.25 -11.08
N ALA B 516 10.80 -42.05 -12.35
CA ALA B 516 10.13 -43.10 -13.09
C ALA B 516 10.98 -44.36 -13.13
N GLU B 517 12.27 -44.22 -13.44
CA GLU B 517 13.15 -45.38 -13.47
C GLU B 517 13.26 -46.02 -12.10
N ALA B 518 13.27 -45.21 -11.03
CA ALA B 518 13.35 -45.75 -9.69
C ALA B 518 12.07 -46.49 -9.31
N MET B 519 10.92 -46.02 -9.78
CA MET B 519 9.67 -46.72 -9.51
C MET B 519 9.68 -48.10 -10.14
N LYS B 520 10.12 -48.19 -11.40
CA LYS B 520 10.27 -49.50 -12.03
C LYS B 520 11.12 -50.43 -11.18
N VAL B 521 12.18 -49.90 -10.57
CA VAL B 521 13.09 -50.73 -9.79
C VAL B 521 12.53 -51.03 -8.41
N ALA B 522 11.66 -50.17 -7.89
CA ALA B 522 11.26 -50.26 -6.48
C ALA B 522 10.53 -51.55 -6.20
N GLU B 523 9.47 -51.84 -6.96
CA GLU B 523 8.72 -53.07 -6.75
C GLU B 523 9.64 -54.29 -6.91
N SER B 524 10.54 -54.26 -7.90
CA SER B 524 11.46 -55.38 -8.09
C SER B 524 12.29 -55.64 -6.85
N LEU B 525 12.62 -54.59 -6.10
CA LEU B 525 13.37 -54.72 -4.85
C LEU B 525 12.49 -54.56 -3.62
N ASP B 526 11.20 -54.31 -3.79
CA ASP B 526 10.30 -54.00 -2.69
C ASP B 526 10.86 -52.85 -1.84
N ALA B 527 10.87 -51.68 -2.47
CA ALA B 527 11.60 -50.53 -1.95
C ALA B 527 10.66 -49.34 -1.74
N THR B 528 11.02 -48.51 -0.76
CA THR B 528 10.40 -47.21 -0.61
C THR B 528 11.01 -46.24 -1.61
N VAL B 529 10.17 -45.37 -2.17
CA VAL B 529 10.59 -44.36 -3.13
C VAL B 529 10.08 -43.00 -2.66
N VAL B 530 10.98 -42.02 -2.61
CA VAL B 530 10.65 -40.68 -2.16
C VAL B 530 11.01 -39.69 -3.26
N ASP B 531 10.03 -38.85 -3.62
CA ASP B 531 10.26 -37.73 -4.53
C ASP B 531 10.70 -36.54 -3.67
N MET B 532 12.02 -36.33 -3.58
CA MET B 532 12.56 -35.43 -2.58
C MET B 532 12.14 -33.98 -2.82
N ARG B 533 11.99 -33.58 -4.08
CA ARG B 533 11.53 -32.23 -4.45
C ARG B 533 12.56 -31.15 -4.13
N PHE B 534 13.17 -31.18 -2.95
CA PHE B 534 14.05 -30.12 -2.49
C PHE B 534 15.40 -30.68 -2.08
N VAL B 535 16.46 -29.94 -2.43
CA VAL B 535 17.83 -30.29 -2.04
C VAL B 535 18.30 -29.46 -0.85
N LYS B 536 18.17 -28.14 -0.92
CA LYS B 536 18.86 -27.32 0.07
C LYS B 536 18.06 -27.27 1.37
N PRO B 537 16.82 -26.74 1.38
CA PRO B 537 15.96 -27.02 2.53
C PRO B 537 15.57 -28.48 2.50
N LEU B 538 16.50 -29.33 2.92
CA LEU B 538 16.30 -30.77 2.84
C LEU B 538 15.23 -31.21 3.82
N ASP B 539 14.41 -32.18 3.41
CA ASP B 539 13.39 -32.76 4.28
C ASP B 539 14.08 -33.64 5.31
N GLU B 540 14.66 -32.99 6.32
CA GLU B 540 15.47 -33.71 7.29
C GLU B 540 14.65 -34.70 8.10
N ALA B 541 13.41 -34.33 8.45
CA ALA B 541 12.58 -35.22 9.25
C ALA B 541 12.30 -36.52 8.52
N LEU B 542 12.03 -36.45 7.21
CA LEU B 542 11.77 -37.66 6.44
C LEU B 542 13.01 -38.50 6.25
N VAL B 543 14.17 -37.86 6.10
CA VAL B 543 15.42 -38.61 5.98
C VAL B 543 15.73 -39.31 7.30
N ARG B 544 15.55 -38.61 8.43
CA ARG B 544 15.81 -39.21 9.73
C ARG B 544 14.90 -40.42 9.96
N GLU B 545 13.63 -40.32 9.55
CA GLU B 545 12.71 -41.45 9.71
C GLU B 545 13.15 -42.63 8.85
N LEU B 546 13.44 -42.38 7.57
CA LEU B 546 13.82 -43.47 6.68
C LEU B 546 15.13 -44.10 7.09
N ALA B 547 16.06 -43.32 7.65
CA ALA B 547 17.33 -43.88 8.08
C ALA B 547 17.13 -44.95 9.15
N GLY B 548 16.10 -44.81 9.97
CA GLY B 548 15.83 -45.77 11.02
C GLY B 548 14.95 -46.92 10.58
N SER B 549 14.23 -46.74 9.48
CA SER B 549 13.28 -47.75 9.01
C SER B 549 13.86 -48.69 7.96
N HIS B 550 15.00 -48.35 7.35
CA HIS B 550 15.60 -49.16 6.30
C HIS B 550 17.06 -49.42 6.62
N GLU B 551 17.62 -50.42 5.95
CA GLU B 551 19.03 -50.77 6.10
C GLU B 551 19.90 -50.19 4.99
N LEU B 552 19.32 -49.50 4.02
CA LEU B 552 20.10 -48.86 2.96
C LEU B 552 19.32 -47.69 2.39
N LEU B 553 19.95 -46.52 2.39
CA LEU B 553 19.43 -45.34 1.72
C LEU B 553 20.18 -45.16 0.39
N VAL B 554 19.43 -44.91 -0.68
CA VAL B 554 19.99 -44.72 -2.01
C VAL B 554 19.54 -43.37 -2.53
N THR B 555 20.50 -42.51 -2.88
CA THR B 555 20.22 -41.22 -3.46
C THR B 555 20.45 -41.26 -4.96
N ILE B 556 19.57 -40.61 -5.72
CA ILE B 556 19.61 -40.63 -7.18
C ILE B 556 19.40 -39.20 -7.68
N GLU B 557 20.30 -38.74 -8.54
CA GLU B 557 20.27 -37.38 -9.06
C GLU B 557 20.96 -37.39 -10.42
N GLU B 558 20.51 -36.51 -11.32
CA GLU B 558 21.22 -36.31 -12.58
C GLU B 558 22.19 -35.12 -12.45
N ASN B 559 23.15 -35.32 -11.55
CA ASN B 559 24.14 -34.32 -11.20
C ASN B 559 25.38 -35.05 -10.73
N ALA B 560 26.51 -34.35 -10.76
CA ALA B 560 27.74 -34.91 -10.21
C ALA B 560 27.49 -35.44 -8.81
N VAL B 561 27.89 -36.69 -8.57
CA VAL B 561 27.83 -37.23 -7.21
C VAL B 561 28.63 -36.34 -6.27
N MET B 562 29.83 -35.92 -6.69
CA MET B 562 30.68 -35.05 -5.89
C MET B 562 29.97 -33.73 -5.60
N GLY B 563 29.62 -33.51 -4.33
CA GLY B 563 28.96 -32.31 -3.92
C GLY B 563 27.49 -32.22 -4.23
N GLY B 564 26.90 -33.28 -4.79
CA GLY B 564 25.53 -33.25 -5.25
C GLY B 564 24.52 -33.42 -4.12
N ALA B 565 23.29 -33.72 -4.53
CA ALA B 565 22.19 -33.83 -3.56
C ALA B 565 22.41 -35.00 -2.61
N GLY B 566 22.89 -36.13 -3.13
CA GLY B 566 23.21 -37.24 -2.26
C GLY B 566 24.17 -36.85 -1.15
N SER B 567 25.09 -35.95 -1.44
CA SER B 567 26.03 -35.50 -0.42
C SER B 567 25.35 -34.59 0.60
N ALA B 568 24.30 -33.87 0.20
CA ALA B 568 23.50 -33.15 1.17
C ALA B 568 22.87 -34.10 2.17
N VAL B 569 22.39 -35.24 1.69
CA VAL B 569 21.86 -36.27 2.59
C VAL B 569 22.98 -36.80 3.48
N GLY B 570 24.13 -37.12 2.89
CA GLY B 570 25.25 -37.60 3.68
C GLY B 570 25.68 -36.62 4.74
N GLU B 571 25.75 -35.33 4.39
CA GLU B 571 26.11 -34.32 5.37
C GLU B 571 25.11 -34.31 6.53
N PHE B 572 23.83 -34.49 6.23
CA PHE B 572 22.82 -34.48 7.28
C PHE B 572 22.94 -35.72 8.17
N LEU B 573 23.06 -36.90 7.55
CA LEU B 573 23.24 -38.11 8.33
C LEU B 573 24.46 -38.01 9.24
N ALA B 574 25.57 -37.48 8.71
CA ALA B 574 26.80 -37.39 9.50
C ALA B 574 26.65 -36.43 10.66
N SER B 575 25.93 -35.32 10.46
CA SER B 575 25.77 -34.33 11.52
C SER B 575 24.90 -34.84 12.67
N GLU B 576 24.02 -35.80 12.41
CA GLU B 576 23.14 -36.36 13.43
C GLU B 576 23.60 -37.74 13.90
N GLY B 577 24.77 -38.20 13.47
CA GLY B 577 25.25 -39.50 13.86
C GLY B 577 24.40 -40.65 13.37
N LEU B 578 23.64 -40.45 12.29
CA LEU B 578 22.82 -41.51 11.74
C LEU B 578 23.70 -42.51 10.98
N GLU B 579 23.50 -43.79 11.25
CA GLU B 579 24.46 -44.83 10.91
C GLU B 579 24.15 -45.56 9.61
N VAL B 580 23.03 -45.27 8.97
CA VAL B 580 22.53 -46.14 7.90
C VAL B 580 23.51 -46.11 6.72
N PRO B 581 23.72 -47.23 6.02
CA PRO B 581 24.51 -47.18 4.79
C PRO B 581 23.87 -46.29 3.75
N LEU B 582 24.72 -45.67 2.92
CA LEU B 582 24.30 -44.70 1.92
C LEU B 582 24.97 -45.03 0.60
N LEU B 583 24.16 -45.24 -0.43
CA LEU B 583 24.64 -45.45 -1.80
C LEU B 583 24.23 -44.24 -2.64
N GLN B 584 25.23 -43.53 -3.18
CA GLN B 584 24.98 -42.32 -3.95
C GLN B 584 25.14 -42.62 -5.44
N LEU B 585 24.06 -42.42 -6.19
CA LEU B 585 24.04 -42.62 -7.63
C LEU B 585 23.84 -41.27 -8.31
N GLY B 586 24.67 -41.00 -9.31
CA GLY B 586 24.57 -39.77 -10.06
C GLY B 586 25.55 -39.74 -11.20
N LEU B 587 26.04 -38.55 -11.54
CA LEU B 587 26.99 -38.51 -12.65
C LEU B 587 28.41 -38.74 -12.14
N PRO B 588 29.20 -39.56 -12.84
CA PRO B 588 30.55 -39.86 -12.37
C PRO B 588 31.50 -38.69 -12.60
N ASP B 589 32.71 -38.85 -12.08
CA ASP B 589 33.71 -37.78 -12.09
C ASP B 589 34.58 -37.81 -13.35
N TYR B 590 33.93 -37.82 -14.51
CA TYR B 590 34.60 -37.64 -15.78
C TYR B 590 33.60 -37.02 -16.75
N TYR B 591 34.08 -36.66 -17.94
CA TYR B 591 33.26 -36.03 -18.95
C TYR B 591 32.68 -37.10 -19.87
N VAL B 592 31.36 -37.23 -19.87
CA VAL B 592 30.69 -38.31 -20.58
C VAL B 592 30.70 -37.99 -22.08
N GLU B 593 31.20 -38.94 -22.87
CA GLU B 593 31.30 -38.74 -24.31
C GLU B 593 29.91 -38.61 -24.94
N HIS B 594 29.85 -37.84 -26.02
CA HIS B 594 28.58 -37.58 -26.68
C HIS B 594 27.95 -38.88 -27.19
N ALA B 595 26.63 -38.91 -27.14
CA ALA B 595 25.84 -40.06 -27.59
C ALA B 595 24.37 -39.68 -27.42
N LYS B 596 23.46 -40.61 -27.69
CA LYS B 596 22.05 -40.33 -27.41
C LYS B 596 21.85 -40.18 -25.90
N PRO B 597 20.90 -39.34 -25.49
CA PRO B 597 20.65 -39.20 -24.04
C PRO B 597 20.47 -40.54 -23.34
N SER B 598 19.74 -41.47 -23.96
CA SER B 598 19.53 -42.78 -23.35
C SER B 598 20.85 -43.52 -23.17
N GLU B 599 21.73 -43.48 -24.18
CA GLU B 599 23.01 -44.16 -24.06
C GLU B 599 23.87 -43.55 -22.96
N MET B 600 23.91 -42.22 -22.90
CA MET B 600 24.71 -41.55 -21.87
C MET B 600 24.19 -41.89 -20.47
N LEU B 601 22.86 -41.90 -20.31
CA LEU B 601 22.29 -42.23 -19.01
C LEU B 601 22.59 -43.67 -18.63
N ALA B 602 22.52 -44.59 -19.60
CA ALA B 602 22.88 -45.98 -19.34
C ALA B 602 24.31 -46.09 -18.84
N GLU B 603 25.26 -45.52 -19.59
CA GLU B 603 26.66 -45.54 -19.20
C GLU B 603 26.84 -45.09 -17.75
N CYS B 604 26.09 -44.09 -17.32
CA CYS B 604 26.19 -43.57 -15.96
C CYS B 604 25.36 -44.38 -14.96
N GLY B 605 24.66 -45.40 -15.40
CA GLY B 605 23.89 -46.23 -14.49
C GLY B 605 22.62 -45.58 -13.97
N LEU B 606 22.05 -44.63 -14.69
CA LEU B 606 20.90 -43.87 -14.23
C LEU B 606 19.60 -44.29 -14.91
N ASP B 607 19.61 -45.40 -15.65
CA ASP B 607 18.38 -46.02 -16.10
C ASP B 607 17.98 -47.12 -15.12
N ALA B 608 16.78 -47.66 -15.31
CA ALA B 608 16.25 -48.65 -14.36
C ALA B 608 17.21 -49.81 -14.16
N ALA B 609 17.81 -50.30 -15.24
CA ALA B 609 18.70 -51.46 -15.12
C ALA B 609 19.95 -51.12 -14.33
N GLY B 610 20.53 -49.94 -14.55
CA GLY B 610 21.74 -49.57 -13.83
C GLY B 610 21.49 -49.29 -12.37
N ILE B 611 20.33 -48.71 -12.05
CA ILE B 611 20.00 -48.42 -10.66
C ILE B 611 19.83 -49.72 -9.88
N GLU B 612 19.11 -50.70 -10.46
CA GLU B 612 18.91 -51.96 -9.74
C GLU B 612 20.21 -52.73 -9.60
N LYS B 613 21.02 -52.77 -10.66
CA LYS B 613 22.34 -53.40 -10.56
C LYS B 613 23.12 -52.84 -9.38
N ALA B 614 23.23 -51.51 -9.31
CA ALA B 614 24.01 -50.88 -8.25
C ALA B 614 23.46 -51.22 -6.88
N VAL B 615 22.14 -51.17 -6.72
CA VAL B 615 21.54 -51.40 -5.40
C VAL B 615 21.74 -52.85 -4.97
N ARG B 616 21.48 -53.79 -5.88
CA ARG B 616 21.66 -55.21 -5.54
C ARG B 616 23.12 -55.51 -5.22
N GLN B 617 24.05 -54.93 -5.99
CA GLN B 617 25.46 -55.13 -5.70
C GLN B 617 25.80 -54.69 -4.28
N ARG B 618 25.23 -53.57 -3.84
CA ARG B 618 25.49 -53.09 -2.48
C ARG B 618 24.83 -53.98 -1.44
N LEU B 619 23.68 -54.56 -1.74
CA LEU B 619 22.96 -55.41 -0.80
C LEU B 619 23.57 -56.80 -0.76
N THR C 32 -3.70 -11.67 16.17
CA THR C 32 -4.81 -11.93 17.08
C THR C 32 -5.63 -13.14 16.59
N LEU C 33 -5.86 -14.08 17.49
CA LEU C 33 -6.59 -15.31 17.20
C LEU C 33 -7.91 -15.34 17.96
N HIS C 34 -8.78 -16.26 17.55
CA HIS C 34 -10.06 -16.50 18.21
C HIS C 34 -10.19 -17.89 18.81
N GLU C 35 -9.38 -18.85 18.37
CA GLU C 35 -9.46 -20.22 18.85
C GLU C 35 -8.11 -20.65 19.38
N ILE C 36 -8.12 -21.42 20.47
CA ILE C 36 -6.89 -21.98 21.03
C ILE C 36 -6.46 -23.15 20.15
N PRO C 37 -5.26 -23.14 19.59
CA PRO C 37 -4.80 -24.28 18.79
C PRO C 37 -4.91 -25.58 19.56
N ARG C 38 -5.46 -26.61 18.90
CA ARG C 38 -5.57 -27.94 19.49
C ARG C 38 -4.36 -28.82 19.18
N GLU C 39 -3.47 -28.39 18.30
CA GLU C 39 -2.29 -29.17 17.95
C GLU C 39 -1.09 -28.25 17.87
N ARG C 40 0.08 -28.81 18.15
CA ARG C 40 1.34 -28.06 18.19
C ARG C 40 1.48 -27.21 16.93
N PRO C 41 1.53 -25.88 17.05
CA PRO C 41 1.81 -25.06 15.87
C PRO C 41 3.26 -25.18 15.44
N ALA C 42 3.49 -24.94 14.15
CA ALA C 42 4.85 -24.89 13.63
C ALA C 42 5.51 -23.59 14.08
N THR C 43 6.62 -23.72 14.79
CA THR C 43 7.34 -22.57 15.37
C THR C 43 8.82 -22.72 15.07
N PRO C 44 9.22 -22.53 13.81
CA PRO C 44 10.63 -22.77 13.46
C PRO C 44 11.61 -21.86 14.19
N LEU C 45 11.28 -20.58 14.37
CA LEU C 45 12.19 -19.67 15.06
C LEU C 45 12.25 -19.96 16.55
N LEU C 46 11.08 -20.12 17.18
CA LEU C 46 11.06 -20.41 18.61
C LEU C 46 11.85 -21.67 18.94
N ASP C 47 11.77 -22.68 18.08
CA ASP C 47 12.35 -23.98 18.40
C ASP C 47 13.88 -23.90 18.54
N ARG C 48 14.51 -22.95 17.85
CA ARG C 48 15.94 -22.71 18.03
C ARG C 48 16.21 -21.45 18.85
N ALA C 49 15.21 -20.99 19.61
CA ALA C 49 15.42 -19.99 20.66
C ALA C 49 15.10 -20.66 21.99
N SER C 50 15.71 -21.82 22.24
CA SER C 50 15.39 -22.61 23.42
C SER C 50 15.94 -22.00 24.70
N SER C 51 16.91 -21.10 24.60
CA SER C 51 17.52 -20.47 25.76
C SER C 51 17.88 -19.05 25.41
N PRO C 52 18.07 -18.17 26.40
CA PRO C 52 18.38 -16.77 26.07
C PRO C 52 19.62 -16.60 25.21
N ALA C 53 20.66 -17.38 25.44
CA ALA C 53 21.88 -17.26 24.64
C ALA C 53 21.57 -17.52 23.17
N GLU C 54 20.73 -18.51 22.88
CA GLU C 54 20.35 -18.78 21.49
C GLU C 54 19.45 -17.68 20.94
N LEU C 55 18.55 -17.16 21.78
CA LEU C 55 17.69 -16.07 21.35
C LEU C 55 18.51 -14.85 20.96
N ARG C 56 19.57 -14.56 21.72
CA ARG C 56 20.35 -13.35 21.47
C ARG C 56 21.15 -13.43 20.18
N ARG C 57 21.29 -14.62 19.58
CA ARG C 57 21.96 -14.77 18.31
C ARG C 57 21.05 -14.50 17.11
N LEU C 58 19.75 -14.38 17.33
CA LEU C 58 18.83 -14.03 16.26
C LEU C 58 18.86 -12.52 15.99
N GLY C 59 18.60 -12.16 14.74
CA GLY C 59 18.57 -10.76 14.38
C GLY C 59 17.30 -10.07 14.86
N GLU C 60 17.40 -8.76 15.06
CA GLU C 60 16.27 -7.99 15.56
C GLU C 60 15.07 -8.08 14.62
N ALA C 61 15.30 -8.22 13.32
CA ALA C 61 14.19 -8.30 12.38
C ALA C 61 13.36 -9.57 12.55
N ASP C 62 13.88 -10.56 13.28
CA ASP C 62 13.17 -11.81 13.49
C ASP C 62 12.39 -11.86 14.80
N LEU C 63 12.51 -10.83 15.65
CA LEU C 63 11.91 -10.91 16.98
C LEU C 63 10.39 -10.79 16.91
N GLU C 64 9.87 -9.99 15.99
CA GLU C 64 8.42 -9.87 15.85
C GLU C 64 7.81 -11.19 15.41
N THR C 65 8.49 -11.91 14.51
CA THR C 65 8.00 -13.24 14.11
C THR C 65 8.11 -14.22 15.26
N LEU C 66 9.15 -14.10 16.08
CA LEU C 66 9.27 -14.96 17.26
C LEU C 66 8.13 -14.69 18.24
N ALA C 67 7.81 -13.41 18.46
CA ALA C 67 6.67 -13.08 19.30
C ALA C 67 5.41 -13.79 18.83
N ASP C 68 5.18 -13.84 17.52
CA ASP C 68 3.99 -14.49 17.00
C ASP C 68 4.03 -15.99 17.29
N GLU C 69 5.17 -16.63 17.10
CA GLU C 69 5.28 -18.07 17.33
C GLU C 69 5.16 -18.38 18.81
N LEU C 70 5.86 -17.62 19.66
CA LEU C 70 5.75 -17.84 21.10
C LEU C 70 4.30 -17.75 21.56
N ARG C 71 3.61 -16.67 21.15
CA ARG C 71 2.19 -16.53 21.50
C ARG C 71 1.39 -17.74 21.05
N GLN C 72 1.63 -18.20 19.82
CA GLN C 72 0.96 -19.42 19.33
C GLN C 72 1.22 -20.59 20.26
N TYR C 73 2.49 -20.85 20.57
CA TYR C 73 2.82 -21.98 21.43
C TYR C 73 2.21 -21.82 22.82
N LEU C 74 2.26 -20.59 23.37
CA LEU C 74 1.66 -20.36 24.67
C LEU C 74 0.18 -20.72 24.67
N LEU C 75 -0.56 -20.23 23.68
CA LEU C 75 -1.98 -20.57 23.58
C LEU C 75 -2.18 -22.09 23.52
N TYR C 76 -1.36 -22.77 22.72
CA TYR C 76 -1.49 -24.22 22.58
C TYR C 76 -1.25 -24.93 23.91
N THR C 77 -0.10 -24.67 24.53
CA THR C 77 0.30 -25.46 25.69
C THR C 77 -0.61 -25.19 26.89
N VAL C 78 -1.02 -23.94 27.07
CA VAL C 78 -1.94 -23.63 28.17
C VAL C 78 -3.31 -24.24 27.90
N GLY C 79 -3.71 -24.32 26.62
CA GLY C 79 -4.90 -25.07 26.28
C GLY C 79 -4.78 -26.54 26.65
N GLN C 80 -3.57 -27.08 26.62
CA GLN C 80 -3.36 -28.48 26.95
C GLN C 80 -3.39 -28.73 28.46
N THR C 81 -2.83 -27.81 29.26
CA THR C 81 -2.58 -28.08 30.67
C THR C 81 -3.47 -27.32 31.64
N GLY C 82 -4.03 -26.17 31.27
CA GLY C 82 -4.82 -25.37 32.19
C GLY C 82 -4.27 -23.98 32.38
N GLY C 83 -3.91 -23.62 33.61
CA GLY C 83 -2.92 -22.59 33.86
C GLY C 83 -3.41 -21.15 33.79
N HIS C 84 -2.53 -20.26 34.23
CA HIS C 84 -2.73 -18.82 34.05
C HIS C 84 -2.52 -18.44 32.60
N PHE C 85 -3.26 -17.43 32.15
CA PHE C 85 -3.45 -17.21 30.72
C PHE C 85 -3.17 -15.77 30.31
N GLY C 86 -4.07 -14.85 30.66
CA GLY C 86 -4.04 -13.53 30.07
C GLY C 86 -2.78 -12.75 30.38
N ALA C 87 -2.27 -12.89 31.61
CA ALA C 87 -1.10 -12.09 32.00
C ALA C 87 0.13 -12.47 31.18
N GLY C 88 0.29 -13.76 30.88
CA GLY C 88 1.43 -14.18 30.08
C GLY C 88 1.35 -13.67 28.65
N LEU C 89 0.14 -13.67 28.08
CA LEU C 89 -0.04 -13.13 26.74
C LEU C 89 0.40 -11.67 26.67
N GLY C 90 0.23 -10.92 27.77
CA GLY C 90 0.56 -9.51 27.77
C GLY C 90 2.04 -9.20 27.84
N VAL C 91 2.87 -10.16 28.25
CA VAL C 91 4.29 -9.93 28.40
C VAL C 91 5.10 -10.77 27.42
N VAL C 92 4.47 -11.28 26.35
CA VAL C 92 5.21 -12.05 25.36
C VAL C 92 6.35 -11.22 24.80
N GLU C 93 6.05 -9.98 24.39
CA GLU C 93 7.08 -9.13 23.78
C GLU C 93 8.07 -8.63 24.82
N LEU C 94 7.59 -8.26 26.01
CA LEU C 94 8.50 -7.82 27.06
C LEU C 94 9.51 -8.92 27.39
N THR C 95 9.04 -10.16 27.51
CA THR C 95 9.93 -11.26 27.88
C THR C 95 11.03 -11.45 26.85
N ILE C 96 10.68 -11.39 25.57
CA ILE C 96 11.68 -11.56 24.51
C ILE C 96 12.74 -10.46 24.60
N ALA C 97 12.30 -9.21 24.74
CA ALA C 97 13.24 -8.09 24.78
C ALA C 97 14.15 -8.17 25.99
N LEU C 98 13.62 -8.58 27.13
CA LEU C 98 14.42 -8.68 28.35
C LEU C 98 15.54 -9.69 28.18
N HIS C 99 15.22 -10.90 27.73
CA HIS C 99 16.23 -11.92 27.53
C HIS C 99 17.11 -11.62 26.32
N TYR C 100 16.64 -10.76 25.41
CA TYR C 100 17.45 -10.35 24.28
C TYR C 100 18.49 -9.31 24.67
N VAL C 101 18.11 -8.35 25.51
CA VAL C 101 18.99 -7.23 25.84
C VAL C 101 19.87 -7.56 27.04
N PHE C 102 19.35 -8.26 28.03
CA PHE C 102 20.11 -8.56 29.24
C PHE C 102 20.80 -9.91 29.13
N ASP C 103 21.90 -10.05 29.87
CA ASP C 103 22.76 -11.23 29.79
C ASP C 103 22.33 -12.27 30.82
N THR C 104 21.10 -12.75 30.67
CA THR C 104 20.58 -13.78 31.55
C THR C 104 21.27 -15.11 31.27
N PRO C 105 21.50 -15.94 32.31
CA PRO C 105 21.08 -15.81 33.70
C PRO C 105 22.11 -15.11 34.60
N ASP C 106 23.19 -14.57 34.04
CA ASP C 106 24.15 -13.84 34.87
C ASP C 106 23.55 -12.52 35.34
N ASP C 107 22.86 -11.80 34.46
CA ASP C 107 22.00 -10.71 34.88
C ASP C 107 20.75 -11.30 35.52
N ARG C 108 20.34 -10.72 36.65
CA ARG C 108 19.27 -11.29 37.47
C ARG C 108 17.94 -10.67 37.07
N LEU C 109 17.01 -11.51 36.63
CA LEU C 109 15.65 -11.09 36.29
C LEU C 109 14.68 -11.70 37.30
N VAL C 110 13.82 -10.86 37.87
CA VAL C 110 12.86 -11.28 38.90
C VAL C 110 11.46 -10.96 38.41
N TRP C 111 10.61 -11.98 38.33
CA TRP C 111 9.22 -11.81 37.93
C TRP C 111 8.33 -11.76 39.17
N ASP C 112 7.52 -10.71 39.27
CA ASP C 112 6.64 -10.55 40.42
C ASP C 112 5.38 -11.39 40.26
N VAL C 113 5.01 -12.11 41.32
CA VAL C 113 3.92 -13.08 41.31
C VAL C 113 4.36 -14.32 40.54
N GLY C 114 4.68 -14.16 39.26
CA GLY C 114 5.17 -15.24 38.43
C GLY C 114 4.11 -15.91 37.57
N HIS C 115 2.84 -15.54 37.72
CA HIS C 115 1.79 -16.11 36.91
C HIS C 115 1.89 -15.70 35.44
N GLN C 116 2.70 -14.67 35.14
CA GLN C 116 2.91 -14.22 33.77
C GLN C 116 4.22 -14.75 33.18
N ALA C 117 4.82 -15.74 33.82
CA ALA C 117 6.16 -16.19 33.48
C ALA C 117 6.19 -17.43 32.60
N TYR C 118 5.07 -17.82 32.00
CA TYR C 118 5.11 -18.94 31.05
C TYR C 118 5.97 -18.60 29.85
N PRO C 119 5.85 -17.43 29.20
CA PRO C 119 6.82 -17.08 28.15
C PRO C 119 8.26 -17.16 28.64
N HIS C 120 8.51 -16.69 29.86
CA HIS C 120 9.86 -16.78 30.42
C HIS C 120 10.33 -18.23 30.49
N LYS C 121 9.46 -19.13 30.94
CA LYS C 121 9.84 -20.54 31.01
C LYS C 121 10.05 -21.12 29.61
N ILE C 122 9.23 -20.70 28.64
CA ILE C 122 9.35 -21.24 27.29
C ILE C 122 10.70 -20.87 26.68
N LEU C 123 11.26 -19.72 27.06
CA LEU C 123 12.53 -19.26 26.51
C LEU C 123 13.73 -19.67 27.37
N THR C 124 13.53 -20.41 28.46
CA THR C 124 14.62 -20.79 29.36
C THR C 124 14.63 -22.31 29.55
N GLU C 125 14.79 -23.02 28.43
CA GLU C 125 15.08 -24.45 28.40
C GLU C 125 13.92 -25.30 28.91
N ARG C 126 12.70 -24.79 28.88
CA ARG C 126 11.55 -25.54 29.38
C ARG C 126 10.38 -25.58 28.41
N ARG C 127 10.55 -25.09 27.19
CA ARG C 127 9.46 -25.12 26.22
C ARG C 127 8.87 -26.52 26.11
N GLU C 128 9.71 -27.52 25.84
CA GLU C 128 9.23 -28.88 25.63
C GLU C 128 8.80 -29.56 26.92
N LEU C 129 8.90 -28.89 28.07
CA LEU C 129 8.38 -29.40 29.33
C LEU C 129 7.07 -28.74 29.74
N MET C 130 6.60 -27.73 29.00
CA MET C 130 5.35 -27.07 29.34
C MET C 130 4.17 -28.04 29.36
N GLY C 131 4.28 -29.16 28.64
CA GLY C 131 3.24 -30.18 28.69
C GLY C 131 3.08 -30.81 30.05
N THR C 132 4.07 -30.64 30.94
CA THR C 132 3.99 -31.12 32.31
C THR C 132 3.54 -30.05 33.29
N LEU C 133 3.26 -28.84 32.80
CA LEU C 133 2.96 -27.71 33.68
C LEU C 133 1.82 -28.04 34.64
N ARG C 134 2.04 -27.71 35.91
CA ARG C 134 1.03 -27.82 36.96
C ARG C 134 0.51 -29.24 37.14
N GLN C 135 1.26 -30.23 36.69
CA GLN C 135 0.96 -31.64 36.96
C GLN C 135 1.98 -32.19 37.93
N LYS C 136 1.58 -33.25 38.64
CA LYS C 136 2.48 -33.89 39.58
C LYS C 136 3.81 -34.21 38.91
N ASN C 137 4.90 -33.78 39.53
CA ASN C 137 6.28 -33.99 39.08
C ASN C 137 6.64 -33.16 37.85
N GLY C 138 5.74 -32.28 37.40
CA GLY C 138 6.03 -31.41 36.29
C GLY C 138 6.41 -30.00 36.73
N LEU C 139 6.46 -29.10 35.75
CA LEU C 139 6.86 -27.72 36.03
C LEU C 139 5.91 -27.07 37.03
N ALA C 140 6.47 -26.26 37.92
CA ALA C 140 5.67 -25.57 38.92
C ALA C 140 4.88 -24.43 38.26
N ALA C 141 3.88 -23.94 39.00
CA ALA C 141 3.02 -22.88 38.49
C ALA C 141 3.72 -21.54 38.37
N PHE C 142 4.79 -21.33 39.12
CA PHE C 142 5.49 -20.06 39.18
C PHE C 142 6.99 -20.30 39.04
N PRO C 143 7.77 -19.26 38.77
CA PRO C 143 9.23 -19.41 38.79
C PRO C 143 9.67 -19.98 40.14
N ARG C 144 10.77 -20.73 40.12
CA ARG C 144 11.20 -21.47 41.30
C ARG C 144 12.70 -21.74 41.17
N ARG C 145 13.47 -21.31 42.18
CA ARG C 145 14.92 -21.43 42.10
C ARG C 145 15.36 -22.87 41.85
N ALA C 146 14.71 -23.83 42.53
CA ALA C 146 15.12 -25.22 42.38
C ALA C 146 14.82 -25.78 40.99
N GLU C 147 13.97 -25.10 40.22
CA GLU C 147 13.54 -25.62 38.93
C GLU C 147 14.48 -25.21 37.79
N SER C 148 15.12 -24.05 37.89
CA SER C 148 15.95 -23.56 36.80
C SER C 148 16.88 -22.48 37.30
N GLU C 149 18.11 -22.48 36.78
CA GLU C 149 19.04 -21.38 37.06
C GLU C 149 18.53 -20.06 36.51
N TYR C 150 17.53 -20.07 35.64
CA TYR C 150 16.95 -18.86 35.08
C TYR C 150 15.88 -18.24 35.97
N ASP C 151 15.43 -18.96 36.99
CA ASP C 151 14.49 -18.43 37.99
C ASP C 151 15.31 -17.97 39.19
N THR C 152 15.39 -16.65 39.37
CA THR C 152 16.20 -16.10 40.45
C THR C 152 15.47 -16.07 41.79
N PHE C 153 14.14 -16.14 41.79
CA PHE C 153 13.39 -15.99 43.03
C PHE C 153 12.06 -16.72 42.91
N GLY C 154 11.82 -17.65 43.83
CA GLY C 154 10.51 -18.30 43.89
C GLY C 154 9.46 -17.29 44.31
N VAL C 155 8.39 -17.19 43.52
CA VAL C 155 7.33 -16.22 43.75
C VAL C 155 5.98 -16.94 43.71
N GLY C 156 4.94 -16.18 44.01
CA GLY C 156 3.58 -16.66 44.06
C GLY C 156 2.73 -15.60 44.74
N HIS C 157 3.01 -15.37 46.02
CA HIS C 157 2.60 -14.11 46.62
C HIS C 157 3.22 -12.95 45.85
N SER C 158 2.55 -11.81 45.87
CA SER C 158 2.90 -10.69 45.03
C SER C 158 3.84 -9.71 45.74
N SER C 159 4.45 -8.83 44.94
CA SER C 159 5.11 -7.61 45.40
C SER C 159 6.46 -7.86 46.06
N THR C 160 7.05 -9.04 45.87
CA THR C 160 8.34 -9.34 46.46
C THR C 160 9.52 -9.08 45.52
N SER C 161 9.26 -8.71 44.26
CA SER C 161 10.33 -8.71 43.27
C SER C 161 11.31 -7.56 43.50
N ILE C 162 10.82 -6.38 43.84
CA ILE C 162 11.71 -5.24 44.08
C ILE C 162 12.63 -5.54 45.26
N SER C 163 12.05 -6.00 46.37
CA SER C 163 12.85 -6.38 47.52
C SER C 163 13.92 -7.39 47.14
N ALA C 164 13.52 -8.44 46.41
CA ALA C 164 14.46 -9.50 46.06
C ALA C 164 15.55 -8.98 45.14
N ALA C 165 15.17 -8.27 44.07
CA ALA C 165 16.16 -7.75 43.14
C ALA C 165 17.14 -6.80 43.84
N LEU C 166 16.64 -6.00 44.79
CA LEU C 166 17.52 -5.09 45.52
C LEU C 166 18.52 -5.86 46.36
N GLY C 167 18.08 -6.91 47.03
CA GLY C 167 19.01 -7.75 47.78
C GLY C 167 20.11 -8.32 46.90
N MET C 168 19.75 -8.76 45.69
CA MET C 168 20.76 -9.30 44.79
C MET C 168 21.70 -8.21 44.31
N ALA C 169 21.17 -7.01 44.03
CA ALA C 169 22.02 -5.92 43.57
C ALA C 169 23.02 -5.50 44.64
N ILE C 170 22.57 -5.41 45.89
CA ILE C 170 23.47 -5.04 46.98
C ILE C 170 24.56 -6.09 47.13
N ALA C 171 24.17 -7.37 47.17
CA ALA C 171 25.14 -8.43 47.33
C ALA C 171 26.16 -8.42 46.20
N ALA C 172 25.69 -8.29 44.96
CA ALA C 172 26.60 -8.33 43.81
C ALA C 172 27.62 -7.20 43.89
N ARG C 173 27.18 -5.99 44.24
CA ARG C 173 28.12 -4.88 44.37
C ARG C 173 29.17 -5.18 45.43
N LEU C 174 28.75 -5.72 46.57
CA LEU C 174 29.70 -5.99 47.64
C LEU C 174 30.73 -7.04 47.25
N GLN C 175 30.35 -8.01 46.41
CA GLN C 175 31.30 -9.02 45.94
C GLN C 175 31.95 -8.66 44.61
N GLY C 176 31.87 -7.40 44.20
CA GLY C 176 32.61 -6.94 43.04
C GLY C 176 32.21 -7.56 41.73
N LYS C 177 31.01 -8.13 41.66
CA LYS C 177 30.51 -8.73 40.42
C LYS C 177 29.58 -7.73 39.73
N GLU C 178 29.92 -7.38 38.49
CA GLU C 178 29.14 -6.41 37.71
C GLU C 178 28.01 -7.14 37.02
N ARG C 179 26.82 -7.08 37.59
CA ARG C 179 25.65 -7.69 36.98
C ARG C 179 24.44 -6.78 37.17
N LYS C 180 23.47 -6.93 36.26
CA LYS C 180 22.25 -6.16 36.32
C LYS C 180 21.19 -6.89 37.13
N SER C 181 20.28 -6.11 37.72
CA SER C 181 19.19 -6.63 38.54
C SER C 181 17.91 -5.96 38.07
N VAL C 182 16.92 -6.76 37.67
CA VAL C 182 15.69 -6.27 37.06
C VAL C 182 14.50 -6.92 37.74
N ALA C 183 13.53 -6.10 38.13
CA ALA C 183 12.27 -6.57 38.70
C ALA C 183 11.13 -6.16 37.78
N VAL C 184 10.33 -7.13 37.35
CA VAL C 184 9.14 -6.89 36.55
C VAL C 184 7.95 -7.04 37.49
N ILE C 185 7.24 -5.95 37.75
CA ILE C 185 6.12 -5.93 38.70
C ILE C 185 4.91 -5.32 38.03
N GLY C 186 3.75 -5.92 38.27
CA GLY C 186 2.52 -5.40 37.71
C GLY C 186 1.95 -4.25 38.51
N ASP C 187 1.03 -3.51 37.87
CA ASP C 187 0.37 -2.39 38.55
C ASP C 187 -0.44 -2.86 39.75
N GLY C 188 -1.00 -4.07 39.69
CA GLY C 188 -1.69 -4.61 40.85
C GLY C 188 -0.73 -4.91 41.98
N ALA C 189 0.37 -5.61 41.67
CA ALA C 189 1.33 -5.97 42.70
C ALA C 189 1.98 -4.74 43.32
N LEU C 190 2.05 -3.64 42.59
CA LEU C 190 2.68 -2.42 43.09
C LEU C 190 1.83 -1.70 44.14
N THR C 191 0.57 -2.12 44.35
CA THR C 191 -0.24 -1.51 45.38
C THR C 191 0.10 -2.01 46.78
N ALA C 192 0.96 -3.01 46.91
CA ALA C 192 1.27 -3.58 48.21
C ALA C 192 2.27 -2.71 48.96
N GLY C 193 2.10 -2.64 50.28
CA GLY C 193 2.98 -1.83 51.10
C GLY C 193 4.45 -2.19 50.94
N MET C 194 4.76 -3.48 50.75
CA MET C 194 6.16 -3.88 50.75
C MET C 194 6.87 -3.41 49.48
N ALA C 195 6.16 -3.22 48.38
CA ALA C 195 6.77 -2.61 47.20
C ALA C 195 7.17 -1.17 47.48
N PHE C 196 6.35 -0.46 48.25
CA PHE C 196 6.68 0.91 48.65
C PHE C 196 7.91 0.94 49.55
N GLU C 197 7.99 0.02 50.51
CA GLU C 197 9.18 -0.04 51.36
C GLU C 197 10.42 -0.30 50.53
N ALA C 198 10.32 -1.18 49.53
CA ALA C 198 11.50 -1.53 48.73
C ALA C 198 11.92 -0.39 47.83
N LEU C 199 10.96 0.31 47.23
CA LEU C 199 11.30 1.47 46.40
C LEU C 199 12.05 2.52 47.21
N ASN C 200 11.66 2.72 48.47
CA ASN C 200 12.29 3.76 49.26
C ASN C 200 13.69 3.35 49.72
N HIS C 201 13.88 2.08 50.08
CA HIS C 201 15.20 1.65 50.50
C HIS C 201 16.18 1.63 49.32
N ALA C 202 15.73 1.20 48.15
CA ALA C 202 16.62 1.15 47.00
C ALA C 202 17.14 2.53 46.64
N SER C 203 16.27 3.54 46.67
CA SER C 203 16.72 4.91 46.44
C SER C 203 17.77 5.30 47.46
N GLU C 204 17.56 4.96 48.73
CA GLU C 204 18.52 5.33 49.77
C GLU C 204 19.90 4.77 49.48
N VAL C 205 20.00 3.46 49.21
CA VAL C 205 21.30 2.84 48.97
C VAL C 205 21.83 3.08 47.56
N ASP C 206 21.05 3.73 46.70
CA ASP C 206 21.49 4.07 45.34
C ASP C 206 21.90 2.81 44.57
N ALA C 207 21.05 1.79 44.64
CA ALA C 207 21.36 0.51 44.02
C ALA C 207 21.23 0.59 42.50
N ASP C 208 22.08 -0.18 41.82
CA ASP C 208 22.03 -0.28 40.36
C ASP C 208 21.03 -1.37 40.01
N MET C 209 19.79 -0.97 39.81
CA MET C 209 18.72 -1.93 39.52
C MET C 209 17.65 -1.24 38.69
N LEU C 210 16.92 -2.06 37.92
CA LEU C 210 15.86 -1.59 37.03
C LEU C 210 14.55 -2.22 37.49
N VAL C 211 13.56 -1.36 37.76
CA VAL C 211 12.20 -1.81 38.05
C VAL C 211 11.35 -1.51 36.83
N ILE C 212 10.69 -2.53 36.30
CA ILE C 212 9.83 -2.38 35.14
C ILE C 212 8.39 -2.56 35.62
N LEU C 213 7.61 -1.49 35.51
CA LEU C 213 6.19 -1.54 35.84
C LEU C 213 5.43 -2.08 34.64
N ASN C 214 4.87 -3.28 34.77
CA ASN C 214 4.02 -3.88 33.75
C ASN C 214 2.59 -3.44 34.02
N ASP C 215 2.15 -2.39 33.33
CA ASP C 215 0.90 -1.70 33.62
C ASP C 215 -0.13 -2.06 32.55
N ASN C 216 -1.15 -2.81 32.95
CA ASN C 216 -2.26 -3.14 32.05
C ASN C 216 -3.62 -2.75 32.64
N ASP C 217 -3.63 -1.92 33.68
CA ASP C 217 -4.86 -1.47 34.32
C ASP C 217 -5.69 -2.62 34.87
N MET C 218 -5.03 -3.72 35.26
CA MET C 218 -5.75 -4.87 35.78
C MET C 218 -4.99 -5.49 36.94
N SER C 219 -5.75 -6.02 37.88
CA SER C 219 -5.27 -7.07 38.80
C SER C 219 -5.89 -8.38 38.30
N ILE C 220 -6.68 -9.05 39.13
CA ILE C 220 -7.55 -10.11 38.66
C ILE C 220 -8.86 -9.45 38.25
N SER C 221 -9.51 -8.79 39.20
CA SER C 221 -10.53 -7.80 38.88
C SER C 221 -9.84 -6.57 38.29
N HIS C 222 -10.62 -5.54 38.00
CA HIS C 222 -10.02 -4.26 37.65
C HIS C 222 -9.24 -3.72 38.85
N ASN C 223 -8.11 -3.07 38.58
CA ASN C 223 -7.27 -2.54 39.65
C ASN C 223 -7.95 -1.29 40.22
N VAL C 224 -8.48 -1.42 41.44
CA VAL C 224 -9.19 -0.33 42.10
C VAL C 224 -8.31 0.17 43.24
N GLY C 225 -8.03 1.46 43.24
CA GLY C 225 -7.23 2.06 44.29
C GLY C 225 -6.62 3.36 43.83
N GLY C 226 -6.06 4.08 44.81
CA GLY C 226 -5.48 5.38 44.52
C GLY C 226 -4.29 5.31 43.59
N LEU C 227 -3.46 4.27 43.76
CA LEU C 227 -2.28 4.14 42.90
C LEU C 227 -2.71 3.91 41.45
N SER C 228 -3.72 3.06 41.23
CA SER C 228 -4.19 2.84 39.87
C SER C 228 -4.69 4.13 39.24
N ASN C 229 -5.36 4.98 40.04
CA ASN C 229 -5.84 6.25 39.52
C ASN C 229 -4.68 7.14 39.09
N TYR C 230 -3.59 7.14 39.86
CA TYR C 230 -2.44 7.95 39.50
C TYR C 230 -1.81 7.47 38.19
N LEU C 231 -1.70 6.16 38.02
CA LEU C 231 -1.15 5.60 36.78
C LEU C 231 -2.14 5.77 35.64
N GLY C 242 5.48 10.58 35.81
CA GLY C 242 6.04 9.68 36.80
C GLY C 242 6.59 10.41 38.00
N THR C 243 5.94 11.53 38.35
CA THR C 243 6.44 12.39 39.41
C THR C 243 6.62 11.62 40.73
N LEU C 244 5.66 10.76 41.07
CA LEU C 244 5.75 10.01 42.32
C LEU C 244 7.05 9.22 42.40
N PHE C 245 7.46 8.59 41.30
CA PHE C 245 8.64 7.74 41.32
C PHE C 245 9.92 8.56 41.33
N GLU C 246 9.94 9.71 40.65
CA GLU C 246 11.11 10.57 40.69
C GLU C 246 11.26 11.22 42.06
N GLU C 247 10.16 11.67 42.66
CA GLU C 247 10.24 12.21 44.02
C GLU C 247 10.78 11.16 44.99
N LEU C 248 10.53 9.89 44.72
CA LEU C 248 11.05 8.81 45.56
C LEU C 248 12.50 8.46 45.23
N GLY C 249 13.10 9.12 44.25
CA GLY C 249 14.50 8.94 43.94
C GLY C 249 14.82 8.03 42.77
N TRP C 250 13.87 7.78 41.88
CA TRP C 250 14.07 6.88 40.76
C TRP C 250 14.12 7.66 39.45
N ASN C 251 14.91 7.15 38.51
CA ASN C 251 14.98 7.70 37.15
C ASN C 251 13.84 7.10 36.35
N TYR C 252 12.78 7.88 36.13
CA TYR C 252 11.57 7.38 35.48
C TYR C 252 11.64 7.59 33.98
N ILE C 253 11.23 6.56 33.24
CA ILE C 253 11.11 6.64 31.78
C ILE C 253 9.78 6.00 31.39
N GLY C 254 9.14 6.57 30.38
CA GLY C 254 7.90 6.04 29.87
C GLY C 254 6.78 7.05 29.96
N PRO C 255 5.54 6.58 29.73
CA PRO C 255 5.14 5.19 29.43
C PRO C 255 5.50 4.80 28.00
N ILE C 256 5.98 3.57 27.77
CA ILE C 256 6.25 3.08 26.42
C ILE C 256 5.28 1.96 26.10
N ASP C 257 5.16 1.66 24.80
CA ASP C 257 4.30 0.59 24.32
C ASP C 257 4.97 -0.75 24.57
N GLY C 258 4.36 -1.58 25.42
CA GLY C 258 4.91 -2.86 25.77
C GLY C 258 4.80 -3.94 24.72
N HIS C 259 4.16 -3.63 23.58
CA HIS C 259 4.07 -4.58 22.48
C HIS C 259 4.78 -4.07 21.23
N ASP C 260 5.57 -3.01 21.35
CA ASP C 260 6.41 -2.49 20.27
C ASP C 260 7.83 -2.97 20.53
N LEU C 261 8.17 -4.12 19.95
CA LEU C 261 9.49 -4.72 20.19
C LEU C 261 10.62 -3.77 19.84
N PRO C 262 10.63 -3.12 18.66
CA PRO C 262 11.70 -2.14 18.39
C PRO C 262 11.88 -1.12 19.51
N THR C 263 10.78 -0.58 20.03
CA THR C 263 10.88 0.38 21.12
C THR C 263 11.38 -0.28 22.40
N LEU C 264 10.86 -1.46 22.73
CA LEU C 264 11.28 -2.16 23.93
C LEU C 264 12.79 -2.42 23.92
N VAL C 265 13.28 -3.01 22.83
CA VAL C 265 14.71 -3.34 22.74
C VAL C 265 15.54 -2.07 22.87
N ALA C 266 15.18 -1.03 22.12
CA ALA C 266 15.96 0.20 22.15
C ALA C 266 15.91 0.86 23.52
N THR C 267 14.74 0.90 24.14
CA THR C 267 14.63 1.49 25.47
C THR C 267 15.46 0.69 26.49
N LEU C 268 15.28 -0.64 26.49
CA LEU C 268 15.97 -1.45 27.48
C LEU C 268 17.49 -1.37 27.31
N ARG C 269 17.96 -1.30 26.05
CA ARG C 269 19.39 -1.15 25.82
C ARG C 269 19.92 0.13 26.43
N ASN C 270 19.18 1.23 26.31
CA ASN C 270 19.62 2.49 26.87
C ASN C 270 19.68 2.42 28.40
N MET C 271 18.63 1.88 29.02
CA MET C 271 18.58 1.82 30.48
C MET C 271 19.59 0.81 31.03
N ARG C 272 19.86 -0.26 30.29
CA ARG C 272 20.89 -1.20 30.70
C ARG C 272 22.23 -0.47 30.89
N ASP C 273 22.50 0.53 30.08
CA ASP C 273 23.74 1.29 30.16
C ASP C 273 23.66 2.45 31.16
N MET C 274 22.55 2.58 31.87
CA MET C 274 22.39 3.59 32.91
C MET C 274 22.36 2.89 34.28
N LYS C 275 22.87 3.58 35.29
CA LYS C 275 23.01 3.02 36.62
C LYS C 275 22.12 3.75 37.62
N GLY C 276 22.09 3.22 38.84
CA GLY C 276 21.26 3.76 39.89
C GLY C 276 19.83 3.29 39.75
N PRO C 277 18.97 3.71 40.67
CA PRO C 277 17.56 3.31 40.59
C PRO C 277 16.88 3.81 39.32
N GLN C 278 16.51 2.87 38.45
CA GLN C 278 15.84 3.18 37.19
C GLN C 278 14.45 2.54 37.19
N PHE C 279 13.47 3.27 36.65
CA PHE C 279 12.07 2.88 36.68
C PHE C 279 11.50 3.03 35.27
N LEU C 280 11.11 1.92 34.65
CA LEU C 280 10.56 1.91 33.31
C LEU C 280 9.07 1.58 33.39
N HIS C 281 8.25 2.48 32.85
CA HIS C 281 6.80 2.32 32.84
C HIS C 281 6.39 1.76 31.48
N VAL C 282 5.95 0.51 31.47
CA VAL C 282 5.52 -0.18 30.26
C VAL C 282 4.02 -0.40 30.32
N VAL C 283 3.37 -0.32 29.15
CA VAL C 283 1.92 -0.46 29.05
C VAL C 283 1.64 -1.66 28.15
N THR C 284 0.89 -2.63 28.68
CA THR C 284 0.54 -3.83 27.96
C THR C 284 -0.97 -4.05 28.01
N LYS C 285 -1.44 -4.99 27.21
CA LYS C 285 -2.85 -5.38 27.16
C LYS C 285 -2.94 -6.81 27.66
N LYS C 286 -3.61 -7.00 28.80
CA LYS C 286 -3.81 -8.36 29.31
C LYS C 286 -4.57 -9.18 28.27
N GLY C 287 -4.09 -10.38 28.01
CA GLY C 287 -4.67 -11.22 26.98
C GLY C 287 -4.34 -10.83 25.57
N LYS C 288 -3.41 -9.89 25.37
CA LYS C 288 -3.02 -9.42 24.04
C LYS C 288 -2.88 -10.58 23.06
N GLY C 289 -3.53 -10.44 21.90
CA GLY C 289 -3.38 -11.39 20.83
C GLY C 289 -4.37 -12.53 20.85
N PHE C 290 -5.24 -12.60 21.85
CA PHE C 290 -6.34 -13.57 21.89
C PHE C 290 -7.61 -12.77 22.14
N ALA C 291 -8.42 -12.59 21.10
CA ALA C 291 -9.55 -11.67 21.19
C ALA C 291 -10.49 -12.00 22.34
N PRO C 292 -10.89 -13.26 22.57
CA PRO C 292 -11.75 -13.54 23.72
C PRO C 292 -11.18 -13.04 25.04
N ALA C 293 -9.87 -13.11 25.23
CA ALA C 293 -9.27 -12.65 26.47
C ALA C 293 -9.21 -11.13 26.53
N GLU C 294 -8.93 -10.48 25.39
CA GLU C 294 -8.95 -9.02 25.36
C GLU C 294 -10.33 -8.49 25.67
N LEU C 295 -11.38 -9.27 25.40
CA LEU C 295 -12.75 -8.86 25.65
C LEU C 295 -13.24 -9.23 27.04
N ASP C 296 -12.60 -10.19 27.71
CA ASP C 296 -13.00 -10.65 29.04
C ASP C 296 -11.75 -10.93 29.85
N PRO C 297 -11.00 -9.89 30.20
CA PRO C 297 -9.73 -10.11 30.93
C PRO C 297 -9.91 -10.79 32.27
N ILE C 298 -11.01 -10.51 32.98
CA ILE C 298 -11.23 -11.16 34.28
C ILE C 298 -11.40 -12.65 34.10
N GLY C 299 -12.25 -13.05 33.14
CA GLY C 299 -12.54 -14.46 32.92
C GLY C 299 -11.40 -15.25 32.33
N TYR C 300 -10.46 -14.57 31.65
CA TYR C 300 -9.30 -15.24 31.06
C TYR C 300 -8.03 -15.01 31.85
N HIS C 301 -8.15 -14.56 33.10
CA HIS C 301 -6.99 -14.54 33.98
C HIS C 301 -6.36 -15.93 34.07
N ALA C 302 -7.20 -16.97 34.15
CA ALA C 302 -6.76 -18.35 34.11
C ALA C 302 -7.83 -19.18 33.42
N ILE C 303 -7.41 -20.31 32.83
CA ILE C 303 -8.34 -21.20 32.14
C ILE C 303 -8.08 -22.64 32.59
N THR C 304 -9.09 -23.47 32.40
CA THR C 304 -8.96 -24.91 32.62
C THR C 304 -8.54 -25.59 31.31
N LYS C 305 -7.99 -26.80 31.46
CA LYS C 305 -7.58 -27.59 30.31
C LYS C 305 -8.74 -27.75 29.33
N LEU C 306 -8.41 -27.74 28.04
CA LEU C 306 -9.42 -27.95 27.02
C LEU C 306 -9.84 -29.40 26.97
N GLU C 307 -11.11 -29.63 26.65
CA GLU C 307 -11.68 -30.97 26.54
C GLU C 307 -12.33 -31.11 25.17
N ALA C 308 -12.16 -32.29 24.57
CA ALA C 308 -12.70 -32.55 23.24
C ALA C 308 -13.97 -33.40 23.34
N GLY C 317 -21.64 -31.44 40.89
CA GLY C 317 -21.20 -31.25 42.26
C GLY C 317 -21.99 -30.18 42.98
N GLY C 318 -21.60 -29.89 44.22
CA GLY C 318 -22.26 -28.89 45.01
C GLY C 318 -21.63 -27.51 44.85
N PRO C 319 -22.11 -26.54 45.61
CA PRO C 319 -21.53 -25.19 45.52
C PRO C 319 -20.13 -25.15 46.14
N LYS C 320 -19.28 -24.31 45.55
CA LYS C 320 -17.98 -24.07 46.15
C LYS C 320 -18.17 -23.39 47.50
N TYR C 321 -17.31 -23.75 48.46
CA TYR C 321 -17.38 -23.14 49.79
C TYR C 321 -17.35 -21.63 49.70
N SER C 322 -16.55 -21.10 48.76
CA SER C 322 -16.53 -19.66 48.55
C SER C 322 -17.89 -19.14 48.10
N SER C 323 -18.59 -19.92 47.27
CA SER C 323 -19.95 -19.53 46.89
C SER C 323 -20.90 -19.63 48.07
N VAL C 324 -20.67 -20.57 48.98
CA VAL C 324 -21.47 -20.63 50.19
C VAL C 324 -21.22 -19.41 51.06
N PHE C 325 -19.95 -19.01 51.21
CA PHE C 325 -19.65 -17.81 51.97
C PHE C 325 -20.33 -16.59 51.34
N GLY C 326 -20.17 -16.42 50.03
CA GLY C 326 -20.73 -15.26 49.37
C GLY C 326 -22.23 -15.17 49.55
N GLN C 327 -22.93 -16.30 49.48
CA GLN C 327 -24.36 -16.31 49.72
C GLN C 327 -24.68 -15.92 51.15
N TRP C 328 -23.91 -16.45 52.11
CA TRP C 328 -24.10 -16.06 53.49
C TRP C 328 -23.87 -14.56 53.68
N LEU C 329 -22.84 -14.03 53.02
CA LEU C 329 -22.54 -12.61 53.16
C LEU C 329 -23.70 -11.75 52.66
N CYS C 330 -24.30 -12.15 51.54
CA CYS C 330 -25.45 -11.42 51.01
C CYS C 330 -26.65 -11.52 51.94
N ASP C 331 -26.94 -12.74 52.41
CA ASP C 331 -28.11 -12.94 53.27
C ASP C 331 -27.96 -12.18 54.57
N MET C 332 -26.77 -12.20 55.18
CA MET C 332 -26.57 -11.48 56.43
C MET C 332 -26.57 -9.98 56.20
N ALA C 333 -26.06 -9.51 55.06
CA ALA C 333 -26.10 -8.09 54.75
C ALA C 333 -27.53 -7.60 54.61
N ALA C 334 -28.40 -8.42 54.01
CA ALA C 334 -29.81 -8.05 53.90
C ALA C 334 -30.46 -7.89 55.27
N GLN C 335 -29.97 -8.64 56.25
CA GLN C 335 -30.56 -8.66 57.59
C GLN C 335 -29.91 -7.68 58.55
N ASP C 336 -28.66 -7.28 58.29
CA ASP C 336 -27.91 -6.39 59.18
C ASP C 336 -27.24 -5.32 58.33
N ALA C 337 -27.71 -4.08 58.46
CA ALA C 337 -27.18 -2.96 57.67
C ALA C 337 -25.77 -2.56 58.12
N ARG C 338 -25.27 -3.10 59.22
CA ARG C 338 -23.93 -2.77 59.69
C ARG C 338 -22.84 -3.62 59.04
N LEU C 339 -23.19 -4.67 58.32
CA LEU C 339 -22.19 -5.55 57.75
C LEU C 339 -21.44 -4.85 56.62
N LEU C 340 -20.11 -4.89 56.68
CA LEU C 340 -19.25 -4.42 55.60
C LEU C 340 -18.33 -5.56 55.17
N GLY C 341 -18.12 -5.67 53.87
CA GLY C 341 -17.29 -6.72 53.30
C GLY C 341 -15.99 -6.14 52.74
N ILE C 342 -14.88 -6.77 53.11
CA ILE C 342 -13.54 -6.31 52.73
C ILE C 342 -12.81 -7.46 52.04
N THR C 343 -12.18 -7.16 50.91
CA THR C 343 -11.30 -8.11 50.25
C THR C 343 -10.04 -7.39 49.78
N PRO C 344 -8.87 -8.06 49.83
CA PRO C 344 -7.67 -7.49 49.17
C PRO C 344 -7.53 -8.00 47.75
N ALA C 345 -8.36 -7.45 46.86
CA ALA C 345 -8.30 -7.68 45.43
C ALA C 345 -8.67 -9.11 45.02
N MET C 346 -9.47 -9.80 45.83
CA MET C 346 -9.91 -11.16 45.53
C MET C 346 -11.42 -11.26 45.57
N LYS C 347 -12.10 -10.29 44.94
CA LYS C 347 -13.54 -10.38 44.79
C LYS C 347 -13.95 -11.68 44.11
N GLU C 348 -13.25 -12.03 43.02
CA GLU C 348 -13.61 -13.23 42.27
C GLU C 348 -13.32 -14.50 43.08
N GLY C 349 -12.11 -14.61 43.63
CA GLY C 349 -11.73 -15.85 44.31
C GLY C 349 -12.51 -16.09 45.58
N SER C 350 -12.60 -15.07 46.44
CA SER C 350 -13.41 -15.19 47.66
C SER C 350 -14.89 -15.11 47.37
N ASP C 351 -15.28 -14.68 46.16
CA ASP C 351 -16.67 -14.60 45.72
C ASP C 351 -17.47 -13.60 46.52
N LEU C 352 -17.06 -12.33 46.44
CA LEU C 352 -17.86 -11.20 46.87
C LEU C 352 -18.57 -10.55 45.69
N VAL C 353 -18.77 -11.30 44.60
CA VAL C 353 -19.30 -10.71 43.36
C VAL C 353 -20.70 -10.17 43.59
N ALA C 354 -21.63 -11.05 43.98
CA ALA C 354 -23.02 -10.62 44.18
C ALA C 354 -23.11 -9.55 45.27
N PHE C 355 -22.39 -9.75 46.38
CA PHE C 355 -22.38 -8.75 47.44
C PHE C 355 -21.91 -7.40 46.91
N SER C 356 -20.85 -7.39 46.10
CA SER C 356 -20.33 -6.13 45.58
C SER C 356 -21.34 -5.45 44.68
N GLU C 357 -22.21 -6.21 44.01
CA GLU C 357 -23.21 -5.62 43.14
C GLU C 357 -24.44 -5.15 43.93
N ARG C 358 -24.83 -5.91 44.96
CA ARG C 358 -26.03 -5.57 45.71
C ARG C 358 -25.76 -4.48 46.75
N TYR C 359 -24.57 -4.49 47.36
CA TYR C 359 -24.23 -3.57 48.45
C TYR C 359 -22.93 -2.85 48.13
N PRO C 360 -22.88 -2.12 47.01
CA PRO C 360 -21.61 -1.49 46.60
C PRO C 360 -21.08 -0.49 47.61
N GLU C 361 -21.96 0.20 48.34
CA GLU C 361 -21.50 1.17 49.34
C GLU C 361 -20.90 0.50 50.57
N ARG C 362 -21.09 -0.81 50.73
CA ARG C 362 -20.56 -1.54 51.88
C ARG C 362 -19.50 -2.56 51.48
N TYR C 363 -18.99 -2.47 50.25
CA TYR C 363 -17.96 -3.36 49.73
C TYR C 363 -16.67 -2.58 49.51
N PHE C 364 -15.55 -3.17 49.92
CA PHE C 364 -14.26 -2.46 49.90
C PHE C 364 -13.18 -3.39 49.38
N ASP C 365 -12.69 -3.10 48.18
CA ASP C 365 -11.50 -3.73 47.60
C ASP C 365 -10.33 -2.80 47.87
N VAL C 366 -9.40 -3.24 48.73
CA VAL C 366 -8.32 -2.35 49.17
C VAL C 366 -7.09 -2.54 48.31
N ALA C 367 -7.25 -3.20 47.16
CA ALA C 367 -6.11 -3.60 46.33
C ALA C 367 -5.35 -4.70 47.07
N ILE C 368 -4.11 -4.97 46.66
CA ILE C 368 -3.35 -6.09 47.23
C ILE C 368 -2.67 -5.54 48.48
N ALA C 369 -3.48 -5.39 49.53
CA ALA C 369 -3.06 -4.69 50.74
C ALA C 369 -3.68 -5.39 51.95
N GLU C 370 -3.25 -6.63 52.19
CA GLU C 370 -3.81 -7.43 53.27
C GLU C 370 -3.67 -6.73 54.62
N GLN C 371 -2.52 -6.08 54.86
CA GLN C 371 -2.31 -5.40 56.13
C GLN C 371 -3.39 -4.35 56.37
N HIS C 372 -3.57 -3.46 55.40
CA HIS C 372 -4.53 -2.37 55.57
C HIS C 372 -5.95 -2.91 55.67
N ALA C 373 -6.25 -3.99 54.94
CA ALA C 373 -7.58 -4.59 55.03
C ALA C 373 -7.96 -4.87 56.49
N VAL C 374 -7.02 -5.43 57.26
CA VAL C 374 -7.35 -5.84 58.63
C VAL C 374 -7.44 -4.64 59.56
N THR C 375 -6.50 -3.71 59.46
CA THR C 375 -6.57 -2.54 60.33
C THR C 375 -7.74 -1.64 59.97
N LEU C 376 -8.08 -1.58 58.67
CA LEU C 376 -9.30 -0.88 58.27
C LEU C 376 -10.52 -1.46 58.98
N ALA C 377 -10.63 -2.79 59.00
CA ALA C 377 -11.75 -3.42 59.68
C ALA C 377 -11.75 -3.07 61.17
N ALA C 378 -10.58 -3.00 61.78
CA ALA C 378 -10.49 -2.63 63.19
C ALA C 378 -11.09 -1.25 63.43
N GLY C 379 -10.74 -0.28 62.57
CA GLY C 379 -11.30 1.05 62.71
C GLY C 379 -12.81 1.08 62.52
N MET C 380 -13.31 0.36 61.51
CA MET C 380 -14.76 0.28 61.33
C MET C 380 -15.44 -0.29 62.56
N ALA C 381 -14.84 -1.32 63.18
CA ALA C 381 -15.45 -1.94 64.35
C ALA C 381 -15.52 -0.96 65.52
N CYS C 382 -14.57 -0.03 65.61
CA CYS C 382 -14.59 0.95 66.70
C CYS C 382 -15.81 1.85 66.64
N GLU C 383 -16.43 2.00 65.47
CA GLU C 383 -17.61 2.84 65.29
C GLU C 383 -18.91 2.06 65.33
N GLY C 384 -18.85 0.76 65.57
CA GLY C 384 -20.05 -0.06 65.69
C GLY C 384 -20.46 -0.78 64.43
N MET C 385 -19.72 -0.62 63.34
CA MET C 385 -19.99 -1.41 62.14
C MET C 385 -19.38 -2.80 62.29
N LYS C 386 -19.79 -3.71 61.40
CA LYS C 386 -19.50 -5.14 61.52
C LYS C 386 -18.74 -5.60 60.27
N PRO C 387 -17.44 -5.35 60.22
CA PRO C 387 -16.66 -5.75 59.04
C PRO C 387 -16.39 -7.24 58.99
N VAL C 388 -16.45 -7.78 57.78
CA VAL C 388 -16.07 -9.16 57.48
C VAL C 388 -14.88 -9.10 56.53
N VAL C 389 -13.74 -9.63 56.94
CA VAL C 389 -12.54 -9.66 56.14
C VAL C 389 -12.45 -11.01 55.45
N ALA C 390 -12.63 -11.03 54.13
CA ALA C 390 -12.46 -12.22 53.32
C ALA C 390 -10.99 -12.27 52.86
N ILE C 391 -10.30 -13.36 53.20
CA ILE C 391 -8.87 -13.43 52.97
C ILE C 391 -8.45 -14.89 52.99
N TYR C 392 -7.60 -15.26 52.03
CA TYR C 392 -7.06 -16.61 51.98
C TYR C 392 -6.12 -16.86 53.16
N SER C 393 -6.07 -18.12 53.61
CA SER C 393 -5.17 -18.47 54.70
C SER C 393 -3.73 -18.05 54.40
N THR C 394 -3.28 -18.29 53.17
CA THR C 394 -1.89 -17.99 52.83
C THR C 394 -1.63 -16.48 52.83
N PHE C 395 -2.62 -15.68 52.39
CA PHE C 395 -2.42 -14.24 52.36
C PHE C 395 -2.64 -13.60 53.73
N LEU C 396 -3.43 -14.22 54.60
CA LEU C 396 -3.55 -13.73 55.97
C LEU C 396 -2.22 -13.76 56.69
N GLN C 397 -1.27 -14.59 56.24
CA GLN C 397 0.07 -14.54 56.80
C GLN C 397 0.65 -13.14 56.75
N ARG C 398 0.28 -12.36 55.73
CA ARG C 398 0.85 -11.03 55.54
C ARG C 398 0.18 -9.97 56.41
N ALA C 399 -0.96 -10.27 57.02
CA ALA C 399 -1.66 -9.34 57.91
C ALA C 399 -1.63 -9.81 59.36
N TYR C 400 -0.68 -10.70 59.70
CA TYR C 400 -0.67 -11.31 61.03
C TYR C 400 -0.55 -10.26 62.12
N ASP C 401 0.31 -9.25 61.93
CA ASP C 401 0.51 -8.25 62.97
C ASP C 401 -0.74 -7.41 63.17
N GLN C 402 -1.43 -7.06 62.09
CA GLN C 402 -2.65 -6.27 62.22
C GLN C 402 -3.74 -7.07 62.93
N LEU C 403 -3.83 -8.38 62.66
CA LEU C 403 -4.79 -9.20 63.36
C LEU C 403 -4.48 -9.27 64.85
N ILE C 404 -3.22 -9.44 65.21
CA ILE C 404 -2.85 -9.54 66.62
C ILE C 404 -2.98 -8.18 67.30
N HIS C 405 -2.26 -7.19 66.77
CA HIS C 405 -2.07 -5.93 67.48
C HIS C 405 -3.30 -5.04 67.40
N ASP C 406 -3.92 -4.96 66.22
CA ASP C 406 -5.02 -4.03 66.02
C ASP C 406 -6.38 -4.63 66.33
N VAL C 407 -6.56 -5.94 66.15
CA VAL C 407 -7.85 -6.59 66.33
C VAL C 407 -7.89 -7.37 67.65
N ALA C 408 -7.02 -8.36 67.81
CA ALA C 408 -7.13 -9.26 68.96
C ALA C 408 -6.77 -8.55 70.26
N VAL C 409 -5.68 -7.78 70.26
CA VAL C 409 -5.26 -7.10 71.48
C VAL C 409 -6.37 -6.19 71.99
N GLN C 410 -7.18 -5.65 71.09
CA GLN C 410 -8.27 -4.76 71.44
C GLN C 410 -9.62 -5.46 71.51
N HIS C 411 -9.65 -6.76 71.23
CA HIS C 411 -10.88 -7.55 71.23
C HIS C 411 -11.99 -6.87 70.43
N LEU C 412 -11.63 -6.42 69.22
CA LEU C 412 -12.59 -5.75 68.36
C LEU C 412 -13.38 -6.77 67.55
N ASP C 413 -14.61 -6.38 67.19
CA ASP C 413 -15.55 -7.28 66.56
C ASP C 413 -15.29 -7.35 65.06
N VAL C 414 -14.42 -8.28 64.68
CA VAL C 414 -14.04 -8.46 63.28
C VAL C 414 -14.10 -9.95 62.95
N LEU C 415 -14.83 -10.28 61.89
CA LEU C 415 -14.94 -11.66 61.40
C LEU C 415 -13.97 -11.86 60.24
N PHE C 416 -13.20 -12.95 60.33
CA PHE C 416 -12.27 -13.33 59.28
C PHE C 416 -12.80 -14.58 58.58
N ALA C 417 -13.11 -14.45 57.29
CA ALA C 417 -13.58 -15.56 56.47
C ALA C 417 -12.37 -16.08 55.69
N ILE C 418 -11.81 -17.20 56.16
CA ILE C 418 -10.50 -17.67 55.71
C ILE C 418 -10.72 -18.76 54.65
N ASP C 419 -10.59 -18.38 53.39
CA ASP C 419 -10.73 -19.29 52.27
C ASP C 419 -9.40 -19.96 51.95
N ARG C 420 -9.45 -21.00 51.14
CA ARG C 420 -8.25 -21.71 50.69
C ARG C 420 -7.48 -22.29 51.88
N ALA C 421 -8.22 -22.74 52.88
CA ALA C 421 -7.61 -23.38 54.04
C ALA C 421 -7.23 -24.80 53.70
N GLY C 422 -5.97 -25.17 53.97
CA GLY C 422 -5.48 -26.49 53.61
C GLY C 422 -4.67 -26.49 52.34
N LEU C 423 -4.61 -27.63 51.67
CA LEU C 423 -3.91 -27.75 50.40
C LEU C 423 -4.77 -27.20 49.26
N VAL C 424 -4.13 -26.46 48.35
CA VAL C 424 -4.86 -25.75 47.30
C VAL C 424 -4.62 -26.33 45.92
N GLY C 425 -3.75 -27.32 45.80
CA GLY C 425 -3.61 -28.04 44.54
C GLY C 425 -2.46 -27.51 43.69
N GLU C 426 -2.75 -27.22 42.42
CA GLU C 426 -1.69 -27.01 41.43
C GLU C 426 -0.90 -25.75 41.70
N ASP C 427 -1.47 -24.76 42.38
CA ASP C 427 -0.74 -23.53 42.67
C ASP C 427 0.45 -23.79 43.58
N GLY C 428 0.46 -24.89 44.32
CA GLY C 428 1.63 -25.35 45.02
C GLY C 428 1.78 -24.78 46.42
N PRO C 429 2.95 -25.00 47.01
CA PRO C 429 3.14 -24.65 48.43
C PRO C 429 3.19 -23.15 48.72
N THR C 430 3.45 -22.30 47.72
CA THR C 430 3.44 -20.86 47.97
C THR C 430 2.05 -20.36 48.34
N HIS C 431 1.00 -21.12 48.02
CA HIS C 431 -0.37 -20.72 48.26
C HIS C 431 -1.10 -21.62 49.25
N ALA C 432 -0.41 -22.62 49.83
CA ALA C 432 -1.06 -23.53 50.74
C ALA C 432 -1.50 -22.82 52.03
N GLY C 433 -2.72 -23.11 52.46
CA GLY C 433 -3.23 -22.59 53.72
C GLY C 433 -2.97 -23.58 54.84
N SER C 434 -1.70 -23.80 55.15
CA SER C 434 -1.28 -24.90 56.00
C SER C 434 -1.18 -24.53 57.48
N PHE C 435 -1.23 -23.24 57.83
CA PHE C 435 -0.78 -22.80 59.14
C PHE C 435 -1.79 -21.98 59.94
N ASP C 436 -2.97 -21.66 59.38
CA ASP C 436 -3.81 -20.67 60.05
C ASP C 436 -4.36 -21.17 61.38
N ILE C 437 -4.58 -22.47 61.55
CA ILE C 437 -4.98 -22.95 62.87
C ILE C 437 -3.85 -22.73 63.86
N SER C 438 -2.62 -23.00 63.44
CA SER C 438 -1.49 -22.89 64.36
C SER C 438 -1.23 -21.43 64.73
N TYR C 439 -1.22 -20.53 63.74
CA TYR C 439 -0.83 -19.16 64.05
C TYR C 439 -1.97 -18.31 64.60
N LEU C 440 -3.22 -18.77 64.53
CA LEU C 440 -4.33 -18.04 65.12
C LEU C 440 -4.69 -18.53 66.52
N ARG C 441 -4.59 -19.84 66.77
CA ARG C 441 -5.09 -20.37 68.03
C ARG C 441 -4.20 -20.01 69.22
N CYS C 442 -2.96 -19.61 68.98
CA CYS C 442 -2.09 -19.14 70.05
C CYS C 442 -2.36 -17.69 70.43
N ILE C 443 -3.28 -17.01 69.74
CA ILE C 443 -3.55 -15.59 69.95
C ILE C 443 -4.73 -15.47 70.91
N PRO C 444 -4.55 -14.86 72.08
CA PRO C 444 -5.69 -14.73 73.01
C PRO C 444 -6.83 -13.94 72.41
N GLY C 445 -8.05 -14.42 72.63
CA GLY C 445 -9.25 -13.75 72.20
C GLY C 445 -9.84 -14.29 70.91
N MET C 446 -9.08 -15.05 70.14
CA MET C 446 -9.55 -15.53 68.84
C MET C 446 -10.54 -16.67 69.02
N LEU C 447 -11.68 -16.57 68.35
CA LEU C 447 -12.60 -17.69 68.15
C LEU C 447 -12.23 -18.34 66.82
N VAL C 448 -11.87 -19.62 66.86
CA VAL C 448 -11.32 -20.34 65.71
C VAL C 448 -12.23 -21.52 65.40
N MET C 449 -12.80 -21.52 64.18
CA MET C 449 -13.83 -22.48 63.80
C MET C 449 -13.44 -23.18 62.51
N THR C 450 -13.83 -24.46 62.41
CA THR C 450 -13.43 -25.33 61.30
C THR C 450 -14.64 -26.11 60.80
N PRO C 451 -15.47 -25.50 59.95
CA PRO C 451 -16.68 -26.19 59.48
C PRO C 451 -16.36 -27.42 58.64
N SER C 452 -17.24 -28.42 58.74
CA SER C 452 -17.03 -29.71 58.08
C SER C 452 -17.74 -29.86 56.75
N ASP C 453 -18.73 -29.02 56.44
CA ASP C 453 -19.42 -29.09 55.16
C ASP C 453 -20.09 -27.75 54.89
N GLU C 454 -20.96 -27.71 53.89
CA GLU C 454 -21.57 -26.45 53.47
C GLU C 454 -22.47 -25.89 54.56
N ASP C 455 -23.37 -26.72 55.11
CA ASP C 455 -24.28 -26.22 56.13
C ASP C 455 -23.53 -25.73 57.36
N GLU C 456 -22.44 -26.42 57.72
CA GLU C 456 -21.65 -26.00 58.88
C GLU C 456 -21.01 -24.63 58.64
N LEU C 457 -20.48 -24.41 57.44
CA LEU C 457 -19.86 -23.12 57.13
C LEU C 457 -20.84 -21.99 57.36
N ARG C 458 -22.03 -22.07 56.76
CA ARG C 458 -23.05 -21.06 56.95
C ARG C 458 -23.33 -20.87 58.44
N LYS C 459 -23.48 -21.96 59.19
CA LYS C 459 -23.79 -21.87 60.61
C LYS C 459 -22.64 -21.23 61.38
N LEU C 460 -21.40 -21.59 61.07
CA LEU C 460 -20.28 -21.07 61.85
C LEU C 460 -19.92 -19.66 61.44
N LEU C 461 -20.15 -19.28 60.18
CA LEU C 461 -20.06 -17.87 59.82
C LEU C 461 -21.03 -17.04 60.65
N THR C 462 -22.27 -17.51 60.76
CA THR C 462 -23.25 -16.82 61.59
C THR C 462 -22.81 -16.77 63.04
N THR C 463 -22.27 -17.89 63.55
CA THR C 463 -21.81 -17.93 64.93
C THR C 463 -20.70 -16.90 65.16
N GLY C 464 -19.72 -16.86 64.27
CA GLY C 464 -18.64 -15.91 64.43
C GLY C 464 -19.11 -14.47 64.27
N TYR C 465 -20.06 -14.24 63.36
CA TYR C 465 -20.55 -12.89 63.14
C TYR C 465 -21.28 -12.35 64.37
N LEU C 466 -22.17 -13.17 64.95
CA LEU C 466 -22.92 -12.71 66.11
C LEU C 466 -22.06 -12.64 67.37
N PHE C 467 -21.01 -13.44 67.43
CA PHE C 467 -20.03 -13.29 68.52
C PHE C 467 -19.48 -11.87 68.51
N ASP C 468 -19.37 -11.29 69.70
CA ASP C 468 -18.84 -9.92 69.85
C ASP C 468 -17.36 -10.04 70.16
N GLY C 469 -16.54 -10.05 69.11
CA GLY C 469 -15.12 -10.22 69.25
C GLY C 469 -14.49 -10.78 67.99
N PRO C 470 -13.18 -11.03 68.04
CA PRO C 470 -12.49 -11.57 66.87
C PRO C 470 -12.83 -13.03 66.64
N ALA C 471 -13.22 -13.35 65.41
CA ALA C 471 -13.61 -14.71 65.06
C ALA C 471 -13.05 -15.08 63.69
N ALA C 472 -12.76 -16.37 63.52
CA ALA C 472 -12.18 -16.88 62.29
C ALA C 472 -12.87 -18.18 61.89
N VAL C 473 -13.25 -18.26 60.62
CA VAL C 473 -13.84 -19.47 60.03
C VAL C 473 -12.98 -19.83 58.81
N ARG C 474 -12.44 -21.04 58.80
CA ARG C 474 -11.57 -21.51 57.73
C ARG C 474 -12.26 -22.60 56.93
N TYR C 475 -12.11 -22.55 55.61
CA TYR C 475 -12.69 -23.54 54.73
C TYR C 475 -11.81 -23.68 53.50
N PRO C 476 -11.88 -24.82 52.81
CA PRO C 476 -10.99 -25.07 51.68
C PRO C 476 -11.51 -24.55 50.35
N ARG C 477 -10.59 -24.47 49.39
CA ARG C 477 -10.93 -24.35 47.98
C ARG C 477 -11.88 -25.47 47.58
N GLY C 478 -12.62 -25.29 46.50
CA GLY C 478 -13.45 -26.36 45.98
C GLY C 478 -14.83 -26.42 46.61
N SER C 479 -15.50 -27.56 46.37
CA SER C 479 -16.93 -27.67 46.62
C SER C 479 -17.28 -28.20 48.00
N GLY C 480 -17.32 -29.52 48.16
CA GLY C 480 -17.73 -30.13 49.41
C GLY C 480 -18.57 -31.37 49.21
N PRO C 481 -19.02 -31.98 50.31
CA PRO C 481 -19.86 -33.18 50.20
C PRO C 481 -21.26 -32.92 49.69
N ASN C 482 -21.63 -31.65 49.47
CA ASN C 482 -22.92 -31.30 48.88
C ASN C 482 -24.08 -31.73 49.78
N HIS C 483 -23.99 -31.39 51.05
CA HIS C 483 -25.07 -31.68 51.98
C HIS C 483 -26.08 -30.54 52.00
N PRO C 484 -27.33 -30.82 52.36
CA PRO C 484 -28.34 -29.74 52.38
C PRO C 484 -27.95 -28.62 53.32
N ILE C 485 -28.31 -27.40 52.91
CA ILE C 485 -27.94 -26.18 53.63
C ILE C 485 -29.20 -25.57 54.20
N ASP C 486 -29.23 -25.39 55.51
CA ASP C 486 -30.37 -24.73 56.17
C ASP C 486 -30.42 -23.27 55.73
N PRO C 487 -31.51 -22.81 55.10
CA PRO C 487 -31.56 -21.41 54.66
C PRO C 487 -31.66 -20.41 55.80
N ASP C 488 -31.95 -20.85 57.02
CA ASP C 488 -32.00 -19.96 58.15
C ASP C 488 -30.61 -19.39 58.46
N LEU C 489 -30.60 -18.36 59.29
CA LEU C 489 -29.36 -17.73 59.75
C LEU C 489 -29.31 -17.82 61.27
N GLN C 490 -29.07 -19.02 61.77
CA GLN C 490 -28.99 -19.24 63.20
C GLN C 490 -27.59 -19.65 63.61
N PRO C 491 -27.10 -19.20 64.76
CA PRO C 491 -25.78 -19.62 65.24
C PRO C 491 -25.87 -21.00 65.89
N VAL C 492 -24.71 -21.48 66.35
CA VAL C 492 -24.64 -22.69 67.15
C VAL C 492 -23.87 -22.36 68.42
N GLU C 493 -24.01 -23.23 69.42
CA GLU C 493 -23.39 -22.99 70.71
C GLU C 493 -21.87 -22.96 70.58
N ILE C 494 -21.26 -21.93 71.14
CA ILE C 494 -19.81 -21.75 71.02
C ILE C 494 -19.10 -22.77 71.89
N GLY C 495 -18.06 -23.37 71.35
CA GLY C 495 -17.24 -24.31 72.10
C GLY C 495 -17.85 -25.69 72.27
N LYS C 496 -18.78 -26.08 71.41
CA LYS C 496 -19.44 -27.38 71.50
C LYS C 496 -19.27 -28.13 70.20
N GLY C 497 -18.78 -29.38 70.29
CA GLY C 497 -18.75 -30.26 69.14
C GLY C 497 -20.03 -31.08 69.03
N VAL C 498 -20.14 -31.79 67.91
CA VAL C 498 -21.31 -32.60 67.61
C VAL C 498 -20.85 -34.04 67.40
N VAL C 499 -21.41 -34.96 68.18
CA VAL C 499 -21.12 -36.38 68.00
C VAL C 499 -21.91 -36.88 66.80
N ARG C 500 -21.20 -37.35 65.78
CA ARG C 500 -21.81 -37.79 64.53
C ARG C 500 -21.92 -39.30 64.42
N ARG C 501 -21.19 -40.04 65.25
CA ARG C 501 -21.27 -41.50 65.28
C ARG C 501 -20.74 -41.95 66.62
N ARG C 502 -21.45 -42.87 67.26
CA ARG C 502 -21.03 -43.45 68.54
C ARG C 502 -20.50 -44.86 68.29
N GLY C 503 -19.28 -45.11 68.75
CA GLY C 503 -18.66 -46.41 68.59
C GLY C 503 -17.82 -46.76 69.80
N GLY C 504 -16.90 -47.72 69.64
CA GLY C 504 -16.04 -48.11 70.71
C GLY C 504 -14.59 -48.10 70.27
N ARG C 505 -13.71 -48.13 71.28
CA ARG C 505 -12.28 -48.34 71.09
C ARG C 505 -11.54 -47.07 70.68
N VAL C 506 -11.91 -46.48 69.54
CA VAL C 506 -11.20 -45.32 69.01
C VAL C 506 -12.20 -44.21 68.73
N ALA C 507 -11.77 -42.97 68.98
CA ALA C 507 -12.57 -41.78 68.70
C ALA C 507 -11.80 -40.87 67.75
N LEU C 508 -12.45 -40.45 66.67
CA LEU C 508 -11.87 -39.55 65.69
C LEU C 508 -12.40 -38.15 65.95
N LEU C 509 -11.53 -37.24 66.39
CA LEU C 509 -11.88 -35.85 66.63
C LEU C 509 -11.49 -35.06 65.39
N VAL C 510 -12.49 -34.71 64.58
CA VAL C 510 -12.26 -34.12 63.26
C VAL C 510 -12.50 -32.62 63.33
N PHE C 511 -11.51 -31.85 62.90
CA PHE C 511 -11.59 -30.39 62.78
C PHE C 511 -11.62 -30.04 61.29
N GLY C 512 -12.81 -30.02 60.71
CA GLY C 512 -12.99 -29.53 59.36
C GLY C 512 -13.49 -30.62 58.41
N VAL C 513 -13.08 -30.51 57.14
CA VAL C 513 -13.75 -31.17 56.03
C VAL C 513 -13.26 -32.59 55.80
N GLN C 514 -12.41 -33.12 56.68
CA GLN C 514 -12.08 -34.54 56.61
C GLN C 514 -13.13 -35.40 57.29
N LEU C 515 -14.24 -34.81 57.73
CA LEU C 515 -15.26 -35.58 58.44
C LEU C 515 -15.84 -36.67 57.56
N ALA C 516 -16.07 -36.37 56.27
CA ALA C 516 -16.68 -37.37 55.40
C ALA C 516 -15.77 -38.58 55.23
N GLU C 517 -14.46 -38.35 55.08
CA GLU C 517 -13.53 -39.47 54.99
C GLU C 517 -13.46 -40.22 56.31
N ALA C 518 -13.55 -39.50 57.43
CA ALA C 518 -13.52 -40.15 58.73
C ALA C 518 -14.75 -41.05 58.93
N MET C 519 -15.90 -40.61 58.45
CA MET C 519 -17.12 -41.40 58.61
C MET C 519 -17.05 -42.72 57.84
N LYS C 520 -16.37 -42.73 56.69
CA LYS C 520 -16.16 -43.98 55.98
C LYS C 520 -15.23 -44.90 56.76
N VAL C 521 -14.19 -44.32 57.37
CA VAL C 521 -13.24 -45.10 58.15
C VAL C 521 -13.90 -45.61 59.43
N ALA C 522 -14.70 -44.77 60.09
CA ALA C 522 -15.30 -45.17 61.35
C ALA C 522 -16.16 -46.41 61.21
N GLU C 523 -16.81 -46.57 60.05
CA GLU C 523 -17.55 -47.80 59.78
C GLU C 523 -16.65 -49.02 59.95
N SER C 524 -15.46 -48.96 59.37
CA SER C 524 -14.58 -50.14 59.36
C SER C 524 -14.02 -50.42 60.75
N LEU C 525 -13.68 -49.38 61.51
CA LEU C 525 -13.08 -49.55 62.83
C LEU C 525 -14.10 -49.60 63.96
N ASP C 526 -15.37 -49.37 63.66
CA ASP C 526 -16.38 -49.18 64.70
C ASP C 526 -15.90 -48.13 65.71
N ALA C 527 -15.87 -46.89 65.24
CA ALA C 527 -15.28 -45.79 65.97
C ALA C 527 -16.31 -44.70 66.24
N THR C 528 -16.04 -43.93 67.28
CA THR C 528 -16.76 -42.69 67.52
C THR C 528 -16.18 -41.59 66.63
N VAL C 529 -17.05 -40.71 66.14
CA VAL C 529 -16.65 -39.59 65.30
C VAL C 529 -17.29 -38.32 65.85
N VAL C 530 -16.49 -37.26 65.97
CA VAL C 530 -16.96 -35.99 66.51
C VAL C 530 -16.62 -34.88 65.53
N ASP C 531 -17.62 -34.12 65.12
CA ASP C 531 -17.44 -32.86 64.40
C ASP C 531 -17.12 -31.80 65.45
N MET C 532 -15.83 -31.46 65.58
CA MET C 532 -15.40 -30.64 66.72
C MET C 532 -15.88 -29.20 66.60
N ARG C 533 -15.99 -28.67 65.38
CA ARG C 533 -16.50 -27.34 65.10
C ARG C 533 -15.56 -26.23 65.59
N PHE C 534 -15.05 -26.33 66.81
CA PHE C 534 -14.25 -25.27 67.41
C PHE C 534 -12.87 -25.79 67.80
N VAL C 535 -11.84 -25.08 67.36
CA VAL C 535 -10.50 -25.29 67.90
C VAL C 535 -10.33 -24.54 69.20
N LYS C 536 -10.92 -23.33 69.29
CA LYS C 536 -10.77 -22.44 70.42
C LYS C 536 -12.03 -21.59 70.55
N PRO C 537 -12.78 -21.70 71.67
CA PRO C 537 -12.55 -22.57 72.82
C PRO C 537 -12.85 -24.02 72.47
N LEU C 538 -11.94 -24.93 72.81
CA LEU C 538 -12.14 -26.35 72.59
C LEU C 538 -13.26 -26.87 73.49
N ASP C 539 -13.98 -27.88 72.99
CA ASP C 539 -15.04 -28.54 73.77
C ASP C 539 -14.35 -29.47 74.78
N GLU C 540 -13.88 -28.87 75.86
CA GLU C 540 -13.12 -29.61 76.86
C GLU C 540 -13.94 -30.76 77.44
N ALA C 541 -15.19 -30.48 77.85
CA ALA C 541 -16.01 -31.50 78.48
C ALA C 541 -16.13 -32.73 77.59
N LEU C 542 -16.31 -32.52 76.27
CA LEU C 542 -16.46 -33.66 75.37
C LEU C 542 -15.15 -34.43 75.22
N VAL C 543 -14.02 -33.72 75.12
CA VAL C 543 -12.73 -34.40 75.01
C VAL C 543 -12.47 -35.23 76.25
N ARG C 544 -12.80 -34.70 77.42
CA ARG C 544 -12.63 -35.45 78.67
C ARG C 544 -13.44 -36.73 78.65
N GLU C 545 -14.72 -36.64 78.26
CA GLU C 545 -15.56 -37.82 78.18
C GLU C 545 -14.99 -38.83 77.19
N LEU C 546 -14.54 -38.36 76.02
CA LEU C 546 -13.98 -39.27 75.03
C LEU C 546 -12.74 -39.97 75.57
N ALA C 547 -11.89 -39.23 76.28
CA ALA C 547 -10.66 -39.83 76.80
C ALA C 547 -10.93 -40.92 77.83
N GLY C 548 -12.04 -40.79 78.58
CA GLY C 548 -12.41 -41.76 79.58
C GLY C 548 -13.27 -42.90 79.08
N SER C 549 -13.48 -43.01 77.76
CA SER C 549 -14.34 -44.06 77.22
C SER C 549 -13.77 -44.68 75.94
N HIS C 550 -12.56 -44.32 75.54
CA HIS C 550 -11.90 -44.92 74.39
C HIS C 550 -10.45 -45.21 74.77
N GLU C 551 -9.82 -46.12 74.03
CA GLU C 551 -8.42 -46.42 74.24
C GLU C 551 -7.50 -45.72 73.26
N LEU C 552 -8.05 -44.97 72.30
CA LEU C 552 -7.24 -44.16 71.40
C LEU C 552 -8.06 -42.97 70.93
N LEU C 553 -7.49 -41.77 71.04
CA LEU C 553 -8.04 -40.56 70.45
C LEU C 553 -7.24 -40.19 69.21
N VAL C 554 -7.95 -39.84 68.14
CA VAL C 554 -7.34 -39.48 66.86
C VAL C 554 -7.86 -38.12 66.45
N THR C 555 -6.95 -37.17 66.22
CA THR C 555 -7.32 -35.84 65.76
C THR C 555 -6.99 -35.72 64.27
N ILE C 556 -7.87 -35.03 63.54
CA ILE C 556 -7.74 -34.89 62.09
C ILE C 556 -8.04 -33.45 61.72
N GLU C 557 -7.16 -32.86 60.92
CA GLU C 557 -7.26 -31.46 60.52
C GLU C 557 -6.48 -31.28 59.23
N GLU C 558 -6.89 -30.32 58.42
CA GLU C 558 -6.13 -29.97 57.22
C GLU C 558 -5.27 -28.74 57.51
N ASN C 559 -4.32 -28.95 58.41
CA ASN C 559 -3.43 -27.94 58.92
C ASN C 559 -2.20 -28.65 59.46
N ALA C 560 -1.08 -27.92 59.52
CA ALA C 560 0.14 -28.49 60.08
C ALA C 560 -0.15 -29.15 61.41
N VAL C 561 0.36 -30.37 61.59
CA VAL C 561 0.25 -31.04 62.88
C VAL C 561 0.93 -30.22 63.96
N MET C 562 2.11 -29.67 63.66
CA MET C 562 2.83 -28.84 64.63
C MET C 562 2.02 -27.58 64.93
N GLY C 563 1.63 -27.44 66.20
CA GLY C 563 0.86 -26.30 66.64
C GLY C 563 -0.61 -26.31 66.27
N GLY C 564 -1.09 -27.40 65.66
CA GLY C 564 -2.43 -27.43 65.11
C GLY C 564 -3.51 -27.75 66.13
N ALA C 565 -4.68 -28.10 65.60
CA ALA C 565 -5.84 -28.36 66.46
C ALA C 565 -5.62 -29.59 67.33
N GLY C 566 -4.96 -30.63 66.78
CA GLY C 566 -4.67 -31.80 67.57
C GLY C 566 -3.81 -31.51 68.78
N SER C 567 -2.92 -30.51 68.67
CA SER C 567 -2.08 -30.14 69.79
C SER C 567 -2.87 -29.38 70.85
N ALA C 568 -3.93 -28.66 70.44
CA ALA C 568 -4.83 -28.08 71.43
C ALA C 568 -5.48 -29.17 72.27
N VAL C 569 -5.86 -30.27 71.62
CA VAL C 569 -6.38 -31.43 72.35
C VAL C 569 -5.29 -32.00 73.26
N GLY C 570 -4.10 -32.18 72.72
CA GLY C 570 -3.00 -32.68 73.52
C GLY C 570 -2.69 -31.79 74.71
N GLU C 571 -2.64 -30.48 74.49
CA GLU C 571 -2.41 -29.55 75.60
C GLU C 571 -3.47 -29.73 76.67
N PHE C 572 -4.73 -29.88 76.27
CA PHE C 572 -5.79 -30.08 77.25
C PHE C 572 -5.59 -31.38 78.02
N LEU C 573 -5.36 -32.48 77.30
CA LEU C 573 -5.15 -33.76 77.94
C LEU C 573 -4.01 -33.68 78.95
N ALA C 574 -2.90 -33.03 78.56
CA ALA C 574 -1.74 -32.95 79.45
C ALA C 574 -2.06 -32.13 80.69
N SER C 575 -2.72 -30.98 80.53
CA SER C 575 -3.03 -30.12 81.66
C SER C 575 -3.90 -30.84 82.69
N GLU C 576 -4.71 -31.79 82.26
CA GLU C 576 -5.62 -32.51 83.13
C GLU C 576 -5.10 -33.89 83.53
N GLY C 577 -3.90 -34.26 83.08
CA GLY C 577 -3.36 -35.55 83.44
C GLY C 577 -4.11 -36.72 82.84
N LEU C 578 -4.77 -36.52 81.70
CA LEU C 578 -5.45 -37.60 81.02
C LEU C 578 -4.44 -38.35 80.14
N GLU C 579 -4.35 -39.66 80.34
CA GLU C 579 -3.25 -40.45 79.80
C GLU C 579 -3.64 -41.27 78.57
N VAL C 580 -4.75 -40.94 77.92
CA VAL C 580 -5.18 -41.76 76.78
C VAL C 580 -4.21 -41.56 75.62
N PRO C 581 -3.92 -42.60 74.83
CA PRO C 581 -3.08 -42.41 73.64
C PRO C 581 -3.70 -41.43 72.67
N LEU C 582 -2.83 -40.68 71.99
CA LEU C 582 -3.26 -39.62 71.07
C LEU C 582 -2.48 -39.76 69.76
N LEU C 583 -3.23 -39.83 68.65
CA LEU C 583 -2.65 -39.87 67.31
C LEU C 583 -3.13 -38.64 66.55
N GLN C 584 -2.19 -37.81 66.12
CA GLN C 584 -2.50 -36.55 65.44
C GLN C 584 -2.27 -36.71 63.94
N LEU C 585 -3.32 -36.57 63.15
CA LEU C 585 -3.24 -36.61 61.70
C LEU C 585 -3.46 -35.22 61.14
N GLY C 586 -2.66 -34.88 60.13
CA GLY C 586 -2.74 -33.55 59.53
C GLY C 586 -1.65 -33.37 58.48
N LEU C 587 -1.25 -32.10 58.28
CA LEU C 587 -0.25 -31.86 57.24
C LEU C 587 1.16 -32.04 57.80
N PRO C 588 2.06 -32.66 57.06
CA PRO C 588 3.40 -32.95 57.58
C PRO C 588 4.27 -31.71 57.57
N ASP C 589 5.45 -31.85 58.18
CA ASP C 589 6.38 -30.74 58.35
C ASP C 589 7.29 -30.61 57.13
N TYR C 590 6.67 -30.47 55.97
CA TYR C 590 7.39 -30.11 54.75
C TYR C 590 6.40 -29.47 53.79
N TYR C 591 6.93 -28.90 52.71
CA TYR C 591 6.12 -28.23 51.71
C TYR C 591 5.69 -29.23 50.65
N VAL C 592 4.39 -29.44 50.54
CA VAL C 592 3.85 -30.47 49.66
C VAL C 592 3.91 -29.98 48.22
N GLU C 593 4.51 -30.79 47.34
CA GLU C 593 4.67 -30.42 45.95
C GLU C 593 3.32 -30.34 45.25
N HIS C 594 3.23 -29.47 44.25
CA HIS C 594 1.98 -29.26 43.54
C HIS C 594 1.50 -30.56 42.91
N ALA C 595 0.19 -30.74 42.92
CA ALA C 595 -0.48 -31.90 42.32
C ALA C 595 -1.97 -31.61 42.36
N LYS C 596 -2.77 -32.57 41.92
CA LYS C 596 -4.20 -32.47 42.12
C LYS C 596 -4.48 -32.42 43.62
N PRO C 597 -5.48 -31.66 44.06
CA PRO C 597 -5.81 -31.67 45.50
C PRO C 597 -5.98 -33.08 46.05
N SER C 598 -6.61 -33.97 45.28
CA SER C 598 -6.78 -35.35 45.74
C SER C 598 -5.44 -36.05 45.91
N GLU C 599 -4.50 -35.80 45.00
CA GLU C 599 -3.19 -36.42 45.11
C GLU C 599 -2.42 -35.90 46.31
N MET C 600 -2.55 -34.59 46.60
CA MET C 600 -1.84 -34.02 47.74
C MET C 600 -2.41 -34.52 49.05
N LEU C 601 -3.75 -34.61 49.14
CA LEU C 601 -4.36 -35.14 50.36
C LEU C 601 -3.96 -36.58 50.59
N ALA C 602 -3.84 -37.37 49.52
CA ALA C 602 -3.44 -38.77 49.68
C ALA C 602 -1.99 -38.86 50.16
N GLU C 603 -1.10 -38.03 49.61
CA GLU C 603 0.28 -38.03 50.07
C GLU C 603 0.36 -37.75 51.57
N CYS C 604 -0.45 -36.82 52.06
CA CYS C 604 -0.49 -36.49 53.48
C CYS C 604 -1.32 -37.46 54.30
N GLY C 605 -1.96 -38.43 53.65
CA GLY C 605 -2.72 -39.44 54.37
C GLY C 605 -4.03 -38.96 54.93
N LEU C 606 -4.67 -37.98 54.28
CA LEU C 606 -5.89 -37.37 54.78
C LEU C 606 -7.13 -37.78 53.97
N ASP C 607 -7.03 -38.83 53.16
CA ASP C 607 -8.20 -39.49 52.61
C ASP C 607 -8.55 -40.68 53.49
N ALA C 608 -9.69 -41.31 53.18
CA ALA C 608 -10.16 -42.40 54.02
C ALA C 608 -9.11 -43.49 54.15
N ALA C 609 -8.46 -43.87 53.05
CA ALA C 609 -7.47 -44.94 53.10
C ALA C 609 -6.28 -44.55 53.96
N GLY C 610 -5.81 -43.31 53.86
CA GLY C 610 -4.69 -42.88 54.66
C GLY C 610 -5.03 -42.81 56.14
N ILE C 611 -6.24 -42.35 56.46
CA ILE C 611 -6.66 -42.26 57.85
C ILE C 611 -6.73 -43.65 58.47
N GLU C 612 -7.37 -44.59 57.77
CA GLU C 612 -7.55 -45.93 58.33
C GLU C 612 -6.21 -46.64 58.51
N LYS C 613 -5.32 -46.51 57.53
CA LYS C 613 -4.01 -47.13 57.66
C LYS C 613 -3.26 -46.59 58.88
N ALA C 614 -3.39 -45.28 59.13
CA ALA C 614 -2.69 -44.69 60.26
C ALA C 614 -3.28 -45.16 61.58
N VAL C 615 -4.61 -45.20 61.69
CA VAL C 615 -5.26 -45.58 62.94
C VAL C 615 -4.97 -47.04 63.25
N ARG C 616 -5.14 -47.92 62.26
CA ARG C 616 -4.91 -49.34 62.49
C ARG C 616 -3.44 -49.61 62.81
N GLN C 617 -2.53 -48.87 62.17
CA GLN C 617 -1.11 -48.97 62.51
C GLN C 617 -0.87 -48.65 63.97
N ARG C 618 -1.48 -47.56 64.46
CA ARG C 618 -1.33 -47.20 65.87
C ARG C 618 -1.93 -48.27 66.78
N LEU C 619 -3.12 -48.74 66.46
CA LEU C 619 -3.75 -49.82 67.22
C LEU C 619 -2.82 -51.02 67.33
N LEU D 33 -57.35 -31.21 10.62
CA LEU D 33 -58.52 -30.55 11.19
C LEU D 33 -59.28 -29.77 10.14
N HIS D 34 -60.60 -29.62 10.33
CA HIS D 34 -61.44 -28.91 9.39
C HIS D 34 -62.16 -27.71 10.01
N GLU D 35 -62.24 -27.62 11.34
CA GLU D 35 -62.84 -26.48 12.01
C GLU D 35 -61.89 -25.97 13.08
N ILE D 36 -61.92 -24.67 13.30
CA ILE D 36 -61.08 -24.06 14.33
C ILE D 36 -61.76 -24.26 15.69
N PRO D 37 -61.07 -24.82 16.67
CA PRO D 37 -61.71 -25.04 17.98
C PRO D 37 -62.10 -23.71 18.61
N ARG D 38 -63.34 -23.65 19.10
CA ARG D 38 -63.84 -22.47 19.79
C ARG D 38 -63.67 -22.56 21.30
N GLU D 39 -63.10 -23.65 21.81
CA GLU D 39 -62.84 -23.82 23.23
C GLU D 39 -61.38 -24.23 23.42
N ARG D 40 -60.79 -23.77 24.53
CA ARG D 40 -59.40 -24.06 24.84
C ARG D 40 -59.16 -25.56 24.81
N PRO D 41 -58.36 -26.06 23.87
CA PRO D 41 -58.17 -27.51 23.76
C PRO D 41 -57.34 -28.05 24.93
N ALA D 42 -57.44 -29.37 25.11
CA ALA D 42 -56.68 -30.07 26.13
C ALA D 42 -55.30 -30.41 25.58
N THR D 43 -54.26 -29.83 26.19
CA THR D 43 -52.89 -29.97 25.72
C THR D 43 -52.00 -30.28 26.92
N PRO D 44 -51.97 -31.55 27.36
CA PRO D 44 -51.18 -31.88 28.56
C PRO D 44 -49.68 -31.82 28.34
N LEU D 45 -49.18 -32.38 27.24
CA LEU D 45 -47.75 -32.33 26.98
C LEU D 45 -47.29 -30.88 26.79
N LEU D 46 -48.05 -30.10 26.00
CA LEU D 46 -47.68 -28.71 25.77
C LEU D 46 -47.52 -27.95 27.08
N ASP D 47 -48.41 -28.20 28.04
CA ASP D 47 -48.33 -27.51 29.32
C ASP D 47 -47.07 -27.87 30.09
N ARG D 48 -46.40 -28.96 29.72
CA ARG D 48 -45.12 -29.34 30.31
C ARG D 48 -43.94 -28.84 29.49
N ALA D 49 -44.18 -28.14 28.39
CA ALA D 49 -43.11 -27.60 27.55
C ALA D 49 -43.27 -26.09 27.45
N SER D 50 -43.51 -25.43 28.58
CA SER D 50 -43.72 -23.98 28.60
C SER D 50 -42.44 -23.21 28.26
N SER D 51 -41.31 -23.87 28.20
CA SER D 51 -40.03 -23.25 27.86
C SER D 51 -39.20 -24.26 27.09
N PRO D 52 -38.17 -23.81 26.37
CA PRO D 52 -37.30 -24.78 25.69
C PRO D 52 -36.63 -25.76 26.62
N ALA D 53 -36.16 -25.31 27.79
CA ALA D 53 -35.51 -26.22 28.73
C ALA D 53 -36.46 -27.33 29.16
N GLU D 54 -37.72 -26.99 29.43
CA GLU D 54 -38.70 -28.01 29.77
C GLU D 54 -38.99 -28.91 28.58
N LEU D 55 -39.08 -28.32 27.38
CA LEU D 55 -39.26 -29.12 26.17
C LEU D 55 -38.13 -30.14 26.03
N ARG D 56 -36.90 -29.72 26.29
CA ARG D 56 -35.74 -30.59 26.12
C ARG D 56 -35.68 -31.71 27.16
N ARG D 57 -36.53 -31.66 28.19
CA ARG D 57 -36.63 -32.77 29.12
C ARG D 57 -37.53 -33.88 28.61
N LEU D 58 -38.44 -33.58 27.69
CA LEU D 58 -39.31 -34.60 27.13
C LEU D 58 -38.52 -35.54 26.24
N GLY D 59 -39.11 -36.70 25.96
CA GLY D 59 -38.48 -37.69 25.11
C GLY D 59 -38.91 -37.55 23.65
N GLU D 60 -38.02 -37.99 22.76
CA GLU D 60 -38.30 -37.90 21.33
C GLU D 60 -39.64 -38.54 20.98
N ALA D 61 -40.03 -39.60 21.69
CA ALA D 61 -41.29 -40.26 21.39
C ALA D 61 -42.48 -39.35 21.65
N ASP D 62 -42.36 -38.40 22.57
CA ASP D 62 -43.45 -37.49 22.89
C ASP D 62 -43.61 -36.38 21.85
N LEU D 63 -42.60 -36.14 21.02
CA LEU D 63 -42.58 -34.91 20.22
C LEU D 63 -43.70 -34.91 19.17
N GLU D 64 -43.95 -36.06 18.53
CA GLU D 64 -45.01 -36.09 17.52
C GLU D 64 -46.36 -35.76 18.14
N THR D 65 -46.61 -36.21 19.38
CA THR D 65 -47.84 -35.83 20.05
C THR D 65 -47.83 -34.36 20.46
N LEU D 66 -46.67 -33.82 20.81
CA LEU D 66 -46.58 -32.40 21.15
C LEU D 66 -46.90 -31.53 19.93
N ALA D 67 -46.52 -31.98 18.73
CA ALA D 67 -46.79 -31.20 17.53
C ALA D 67 -48.28 -31.09 17.27
N ASP D 68 -49.06 -32.13 17.60
CA ASP D 68 -50.49 -32.07 17.42
C ASP D 68 -51.14 -31.13 18.42
N GLU D 69 -50.75 -31.24 19.69
CA GLU D 69 -51.27 -30.34 20.71
C GLU D 69 -50.97 -28.88 20.37
N LEU D 70 -49.70 -28.57 20.11
CA LEU D 70 -49.33 -27.22 19.72
C LEU D 70 -50.16 -26.76 18.51
N ARG D 71 -50.25 -27.62 17.50
CA ARG D 71 -50.98 -27.24 16.29
C ARG D 71 -52.41 -26.84 16.60
N GLN D 72 -53.10 -27.61 17.45
CA GLN D 72 -54.49 -27.29 17.74
C GLN D 72 -54.62 -26.16 18.77
N TYR D 73 -53.64 -26.00 19.67
CA TYR D 73 -53.63 -24.79 20.49
C TYR D 73 -53.41 -23.55 19.62
N LEU D 74 -52.50 -23.65 18.65
CA LEU D 74 -52.27 -22.54 17.73
C LEU D 74 -53.56 -22.19 16.99
N LEU D 75 -54.25 -23.18 16.45
CA LEU D 75 -55.51 -22.93 15.76
C LEU D 75 -56.51 -22.24 16.69
N TYR D 76 -56.56 -22.66 17.95
CA TYR D 76 -57.53 -22.10 18.88
C TYR D 76 -57.23 -20.65 19.20
N THR D 77 -55.96 -20.32 19.43
CA THR D 77 -55.62 -18.99 19.89
C THR D 77 -55.74 -17.95 18.76
N VAL D 78 -55.27 -18.29 17.56
CA VAL D 78 -55.37 -17.34 16.46
C VAL D 78 -56.83 -17.11 16.10
N GLY D 79 -57.70 -18.10 16.29
CA GLY D 79 -59.11 -17.88 16.09
C GLY D 79 -59.71 -16.96 17.14
N GLN D 80 -59.11 -16.92 18.32
CA GLN D 80 -59.61 -16.05 19.39
C GLN D 80 -59.16 -14.60 19.22
N THR D 81 -58.02 -14.38 18.56
CA THR D 81 -57.44 -13.06 18.45
C THR D 81 -57.20 -12.59 17.02
N GLY D 82 -57.29 -13.49 16.04
CA GLY D 82 -56.89 -13.15 14.69
C GLY D 82 -55.39 -12.98 14.58
N GLY D 83 -54.86 -13.01 13.38
CA GLY D 83 -53.44 -12.82 13.15
C GLY D 83 -52.96 -13.69 12.01
N HIS D 84 -51.63 -13.79 11.91
CA HIS D 84 -51.03 -14.66 10.92
C HIS D 84 -51.25 -16.11 11.28
N PHE D 85 -51.38 -16.95 10.25
CA PHE D 85 -52.01 -18.25 10.39
C PHE D 85 -51.24 -19.36 9.69
N GLY D 86 -51.27 -19.36 8.35
CA GLY D 86 -50.79 -20.52 7.61
C GLY D 86 -49.30 -20.76 7.72
N ALA D 87 -48.51 -19.68 7.74
CA ALA D 87 -47.06 -19.84 7.80
C ALA D 87 -46.63 -20.51 9.11
N GLY D 88 -47.27 -20.14 10.22
CA GLY D 88 -46.92 -20.74 11.50
C GLY D 88 -47.28 -22.20 11.60
N LEU D 89 -48.38 -22.60 10.94
CA LEU D 89 -48.73 -24.01 10.92
C LEU D 89 -47.68 -24.84 10.20
N GLY D 90 -47.04 -24.27 9.19
CA GLY D 90 -46.02 -24.99 8.44
C GLY D 90 -44.71 -25.18 9.17
N VAL D 91 -44.50 -24.47 10.27
CA VAL D 91 -43.24 -24.56 11.01
C VAL D 91 -43.45 -25.11 12.43
N VAL D 92 -44.59 -25.75 12.69
CA VAL D 92 -44.82 -26.34 14.01
C VAL D 92 -43.73 -27.36 14.32
N GLU D 93 -43.49 -28.28 13.39
CA GLU D 93 -42.50 -29.33 13.62
C GLU D 93 -41.09 -28.76 13.65
N LEU D 94 -40.77 -27.86 12.70
CA LEU D 94 -39.45 -27.26 12.68
C LEU D 94 -39.17 -26.48 13.96
N THR D 95 -40.18 -25.84 14.52
CA THR D 95 -39.97 -25.03 15.71
C THR D 95 -39.69 -25.90 16.93
N ILE D 96 -40.43 -27.01 17.08
CA ILE D 96 -40.15 -27.93 18.18
C ILE D 96 -38.75 -28.53 18.04
N ALA D 97 -38.44 -29.04 16.85
CA ALA D 97 -37.13 -29.65 16.64
C ALA D 97 -36.00 -28.67 16.94
N LEU D 98 -36.20 -27.39 16.62
CA LEU D 98 -35.13 -26.40 16.81
C LEU D 98 -34.83 -26.19 18.28
N HIS D 99 -35.88 -25.95 19.09
CA HIS D 99 -35.66 -25.72 20.52
C HIS D 99 -35.26 -26.99 21.24
N TYR D 100 -35.65 -28.16 20.69
CA TYR D 100 -35.26 -29.41 21.30
C TYR D 100 -33.77 -29.70 21.11
N VAL D 101 -33.23 -29.33 19.95
CA VAL D 101 -31.86 -29.70 19.61
C VAL D 101 -30.87 -28.61 20.02
N PHE D 102 -31.25 -27.34 19.88
CA PHE D 102 -30.34 -26.23 20.17
C PHE D 102 -30.57 -25.72 21.59
N ASP D 103 -29.50 -25.15 22.16
CA ASP D 103 -29.50 -24.73 23.56
C ASP D 103 -29.99 -23.29 23.71
N THR D 104 -31.24 -23.08 23.29
CA THR D 104 -31.84 -21.76 23.41
C THR D 104 -32.12 -21.45 24.88
N PRO D 105 -32.01 -20.17 25.30
CA PRO D 105 -31.74 -18.98 24.49
C PRO D 105 -30.26 -18.68 24.28
N ASP D 106 -29.35 -19.44 24.90
CA ASP D 106 -27.93 -19.17 24.71
C ASP D 106 -27.53 -19.31 23.26
N ASP D 107 -27.99 -20.37 22.59
CA ASP D 107 -27.88 -20.47 21.15
C ASP D 107 -28.88 -19.51 20.51
N ARG D 108 -28.44 -18.82 19.46
CA ARG D 108 -29.20 -17.72 18.87
C ARG D 108 -30.04 -18.20 17.70
N LEU D 109 -31.36 -18.04 17.81
CA LEU D 109 -32.30 -18.36 16.75
C LEU D 109 -32.89 -17.06 16.22
N VAL D 110 -32.85 -16.89 14.90
CA VAL D 110 -33.40 -15.71 14.24
C VAL D 110 -34.48 -16.16 13.27
N TRP D 111 -35.70 -15.67 13.47
CA TRP D 111 -36.83 -15.94 12.59
C TRP D 111 -36.99 -14.80 11.59
N ASP D 112 -37.00 -15.14 10.31
CA ASP D 112 -37.14 -14.13 9.27
C ASP D 112 -38.60 -13.71 9.14
N VAL D 113 -38.84 -12.39 9.12
CA VAL D 113 -40.17 -11.80 9.07
C VAL D 113 -40.84 -11.94 10.43
N GLY D 114 -40.94 -13.16 10.93
CA GLY D 114 -41.51 -13.42 12.23
C GLY D 114 -42.99 -13.73 12.24
N HIS D 115 -43.68 -13.58 11.10
CA HIS D 115 -45.09 -13.92 11.02
C HIS D 115 -45.37 -15.39 11.27
N GLN D 116 -44.34 -16.23 11.22
CA GLN D 116 -44.47 -17.67 11.43
C GLN D 116 -43.99 -18.09 12.82
N ALA D 117 -43.84 -17.15 13.74
CA ALA D 117 -43.20 -17.39 15.02
C ALA D 117 -44.18 -17.56 16.18
N TYR D 118 -45.47 -17.78 15.89
CA TYR D 118 -46.41 -18.06 16.97
C TYR D 118 -46.05 -19.35 17.70
N PRO D 119 -45.74 -20.46 17.02
CA PRO D 119 -45.25 -21.65 17.75
C PRO D 119 -44.03 -21.33 18.60
N HIS D 120 -43.09 -20.55 18.06
CA HIS D 120 -41.93 -20.12 18.83
C HIS D 120 -42.36 -19.43 20.12
N LYS D 121 -43.26 -18.45 20.00
CA LYS D 121 -43.72 -17.74 21.19
C LYS D 121 -44.42 -18.69 22.16
N ILE D 122 -45.17 -19.66 21.63
CA ILE D 122 -45.89 -20.59 22.48
C ILE D 122 -44.93 -21.45 23.29
N LEU D 123 -43.76 -21.77 22.74
CA LEU D 123 -42.78 -22.61 23.40
C LEU D 123 -41.74 -21.82 24.17
N THR D 124 -41.85 -20.49 24.22
CA THR D 124 -40.88 -19.68 24.94
C THR D 124 -41.57 -18.83 26.00
N GLU D 125 -42.41 -19.48 26.83
CA GLU D 125 -42.98 -18.89 28.03
C GLU D 125 -44.02 -17.82 27.73
N ARG D 126 -44.68 -17.91 26.57
CA ARG D 126 -45.75 -16.97 26.23
C ARG D 126 -47.02 -17.67 25.79
N ARG D 127 -47.12 -18.99 25.97
CA ARG D 127 -48.33 -19.71 25.58
C ARG D 127 -49.57 -19.10 26.23
N GLU D 128 -49.53 -18.92 27.55
CA GLU D 128 -50.68 -18.41 28.29
C GLU D 128 -50.87 -16.90 28.13
N LEU D 129 -50.04 -16.24 27.34
CA LEU D 129 -50.23 -14.84 26.98
C LEU D 129 -50.70 -14.66 25.55
N MET D 130 -50.81 -15.73 24.78
CA MET D 130 -51.25 -15.62 23.39
C MET D 130 -52.65 -15.04 23.29
N GLY D 131 -53.42 -15.07 24.38
CA GLY D 131 -54.73 -14.44 24.38
C GLY D 131 -54.68 -12.93 24.20
N THR D 132 -53.52 -12.33 24.41
CA THR D 132 -53.33 -10.89 24.25
C THR D 132 -52.64 -10.53 22.94
N LEU D 133 -52.34 -11.51 22.09
CA LEU D 133 -51.61 -11.27 20.86
C LEU D 133 -52.24 -10.14 20.05
N ARG D 134 -51.39 -9.24 19.56
CA ARG D 134 -51.79 -8.16 18.65
C ARG D 134 -52.86 -7.25 19.25
N GLN D 135 -53.03 -7.27 20.57
CA GLN D 135 -53.91 -6.33 21.25
C GLN D 135 -53.08 -5.35 22.05
N LYS D 136 -53.69 -4.19 22.33
CA LYS D 136 -53.00 -3.14 23.07
C LYS D 136 -52.42 -3.69 24.37
N ASN D 137 -51.13 -3.42 24.58
CA ASN D 137 -50.36 -3.89 25.73
C ASN D 137 -50.16 -5.39 25.75
N GLY D 138 -50.53 -6.09 24.68
CA GLY D 138 -50.33 -7.53 24.59
C GLY D 138 -49.10 -7.89 23.78
N LEU D 139 -49.00 -9.17 23.45
CA LEU D 139 -47.87 -9.67 22.68
C LEU D 139 -47.83 -9.00 21.30
N ALA D 140 -46.62 -8.75 20.82
CA ALA D 140 -46.45 -8.11 19.53
C ALA D 140 -46.69 -9.10 18.39
N ALA D 141 -46.91 -8.55 17.20
CA ALA D 141 -47.18 -9.39 16.04
C ALA D 141 -45.98 -10.25 15.66
N PHE D 142 -44.77 -9.79 15.99
CA PHE D 142 -43.53 -10.43 15.58
C PHE D 142 -42.60 -10.56 16.77
N PRO D 143 -41.54 -11.38 16.64
CA PRO D 143 -40.53 -11.42 17.70
C PRO D 143 -39.98 -10.05 17.99
N ARG D 144 -39.69 -9.81 19.27
CA ARG D 144 -39.27 -8.49 19.74
C ARG D 144 -38.29 -8.69 20.88
N ARG D 145 -37.08 -8.13 20.74
CA ARG D 145 -36.06 -8.32 21.76
C ARG D 145 -36.54 -7.85 23.13
N ALA D 146 -37.26 -6.72 23.18
CA ALA D 146 -37.76 -6.21 24.45
C ALA D 146 -38.86 -7.07 25.03
N GLU D 147 -39.44 -7.98 24.24
CA GLU D 147 -40.54 -8.82 24.72
C GLU D 147 -40.06 -10.09 25.40
N SER D 148 -38.92 -10.64 24.99
CA SER D 148 -38.49 -11.93 25.52
C SER D 148 -37.02 -12.16 25.19
N GLU D 149 -36.30 -12.77 26.15
CA GLU D 149 -34.91 -13.12 25.92
C GLU D 149 -34.77 -14.19 24.84
N TYR D 150 -35.85 -14.87 24.47
CA TYR D 150 -35.83 -15.87 23.42
C TYR D 150 -35.98 -15.25 22.03
N ASP D 151 -36.18 -13.94 21.93
CA ASP D 151 -36.27 -13.24 20.65
C ASP D 151 -34.95 -12.51 20.44
N THR D 152 -34.14 -13.01 19.51
CA THR D 152 -32.81 -12.45 19.28
C THR D 152 -32.85 -11.18 18.43
N PHE D 153 -33.87 -11.03 17.59
CA PHE D 153 -33.89 -9.92 16.63
C PHE D 153 -35.32 -9.56 16.33
N GLY D 154 -35.67 -8.29 16.52
CA GLY D 154 -36.99 -7.81 16.17
C GLY D 154 -37.14 -7.76 14.66
N VAL D 155 -38.16 -8.44 14.14
CA VAL D 155 -38.35 -8.57 12.70
C VAL D 155 -39.76 -8.11 12.35
N GLY D 156 -40.02 -8.06 11.04
CA GLY D 156 -41.29 -7.63 10.49
C GLY D 156 -41.11 -7.44 9.00
N HIS D 157 -40.23 -6.51 8.64
CA HIS D 157 -39.66 -6.53 7.30
C HIS D 157 -38.92 -7.85 7.10
N SER D 158 -38.81 -8.27 5.86
CA SER D 158 -38.28 -9.58 5.53
C SER D 158 -36.78 -9.52 5.26
N SER D 159 -36.16 -10.70 5.26
CA SER D 159 -34.83 -10.94 4.70
C SER D 159 -33.69 -10.41 5.55
N THR D 160 -33.94 -10.13 6.83
CA THR D 160 -32.90 -9.62 7.72
C THR D 160 -32.25 -10.70 8.57
N SER D 161 -32.76 -11.94 8.54
CA SER D 161 -32.33 -12.95 9.50
C SER D 161 -30.90 -13.39 9.26
N ILE D 162 -30.50 -13.61 8.01
CA ILE D 162 -29.14 -14.08 7.75
C ILE D 162 -28.13 -13.02 8.15
N SER D 163 -28.39 -11.76 7.79
CA SER D 163 -27.48 -10.68 8.16
C SER D 163 -27.34 -10.58 9.68
N ALA D 164 -28.46 -10.63 10.40
CA ALA D 164 -28.41 -10.50 11.85
C ALA D 164 -27.72 -11.69 12.48
N ALA D 165 -28.02 -12.90 12.02
CA ALA D 165 -27.38 -14.10 12.55
C ALA D 165 -25.87 -14.07 12.28
N LEU D 166 -25.47 -13.56 11.12
CA LEU D 166 -24.05 -13.46 10.81
C LEU D 166 -23.35 -12.51 11.77
N GLY D 167 -23.95 -11.34 12.02
CA GLY D 167 -23.36 -10.41 12.97
C GLY D 167 -23.24 -11.00 14.36
N MET D 168 -24.27 -11.74 14.79
CA MET D 168 -24.20 -12.43 16.07
C MET D 168 -23.06 -13.45 16.08
N ALA D 169 -22.96 -14.24 15.01
CA ALA D 169 -21.92 -15.27 14.96
C ALA D 169 -20.53 -14.67 14.97
N ILE D 170 -20.32 -13.58 14.21
CA ILE D 170 -19.02 -12.93 14.19
C ILE D 170 -18.67 -12.42 15.59
N ALA D 171 -19.67 -11.89 16.30
CA ALA D 171 -19.43 -11.42 17.66
C ALA D 171 -19.09 -12.56 18.61
N ALA D 172 -19.88 -13.64 18.55
CA ALA D 172 -19.65 -14.76 19.46
C ALA D 172 -18.28 -15.37 19.26
N ARG D 173 -17.82 -15.45 18.01
CA ARG D 173 -16.51 -16.04 17.75
C ARG D 173 -15.39 -15.19 18.31
N LEU D 174 -15.48 -13.86 18.14
CA LEU D 174 -14.47 -12.99 18.72
C LEU D 174 -14.47 -13.06 20.23
N GLN D 175 -15.66 -13.24 20.83
CA GLN D 175 -15.78 -13.32 22.28
C GLN D 175 -15.40 -14.68 22.84
N GLY D 176 -15.16 -15.67 21.98
CA GLY D 176 -14.81 -17.00 22.44
C GLY D 176 -15.98 -17.82 22.96
N LYS D 177 -17.20 -17.41 22.65
CA LYS D 177 -18.37 -18.17 23.06
C LYS D 177 -18.66 -19.28 22.06
N GLU D 178 -19.19 -20.38 22.58
CA GLU D 178 -19.47 -21.56 21.77
C GLU D 178 -20.89 -21.58 21.23
N ARG D 179 -21.64 -20.49 21.38
CA ARG D 179 -23.05 -20.50 21.04
C ARG D 179 -23.24 -20.62 19.53
N LYS D 180 -24.30 -21.32 19.14
CA LYS D 180 -24.66 -21.47 17.74
C LYS D 180 -25.52 -20.30 17.27
N SER D 181 -25.57 -20.13 15.96
CA SER D 181 -26.33 -19.05 15.33
C SER D 181 -27.13 -19.63 14.18
N VAL D 182 -28.45 -19.49 14.23
CA VAL D 182 -29.35 -20.13 13.28
C VAL D 182 -30.34 -19.10 12.76
N ALA D 183 -30.49 -19.06 11.44
CA ALA D 183 -31.46 -18.18 10.79
C ALA D 183 -32.42 -19.02 9.98
N VAL D 184 -33.72 -18.83 10.23
CA VAL D 184 -34.79 -19.51 9.51
C VAL D 184 -35.41 -18.50 8.57
N ILE D 185 -35.30 -18.75 7.27
CA ILE D 185 -35.75 -17.83 6.24
C ILE D 185 -36.60 -18.59 5.25
N GLY D 186 -37.73 -17.99 4.86
CA GLY D 186 -38.60 -18.61 3.87
C GLY D 186 -38.14 -18.35 2.45
N ASP D 187 -38.68 -19.15 1.53
CA ASP D 187 -38.30 -19.03 0.12
C ASP D 187 -38.67 -17.65 -0.43
N GLY D 188 -39.74 -17.05 0.08
CA GLY D 188 -40.08 -15.70 -0.35
C GLY D 188 -39.08 -14.68 0.14
N ALA D 189 -38.79 -14.70 1.44
CA ALA D 189 -37.84 -13.74 2.01
C ALA D 189 -36.47 -13.87 1.35
N LEU D 190 -36.12 -15.07 0.86
CA LEU D 190 -34.82 -15.29 0.24
C LEU D 190 -34.69 -14.57 -1.10
N THR D 191 -35.77 -14.04 -1.66
CA THR D 191 -35.71 -13.36 -2.95
C THR D 191 -35.17 -11.94 -2.84
N ALA D 192 -34.99 -11.42 -1.63
CA ALA D 192 -34.50 -10.06 -1.46
C ALA D 192 -32.99 -9.99 -1.65
N GLY D 193 -32.53 -8.93 -2.30
CA GLY D 193 -31.11 -8.78 -2.54
C GLY D 193 -30.29 -8.82 -1.26
N MET D 194 -30.85 -8.32 -0.16
CA MET D 194 -30.11 -8.25 1.10
C MET D 194 -29.76 -9.64 1.61
N ALA D 195 -30.58 -10.64 1.30
CA ALA D 195 -30.23 -12.01 1.68
C ALA D 195 -29.05 -12.52 0.86
N PHE D 196 -29.03 -12.19 -0.43
CA PHE D 196 -27.89 -12.54 -1.29
C PHE D 196 -26.61 -11.93 -0.77
N GLU D 197 -26.67 -10.65 -0.35
CA GLU D 197 -25.48 -10.01 0.21
C GLU D 197 -24.99 -10.73 1.46
N ALA D 198 -25.92 -11.14 2.32
CA ALA D 198 -25.54 -11.81 3.56
C ALA D 198 -24.93 -13.19 3.28
N LEU D 199 -25.56 -13.97 2.40
CA LEU D 199 -25.02 -15.28 2.08
C LEU D 199 -23.59 -15.19 1.56
N ASN D 200 -23.32 -14.21 0.71
CA ASN D 200 -21.98 -14.06 0.16
C ASN D 200 -20.98 -13.66 1.23
N HIS D 201 -21.35 -12.70 2.10
CA HIS D 201 -20.41 -12.27 3.12
C HIS D 201 -20.14 -13.37 4.13
N ALA D 202 -21.17 -14.12 4.53
CA ALA D 202 -20.98 -15.22 5.47
C ALA D 202 -19.96 -16.22 4.93
N SER D 203 -20.06 -16.56 3.64
CA SER D 203 -19.05 -17.42 3.04
C SER D 203 -17.67 -16.81 3.14
N GLU D 204 -17.58 -15.48 2.94
CA GLU D 204 -16.28 -14.83 2.91
C GLU D 204 -15.58 -14.89 4.27
N VAL D 205 -16.34 -14.74 5.36
CA VAL D 205 -15.73 -14.72 6.69
C VAL D 205 -15.72 -16.11 7.31
N ASP D 206 -16.15 -17.12 6.54
CA ASP D 206 -16.16 -18.51 7.01
C ASP D 206 -16.89 -18.61 8.35
N ALA D 207 -18.08 -18.02 8.40
CA ALA D 207 -18.84 -17.97 9.64
C ALA D 207 -19.39 -19.34 10.00
N ASP D 208 -19.31 -19.69 11.29
CA ASP D 208 -19.96 -20.89 11.81
C ASP D 208 -21.43 -20.54 12.09
N MET D 209 -22.30 -20.83 11.13
CA MET D 209 -23.71 -20.49 11.28
C MET D 209 -24.53 -21.42 10.40
N LEU D 210 -25.80 -21.54 10.74
CA LEU D 210 -26.74 -22.40 10.03
C LEU D 210 -27.86 -21.56 9.46
N VAL D 211 -28.04 -21.60 8.15
CA VAL D 211 -29.19 -20.99 7.48
C VAL D 211 -30.16 -22.12 7.14
N ILE D 212 -31.37 -22.04 7.68
CA ILE D 212 -32.43 -23.00 7.37
C ILE D 212 -33.38 -22.36 6.38
N LEU D 213 -33.45 -22.91 5.17
CA LEU D 213 -34.43 -22.46 4.19
C LEU D 213 -35.75 -23.17 4.43
N ASN D 214 -36.79 -22.41 4.77
CA ASN D 214 -38.13 -22.94 4.97
C ASN D 214 -38.88 -22.77 3.66
N ASP D 215 -38.83 -23.79 2.81
CA ASP D 215 -39.32 -23.72 1.44
C ASP D 215 -40.71 -24.36 1.36
N ASN D 216 -41.74 -23.52 1.23
CA ASN D 216 -43.09 -23.99 1.01
C ASN D 216 -43.63 -23.55 -0.36
N ASP D 217 -42.74 -23.13 -1.26
CA ASP D 217 -43.12 -22.74 -2.62
C ASP D 217 -44.17 -21.64 -2.63
N MET D 218 -44.14 -20.77 -1.62
CA MET D 218 -45.12 -19.70 -1.52
C MET D 218 -44.49 -18.46 -0.91
N SER D 219 -45.05 -17.31 -1.26
CA SER D 219 -44.87 -16.08 -0.50
C SER D 219 -46.21 -15.77 0.18
N ILE D 220 -46.78 -14.59 -0.06
CA ILE D 220 -48.20 -14.40 0.21
C ILE D 220 -49.01 -14.93 -0.97
N SER D 221 -48.82 -14.33 -2.15
CA SER D 221 -49.17 -15.01 -3.39
C SER D 221 -48.18 -16.15 -3.64
N HIS D 222 -48.39 -16.88 -4.72
CA HIS D 222 -47.39 -17.85 -5.15
C HIS D 222 -46.07 -17.13 -5.42
N ASN D 223 -44.96 -17.77 -5.07
CA ASN D 223 -43.67 -17.16 -5.31
C ASN D 223 -43.40 -17.06 -6.81
N VAL D 224 -42.62 -16.05 -7.18
CA VAL D 224 -42.21 -15.81 -8.55
C VAL D 224 -40.69 -15.73 -8.58
N GLY D 225 -40.14 -15.56 -9.77
CA GLY D 225 -38.72 -15.35 -9.92
C GLY D 225 -37.98 -16.63 -10.26
N GLY D 226 -36.81 -16.45 -10.88
CA GLY D 226 -35.98 -17.59 -11.24
C GLY D 226 -35.55 -18.40 -10.03
N LEU D 227 -35.39 -17.75 -8.88
CA LEU D 227 -35.00 -18.48 -7.67
C LEU D 227 -36.04 -19.52 -7.30
N SER D 228 -37.33 -19.16 -7.40
CA SER D 228 -38.39 -20.12 -7.06
C SER D 228 -38.34 -21.33 -7.97
N ASN D 229 -38.08 -21.12 -9.27
CA ASN D 229 -38.00 -22.24 -10.20
C ASN D 229 -36.84 -23.18 -9.84
N TYR D 230 -35.68 -22.60 -9.51
CA TYR D 230 -34.55 -23.42 -9.10
C TYR D 230 -34.89 -24.23 -7.84
N LEU D 231 -35.58 -23.60 -6.88
CA LEU D 231 -35.89 -24.29 -5.63
C LEU D 231 -36.83 -25.46 -5.85
N ALA D 232 -37.73 -25.35 -6.84
CA ALA D 232 -38.58 -26.49 -7.18
C ALA D 232 -37.74 -27.65 -7.68
N LYS D 233 -36.72 -27.36 -8.49
CA LYS D 233 -35.80 -28.38 -8.97
C LYS D 233 -35.06 -29.00 -7.80
N ILE D 234 -34.05 -28.30 -7.28
CA ILE D 234 -33.30 -28.78 -6.13
C ILE D 234 -33.35 -27.75 -5.00
N GLU D 246 -25.20 -25.80 -2.81
CA GLU D 246 -24.79 -24.40 -2.83
C GLU D 246 -23.31 -24.27 -3.18
N GLU D 247 -23.03 -23.44 -4.19
CA GLU D 247 -21.66 -23.17 -4.61
C GLU D 247 -21.09 -21.88 -4.05
N LEU D 248 -21.93 -21.00 -3.50
CA LEU D 248 -21.47 -19.72 -2.98
C LEU D 248 -20.75 -19.88 -1.65
N GLY D 249 -20.24 -21.07 -1.37
CA GLY D 249 -19.47 -21.30 -0.16
C GLY D 249 -20.22 -21.95 0.98
N TRP D 250 -21.39 -22.53 0.71
CA TRP D 250 -22.24 -23.10 1.74
C TRP D 250 -22.32 -24.61 1.57
N ASN D 251 -22.24 -25.32 2.70
CA ASN D 251 -22.43 -26.77 2.71
C ASN D 251 -23.93 -27.05 2.70
N TYR D 252 -24.44 -27.51 1.56
CA TYR D 252 -25.87 -27.69 1.35
C TYR D 252 -26.29 -29.08 1.82
N ILE D 253 -27.40 -29.14 2.56
CA ILE D 253 -27.99 -30.40 3.02
C ILE D 253 -29.49 -30.34 2.75
N GLY D 254 -30.03 -31.39 2.16
CA GLY D 254 -31.45 -31.49 1.90
C GLY D 254 -31.74 -31.77 0.44
N PRO D 255 -33.02 -31.65 0.05
CA PRO D 255 -34.17 -31.25 0.86
C PRO D 255 -34.63 -32.35 1.82
N ILE D 256 -35.18 -31.98 2.98
CA ILE D 256 -35.75 -32.94 3.92
C ILE D 256 -37.20 -32.55 4.17
N ASP D 257 -37.98 -33.53 4.62
CA ASP D 257 -39.39 -33.31 4.96
C ASP D 257 -39.46 -32.48 6.23
N GLY D 258 -39.98 -31.26 6.11
CA GLY D 258 -40.09 -30.36 7.25
C GLY D 258 -41.15 -30.73 8.26
N HIS D 259 -41.90 -31.81 8.03
CA HIS D 259 -42.88 -32.30 8.98
C HIS D 259 -42.55 -33.70 9.47
N ASP D 260 -41.34 -34.19 9.21
CA ASP D 260 -40.85 -35.46 9.74
C ASP D 260 -39.97 -35.12 10.94
N LEU D 261 -40.56 -35.14 12.13
CA LEU D 261 -39.81 -34.77 13.32
C LEU D 261 -38.59 -35.65 13.55
N PRO D 262 -38.69 -36.98 13.49
CA PRO D 262 -37.47 -37.80 13.61
C PRO D 262 -36.36 -37.37 12.66
N THR D 263 -36.67 -37.10 11.40
CA THR D 263 -35.66 -36.67 10.45
C THR D 263 -35.12 -35.30 10.83
N LEU D 264 -36.00 -34.37 11.16
CA LEU D 264 -35.56 -33.03 11.54
C LEU D 264 -34.61 -33.07 12.72
N VAL D 265 -34.99 -33.79 13.78
CA VAL D 265 -34.16 -33.84 14.99
C VAL D 265 -32.79 -34.40 14.66
N ALA D 266 -32.74 -35.49 13.88
CA ALA D 266 -31.46 -36.13 13.57
C ALA D 266 -30.61 -35.24 12.67
N THR D 267 -31.24 -34.60 11.68
CA THR D 267 -30.49 -33.73 10.78
C THR D 267 -29.92 -32.52 11.52
N LEU D 268 -30.75 -31.86 12.35
CA LEU D 268 -30.27 -30.70 13.09
C LEU D 268 -29.16 -31.08 14.06
N ARG D 269 -29.27 -32.25 14.71
CA ARG D 269 -28.21 -32.71 15.59
C ARG D 269 -26.88 -32.82 14.84
N ASN D 270 -26.92 -33.41 13.64
CA ASN D 270 -25.70 -33.55 12.86
C ASN D 270 -25.11 -32.20 12.48
N MET D 271 -25.96 -31.24 12.08
CA MET D 271 -25.51 -29.95 11.59
C MET D 271 -25.21 -28.96 12.71
N ARG D 272 -25.75 -29.18 13.90
CA ARG D 272 -25.44 -28.28 15.00
C ARG D 272 -23.93 -28.15 15.18
N ASP D 273 -23.21 -29.27 15.11
CA ASP D 273 -21.78 -29.28 15.42
C ASP D 273 -20.89 -29.08 14.21
N MET D 274 -21.44 -29.10 12.99
CA MET D 274 -20.64 -28.83 11.81
C MET D 274 -20.16 -27.39 11.80
N LYS D 275 -18.96 -27.18 11.27
CA LYS D 275 -18.32 -25.86 11.28
C LYS D 275 -18.47 -25.19 9.92
N GLY D 276 -18.47 -23.87 9.93
CA GLY D 276 -18.56 -23.10 8.72
C GLY D 276 -19.99 -22.87 8.27
N PRO D 277 -20.18 -22.16 7.16
CA PRO D 277 -21.53 -21.86 6.68
C PRO D 277 -22.27 -23.12 6.28
N GLN D 278 -23.35 -23.41 7.00
CA GLN D 278 -24.19 -24.58 6.73
C GLN D 278 -25.56 -24.12 6.25
N PHE D 279 -26.07 -24.83 5.24
CA PHE D 279 -27.32 -24.48 4.58
C PHE D 279 -28.21 -25.71 4.55
N LEU D 280 -29.36 -25.63 5.23
CA LEU D 280 -30.30 -26.73 5.32
C LEU D 280 -31.58 -26.38 4.57
N HIS D 281 -31.96 -27.24 3.63
CA HIS D 281 -33.15 -27.03 2.79
C HIS D 281 -34.29 -27.88 3.35
N VAL D 282 -35.29 -27.23 3.93
CA VAL D 282 -36.45 -27.89 4.50
C VAL D 282 -37.67 -27.56 3.66
N VAL D 283 -38.54 -28.56 3.48
CA VAL D 283 -39.76 -28.42 2.69
C VAL D 283 -40.94 -28.55 3.63
N THR D 284 -41.78 -27.51 3.69
CA THR D 284 -42.99 -27.51 4.49
C THR D 284 -44.18 -27.17 3.59
N LYS D 285 -45.38 -27.41 4.12
CA LYS D 285 -46.62 -27.06 3.45
C LYS D 285 -47.31 -25.96 4.25
N LYS D 286 -47.50 -24.80 3.61
CA LYS D 286 -48.20 -23.70 4.28
C LYS D 286 -49.59 -24.14 4.70
N GLY D 287 -49.92 -23.91 5.97
CA GLY D 287 -51.21 -24.31 6.50
C GLY D 287 -51.31 -25.77 6.90
N LYS D 288 -50.18 -26.48 6.97
CA LYS D 288 -50.17 -27.89 7.31
C LYS D 288 -51.05 -28.17 8.52
N GLY D 289 -51.94 -29.16 8.38
CA GLY D 289 -52.79 -29.60 9.46
C GLY D 289 -54.17 -28.98 9.50
N PHE D 290 -54.42 -27.96 8.68
CA PHE D 290 -55.74 -27.34 8.57
C PHE D 290 -56.14 -27.36 7.10
N ALA D 291 -57.08 -28.25 6.75
CA ALA D 291 -57.38 -28.50 5.34
C ALA D 291 -57.76 -27.24 4.57
N PRO D 292 -58.64 -26.37 5.09
CA PRO D 292 -58.97 -25.16 4.31
C PRO D 292 -57.77 -24.29 4.01
N ALA D 293 -56.82 -24.19 4.94
CA ALA D 293 -55.62 -23.39 4.69
C ALA D 293 -54.69 -24.10 3.70
N GLU D 294 -54.57 -25.42 3.81
CA GLU D 294 -53.76 -26.17 2.85
C GLU D 294 -54.27 -25.98 1.43
N LEU D 295 -55.58 -25.78 1.26
CA LEU D 295 -56.18 -25.62 -0.05
C LEU D 295 -56.14 -24.17 -0.52
N ASP D 296 -56.31 -23.22 0.39
CA ASP D 296 -56.33 -21.79 0.08
C ASP D 296 -55.23 -21.10 0.88
N PRO D 297 -53.97 -21.38 0.58
CA PRO D 297 -52.88 -20.80 1.38
C PRO D 297 -52.78 -19.29 1.27
N ILE D 298 -53.32 -18.69 0.20
CA ILE D 298 -53.31 -17.23 0.10
C ILE D 298 -54.33 -16.64 1.05
N GLY D 299 -55.56 -17.17 1.04
CA GLY D 299 -56.60 -16.63 1.90
C GLY D 299 -56.32 -16.85 3.38
N TYR D 300 -55.60 -17.92 3.72
CA TYR D 300 -55.30 -18.25 5.11
C TYR D 300 -53.90 -17.82 5.53
N HIS D 301 -53.27 -16.92 4.76
CA HIS D 301 -52.03 -16.31 5.24
C HIS D 301 -52.24 -15.58 6.55
N ALA D 302 -53.38 -14.87 6.67
CA ALA D 302 -53.80 -14.24 7.90
C ALA D 302 -55.32 -14.33 7.98
N ILE D 303 -55.84 -14.43 9.21
CA ILE D 303 -57.27 -14.50 9.42
C ILE D 303 -57.69 -13.45 10.44
N THR D 304 -58.99 -13.21 10.49
CA THR D 304 -59.60 -12.36 11.50
C THR D 304 -60.18 -13.22 12.62
N LYS D 305 -60.36 -12.61 13.79
CA LYS D 305 -60.77 -13.36 14.97
C LYS D 305 -62.21 -13.83 14.85
N LEU D 306 -62.61 -14.65 15.82
CA LEU D 306 -63.99 -15.10 16.03
C LEU D 306 -64.86 -15.06 14.79
N GLY D 317 -69.32 -0.12 5.85
CA GLY D 317 -69.24 0.06 4.41
C GLY D 317 -68.03 0.87 3.98
N GLY D 318 -67.98 1.22 2.69
CA GLY D 318 -66.89 1.99 2.16
C GLY D 318 -65.76 1.11 1.63
N PRO D 319 -65.34 1.35 0.39
CA PRO D 319 -64.24 0.56 -0.17
C PRO D 319 -62.91 0.89 0.50
N LYS D 320 -62.08 -0.13 0.66
CA LYS D 320 -60.72 0.09 1.13
C LYS D 320 -59.97 0.96 0.14
N TYR D 321 -59.10 1.84 0.66
CA TYR D 321 -58.32 2.70 -0.22
C TYR D 321 -57.54 1.86 -1.24
N SER D 322 -56.98 0.73 -0.80
CA SER D 322 -56.31 -0.16 -1.73
C SER D 322 -57.24 -0.58 -2.87
N SER D 323 -58.51 -0.82 -2.56
CA SER D 323 -59.47 -1.20 -3.60
C SER D 323 -59.79 -0.03 -4.53
N VAL D 324 -59.78 1.20 -4.02
CA VAL D 324 -59.93 2.36 -4.88
C VAL D 324 -58.75 2.46 -5.84
N PHE D 325 -57.55 2.21 -5.33
CA PHE D 325 -56.37 2.21 -6.19
C PHE D 325 -56.47 1.14 -7.27
N GLY D 326 -56.79 -0.09 -6.88
CA GLY D 326 -56.86 -1.17 -7.84
C GLY D 326 -57.87 -0.91 -8.94
N GLN D 327 -58.99 -0.27 -8.60
CA GLN D 327 -59.97 0.08 -9.62
C GLN D 327 -59.45 1.17 -10.54
N TRP D 328 -58.78 2.19 -9.98
CA TRP D 328 -58.16 3.21 -10.81
C TRP D 328 -57.12 2.60 -11.73
N LEU D 329 -56.33 1.64 -11.22
CA LEU D 329 -55.32 1.00 -12.04
C LEU D 329 -55.95 0.32 -13.26
N CYS D 330 -57.03 -0.43 -13.03
CA CYS D 330 -57.72 -1.10 -14.14
C CYS D 330 -58.34 -0.08 -15.09
N ASP D 331 -59.00 0.95 -14.54
CA ASP D 331 -59.68 1.92 -15.39
C ASP D 331 -58.69 2.69 -16.25
N MET D 332 -57.55 3.10 -15.69
CA MET D 332 -56.56 3.82 -16.47
C MET D 332 -55.90 2.91 -17.50
N ALA D 333 -55.62 1.67 -17.11
CA ALA D 333 -55.03 0.72 -18.06
C ALA D 333 -55.94 0.47 -19.25
N ALA D 334 -57.27 0.50 -19.04
CA ALA D 334 -58.20 0.28 -20.13
C ALA D 334 -58.21 1.45 -21.12
N GLN D 335 -57.74 2.62 -20.70
CA GLN D 335 -57.68 3.80 -21.56
C GLN D 335 -56.29 4.10 -22.09
N ASP D 336 -55.26 3.44 -21.55
CA ASP D 336 -53.88 3.81 -21.86
C ASP D 336 -53.05 2.54 -21.84
N ALA D 337 -52.62 2.08 -23.02
CA ALA D 337 -51.84 0.86 -23.13
C ALA D 337 -50.44 1.00 -22.54
N ARG D 338 -50.02 2.21 -22.18
CA ARG D 338 -48.68 2.41 -21.63
C ARG D 338 -48.58 2.02 -20.16
N LEU D 339 -49.69 1.96 -19.43
CA LEU D 339 -49.65 1.72 -18.00
C LEU D 339 -49.09 0.34 -17.70
N LEU D 340 -48.10 0.29 -16.81
CA LEU D 340 -47.58 -0.96 -16.27
C LEU D 340 -47.69 -0.91 -14.75
N GLY D 341 -48.11 -2.02 -14.16
CA GLY D 341 -48.28 -2.13 -12.72
C GLY D 341 -47.26 -3.07 -12.12
N ILE D 342 -46.52 -2.58 -11.11
CA ILE D 342 -45.44 -3.31 -10.46
C ILE D 342 -45.74 -3.42 -8.98
N THR D 343 -45.50 -4.60 -8.41
CA THR D 343 -45.61 -4.80 -6.97
C THR D 343 -44.46 -5.67 -6.50
N PRO D 344 -43.92 -5.42 -5.30
CA PRO D 344 -42.96 -6.37 -4.71
C PRO D 344 -43.66 -7.38 -3.81
N ALA D 345 -44.27 -8.39 -4.43
CA ALA D 345 -44.87 -9.53 -3.76
C ALA D 345 -46.10 -9.16 -2.93
N MET D 346 -46.77 -8.06 -3.26
CA MET D 346 -47.93 -7.60 -2.50
C MET D 346 -49.12 -7.37 -3.44
N LYS D 347 -49.42 -8.36 -4.26
CA LYS D 347 -50.61 -8.26 -5.12
C LYS D 347 -51.88 -8.12 -4.30
N GLU D 348 -52.00 -8.91 -3.22
CA GLU D 348 -53.23 -8.91 -2.45
C GLU D 348 -53.37 -7.64 -1.61
N GLY D 349 -52.29 -7.24 -0.93
CA GLY D 349 -52.37 -6.09 -0.05
C GLY D 349 -52.60 -4.79 -0.79
N SER D 350 -51.75 -4.50 -1.78
CA SER D 350 -51.95 -3.31 -2.60
C SER D 350 -53.16 -3.47 -3.52
N ASP D 351 -53.62 -4.69 -3.74
CA ASP D 351 -54.81 -4.98 -4.52
C ASP D 351 -54.60 -4.75 -6.01
N LEU D 352 -53.65 -5.49 -6.60
CA LEU D 352 -53.50 -5.56 -8.05
C LEU D 352 -54.15 -6.83 -8.61
N VAL D 353 -55.15 -7.37 -7.91
CA VAL D 353 -55.70 -8.67 -8.26
C VAL D 353 -56.40 -8.60 -9.62
N ALA D 354 -57.40 -7.72 -9.74
CA ALA D 354 -58.12 -7.60 -11.00
C ALA D 354 -57.19 -7.17 -12.13
N PHE D 355 -56.30 -6.21 -11.86
CA PHE D 355 -55.38 -5.75 -12.88
C PHE D 355 -54.50 -6.89 -13.39
N SER D 356 -54.02 -7.75 -12.48
CA SER D 356 -53.17 -8.86 -12.88
C SER D 356 -53.93 -9.86 -13.76
N GLU D 357 -55.25 -9.96 -13.56
CA GLU D 357 -56.04 -10.92 -14.34
C GLU D 357 -56.41 -10.35 -15.70
N ARG D 358 -56.78 -9.07 -15.77
CA ARG D 358 -57.20 -8.48 -17.02
C ARG D 358 -56.03 -8.12 -17.94
N TYR D 359 -54.89 -7.73 -17.35
CA TYR D 359 -53.74 -7.27 -18.12
C TYR D 359 -52.49 -8.03 -17.66
N PRO D 360 -52.48 -9.35 -17.83
CA PRO D 360 -51.33 -10.13 -17.35
C PRO D 360 -50.02 -9.70 -17.98
N GLU D 361 -50.05 -9.19 -19.21
CA GLU D 361 -48.83 -8.79 -19.90
C GLU D 361 -48.24 -7.50 -19.35
N ARG D 362 -49.00 -6.74 -18.56
CA ARG D 362 -48.55 -5.45 -18.04
C ARG D 362 -48.50 -5.45 -16.51
N TYR D 363 -48.50 -6.64 -15.90
CA TYR D 363 -48.42 -6.79 -14.46
C TYR D 363 -47.11 -7.50 -14.12
N PHE D 364 -46.40 -6.97 -13.13
CA PHE D 364 -45.07 -7.48 -12.79
C PHE D 364 -44.93 -7.61 -11.28
N ASP D 365 -44.91 -8.86 -10.80
CA ASP D 365 -44.54 -9.18 -9.42
C ASP D 365 -43.05 -9.51 -9.41
N VAL D 366 -42.26 -8.67 -8.73
CA VAL D 366 -40.81 -8.79 -8.75
C VAL D 366 -40.28 -9.60 -7.56
N ALA D 367 -41.16 -10.32 -6.85
CA ALA D 367 -40.79 -10.96 -5.59
C ALA D 367 -40.58 -9.88 -4.54
N ILE D 368 -39.92 -10.21 -3.44
CA ILE D 368 -39.69 -9.25 -2.37
C ILE D 368 -38.43 -8.47 -2.71
N ALA D 369 -38.53 -7.61 -3.72
CA ALA D 369 -37.39 -6.92 -4.30
C ALA D 369 -37.75 -5.44 -4.55
N GLU D 370 -38.02 -4.72 -3.46
CA GLU D 370 -38.41 -3.32 -3.58
C GLU D 370 -37.40 -2.52 -4.39
N GLN D 371 -36.10 -2.76 -4.17
CA GLN D 371 -35.08 -2.04 -4.91
C GLN D 371 -35.28 -2.20 -6.41
N HIS D 372 -35.36 -3.45 -6.87
CA HIS D 372 -35.46 -3.71 -8.31
C HIS D 372 -36.76 -3.19 -8.89
N ALA D 373 -37.85 -3.23 -8.11
CA ALA D 373 -39.13 -2.72 -8.59
C ALA D 373 -39.01 -1.29 -9.10
N VAL D 374 -38.27 -0.44 -8.37
CA VAL D 374 -38.22 0.98 -8.70
C VAL D 374 -37.29 1.21 -9.88
N THR D 375 -36.09 0.61 -9.86
CA THR D 375 -35.18 0.78 -10.99
C THR D 375 -35.75 0.16 -12.26
N LEU D 376 -36.47 -0.96 -12.12
CA LEU D 376 -37.19 -1.54 -13.25
C LEU D 376 -38.15 -0.52 -13.85
N ALA D 377 -38.96 0.11 -13.00
CA ALA D 377 -39.88 1.14 -13.48
C ALA D 377 -39.14 2.27 -14.17
N ALA D 378 -37.98 2.67 -13.63
CA ALA D 378 -37.19 3.71 -14.28
C ALA D 378 -36.82 3.31 -15.70
N GLY D 379 -36.39 2.07 -15.90
CA GLY D 379 -36.05 1.61 -17.24
C GLY D 379 -37.25 1.60 -18.16
N MET D 380 -38.39 1.13 -17.65
CA MET D 380 -39.62 1.18 -18.44
C MET D 380 -39.96 2.61 -18.87
N ALA D 381 -39.81 3.56 -17.94
CA ALA D 381 -40.13 4.95 -18.26
C ALA D 381 -39.20 5.50 -19.33
N CYS D 382 -37.97 4.98 -19.42
CA CYS D 382 -37.04 5.45 -20.44
C CYS D 382 -37.54 5.15 -21.84
N GLU D 383 -38.40 4.15 -22.01
CA GLU D 383 -38.95 3.79 -23.31
C GLU D 383 -40.33 4.39 -23.55
N GLY D 384 -40.77 5.32 -22.71
CA GLY D 384 -42.06 5.96 -22.89
C GLY D 384 -43.22 5.21 -22.30
N MET D 385 -43.00 4.13 -21.58
CA MET D 385 -44.08 3.48 -20.86
C MET D 385 -44.35 4.22 -19.55
N LYS D 386 -45.47 3.86 -18.91
CA LYS D 386 -45.99 4.59 -17.75
C LYS D 386 -46.12 3.63 -16.57
N PRO D 387 -45.01 3.32 -15.90
CA PRO D 387 -45.08 2.36 -14.79
C PRO D 387 -45.67 2.98 -13.54
N VAL D 388 -46.39 2.15 -12.79
CA VAL D 388 -46.93 2.51 -11.48
C VAL D 388 -46.37 1.52 -10.48
N VAL D 389 -45.63 2.02 -9.50
CA VAL D 389 -45.04 1.18 -8.46
C VAL D 389 -45.97 1.22 -7.25
N ALA D 390 -46.65 0.10 -7.00
CA ALA D 390 -47.45 -0.08 -5.80
C ALA D 390 -46.55 -0.59 -4.68
N ILE D 391 -46.45 0.17 -3.59
CA ILE D 391 -45.50 -0.14 -2.54
C ILE D 391 -45.92 0.51 -1.23
N TYR D 392 -45.87 -0.24 -0.13
CA TYR D 392 -46.20 0.31 1.17
C TYR D 392 -45.15 1.34 1.59
N SER D 393 -45.61 2.38 2.29
CA SER D 393 -44.70 3.41 2.77
C SER D 393 -43.53 2.80 3.55
N THR D 394 -43.81 1.79 4.37
CA THR D 394 -42.75 1.22 5.20
C THR D 394 -41.77 0.41 4.37
N PHE D 395 -42.21 -0.17 3.25
CA PHE D 395 -41.30 -0.94 2.41
C PHE D 395 -40.60 -0.07 1.37
N LEU D 396 -41.15 1.10 1.06
CA LEU D 396 -40.50 2.01 0.13
C LEU D 396 -39.18 2.54 0.68
N GLN D 397 -39.04 2.59 2.01
CA GLN D 397 -37.77 3.05 2.58
C GLN D 397 -36.63 2.12 2.21
N ARG D 398 -36.91 0.89 1.79
CA ARG D 398 -35.87 -0.02 1.31
C ARG D 398 -35.46 0.25 -0.13
N ALA D 399 -36.27 1.00 -0.88
CA ALA D 399 -35.94 1.39 -2.25
C ALA D 399 -35.62 2.88 -2.36
N TYR D 400 -35.29 3.52 -1.24
CA TYR D 400 -35.08 4.96 -1.21
C TYR D 400 -34.01 5.39 -2.21
N ASP D 401 -32.91 4.63 -2.29
CA ASP D 401 -31.82 5.03 -3.18
C ASP D 401 -32.22 4.92 -4.64
N GLN D 402 -33.00 3.89 -4.99
CA GLN D 402 -33.45 3.75 -6.38
C GLN D 402 -34.43 4.87 -6.73
N LEU D 403 -35.29 5.25 -5.80
CA LEU D 403 -36.19 6.37 -6.04
C LEU D 403 -35.41 7.66 -6.30
N ILE D 404 -34.39 7.93 -5.47
CA ILE D 404 -33.64 9.17 -5.60
C ILE D 404 -32.76 9.13 -6.84
N HIS D 405 -31.86 8.14 -6.90
CA HIS D 405 -30.79 8.14 -7.89
C HIS D 405 -31.30 7.75 -9.28
N ASP D 406 -32.18 6.76 -9.36
CA ASP D 406 -32.61 6.24 -10.65
C ASP D 406 -33.84 6.96 -11.20
N VAL D 407 -34.71 7.47 -10.35
CA VAL D 407 -35.94 8.11 -10.80
C VAL D 407 -35.86 9.62 -10.67
N ALA D 408 -35.67 10.12 -9.45
CA ALA D 408 -35.76 11.56 -9.22
C ALA D 408 -34.64 12.32 -9.92
N VAL D 409 -33.40 11.85 -9.79
CA VAL D 409 -32.28 12.55 -10.41
C VAL D 409 -32.47 12.65 -11.92
N GLN D 410 -33.12 11.67 -12.53
CA GLN D 410 -33.40 11.66 -13.96
C GLN D 410 -34.78 12.21 -14.30
N HIS D 411 -35.54 12.64 -13.30
CA HIS D 411 -36.89 13.16 -13.49
C HIS D 411 -37.72 12.24 -14.39
N LEU D 412 -37.64 10.94 -14.12
CA LEU D 412 -38.36 9.97 -14.91
C LEU D 412 -39.83 9.89 -14.49
N ASP D 413 -40.68 9.50 -15.44
CA ASP D 413 -42.13 9.51 -15.27
C ASP D 413 -42.54 8.20 -14.63
N VAL D 414 -42.51 8.16 -13.30
CA VAL D 414 -42.89 6.99 -12.51
C VAL D 414 -43.86 7.43 -11.42
N LEU D 415 -44.96 6.70 -11.26
CA LEU D 415 -45.93 6.96 -10.22
C LEU D 415 -45.77 5.97 -9.09
N PHE D 416 -45.68 6.47 -7.86
CA PHE D 416 -45.59 5.65 -6.66
C PHE D 416 -46.92 5.71 -5.93
N ALA D 417 -47.60 4.57 -5.85
CA ALA D 417 -48.87 4.43 -5.13
C ALA D 417 -48.54 3.89 -3.74
N ILE D 418 -48.46 4.78 -2.76
CA ILE D 418 -47.91 4.46 -1.44
C ILE D 418 -49.08 4.13 -0.52
N ASP D 419 -49.31 2.83 -0.32
CA ASP D 419 -50.33 2.32 0.59
C ASP D 419 -49.76 2.22 2.01
N ARG D 420 -50.65 1.91 2.95
CA ARG D 420 -50.31 1.80 4.37
C ARG D 420 -49.54 3.03 4.86
N ALA D 421 -49.98 4.20 4.44
CA ALA D 421 -49.40 5.45 4.92
C ALA D 421 -50.03 5.80 6.27
N GLY D 422 -49.19 6.14 7.24
CA GLY D 422 -49.64 6.39 8.59
C GLY D 422 -49.50 5.18 9.49
N LEU D 423 -50.34 5.16 10.54
CA LEU D 423 -50.36 4.06 11.48
C LEU D 423 -51.16 2.90 10.91
N VAL D 424 -50.63 1.69 11.04
CA VAL D 424 -51.22 0.51 10.40
C VAL D 424 -51.90 -0.42 11.40
N GLY D 425 -51.79 -0.16 12.69
CA GLY D 425 -52.54 -0.92 13.68
C GLY D 425 -51.73 -2.06 14.27
N GLU D 426 -52.29 -3.27 14.21
CA GLU D 426 -51.78 -4.38 15.00
C GLU D 426 -50.38 -4.80 14.58
N ASP D 427 -50.04 -4.67 13.30
CA ASP D 427 -48.70 -5.03 12.86
C ASP D 427 -47.62 -4.18 13.53
N GLY D 428 -47.99 -3.03 14.08
CA GLY D 428 -47.10 -2.28 14.94
C GLY D 428 -46.06 -1.45 14.22
N PRO D 429 -45.04 -1.00 14.97
CA PRO D 429 -44.13 0.03 14.44
C PRO D 429 -43.17 -0.46 13.36
N THR D 430 -42.89 -1.75 13.26
CA THR D 430 -42.03 -2.20 12.17
C THR D 430 -42.66 -1.92 10.81
N HIS D 431 -43.98 -1.75 10.75
CA HIS D 431 -44.70 -1.59 9.49
C HIS D 431 -45.35 -0.21 9.36
N ALA D 432 -45.16 0.68 10.32
CA ALA D 432 -45.82 1.98 10.27
C ALA D 432 -45.27 2.82 9.11
N GLY D 433 -46.18 3.46 8.39
CA GLY D 433 -45.82 4.36 7.32
C GLY D 433 -45.71 5.80 7.81
N SER D 434 -44.76 6.03 8.71
CA SER D 434 -44.69 7.27 9.47
C SER D 434 -43.85 8.35 8.81
N PHE D 435 -43.02 8.01 7.80
CA PHE D 435 -41.97 8.91 7.37
C PHE D 435 -41.96 9.28 5.89
N ASP D 436 -42.90 8.79 5.08
CA ASP D 436 -42.74 8.96 3.63
C ASP D 436 -42.88 10.41 3.19
N ILE D 437 -43.70 11.21 3.86
CA ILE D 437 -43.74 12.63 3.52
C ILE D 437 -42.38 13.26 3.81
N SER D 438 -41.78 12.93 4.96
CA SER D 438 -40.52 13.54 5.33
C SER D 438 -39.39 13.12 4.38
N TYR D 439 -39.29 11.83 4.04
CA TYR D 439 -38.15 11.40 3.24
C TYR D 439 -38.33 11.61 1.74
N LEU D 440 -39.55 11.86 1.28
CA LEU D 440 -39.75 12.13 -0.14
C LEU D 440 -39.74 13.62 -0.46
N ARG D 441 -40.26 14.46 0.44
CA ARG D 441 -40.44 15.87 0.12
C ARG D 441 -39.12 16.63 0.04
N CYS D 442 -38.05 16.08 0.61
CA CYS D 442 -36.74 16.71 0.49
C CYS D 442 -36.03 16.36 -0.81
N ILE D 443 -36.62 15.53 -1.65
CA ILE D 443 -35.98 15.07 -2.88
C ILE D 443 -36.44 15.98 -4.02
N PRO D 444 -35.53 16.65 -4.72
CA PRO D 444 -35.95 17.50 -5.84
C PRO D 444 -36.63 16.70 -6.93
N GLY D 445 -37.70 17.28 -7.49
CA GLY D 445 -38.43 16.67 -8.58
C GLY D 445 -39.66 15.88 -8.16
N MET D 446 -39.79 15.55 -6.88
CA MET D 446 -40.90 14.73 -6.41
C MET D 446 -42.17 15.57 -6.29
N LEU D 447 -43.26 15.06 -6.88
CA LEU D 447 -44.60 15.57 -6.64
C LEU D 447 -45.24 14.70 -5.57
N VAL D 448 -45.58 15.29 -4.44
CA VAL D 448 -46.00 14.56 -3.25
C VAL D 448 -47.42 14.96 -2.90
N MET D 449 -48.34 13.99 -2.89
CA MET D 449 -49.76 14.23 -2.73
C MET D 449 -50.33 13.40 -1.59
N THR D 450 -51.37 13.94 -0.95
CA THR D 450 -51.97 13.35 0.24
C THR D 450 -53.49 13.41 0.15
N PRO D 451 -54.11 12.45 -0.53
CA PRO D 451 -55.58 12.49 -0.70
C PRO D 451 -56.30 12.33 0.63
N SER D 452 -57.48 12.95 0.71
CA SER D 452 -58.25 12.99 1.94
C SER D 452 -59.44 12.03 1.97
N ASP D 453 -59.81 11.45 0.83
CA ASP D 453 -60.89 10.47 0.81
C ASP D 453 -60.79 9.67 -0.49
N GLU D 454 -61.80 8.82 -0.74
CA GLU D 454 -61.75 7.92 -1.88
C GLU D 454 -61.74 8.69 -3.19
N ASP D 455 -62.59 9.71 -3.30
CA ASP D 455 -62.63 10.50 -4.53
C ASP D 455 -61.31 11.20 -4.80
N GLU D 456 -60.70 11.76 -3.75
CA GLU D 456 -59.43 12.45 -3.92
C GLU D 456 -58.31 11.50 -4.30
N LEU D 457 -58.34 10.26 -3.80
CA LEU D 457 -57.31 9.29 -4.16
C LEU D 457 -57.35 9.01 -5.66
N ARG D 458 -58.54 8.75 -6.20
CA ARG D 458 -58.69 8.53 -7.63
C ARG D 458 -58.15 9.71 -8.42
N LYS D 459 -58.50 10.93 -8.01
CA LYS D 459 -58.12 12.11 -8.78
C LYS D 459 -56.62 12.38 -8.69
N LEU D 460 -56.02 12.17 -7.52
CA LEU D 460 -54.61 12.47 -7.37
C LEU D 460 -53.74 11.39 -8.00
N LEU D 461 -54.18 10.12 -7.97
CA LEU D 461 -53.53 9.10 -8.77
C LEU D 461 -53.48 9.53 -10.23
N THR D 462 -54.62 9.98 -10.76
CA THR D 462 -54.67 10.45 -12.14
C THR D 462 -53.70 11.61 -12.36
N THR D 463 -53.71 12.58 -11.43
CA THR D 463 -52.85 13.74 -11.58
C THR D 463 -51.37 13.35 -11.61
N GLY D 464 -50.95 12.50 -10.67
CA GLY D 464 -49.56 12.07 -10.65
C GLY D 464 -49.20 11.19 -11.83
N TYR D 465 -50.13 10.31 -12.23
CA TYR D 465 -49.89 9.47 -13.40
C TYR D 465 -49.64 10.33 -14.65
N LEU D 466 -50.50 11.31 -14.89
CA LEU D 466 -50.36 12.14 -16.08
C LEU D 466 -49.20 13.13 -15.97
N PHE D 467 -48.78 13.47 -14.75
CA PHE D 467 -47.65 14.38 -14.58
C PHE D 467 -46.40 13.76 -15.19
N ASP D 468 -45.65 14.58 -15.94
CA ASP D 468 -44.46 14.12 -16.65
C ASP D 468 -43.26 14.23 -15.71
N GLY D 469 -43.17 13.26 -14.81
CA GLY D 469 -42.13 13.23 -13.80
C GLY D 469 -42.50 12.35 -12.62
N PRO D 470 -41.62 12.28 -11.63
CA PRO D 470 -41.88 11.40 -10.47
C PRO D 470 -43.00 11.96 -9.59
N ALA D 471 -43.94 11.09 -9.21
CA ALA D 471 -45.06 11.49 -8.38
C ALA D 471 -45.35 10.41 -7.34
N ALA D 472 -45.85 10.83 -6.19
CA ALA D 472 -46.17 9.94 -5.08
C ALA D 472 -47.54 10.28 -4.51
N VAL D 473 -48.36 9.25 -4.29
CA VAL D 473 -49.69 9.40 -3.72
C VAL D 473 -49.79 8.44 -2.53
N ARG D 474 -49.96 9.00 -1.33
CA ARG D 474 -49.94 8.24 -0.09
C ARG D 474 -51.36 8.11 0.47
N TYR D 475 -51.69 6.92 0.98
CA TYR D 475 -53.00 6.68 1.54
C TYR D 475 -52.91 5.57 2.57
N PRO D 476 -53.84 5.51 3.52
CA PRO D 476 -53.72 4.57 4.64
C PRO D 476 -54.36 3.22 4.37
N ARG D 477 -54.07 2.29 5.28
CA ARG D 477 -54.81 1.04 5.36
C ARG D 477 -56.28 1.31 5.65
N GLY D 478 -57.11 0.35 5.27
CA GLY D 478 -58.52 0.40 5.62
C GLY D 478 -59.34 1.24 4.67
N SER D 479 -60.56 1.55 5.12
CA SER D 479 -61.52 2.31 4.35
C SER D 479 -61.59 3.75 4.86
N GLY D 480 -62.35 4.58 4.14
CA GLY D 480 -62.39 6.00 4.39
C GLY D 480 -63.76 6.48 4.84
N PRO D 481 -64.06 7.75 4.59
CA PRO D 481 -65.38 8.29 4.97
C PRO D 481 -66.51 7.87 4.04
N ASN D 482 -66.21 7.16 2.96
CA ASN D 482 -67.23 6.63 2.05
C ASN D 482 -67.97 7.77 1.33
N HIS D 483 -67.20 8.67 0.73
CA HIS D 483 -67.79 9.74 -0.06
C HIS D 483 -67.95 9.28 -1.51
N PRO D 484 -68.84 9.92 -2.27
CA PRO D 484 -69.03 9.50 -3.67
C PRO D 484 -67.74 9.63 -4.46
N ILE D 485 -67.52 8.69 -5.38
CA ILE D 485 -66.35 8.68 -6.25
C ILE D 485 -66.79 9.04 -7.66
N ASP D 486 -66.19 10.08 -8.22
CA ASP D 486 -66.43 10.46 -9.62
C ASP D 486 -65.82 9.41 -10.54
N PRO D 487 -66.59 8.80 -11.46
CA PRO D 487 -66.02 7.76 -12.31
C PRO D 487 -65.08 8.28 -13.38
N ASP D 488 -65.12 9.58 -13.69
CA ASP D 488 -64.23 10.12 -14.71
C ASP D 488 -62.78 10.01 -14.27
N LEU D 489 -61.88 10.15 -15.24
CA LEU D 489 -60.43 10.06 -15.02
C LEU D 489 -59.80 11.36 -15.51
N GLN D 490 -59.96 12.42 -14.72
CA GLN D 490 -59.38 13.70 -15.02
C GLN D 490 -58.50 14.16 -13.87
N PRO D 491 -57.40 14.85 -14.16
CA PRO D 491 -56.53 15.35 -13.10
C PRO D 491 -57.04 16.66 -12.52
N VAL D 492 -56.41 17.07 -11.42
CA VAL D 492 -56.67 18.37 -10.80
C VAL D 492 -55.41 19.21 -10.93
N GLU D 493 -55.58 20.52 -10.80
CA GLU D 493 -54.45 21.43 -10.93
C GLU D 493 -53.38 21.11 -9.88
N ILE D 494 -52.13 21.03 -10.33
CA ILE D 494 -51.04 20.69 -9.45
C ILE D 494 -50.71 21.87 -8.55
N GLY D 495 -50.45 21.59 -7.28
CA GLY D 495 -50.06 22.61 -6.34
C GLY D 495 -51.19 23.51 -5.85
N LYS D 496 -52.44 23.06 -5.96
CA LYS D 496 -53.60 23.85 -5.52
C LYS D 496 -54.40 23.06 -4.50
N GLY D 497 -54.62 23.66 -3.33
CA GLY D 497 -55.50 23.07 -2.34
C GLY D 497 -56.95 23.49 -2.55
N VAL D 498 -57.84 22.84 -1.82
CA VAL D 498 -59.28 23.10 -1.88
C VAL D 498 -59.75 23.58 -0.52
N VAL D 499 -60.41 24.73 -0.50
CA VAL D 499 -61.02 25.23 0.73
C VAL D 499 -62.32 24.47 0.94
N ARG D 500 -62.35 23.62 1.96
CA ARG D 500 -63.53 22.83 2.28
C ARG D 500 -64.50 23.57 3.20
N ARG D 501 -64.06 24.62 3.87
CA ARG D 501 -64.86 25.32 4.85
C ARG D 501 -64.24 26.67 5.09
N ARG D 502 -65.05 27.73 4.96
CA ARG D 502 -64.57 29.09 5.15
C ARG D 502 -65.09 29.61 6.49
N GLY D 503 -64.18 29.90 7.40
CA GLY D 503 -64.53 30.38 8.73
C GLY D 503 -63.65 31.54 9.13
N GLY D 504 -63.16 31.55 10.36
CA GLY D 504 -62.32 32.64 10.81
C GLY D 504 -61.46 32.25 12.00
N ARG D 505 -60.55 33.16 12.33
CA ARG D 505 -59.68 33.06 13.50
C ARG D 505 -58.58 32.02 13.31
N VAL D 506 -58.95 30.76 13.10
CA VAL D 506 -57.98 29.67 12.96
C VAL D 506 -58.29 28.91 11.68
N ALA D 507 -57.24 28.50 10.99
CA ALA D 507 -57.34 27.75 9.75
C ALA D 507 -56.61 26.42 9.91
N LEU D 508 -57.28 25.33 9.51
CA LEU D 508 -56.72 24.00 9.59
C LEU D 508 -56.28 23.57 8.19
N LEU D 509 -54.97 23.39 8.02
CA LEU D 509 -54.38 22.97 6.75
C LEU D 509 -54.15 21.46 6.84
N VAL D 510 -55.01 20.68 6.21
CA VAL D 510 -55.02 19.23 6.37
C VAL D 510 -54.37 18.59 5.16
N PHE D 511 -53.37 17.76 5.40
CA PHE D 511 -52.74 16.93 4.38
C PHE D 511 -53.16 15.48 4.66
N GLY D 512 -54.27 15.05 4.04
CA GLY D 512 -54.63 13.65 4.05
C GLY D 512 -55.96 13.41 4.75
N VAL D 513 -56.08 12.21 5.34
CA VAL D 513 -57.38 11.65 5.70
C VAL D 513 -57.89 12.12 7.05
N GLN D 514 -57.18 12.98 7.76
CA GLN D 514 -57.73 13.57 8.97
C GLN D 514 -58.71 14.70 8.66
N LEU D 515 -59.03 14.93 7.38
CA LEU D 515 -59.92 16.02 7.01
C LEU D 515 -61.27 15.90 7.70
N ALA D 516 -61.84 14.69 7.75
CA ALA D 516 -63.15 14.52 8.36
C ALA D 516 -63.12 14.91 9.84
N GLU D 517 -62.07 14.48 10.56
CA GLU D 517 -61.93 14.88 11.96
C GLU D 517 -61.78 16.39 12.08
N ALA D 518 -60.99 17.00 11.19
CA ALA D 518 -60.80 18.44 11.24
C ALA D 518 -62.11 19.18 10.97
N MET D 519 -62.96 18.62 10.12
CA MET D 519 -64.25 19.26 9.84
C MET D 519 -65.14 19.25 11.09
N LYS D 520 -65.10 18.18 11.87
CA LYS D 520 -65.84 18.15 13.13
C LYS D 520 -65.34 19.23 14.08
N VAL D 521 -64.03 19.30 14.27
CA VAL D 521 -63.46 20.35 15.13
C VAL D 521 -63.88 21.72 14.61
N ALA D 522 -63.87 21.91 13.29
CA ALA D 522 -64.20 23.21 12.73
C ALA D 522 -65.65 23.60 12.99
N GLU D 523 -66.53 22.61 13.17
CA GLU D 523 -67.92 22.91 13.48
C GLU D 523 -68.04 23.70 14.78
N SER D 524 -67.29 23.31 15.81
CA SER D 524 -67.40 23.94 17.11
C SER D 524 -66.64 25.26 17.17
N LEU D 525 -65.50 25.35 16.48
CA LEU D 525 -64.67 26.55 16.50
C LEU D 525 -64.94 27.49 15.33
N ASP D 526 -65.77 27.09 14.36
CA ASP D 526 -66.02 27.86 13.15
C ASP D 526 -64.72 28.19 12.42
N ALA D 527 -63.88 27.18 12.25
CA ALA D 527 -62.58 27.37 11.64
C ALA D 527 -62.66 27.23 10.11
N THR D 528 -61.70 27.84 9.44
CA THR D 528 -61.45 27.54 8.03
C THR D 528 -60.77 26.18 7.93
N VAL D 529 -61.09 25.44 6.88
CA VAL D 529 -60.52 24.11 6.65
C VAL D 529 -60.09 24.02 5.19
N VAL D 530 -58.82 23.71 4.96
CA VAL D 530 -58.26 23.52 3.63
C VAL D 530 -57.87 22.06 3.46
N ASP D 531 -58.29 21.46 2.36
CA ASP D 531 -57.81 20.16 1.92
C ASP D 531 -56.60 20.42 1.02
N MET D 532 -55.40 20.29 1.59
CA MET D 532 -54.21 20.83 0.92
C MET D 532 -53.87 20.06 -0.36
N ARG D 533 -54.14 18.76 -0.41
CA ARG D 533 -53.88 17.92 -1.57
C ARG D 533 -52.40 17.69 -1.84
N PHE D 534 -51.59 18.76 -1.84
CA PHE D 534 -50.20 18.69 -2.25
C PHE D 534 -49.28 19.13 -1.12
N VAL D 535 -48.29 18.29 -0.80
CA VAL D 535 -47.17 18.71 0.03
C VAL D 535 -46.14 19.45 -0.81
N LYS D 536 -45.90 18.97 -2.03
CA LYS D 536 -44.88 19.50 -2.91
C LYS D 536 -45.34 19.30 -4.36
N PRO D 537 -45.50 20.37 -5.14
CA PRO D 537 -45.34 21.79 -4.77
C PRO D 537 -46.46 22.25 -3.85
N LEU D 538 -46.13 23.12 -2.89
CA LEU D 538 -47.10 23.62 -1.94
C LEU D 538 -47.92 24.76 -2.54
N ASP D 539 -49.19 24.84 -2.14
CA ASP D 539 -50.08 25.93 -2.57
C ASP D 539 -49.68 27.18 -1.78
N GLU D 540 -48.59 27.80 -2.21
CA GLU D 540 -48.02 28.92 -1.47
C GLU D 540 -48.96 30.12 -1.46
N ALA D 541 -49.70 30.34 -2.55
CA ALA D 541 -50.61 31.49 -2.59
C ALA D 541 -51.70 31.36 -1.54
N LEU D 542 -52.28 30.16 -1.39
CA LEU D 542 -53.31 29.96 -0.37
C LEU D 542 -52.73 30.14 1.03
N VAL D 543 -51.59 29.51 1.30
CA VAL D 543 -50.96 29.64 2.61
C VAL D 543 -50.71 31.11 2.92
N ARG D 544 -50.23 31.86 1.93
CA ARG D 544 -49.96 33.29 2.12
C ARG D 544 -51.24 34.04 2.50
N GLU D 545 -52.34 33.74 1.79
CA GLU D 545 -53.61 34.40 2.08
C GLU D 545 -54.08 34.08 3.50
N LEU D 546 -54.09 32.79 3.85
CA LEU D 546 -54.58 32.42 5.17
C LEU D 546 -53.70 32.97 6.28
N ALA D 547 -52.39 33.05 6.05
CA ALA D 547 -51.49 33.59 7.06
C ALA D 547 -51.80 35.06 7.36
N GLY D 548 -52.34 35.79 6.38
CA GLY D 548 -52.68 37.18 6.56
C GLY D 548 -54.07 37.45 7.10
N SER D 549 -54.93 36.43 7.11
CA SER D 549 -56.33 36.60 7.49
C SER D 549 -56.73 35.84 8.75
N HIS D 550 -55.88 34.95 9.27
CA HIS D 550 -56.19 34.19 10.47
C HIS D 550 -55.12 34.42 11.52
N GLU D 551 -55.47 34.10 12.77
CA GLU D 551 -54.57 34.27 13.90
C GLU D 551 -53.74 33.03 14.20
N LEU D 552 -54.10 31.88 13.63
CA LEU D 552 -53.42 30.63 13.90
C LEU D 552 -53.58 29.72 12.69
N LEU D 553 -52.46 29.17 12.21
CA LEU D 553 -52.48 28.11 11.21
C LEU D 553 -52.15 26.79 11.89
N VAL D 554 -52.92 25.75 11.55
CA VAL D 554 -52.74 24.43 12.14
C VAL D 554 -52.59 23.43 11.00
N THR D 555 -51.45 22.74 10.96
CA THR D 555 -51.21 21.70 9.97
C THR D 555 -51.50 20.34 10.59
N ILE D 556 -52.08 19.45 9.80
CA ILE D 556 -52.46 18.11 10.27
C ILE D 556 -52.06 17.10 9.21
N GLU D 557 -51.35 16.05 9.63
CA GLU D 557 -50.84 15.04 8.73
C GLU D 557 -50.68 13.75 9.52
N GLU D 558 -50.77 12.62 8.83
CA GLU D 558 -50.49 11.31 9.44
C GLU D 558 -49.09 10.85 9.07
N ASN D 559 -48.13 11.63 9.56
CA ASN D 559 -46.72 11.48 9.25
C ASN D 559 -45.95 12.19 10.34
N ALA D 560 -44.69 11.78 10.54
CA ALA D 560 -43.85 12.42 11.53
C ALA D 560 -43.93 13.94 11.41
N VAL D 561 -44.10 14.61 12.54
CA VAL D 561 -44.04 16.07 12.56
C VAL D 561 -42.67 16.54 12.08
N MET D 562 -41.62 15.83 12.50
CA MET D 562 -40.26 16.19 12.11
C MET D 562 -40.09 15.96 10.61
N GLY D 563 -39.86 17.05 9.87
CA GLY D 563 -39.64 16.98 8.44
C GLY D 563 -40.89 16.82 7.60
N GLY D 564 -42.07 16.82 8.21
CA GLY D 564 -43.30 16.49 7.52
C GLY D 564 -43.92 17.66 6.79
N ALA D 565 -45.19 17.47 6.40
CA ALA D 565 -45.88 18.47 5.62
C ALA D 565 -46.05 19.79 6.38
N GLY D 566 -46.33 19.72 7.68
CA GLY D 566 -46.40 20.92 8.47
C GLY D 566 -45.12 21.74 8.39
N SER D 567 -43.98 21.05 8.32
CA SER D 567 -42.70 21.75 8.24
C SER D 567 -42.49 22.41 6.89
N ALA D 568 -43.10 21.86 5.83
CA ALA D 568 -43.03 22.54 4.54
C ALA D 568 -43.76 23.87 4.58
N VAL D 569 -44.90 23.92 5.28
CA VAL D 569 -45.59 25.18 5.50
C VAL D 569 -44.71 26.14 6.31
N GLY D 570 -44.11 25.61 7.38
CA GLY D 570 -43.24 26.45 8.21
C GLY D 570 -42.06 27.00 7.44
N GLU D 571 -41.45 26.17 6.59
CA GLU D 571 -40.35 26.64 5.75
C GLU D 571 -40.81 27.78 4.86
N PHE D 572 -42.02 27.68 4.31
CA PHE D 572 -42.51 28.74 3.43
C PHE D 572 -42.78 30.02 4.21
N LEU D 573 -43.50 29.92 5.34
CA LEU D 573 -43.73 31.10 6.17
C LEU D 573 -42.42 31.78 6.53
N ALA D 574 -41.41 30.99 6.88
CA ALA D 574 -40.12 31.57 7.26
C ALA D 574 -39.47 32.30 6.08
N SER D 575 -39.53 31.69 4.89
CA SER D 575 -38.86 32.28 3.74
C SER D 575 -39.47 33.62 3.35
N GLU D 576 -40.77 33.79 3.57
CA GLU D 576 -41.47 35.03 3.24
C GLU D 576 -41.62 35.97 4.43
N GLY D 577 -41.05 35.61 5.59
CA GLY D 577 -41.18 36.45 6.75
C GLY D 577 -42.59 36.58 7.29
N LEU D 578 -43.44 35.59 7.05
CA LEU D 578 -44.79 35.60 7.58
C LEU D 578 -44.77 35.07 9.01
N GLU D 579 -45.32 35.86 9.94
CA GLU D 579 -45.13 35.64 11.37
C GLU D 579 -46.36 35.07 12.06
N VAL D 580 -47.28 34.49 11.30
CA VAL D 580 -48.50 33.93 11.91
C VAL D 580 -48.13 32.74 12.79
N PRO D 581 -48.73 32.59 13.97
CA PRO D 581 -48.48 31.38 14.76
C PRO D 581 -48.82 30.12 13.99
N LEU D 582 -48.08 29.05 14.27
CA LEU D 582 -48.23 27.79 13.56
C LEU D 582 -48.20 26.64 14.56
N LEU D 583 -49.21 25.77 14.49
CA LEU D 583 -49.30 24.58 15.31
C LEU D 583 -49.23 23.37 14.40
N GLN D 584 -48.25 22.49 14.65
CA GLN D 584 -48.01 21.34 13.79
C GLN D 584 -48.49 20.08 14.49
N LEU D 585 -49.50 19.43 13.92
CA LEU D 585 -50.07 18.22 14.48
C LEU D 585 -49.73 17.04 13.57
N GLY D 586 -49.32 15.93 14.17
CA GLY D 586 -48.86 14.80 13.40
C GLY D 586 -48.36 13.70 14.31
N LEU D 587 -47.52 12.84 13.76
CA LEU D 587 -47.05 11.71 14.54
C LEU D 587 -45.87 12.12 15.42
N PRO D 588 -45.85 11.70 16.70
CA PRO D 588 -44.74 12.10 17.59
C PRO D 588 -43.43 11.42 17.25
N ASP D 589 -42.36 11.79 17.94
CA ASP D 589 -41.02 11.28 17.67
C ASP D 589 -40.72 10.06 18.54
N TYR D 590 -41.60 9.06 18.44
CA TYR D 590 -41.36 7.76 19.06
C TYR D 590 -42.15 6.72 18.28
N TYR D 591 -41.90 5.46 18.59
CA TYR D 591 -42.54 4.33 17.91
C TYR D 591 -43.81 3.96 18.66
N VAL D 592 -44.95 4.12 18.00
CA VAL D 592 -46.25 3.93 18.62
C VAL D 592 -46.52 2.44 18.77
N GLU D 593 -46.81 2.01 20.00
CA GLU D 593 -47.04 0.60 20.26
C GLU D 593 -48.31 0.12 19.56
N HIS D 594 -48.28 -1.14 19.13
CA HIS D 594 -49.38 -1.71 18.37
C HIS D 594 -50.70 -1.64 19.15
N ALA D 595 -51.79 -1.52 18.40
CA ALA D 595 -53.14 -1.48 18.95
C ALA D 595 -54.12 -1.31 17.79
N LYS D 596 -55.40 -1.16 18.08
CA LYS D 596 -56.34 -0.83 17.01
C LYS D 596 -55.95 0.51 16.40
N PRO D 597 -56.12 0.69 15.08
CA PRO D 597 -55.77 1.99 14.48
C PRO D 597 -56.41 3.17 15.20
N SER D 598 -57.66 3.02 15.63
CA SER D 598 -58.33 4.10 16.35
C SER D 598 -57.60 4.44 17.64
N GLU D 599 -57.08 3.41 18.33
CA GLU D 599 -56.39 3.65 19.59
C GLU D 599 -55.05 4.34 19.35
N MET D 600 -54.34 3.97 18.29
CA MET D 600 -53.06 4.61 18.01
C MET D 600 -53.24 6.06 17.58
N LEU D 601 -54.26 6.34 16.76
CA LEU D 601 -54.53 7.72 16.37
C LEU D 601 -54.90 8.57 17.57
N ALA D 602 -55.71 8.01 18.49
CA ALA D 602 -56.09 8.76 19.68
C ALA D 602 -54.87 9.07 20.54
N GLU D 603 -54.00 8.06 20.75
CA GLU D 603 -52.77 8.29 21.48
C GLU D 603 -51.98 9.45 20.88
N CYS D 604 -51.96 9.54 19.55
CA CYS D 604 -51.20 10.57 18.85
C CYS D 604 -51.95 11.88 18.73
N GLY D 605 -53.20 11.94 19.20
CA GLY D 605 -53.96 13.17 19.13
C GLY D 605 -54.47 13.51 17.74
N LEU D 606 -54.69 12.51 16.90
CA LEU D 606 -55.11 12.73 15.52
C LEU D 606 -56.57 12.37 15.29
N ASP D 607 -57.37 12.27 16.36
CA ASP D 607 -58.82 12.25 16.24
C ASP D 607 -59.37 13.63 16.59
N ALA D 608 -60.68 13.79 16.40
CA ALA D 608 -61.30 15.09 16.61
C ALA D 608 -61.04 15.61 18.02
N ALA D 609 -61.13 14.72 19.02
CA ALA D 609 -60.91 15.15 20.39
C ALA D 609 -59.51 15.70 20.59
N GLY D 610 -58.50 14.95 20.15
CA GLY D 610 -57.13 15.39 20.32
C GLY D 610 -56.82 16.67 19.56
N ILE D 611 -57.34 16.79 18.33
CA ILE D 611 -57.10 17.99 17.53
C ILE D 611 -57.74 19.20 18.20
N GLU D 612 -58.99 19.06 18.63
CA GLU D 612 -59.68 20.17 19.28
C GLU D 612 -58.94 20.60 20.54
N LYS D 613 -58.50 19.64 21.36
CA LYS D 613 -57.77 19.98 22.58
C LYS D 613 -56.51 20.79 22.26
N ALA D 614 -55.74 20.33 21.28
CA ALA D 614 -54.50 21.04 20.94
C ALA D 614 -54.78 22.44 20.42
N VAL D 615 -55.77 22.59 19.55
CA VAL D 615 -56.07 23.90 18.97
C VAL D 615 -56.52 24.87 20.06
N ARG D 616 -57.45 24.43 20.91
CA ARG D 616 -57.97 25.30 21.95
C ARG D 616 -56.87 25.75 22.91
N GLN D 617 -55.98 24.82 23.27
CA GLN D 617 -54.91 25.19 24.20
C GLN D 617 -53.95 26.19 23.56
N ARG D 618 -53.64 26.01 22.27
CA ARG D 618 -52.79 26.99 21.58
C ARG D 618 -53.47 28.35 21.53
N LEU D 619 -54.74 28.38 21.17
CA LEU D 619 -55.49 29.64 21.15
C LEU D 619 -55.52 30.24 22.56
N THR E 32 -9.41 23.02 -30.62
CA THR E 32 -9.63 22.57 -31.99
C THR E 32 -8.30 22.22 -32.66
N LEU E 33 -7.48 23.24 -32.89
CA LEU E 33 -6.15 23.04 -33.46
C LEU E 33 -5.16 22.73 -32.36
N HIS E 34 -4.23 21.82 -32.64
CA HIS E 34 -3.24 21.40 -31.66
C HIS E 34 -1.81 21.71 -32.06
N GLU E 35 -1.57 22.10 -33.32
CA GLU E 35 -0.23 22.43 -33.77
C GLU E 35 -0.30 23.70 -34.62
N ILE E 36 0.78 24.48 -34.57
CA ILE E 36 0.88 25.72 -35.33
C ILE E 36 1.33 25.38 -36.74
N PRO E 37 0.59 25.77 -37.79
CA PRO E 37 1.02 25.44 -39.15
C PRO E 37 2.42 25.97 -39.44
N ARG E 38 3.21 25.16 -40.14
CA ARG E 38 4.54 25.57 -40.56
C ARG E 38 4.57 26.10 -41.98
N GLU E 39 3.54 25.84 -42.78
CA GLU E 39 3.39 26.37 -44.12
C GLU E 39 2.12 27.21 -44.20
N ARG E 40 2.15 28.23 -45.04
CA ARG E 40 1.02 29.13 -45.23
C ARG E 40 -0.24 28.33 -45.53
N PRO E 41 -1.24 28.33 -44.64
CA PRO E 41 -2.47 27.58 -44.94
C PRO E 41 -3.28 28.27 -46.01
N ALA E 42 -3.96 27.47 -46.82
CA ALA E 42 -4.84 28.01 -47.84
C ALA E 42 -6.06 28.67 -47.19
N THR E 43 -6.30 29.94 -47.53
CA THR E 43 -7.37 30.72 -46.92
C THR E 43 -8.08 31.50 -48.02
N PRO E 44 -8.77 30.79 -48.92
CA PRO E 44 -9.40 31.49 -50.06
C PRO E 44 -10.45 32.51 -49.67
N LEU E 45 -11.19 32.29 -48.58
CA LEU E 45 -12.20 33.25 -48.17
C LEU E 45 -11.59 34.43 -47.43
N LEU E 46 -10.62 34.16 -46.54
CA LEU E 46 -9.89 35.26 -45.91
C LEU E 46 -9.24 36.15 -46.95
N ASP E 47 -8.68 35.55 -48.01
CA ASP E 47 -8.04 36.32 -49.06
C ASP E 47 -9.02 37.21 -49.81
N ARG E 48 -10.32 36.96 -49.68
CA ARG E 48 -11.34 37.83 -50.26
C ARG E 48 -11.82 38.89 -49.29
N ALA E 49 -11.36 38.87 -48.04
CA ALA E 49 -11.71 39.87 -47.06
C ALA E 49 -10.46 40.63 -46.62
N SER E 50 -9.79 41.28 -47.57
CA SER E 50 -8.55 42.00 -47.29
C SER E 50 -8.79 43.36 -46.65
N SER E 51 -10.01 43.87 -46.69
CA SER E 51 -10.38 45.14 -46.08
C SER E 51 -11.79 45.02 -45.53
N PRO E 52 -12.17 45.89 -44.59
CA PRO E 52 -13.54 45.83 -44.06
C PRO E 52 -14.61 45.98 -45.14
N ALA E 53 -14.39 46.81 -46.15
CA ALA E 53 -15.37 46.95 -47.21
C ALA E 53 -15.55 45.64 -47.97
N GLU E 54 -14.44 44.96 -48.28
CA GLU E 54 -14.54 43.65 -48.91
C GLU E 54 -15.16 42.63 -47.97
N LEU E 55 -14.85 42.71 -46.68
CA LEU E 55 -15.46 41.82 -45.71
C LEU E 55 -16.97 42.01 -45.66
N ARG E 56 -17.43 43.25 -45.78
CA ARG E 56 -18.85 43.56 -45.64
C ARG E 56 -19.66 43.18 -46.88
N ARG E 57 -19.02 42.76 -47.97
CA ARG E 57 -19.73 42.22 -49.11
C ARG E 57 -20.05 40.74 -48.96
N LEU E 58 -19.34 40.03 -48.08
CA LEU E 58 -19.64 38.63 -47.82
C LEU E 58 -20.99 38.52 -47.09
N GLY E 59 -21.49 37.30 -47.00
CA GLY E 59 -22.74 37.01 -46.31
C GLY E 59 -22.49 36.49 -44.91
N GLU E 60 -23.47 36.71 -44.03
CA GLU E 60 -23.34 36.27 -42.65
C GLU E 60 -23.01 34.79 -42.55
N ALA E 61 -23.52 33.98 -43.48
CA ALA E 61 -23.28 32.54 -43.42
C ALA E 61 -21.83 32.17 -43.70
N ASP E 62 -21.04 33.08 -44.27
CA ASP E 62 -19.65 32.82 -44.58
C ASP E 62 -18.70 33.17 -43.45
N LEU E 63 -19.18 33.84 -42.40
CA LEU E 63 -18.28 34.41 -41.42
C LEU E 63 -17.68 33.35 -40.50
N GLU E 64 -18.44 32.30 -40.18
CA GLU E 64 -17.89 31.27 -39.30
C GLU E 64 -16.76 30.51 -39.99
N THR E 65 -16.84 30.36 -41.32
CA THR E 65 -15.71 29.81 -42.06
C THR E 65 -14.56 30.80 -42.14
N LEU E 66 -14.88 32.09 -42.34
CA LEU E 66 -13.85 33.12 -42.34
C LEU E 66 -13.10 33.13 -41.00
N ALA E 67 -13.83 33.04 -39.89
CA ALA E 67 -13.19 33.01 -38.58
C ALA E 67 -12.19 31.87 -38.48
N ASP E 68 -12.56 30.68 -39.00
CA ASP E 68 -11.63 29.56 -38.94
C ASP E 68 -10.41 29.82 -39.80
N GLU E 69 -10.60 30.37 -41.00
CA GLU E 69 -9.46 30.69 -41.86
C GLU E 69 -8.55 31.72 -41.20
N LEU E 70 -9.15 32.70 -40.51
CA LEU E 70 -8.34 33.72 -39.84
C LEU E 70 -7.46 33.09 -38.76
N ARG E 71 -8.04 32.22 -37.94
CA ARG E 71 -7.25 31.56 -36.90
C ARG E 71 -6.11 30.77 -37.51
N GLN E 72 -6.38 30.02 -38.58
CA GLN E 72 -5.31 29.29 -39.26
C GLN E 72 -4.18 30.22 -39.66
N TYR E 73 -4.53 31.36 -40.26
CA TYR E 73 -3.50 32.31 -40.67
C TYR E 73 -2.82 32.94 -39.46
N LEU E 74 -3.60 33.35 -38.47
CA LEU E 74 -3.04 33.95 -37.26
C LEU E 74 -2.01 33.02 -36.63
N LEU E 75 -2.43 31.78 -36.31
CA LEU E 75 -1.49 30.81 -35.77
C LEU E 75 -0.25 30.71 -36.65
N TYR E 76 -0.44 30.66 -37.97
CA TYR E 76 0.69 30.48 -38.88
C TYR E 76 1.65 31.68 -38.82
N THR E 77 1.13 32.89 -39.00
CA THR E 77 2.01 34.04 -39.12
C THR E 77 2.73 34.34 -37.81
N VAL E 78 2.03 34.22 -36.68
CA VAL E 78 2.70 34.45 -35.41
C VAL E 78 3.74 33.36 -35.16
N GLY E 79 3.50 32.16 -35.68
CA GLY E 79 4.53 31.13 -35.62
C GLY E 79 5.77 31.52 -36.41
N GLN E 80 5.61 32.33 -37.45
CA GLN E 80 6.75 32.75 -38.26
C GLN E 80 7.51 33.89 -37.62
N THR E 81 6.80 34.84 -37.01
CA THR E 81 7.42 36.06 -36.51
C THR E 81 7.49 36.15 -35.00
N GLY E 82 6.66 35.39 -34.28
CA GLY E 82 6.51 35.59 -32.85
C GLY E 82 5.64 36.80 -32.55
N GLY E 83 5.32 36.96 -31.27
CA GLY E 83 4.55 38.09 -30.82
C GLY E 83 3.44 37.65 -29.89
N HIS E 84 2.47 38.53 -29.70
CA HIS E 84 1.33 38.22 -28.84
C HIS E 84 0.39 37.26 -29.55
N PHE E 85 -0.25 36.40 -28.76
CA PHE E 85 -0.84 35.18 -29.28
C PHE E 85 -2.25 34.95 -28.75
N GLY E 86 -2.36 34.68 -27.44
CA GLY E 86 -3.63 34.25 -26.89
C GLY E 86 -4.74 35.28 -27.03
N ALA E 87 -4.43 36.54 -26.72
CA ALA E 87 -5.47 37.56 -26.70
C ALA E 87 -6.10 37.74 -28.08
N GLY E 88 -5.28 37.69 -29.13
CA GLY E 88 -5.82 37.83 -30.48
C GLY E 88 -6.74 36.68 -30.86
N LEU E 89 -6.35 35.45 -30.50
CA LEU E 89 -7.23 34.32 -30.74
C LEU E 89 -8.58 34.51 -30.06
N GLY E 90 -8.61 35.19 -28.92
CA GLY E 90 -9.85 35.37 -28.17
C GLY E 90 -10.82 36.34 -28.80
N VAL E 91 -10.37 37.17 -29.74
CA VAL E 91 -11.20 38.21 -30.34
C VAL E 91 -11.32 38.04 -31.85
N VAL E 92 -11.09 36.83 -32.37
CA VAL E 92 -11.22 36.62 -33.80
C VAL E 92 -12.66 36.87 -34.25
N GLU E 93 -13.62 36.33 -33.51
CA GLU E 93 -15.03 36.53 -33.86
C GLU E 93 -15.45 37.97 -33.60
N LEU E 94 -15.05 38.53 -32.47
CA LEU E 94 -15.41 39.92 -32.16
C LEU E 94 -14.87 40.87 -33.22
N THR E 95 -13.63 40.65 -33.67
CA THR E 95 -13.04 41.53 -34.68
C THR E 95 -13.79 41.45 -35.99
N ILE E 96 -14.16 40.23 -36.41
CA ILE E 96 -14.93 40.08 -37.65
C ILE E 96 -16.26 40.80 -37.53
N ALA E 97 -16.96 40.59 -36.41
CA ALA E 97 -18.29 41.17 -36.24
C ALA E 97 -18.22 42.70 -36.24
N LEU E 98 -17.20 43.28 -35.61
CA LEU E 98 -17.12 44.74 -35.51
C LEU E 98 -16.94 45.36 -36.89
N HIS E 99 -16.02 44.82 -37.69
CA HIS E 99 -15.80 45.37 -39.03
C HIS E 99 -16.91 45.01 -40.01
N TYR E 100 -17.70 43.97 -39.70
CA TYR E 100 -18.82 43.62 -40.56
C TYR E 100 -20.02 44.53 -40.31
N VAL E 101 -20.22 44.95 -39.07
CA VAL E 101 -21.39 45.74 -38.69
C VAL E 101 -21.11 47.23 -38.79
N PHE E 102 -19.93 47.67 -38.37
CA PHE E 102 -19.62 49.10 -38.34
C PHE E 102 -18.98 49.53 -39.65
N ASP E 103 -19.12 50.82 -39.94
CA ASP E 103 -18.64 51.40 -41.20
C ASP E 103 -17.21 51.94 -41.04
N THR E 104 -16.30 51.02 -40.78
CA THR E 104 -14.90 51.41 -40.66
C THR E 104 -14.30 51.64 -42.04
N PRO E 105 -13.35 52.58 -42.17
CA PRO E 105 -12.70 53.36 -41.11
C PRO E 105 -13.41 54.67 -40.73
N ASP E 106 -14.56 54.98 -41.32
CA ASP E 106 -15.26 56.21 -40.94
C ASP E 106 -15.78 56.12 -39.51
N ASP E 107 -16.37 54.98 -39.14
CA ASP E 107 -16.68 54.71 -37.75
C ASP E 107 -15.37 54.39 -37.01
N ARG E 108 -15.23 54.94 -35.80
CA ARG E 108 -13.96 54.89 -35.08
C ARG E 108 -13.94 53.68 -34.16
N LEU E 109 -12.96 52.81 -34.37
CA LEU E 109 -12.72 51.64 -33.52
C LEU E 109 -11.41 51.84 -32.78
N VAL E 110 -11.46 51.75 -31.46
CA VAL E 110 -10.29 51.94 -30.60
C VAL E 110 -10.04 50.64 -29.84
N TRP E 111 -8.87 50.04 -30.06
CA TRP E 111 -8.46 48.82 -29.38
C TRP E 111 -7.62 49.19 -28.16
N ASP E 112 -8.00 48.67 -27.00
CA ASP E 112 -7.25 48.94 -25.78
C ASP E 112 -6.02 48.02 -25.71
N VAL E 113 -4.86 48.62 -25.45
CA VAL E 113 -3.58 47.93 -25.41
C VAL E 113 -3.11 47.61 -26.83
N GLY E 114 -3.91 46.86 -27.57
CA GLY E 114 -3.60 46.54 -28.95
C GLY E 114 -2.87 45.23 -29.17
N HIS E 115 -2.45 44.55 -28.10
CA HIS E 115 -1.81 43.25 -28.26
C HIS E 115 -2.75 42.22 -28.89
N GLN E 116 -4.05 42.48 -28.87
CA GLN E 116 -5.05 41.54 -29.39
C GLN E 116 -5.53 41.93 -30.79
N ALA E 117 -4.83 42.85 -31.46
CA ALA E 117 -5.31 43.44 -32.70
C ALA E 117 -4.68 42.82 -33.94
N TYR E 118 -4.03 41.66 -33.81
CA TYR E 118 -3.53 41.00 -35.02
C TYR E 118 -4.67 40.67 -35.98
N PRO E 119 -5.78 40.06 -35.55
CA PRO E 119 -6.92 39.91 -36.47
C PRO E 119 -7.38 41.21 -37.09
N HIS E 120 -7.40 42.29 -36.29
CA HIS E 120 -7.76 43.60 -36.82
C HIS E 120 -6.83 44.00 -37.96
N LYS E 121 -5.53 43.84 -37.78
CA LYS E 121 -4.58 44.16 -38.84
C LYS E 121 -4.80 43.25 -40.04
N ILE E 122 -5.03 41.96 -39.80
CA ILE E 122 -5.24 41.01 -40.89
C ILE E 122 -6.43 41.41 -41.75
N LEU E 123 -7.43 42.06 -41.15
CA LEU E 123 -8.62 42.47 -41.88
C LEU E 123 -8.55 43.88 -42.42
N THR E 124 -7.49 44.62 -42.10
CA THR E 124 -7.37 46.01 -42.54
C THR E 124 -6.13 46.20 -43.41
N GLU E 125 -6.06 45.41 -44.48
CA GLU E 125 -5.10 45.59 -45.58
C GLU E 125 -3.66 45.32 -45.16
N ARG E 126 -3.44 44.53 -44.11
CA ARG E 126 -2.09 44.18 -43.70
C ARG E 126 -1.87 42.68 -43.56
N ARG E 127 -2.80 41.85 -44.05
CA ARG E 127 -2.64 40.41 -43.94
C ARG E 127 -1.29 39.97 -44.52
N GLU E 128 -1.02 40.36 -45.77
CA GLU E 128 0.20 39.94 -46.44
C GLU E 128 1.44 40.68 -45.96
N LEU E 129 1.30 41.64 -45.05
CA LEU E 129 2.43 42.28 -44.41
C LEU E 129 2.70 41.74 -43.01
N MET E 130 1.90 40.77 -42.55
CA MET E 130 2.11 40.19 -41.23
C MET E 130 3.43 39.44 -41.13
N GLY E 131 4.00 39.02 -42.26
CA GLY E 131 5.31 38.40 -42.23
C GLY E 131 6.40 39.31 -41.72
N THR E 132 6.19 40.63 -41.79
CA THR E 132 7.14 41.61 -41.30
C THR E 132 6.84 42.05 -39.87
N LEU E 133 5.80 41.51 -39.24
CA LEU E 133 5.38 41.95 -37.92
C LEU E 133 6.55 41.95 -36.95
N ARG E 134 6.70 43.06 -36.22
CA ARG E 134 7.66 43.21 -35.13
C ARG E 134 9.11 43.06 -35.60
N GLN E 135 9.33 43.21 -36.90
CA GLN E 135 10.68 43.25 -37.45
C GLN E 135 11.01 44.66 -37.91
N LYS E 136 12.29 44.99 -37.93
CA LYS E 136 12.73 46.31 -38.34
C LYS E 136 12.08 46.69 -39.66
N ASN E 137 11.46 47.87 -39.69
CA ASN E 137 10.78 48.44 -40.85
C ASN E 137 9.49 47.70 -41.20
N GLY E 138 9.06 46.75 -40.37
CA GLY E 138 7.80 46.06 -40.58
C GLY E 138 6.68 46.61 -39.72
N LEU E 139 5.57 45.87 -39.69
CA LEU E 139 4.42 46.29 -38.92
C LEU E 139 4.77 46.42 -37.44
N ALA E 140 4.15 47.39 -36.77
CA ALA E 140 4.39 47.65 -35.36
C ALA E 140 3.70 46.59 -34.49
N ALA E 141 4.10 46.56 -33.22
CA ALA E 141 3.54 45.58 -32.29
C ALA E 141 2.08 45.85 -31.99
N PHE E 142 1.64 47.09 -32.10
CA PHE E 142 0.31 47.53 -31.73
C PHE E 142 -0.27 48.39 -32.83
N PRO E 143 -1.58 48.68 -32.77
CA PRO E 143 -2.14 49.66 -33.70
C PRO E 143 -1.42 50.99 -33.59
N ARG E 144 -1.38 51.71 -34.70
CA ARG E 144 -0.57 52.92 -34.81
C ARG E 144 -1.14 53.79 -35.91
N ARG E 145 -1.48 55.03 -35.56
CA ARG E 145 -2.15 55.90 -36.53
C ARG E 145 -1.34 56.05 -37.80
N ALA E 146 -0.02 56.19 -37.67
CA ALA E 146 0.83 56.37 -38.83
C ALA E 146 0.88 55.13 -39.72
N GLU E 147 0.47 53.97 -39.20
CA GLU E 147 0.57 52.73 -39.96
C GLU E 147 -0.63 52.49 -40.86
N SER E 148 -1.79 53.03 -40.51
CA SER E 148 -3.01 52.71 -41.25
C SER E 148 -4.14 53.63 -40.81
N GLU E 149 -4.99 54.02 -41.76
CA GLU E 149 -6.17 54.81 -41.43
C GLU E 149 -7.17 54.01 -40.60
N TYR E 150 -7.04 52.68 -40.54
CA TYR E 150 -7.90 51.85 -39.72
C TYR E 150 -7.47 51.81 -38.25
N ASP E 151 -6.30 52.37 -37.93
CA ASP E 151 -5.83 52.48 -36.56
C ASP E 151 -6.10 53.90 -36.08
N THR E 152 -7.08 54.04 -35.19
CA THR E 152 -7.52 55.35 -34.75
C THR E 152 -6.65 55.93 -33.64
N PHE E 153 -5.97 55.09 -32.87
CA PHE E 153 -5.24 55.55 -31.69
C PHE E 153 -4.09 54.60 -31.42
N GLY E 154 -2.87 55.14 -31.40
CA GLY E 154 -1.72 54.35 -31.01
C GLY E 154 -1.84 53.91 -29.58
N VAL E 155 -1.77 52.60 -29.34
CA VAL E 155 -1.89 52.05 -27.99
C VAL E 155 -0.68 51.19 -27.67
N GLY E 156 -0.63 50.68 -26.44
CA GLY E 156 0.48 49.90 -25.93
C GLY E 156 0.36 49.83 -24.43
N HIS E 157 0.51 50.99 -23.79
CA HIS E 157 -0.04 51.16 -22.45
C HIS E 157 -1.54 50.91 -22.49
N SER E 158 -2.07 50.41 -21.39
CA SER E 158 -3.45 49.96 -21.35
C SER E 158 -4.38 51.06 -20.87
N SER E 159 -5.67 50.86 -21.11
CA SER E 159 -6.78 51.58 -20.49
C SER E 159 -6.99 52.98 -21.05
N THR E 160 -6.44 53.29 -22.22
CA THR E 160 -6.61 54.58 -22.84
C THR E 160 -7.77 54.62 -23.83
N SER E 161 -8.40 53.47 -24.10
CA SER E 161 -9.35 53.39 -25.21
C SER E 161 -10.60 54.22 -24.95
N ILE E 162 -11.17 54.11 -23.74
CA ILE E 162 -12.41 54.83 -23.44
C ILE E 162 -12.18 56.33 -23.51
N SER E 163 -11.11 56.81 -22.88
CA SER E 163 -10.80 58.23 -22.94
C SER E 163 -10.66 58.71 -24.38
N ALA E 164 -9.91 57.95 -25.19
CA ALA E 164 -9.68 58.36 -26.57
C ALA E 164 -10.95 58.28 -27.40
N ALA E 165 -11.73 57.22 -27.25
CA ALA E 165 -13.00 57.11 -27.97
C ALA E 165 -13.94 58.24 -27.55
N LEU E 166 -13.97 58.56 -26.25
CA LEU E 166 -14.83 59.67 -25.81
C LEU E 166 -14.39 60.98 -26.45
N GLY E 167 -13.08 61.23 -26.51
CA GLY E 167 -12.61 62.44 -27.16
C GLY E 167 -13.05 62.53 -28.61
N MET E 168 -12.94 61.41 -29.34
CA MET E 168 -13.37 61.39 -30.73
C MET E 168 -14.87 61.64 -30.84
N ALA E 169 -15.66 61.07 -29.91
CA ALA E 169 -17.10 61.23 -29.99
C ALA E 169 -17.53 62.66 -29.70
N ILE E 170 -16.91 63.30 -28.71
CA ILE E 170 -17.22 64.69 -28.43
C ILE E 170 -16.90 65.56 -29.64
N ALA E 171 -15.74 65.34 -30.25
CA ALA E 171 -15.36 66.11 -31.44
C ALA E 171 -16.32 65.84 -32.59
N ALA E 172 -16.61 64.57 -32.86
CA ALA E 172 -17.50 64.23 -33.96
C ALA E 172 -18.86 64.89 -33.79
N ARG E 173 -19.37 64.94 -32.56
CA ARG E 173 -20.68 65.52 -32.32
C ARG E 173 -20.68 67.02 -32.61
N LEU E 174 -19.65 67.74 -32.15
CA LEU E 174 -19.59 69.17 -32.43
C LEU E 174 -19.47 69.42 -33.93
N GLN E 175 -18.78 68.54 -34.65
CA GLN E 175 -18.66 68.66 -36.10
C GLN E 175 -19.89 68.15 -36.84
N GLY E 176 -20.82 67.51 -36.14
CA GLY E 176 -22.02 66.99 -36.77
C GLY E 176 -21.78 65.85 -37.72
N LYS E 177 -20.90 64.91 -37.36
CA LYS E 177 -20.46 63.88 -38.29
C LYS E 177 -21.27 62.59 -38.20
N GLU E 178 -21.98 62.35 -37.10
CA GLU E 178 -22.81 61.16 -36.94
C GLU E 178 -22.02 59.87 -37.09
N ARG E 179 -20.72 59.92 -36.84
CA ARG E 179 -19.92 58.69 -36.87
C ARG E 179 -20.01 57.98 -35.53
N LYS E 180 -19.74 56.68 -35.56
CA LYS E 180 -19.78 55.88 -34.35
C LYS E 180 -18.38 55.80 -33.73
N SER E 181 -18.35 55.67 -32.41
CA SER E 181 -17.12 55.58 -31.63
C SER E 181 -17.20 54.35 -30.75
N VAL E 182 -16.24 53.44 -30.89
CA VAL E 182 -16.27 52.14 -30.22
C VAL E 182 -14.91 51.90 -29.57
N ALA E 183 -14.92 51.52 -28.30
CA ALA E 183 -13.71 51.15 -27.57
C ALA E 183 -13.85 49.71 -27.08
N VAL E 184 -12.90 48.87 -27.44
CA VAL E 184 -12.83 47.50 -26.95
C VAL E 184 -11.77 47.45 -25.86
N ILE E 185 -12.19 47.12 -24.64
CA ILE E 185 -11.33 47.15 -23.47
C ILE E 185 -11.46 45.83 -22.73
N GLY E 186 -10.32 45.25 -22.34
CA GLY E 186 -10.33 44.00 -21.60
C GLY E 186 -10.61 44.21 -20.13
N ASP E 187 -10.94 43.10 -19.45
CA ASP E 187 -11.22 43.17 -18.02
C ASP E 187 -9.99 43.58 -17.23
N GLY E 188 -8.80 43.17 -17.67
CA GLY E 188 -7.58 43.64 -17.02
C GLY E 188 -7.38 45.14 -17.17
N ALA E 189 -7.43 45.63 -18.42
CA ALA E 189 -7.25 47.06 -18.65
C ALA E 189 -8.29 47.88 -17.92
N LEU E 190 -9.46 47.31 -17.63
CA LEU E 190 -10.53 48.05 -16.98
C LEU E 190 -10.25 48.34 -15.51
N THR E 191 -9.27 47.67 -14.91
CA THR E 191 -8.92 47.90 -13.51
C THR E 191 -8.18 49.20 -13.28
N ALA E 192 -7.83 49.93 -14.34
CA ALA E 192 -7.02 51.14 -14.22
C ALA E 192 -7.90 52.34 -13.88
N GLY E 193 -7.34 53.23 -13.05
CA GLY E 193 -8.10 54.39 -12.63
C GLY E 193 -8.57 55.25 -13.79
N MET E 194 -7.74 55.44 -14.80
CA MET E 194 -8.10 56.34 -15.89
C MET E 194 -9.34 55.84 -16.63
N ALA E 195 -9.55 54.52 -16.69
CA ALA E 195 -10.77 54.02 -17.28
C ALA E 195 -11.99 54.39 -16.45
N PHE E 196 -11.87 54.31 -15.13
CA PHE E 196 -12.92 54.80 -14.24
C PHE E 196 -13.22 56.27 -14.50
N GLU E 197 -12.17 57.08 -14.70
CA GLU E 197 -12.37 58.50 -14.99
C GLU E 197 -13.11 58.70 -16.31
N ALA E 198 -12.75 57.93 -17.34
CA ALA E 198 -13.39 58.10 -18.64
C ALA E 198 -14.85 57.65 -18.59
N LEU E 199 -15.14 56.56 -17.90
CA LEU E 199 -16.52 56.10 -17.79
C LEU E 199 -17.39 57.15 -17.11
N ASN E 200 -16.84 57.83 -16.10
CA ASN E 200 -17.63 58.83 -15.38
C ASN E 200 -17.85 60.08 -16.21
N HIS E 201 -16.83 60.52 -16.96
CA HIS E 201 -17.00 61.73 -17.76
C HIS E 201 -17.96 61.48 -18.93
N ALA E 202 -17.85 60.32 -19.57
CA ALA E 202 -18.71 60.02 -20.71
C ALA E 202 -20.18 60.07 -20.30
N SER E 203 -20.50 59.55 -19.11
CA SER E 203 -21.86 59.64 -18.59
C SER E 203 -22.28 61.10 -18.46
N GLU E 204 -21.40 61.94 -17.91
CA GLU E 204 -21.74 63.34 -17.68
C GLU E 204 -22.11 64.03 -18.98
N VAL E 205 -21.31 63.84 -20.04
CA VAL E 205 -21.56 64.54 -21.30
C VAL E 205 -22.56 63.81 -22.19
N ASP E 206 -23.07 62.66 -21.76
CA ASP E 206 -24.07 61.92 -22.54
C ASP E 206 -23.56 61.65 -23.95
N ALA E 207 -22.37 61.05 -24.03
CA ALA E 207 -21.73 60.81 -25.32
C ALA E 207 -22.35 59.61 -26.03
N ASP E 208 -22.43 59.70 -27.35
CA ASP E 208 -22.86 58.58 -28.19
C ASP E 208 -21.63 57.71 -28.47
N MET E 209 -21.47 56.64 -27.70
CA MET E 209 -20.31 55.78 -27.88
C MET E 209 -20.62 54.41 -27.29
N LEU E 210 -19.87 53.41 -27.75
CA LEU E 210 -20.02 52.02 -27.34
C LEU E 210 -18.73 51.56 -26.69
N VAL E 211 -18.82 51.12 -25.45
CA VAL E 211 -17.72 50.45 -24.76
C VAL E 211 -18.01 48.96 -24.76
N ILE E 212 -17.11 48.16 -25.30
CA ILE E 212 -17.24 46.72 -25.32
C ILE E 212 -16.22 46.15 -24.35
N LEU E 213 -16.71 45.52 -23.28
CA LEU E 213 -15.85 44.84 -22.31
C LEU E 213 -15.54 43.45 -22.84
N ASN E 214 -14.27 43.22 -23.19
CA ASN E 214 -13.80 41.89 -23.60
C ASN E 214 -13.38 41.16 -22.33
N ASP E 215 -14.30 40.35 -21.79
CA ASP E 215 -14.13 39.72 -20.49
C ASP E 215 -13.72 38.27 -20.68
N ASN E 216 -12.44 37.98 -20.42
CA ASN E 216 -11.95 36.60 -20.44
C ASN E 216 -11.39 36.19 -19.09
N ASP E 217 -11.72 36.94 -18.03
CA ASP E 217 -11.26 36.62 -16.67
C ASP E 217 -9.76 36.37 -16.63
N MET E 218 -9.01 37.17 -17.39
CA MET E 218 -7.57 37.03 -17.48
C MET E 218 -6.94 38.41 -17.67
N SER E 219 -5.78 38.60 -17.06
CA SER E 219 -4.86 39.66 -17.42
C SER E 219 -3.69 39.03 -18.20
N ILE E 220 -2.43 39.26 -17.85
CA ILE E 220 -1.38 38.34 -18.25
C ILE E 220 -1.37 37.13 -17.33
N SER E 221 -1.20 37.37 -16.03
CA SER E 221 -1.59 36.42 -15.02
C SER E 221 -3.11 36.44 -14.87
N HIS E 222 -3.63 35.63 -13.95
CA HIS E 222 -5.04 35.68 -13.64
C HIS E 222 -5.43 37.07 -13.13
N ASN E 223 -6.59 37.54 -13.56
CA ASN E 223 -7.04 38.86 -13.14
C ASN E 223 -7.48 38.85 -11.69
N VAL E 224 -6.89 39.73 -10.89
CA VAL E 224 -7.23 39.86 -9.48
C VAL E 224 -7.99 41.17 -9.28
N GLY E 225 -8.24 41.52 -8.02
CA GLY E 225 -8.92 42.75 -7.69
C GLY E 225 -10.42 42.57 -7.57
N GLY E 226 -11.03 43.51 -6.84
CA GLY E 226 -12.47 43.46 -6.62
C GLY E 226 -13.29 43.65 -7.88
N LEU E 227 -12.71 44.21 -8.94
CA LEU E 227 -13.43 44.33 -10.20
C LEU E 227 -13.61 42.97 -10.85
N SER E 228 -12.51 42.20 -10.98
CA SER E 228 -12.61 40.85 -11.49
C SER E 228 -13.60 40.03 -10.67
N ASN E 229 -13.60 40.22 -9.35
CA ASN E 229 -14.55 39.51 -8.50
C ASN E 229 -15.99 39.91 -8.82
N TYR E 230 -16.20 41.16 -9.24
CA TYR E 230 -17.56 41.61 -9.56
C TYR E 230 -18.01 41.14 -10.94
N LEU E 231 -17.09 41.02 -11.89
CA LEU E 231 -17.44 40.61 -13.24
C LEU E 231 -17.71 39.11 -13.31
N PHE E 245 -22.01 49.59 -13.74
CA PHE E 245 -22.04 50.28 -15.02
C PHE E 245 -23.34 51.06 -15.19
N GLU E 246 -24.46 50.40 -14.88
CA GLU E 246 -25.75 51.09 -14.94
C GLU E 246 -25.78 52.29 -14.02
N GLU E 247 -25.38 52.11 -12.77
CA GLU E 247 -25.37 53.22 -11.83
C GLU E 247 -24.50 54.37 -12.33
N LEU E 248 -23.41 54.06 -13.04
CA LEU E 248 -22.54 55.08 -13.60
C LEU E 248 -23.11 55.73 -14.85
N GLY E 249 -24.38 55.48 -15.17
CA GLY E 249 -25.03 56.14 -16.29
C GLY E 249 -24.90 55.45 -17.63
N TRP E 250 -24.57 54.16 -17.64
CA TRP E 250 -24.38 53.42 -18.88
C TRP E 250 -25.49 52.39 -19.06
N ASN E 251 -25.92 52.21 -20.31
CA ASN E 251 -26.89 51.19 -20.67
C ASN E 251 -26.14 49.88 -20.92
N TYR E 252 -26.36 48.90 -20.05
CA TYR E 252 -25.57 47.67 -20.03
C TYR E 252 -26.33 46.56 -20.77
N ILE E 253 -25.63 45.84 -21.62
CA ILE E 253 -26.17 44.71 -22.36
C ILE E 253 -25.21 43.54 -22.23
N GLY E 254 -25.75 42.36 -21.95
CA GLY E 254 -24.96 41.16 -21.83
C GLY E 254 -25.11 40.49 -20.49
N PRO E 255 -24.22 39.53 -20.18
CA PRO E 255 -23.10 39.04 -20.99
C PRO E 255 -23.55 38.27 -22.24
N ILE E 256 -22.76 38.29 -23.31
CA ILE E 256 -23.04 37.52 -24.51
C ILE E 256 -21.78 36.72 -24.86
N ASP E 257 -21.98 35.69 -25.67
CA ASP E 257 -20.90 34.80 -26.08
C ASP E 257 -20.08 35.48 -27.17
N GLY E 258 -18.83 35.84 -26.85
CA GLY E 258 -17.95 36.50 -27.79
C GLY E 258 -17.41 35.62 -28.90
N HIS E 259 -17.81 34.35 -28.94
CA HIS E 259 -17.42 33.45 -30.02
C HIS E 259 -18.63 32.96 -30.82
N ASP E 260 -19.81 33.48 -30.53
CA ASP E 260 -21.04 33.16 -31.28
C ASP E 260 -21.26 34.30 -32.27
N LEU E 261 -20.83 34.08 -33.51
CA LEU E 261 -20.89 35.15 -34.51
C LEU E 261 -22.32 35.60 -34.79
N PRO E 262 -23.30 34.72 -34.96
CA PRO E 262 -24.69 35.21 -35.11
C PRO E 262 -25.14 36.14 -34.00
N THR E 263 -24.87 35.79 -32.74
CA THR E 263 -25.29 36.65 -31.63
C THR E 263 -24.51 37.96 -31.63
N LEU E 264 -23.20 37.90 -31.91
CA LEU E 264 -22.40 39.11 -31.96
C LEU E 264 -22.93 40.10 -32.99
N VAL E 265 -23.10 39.64 -34.23
CA VAL E 265 -23.53 40.53 -35.30
C VAL E 265 -24.90 41.13 -34.98
N ALA E 266 -25.83 40.30 -34.49
CA ALA E 266 -27.18 40.80 -34.20
C ALA E 266 -27.15 41.80 -33.06
N THR E 267 -26.37 41.53 -32.01
CA THR E 267 -26.31 42.44 -30.87
C THR E 267 -25.66 43.76 -31.27
N LEU E 268 -24.54 43.71 -31.97
CA LEU E 268 -23.87 44.94 -32.37
C LEU E 268 -24.76 45.78 -33.29
N ARG E 269 -25.45 45.14 -34.24
CA ARG E 269 -26.38 45.87 -35.10
C ARG E 269 -27.41 46.64 -34.26
N ASN E 270 -27.90 46.02 -33.20
CA ASN E 270 -28.93 46.67 -32.38
C ASN E 270 -28.36 47.86 -31.62
N MET E 271 -27.18 47.71 -31.02
CA MET E 271 -26.61 48.78 -30.20
C MET E 271 -25.94 49.86 -31.04
N ARG E 272 -25.59 49.58 -32.30
CA ARG E 272 -24.89 50.57 -33.11
C ARG E 272 -25.67 51.86 -33.20
N ASP E 273 -27.00 51.78 -33.25
CA ASP E 273 -27.85 52.94 -33.45
C ASP E 273 -28.54 53.42 -32.18
N MET E 274 -28.31 52.77 -31.05
CA MET E 274 -28.78 53.31 -29.79
C MET E 274 -27.96 54.53 -29.42
N LYS E 275 -28.57 55.43 -28.65
CA LYS E 275 -27.95 56.70 -28.32
C LYS E 275 -27.43 56.69 -26.89
N GLY E 276 -26.48 57.59 -26.63
CA GLY E 276 -25.89 57.72 -25.32
C GLY E 276 -24.85 56.66 -25.05
N PRO E 277 -24.31 56.64 -23.82
CA PRO E 277 -23.25 55.68 -23.48
C PRO E 277 -23.80 54.26 -23.44
N GLN E 278 -23.26 53.39 -24.29
CA GLN E 278 -23.66 52.00 -24.37
C GLN E 278 -22.51 51.12 -23.92
N PHE E 279 -22.83 50.07 -23.15
CA PHE E 279 -21.85 49.17 -22.56
C PHE E 279 -22.26 47.74 -22.90
N LEU E 280 -21.40 47.04 -23.65
CA LEU E 280 -21.65 45.66 -24.04
C LEU E 280 -20.63 44.76 -23.36
N HIS E 281 -21.13 43.81 -22.58
CA HIS E 281 -20.28 42.84 -21.87
C HIS E 281 -20.17 41.59 -22.72
N VAL E 282 -18.96 41.30 -23.19
CA VAL E 282 -18.69 40.14 -24.04
C VAL E 282 -17.78 39.20 -23.27
N VAL E 283 -17.99 37.89 -23.46
CA VAL E 283 -17.22 36.86 -22.78
C VAL E 283 -16.46 36.08 -23.83
N THR E 284 -15.13 36.04 -23.69
CA THR E 284 -14.27 35.29 -24.59
C THR E 284 -13.33 34.42 -23.77
N LYS E 285 -12.72 33.44 -24.45
CA LYS E 285 -11.75 32.55 -23.85
C LYS E 285 -10.39 32.83 -24.48
N LYS E 286 -9.44 33.28 -23.67
CA LYS E 286 -8.11 33.58 -24.17
C LYS E 286 -7.50 32.33 -24.81
N GLY E 287 -7.00 32.48 -26.03
CA GLY E 287 -6.42 31.36 -26.75
C GLY E 287 -7.42 30.48 -27.47
N LYS E 288 -8.66 30.93 -27.63
CA LYS E 288 -9.70 30.12 -28.23
C LYS E 288 -9.27 29.57 -29.59
N GLY E 289 -9.47 28.27 -29.78
CA GLY E 289 -9.17 27.60 -31.03
C GLY E 289 -7.84 26.87 -31.07
N PHE E 290 -6.97 27.11 -30.09
CA PHE E 290 -5.68 26.42 -29.99
C PHE E 290 -5.61 25.80 -28.60
N ALA E 291 -5.81 24.50 -28.52
CA ALA E 291 -5.90 23.81 -27.24
C ALA E 291 -4.74 24.13 -26.30
N PRO E 292 -3.48 24.08 -26.72
CA PRO E 292 -2.39 24.40 -25.79
C PRO E 292 -2.52 25.79 -25.17
N ALA E 293 -3.02 26.76 -25.93
CA ALA E 293 -3.18 28.10 -25.38
C ALA E 293 -4.36 28.17 -24.41
N GLU E 294 -5.46 27.49 -24.74
CA GLU E 294 -6.59 27.43 -23.83
C GLU E 294 -6.21 26.78 -22.51
N LEU E 295 -5.30 25.81 -22.56
CA LEU E 295 -4.86 25.14 -21.34
C LEU E 295 -3.90 26.00 -20.53
N ASP E 296 -3.04 26.75 -21.22
CA ASP E 296 -1.97 27.53 -20.59
C ASP E 296 -2.05 28.96 -21.09
N PRO E 297 -3.09 29.70 -20.69
CA PRO E 297 -3.25 31.08 -21.19
C PRO E 297 -2.13 32.02 -20.76
N ILE E 298 -1.44 31.74 -19.66
CA ILE E 298 -0.34 32.59 -19.24
C ILE E 298 0.87 32.38 -20.14
N GLY E 299 1.25 31.12 -20.36
CA GLY E 299 2.40 30.82 -21.21
C GLY E 299 2.20 31.17 -22.67
N TYR E 300 0.96 31.22 -23.13
CA TYR E 300 0.66 31.54 -24.52
C TYR E 300 0.15 32.96 -24.70
N HIS E 301 0.31 33.81 -23.68
CA HIS E 301 0.12 35.24 -23.88
C HIS E 301 1.00 35.75 -25.01
N ALA E 302 2.25 35.33 -25.05
CA ALA E 302 3.19 35.69 -26.11
C ALA E 302 4.06 34.47 -26.41
N ILE E 303 4.49 34.35 -27.67
CA ILE E 303 5.32 33.25 -28.09
C ILE E 303 6.52 33.76 -28.89
N THR E 304 7.55 32.92 -28.95
CA THR E 304 8.69 33.15 -29.81
C THR E 304 8.48 32.47 -31.15
N LYS E 305 9.11 33.00 -32.18
CA LYS E 305 9.00 32.40 -33.51
C LYS E 305 9.49 30.95 -33.47
N LEU E 306 8.76 30.08 -34.16
CA LEU E 306 9.14 28.67 -34.22
C LEU E 306 10.51 28.51 -34.87
N GLU E 307 11.17 27.40 -34.56
CA GLU E 307 12.48 27.09 -35.12
C GLU E 307 12.42 25.87 -36.01
N THR E 316 22.89 29.46 -24.94
CA THR E 316 23.13 29.51 -23.50
C THR E 316 23.63 30.85 -23.01
N GLY E 317 22.94 31.40 -22.01
CA GLY E 317 23.32 32.67 -21.43
C GLY E 317 23.04 32.74 -19.95
N GLY E 318 23.24 33.92 -19.35
CA GLY E 318 23.04 34.10 -17.93
C GLY E 318 21.59 34.40 -17.61
N PRO E 319 21.30 34.60 -16.33
CA PRO E 319 19.92 34.89 -15.92
C PRO E 319 19.45 36.22 -16.47
N LYS E 320 18.15 36.30 -16.73
CA LYS E 320 17.53 37.60 -16.98
C LYS E 320 17.69 38.49 -15.75
N TYR E 321 17.85 39.79 -15.99
CA TYR E 321 17.93 40.71 -14.86
C TYR E 321 16.69 40.61 -14.00
N SER E 322 15.52 40.40 -14.61
CA SER E 322 14.30 40.22 -13.83
C SER E 322 14.41 39.00 -12.91
N SER E 323 15.13 37.96 -13.34
CA SER E 323 15.31 36.79 -12.50
C SER E 323 16.27 37.07 -11.35
N VAL E 324 17.32 37.86 -11.61
CA VAL E 324 18.20 38.27 -10.53
C VAL E 324 17.42 39.03 -9.46
N PHE E 325 16.55 39.95 -9.90
CA PHE E 325 15.72 40.69 -8.95
C PHE E 325 14.81 39.74 -8.17
N GLY E 326 14.13 38.83 -8.87
CA GLY E 326 13.25 37.91 -8.19
C GLY E 326 13.96 37.06 -7.16
N GLN E 327 15.19 36.64 -7.48
CA GLN E 327 15.96 35.87 -6.51
C GLN E 327 16.36 36.74 -5.32
N TRP E 328 16.78 37.98 -5.59
CA TRP E 328 17.11 38.89 -4.49
C TRP E 328 15.91 39.12 -3.59
N LEU E 329 14.73 39.34 -4.17
CA LEU E 329 13.53 39.59 -3.39
C LEU E 329 13.22 38.43 -2.46
N CYS E 330 13.37 37.20 -2.95
CA CYS E 330 13.18 36.04 -2.09
C CYS E 330 14.25 35.96 -1.01
N ASP E 331 15.53 36.15 -1.41
CA ASP E 331 16.62 36.06 -0.45
C ASP E 331 16.46 37.08 0.67
N MET E 332 16.11 38.32 0.33
CA MET E 332 15.97 39.35 1.36
C MET E 332 14.74 39.08 2.22
N ALA E 333 13.63 38.67 1.60
CA ALA E 333 12.43 38.36 2.37
C ALA E 333 12.70 37.27 3.40
N ALA E 334 13.59 36.32 3.07
CA ALA E 334 13.93 35.26 4.03
C ALA E 334 14.73 35.80 5.21
N GLN E 335 15.43 36.92 5.04
CA GLN E 335 16.20 37.53 6.11
C GLN E 335 15.46 38.64 6.83
N ASP E 336 14.37 39.15 6.26
CA ASP E 336 13.73 40.36 6.79
C ASP E 336 12.23 40.23 6.59
N ALA E 337 11.50 40.05 7.69
CA ALA E 337 10.05 39.91 7.63
C ALA E 337 9.35 41.19 7.18
N ARG E 338 10.06 42.33 7.14
CA ARG E 338 9.42 43.58 6.77
C ARG E 338 9.23 43.72 5.26
N LEU E 339 9.97 42.98 4.45
CA LEU E 339 9.90 43.17 3.00
C LEU E 339 8.53 42.80 2.46
N LEU E 340 7.93 43.72 1.72
CA LEU E 340 6.71 43.47 0.97
C LEU E 340 6.99 43.73 -0.51
N GLY E 341 6.42 42.90 -1.38
CA GLY E 341 6.60 43.00 -2.81
C GLY E 341 5.30 43.33 -3.50
N ILE E 342 5.34 44.37 -4.34
CA ILE E 342 4.17 44.90 -5.04
C ILE E 342 4.43 44.88 -6.53
N THR E 343 3.40 44.53 -7.31
CA THR E 343 3.46 44.60 -8.77
C THR E 343 2.10 45.03 -9.31
N PRO E 344 2.07 45.88 -10.33
CA PRO E 344 0.79 46.19 -10.99
C PRO E 344 0.55 45.24 -12.17
N ALA E 345 0.16 44.01 -11.84
CA ALA E 345 -0.27 42.98 -12.78
C ALA E 345 0.87 42.41 -13.62
N MET E 346 2.10 42.46 -13.13
CA MET E 346 3.25 42.01 -13.92
C MET E 346 4.10 41.03 -13.11
N LYS E 347 3.44 40.09 -12.43
CA LYS E 347 4.19 39.07 -11.70
C LYS E 347 5.18 38.34 -12.61
N GLU E 348 4.75 37.99 -13.81
CA GLU E 348 5.59 37.17 -14.69
C GLU E 348 6.74 37.97 -15.26
N GLY E 349 6.48 39.18 -15.75
CA GLY E 349 7.52 39.95 -16.41
C GLY E 349 8.59 40.45 -15.45
N SER E 350 8.17 41.04 -14.33
CA SER E 350 9.11 41.46 -13.30
C SER E 350 9.66 40.28 -12.51
N ASP E 351 9.00 39.13 -12.59
CA ASP E 351 9.44 37.89 -11.95
C ASP E 351 9.32 37.95 -10.43
N LEU E 352 8.09 38.09 -9.93
CA LEU E 352 7.78 37.86 -8.53
C LEU E 352 7.17 36.47 -8.32
N VAL E 353 7.42 35.55 -9.25
CA VAL E 353 6.74 34.25 -9.23
C VAL E 353 7.11 33.48 -7.97
N ALA E 354 8.41 33.19 -7.80
CA ALA E 354 8.84 32.44 -6.62
C ALA E 354 8.48 33.19 -5.34
N PHE E 355 8.61 34.51 -5.33
CA PHE E 355 8.27 35.28 -4.14
C PHE E 355 6.79 35.13 -3.79
N SER E 356 5.92 35.19 -4.80
CA SER E 356 4.48 35.10 -4.54
C SER E 356 4.09 33.72 -4.04
N GLU E 357 4.86 32.68 -4.41
CA GLU E 357 4.56 31.33 -3.94
C GLU E 357 5.08 31.11 -2.52
N ARG E 358 6.27 31.63 -2.21
CA ARG E 358 6.87 31.39 -0.90
C ARG E 358 6.38 32.37 0.15
N TYR E 359 6.03 33.59 -0.24
CA TYR E 359 5.60 34.63 0.69
C TYR E 359 4.28 35.23 0.22
N PRO E 360 3.23 34.41 0.14
CA PRO E 360 1.97 34.91 -0.43
C PRO E 360 1.32 36.00 0.39
N GLU E 361 1.50 36.00 1.72
CA GLU E 361 0.92 37.05 2.56
C GLU E 361 1.65 38.37 2.42
N ARG E 362 2.82 38.39 1.78
CA ARG E 362 3.60 39.62 1.59
C ARG E 362 3.72 40.00 0.12
N TYR E 363 2.91 39.38 -0.74
CA TYR E 363 2.89 39.66 -2.17
C TYR E 363 1.57 40.32 -2.52
N PHE E 364 1.63 41.38 -3.34
CA PHE E 364 0.45 42.18 -3.64
C PHE E 364 0.43 42.52 -5.12
N ASP E 365 -0.54 41.95 -5.83
CA ASP E 365 -0.85 42.30 -7.21
C ASP E 365 -2.05 43.25 -7.15
N VAL E 366 -1.83 44.51 -7.53
CA VAL E 366 -2.87 45.52 -7.41
C VAL E 366 -3.65 45.70 -8.71
N ALA E 367 -3.53 44.74 -9.63
CA ALA E 367 -4.12 44.88 -10.97
C ALA E 367 -3.33 45.95 -11.73
N ILE E 368 -3.87 46.44 -12.85
CA ILE E 368 -3.14 47.41 -13.65
C ILE E 368 -3.37 48.79 -13.05
N ALA E 369 -2.72 49.05 -11.92
CA ALA E 369 -2.98 50.21 -11.09
C ALA E 369 -1.67 50.78 -10.55
N GLU E 370 -0.83 51.25 -11.48
CA GLU E 370 0.48 51.79 -11.10
C GLU E 370 0.36 52.86 -10.03
N GLN E 371 -0.62 53.76 -10.15
CA GLN E 371 -0.80 54.82 -9.17
C GLN E 371 -0.96 54.25 -7.78
N HIS E 372 -1.95 53.37 -7.60
CA HIS E 372 -2.25 52.84 -6.27
C HIS E 372 -1.07 52.05 -5.72
N ALA E 373 -0.36 51.33 -6.59
CA ALA E 373 0.78 50.55 -6.13
C ALA E 373 1.75 51.40 -5.33
N VAL E 374 2.01 52.62 -5.79
CA VAL E 374 3.03 53.46 -5.15
C VAL E 374 2.51 54.04 -3.85
N THR E 375 1.30 54.60 -3.86
CA THR E 375 0.76 55.17 -2.63
C THR E 375 0.51 54.10 -1.58
N LEU E 376 0.12 52.90 -2.01
CA LEU E 376 0.01 51.78 -1.08
C LEU E 376 1.34 51.52 -0.40
N ALA E 377 2.43 51.48 -1.18
CA ALA E 377 3.75 51.29 -0.60
C ALA E 377 4.05 52.37 0.43
N ALA E 378 3.72 53.63 0.11
CA ALA E 378 3.92 54.70 1.08
C ALA E 378 3.19 54.41 2.39
N GLY E 379 1.95 53.92 2.30
CA GLY E 379 1.23 53.59 3.51
C GLY E 379 1.91 52.50 4.32
N MET E 380 2.36 51.44 3.64
CA MET E 380 3.04 50.36 4.35
C MET E 380 4.32 50.86 5.01
N ALA E 381 5.02 51.81 4.36
CA ALA E 381 6.25 52.31 4.93
C ALA E 381 6.00 53.19 6.14
N CYS E 382 4.81 53.80 6.22
CA CYS E 382 4.46 54.59 7.40
C CYS E 382 4.37 53.73 8.64
N GLU E 383 4.14 52.43 8.50
CA GLU E 383 4.04 51.51 9.62
C GLU E 383 5.34 50.75 9.87
N GLY E 384 6.42 51.11 9.19
CA GLY E 384 7.71 50.48 9.40
C GLY E 384 7.98 49.27 8.52
N MET E 385 7.08 48.92 7.60
CA MET E 385 7.37 47.86 6.66
C MET E 385 8.27 48.38 5.55
N LYS E 386 8.78 47.44 4.74
CA LYS E 386 9.79 47.72 3.72
C LYS E 386 9.25 47.30 2.36
N PRO E 387 8.38 48.11 1.75
CA PRO E 387 7.80 47.71 0.46
C PRO E 387 8.77 47.86 -0.70
N VAL E 388 8.69 46.93 -1.64
CA VAL E 388 9.41 46.99 -2.90
C VAL E 388 8.37 47.05 -4.01
N VAL E 389 8.41 48.12 -4.80
CA VAL E 389 7.51 48.29 -5.94
C VAL E 389 8.27 47.86 -7.18
N ALA E 390 7.86 46.75 -7.78
CA ALA E 390 8.39 46.30 -9.06
C ALA E 390 7.54 46.91 -10.17
N ILE E 391 8.17 47.67 -11.06
CA ILE E 391 7.42 48.42 -12.06
C ILE E 391 8.35 48.75 -13.24
N TYR E 392 7.86 48.53 -14.45
CA TYR E 392 8.64 48.88 -15.63
C TYR E 392 8.83 50.39 -15.70
N SER E 393 9.98 50.79 -16.25
CA SER E 393 10.26 52.22 -16.39
C SER E 393 9.15 52.93 -17.14
N THR E 394 8.66 52.32 -18.22
CA THR E 394 7.65 52.98 -19.03
C THR E 394 6.31 53.08 -18.30
N PHE E 395 6.01 52.13 -17.41
CA PHE E 395 4.75 52.20 -16.66
C PHE E 395 4.86 53.07 -15.41
N LEU E 396 6.08 53.24 -14.87
CA LEU E 396 6.26 54.11 -13.72
C LEU E 396 5.87 55.55 -14.03
N GLN E 397 5.93 55.96 -15.29
CA GLN E 397 5.56 57.34 -15.58
C GLN E 397 4.08 57.59 -15.30
N ARG E 398 3.27 56.54 -15.16
CA ARG E 398 1.87 56.71 -14.79
C ARG E 398 1.68 56.93 -13.30
N ALA E 399 2.68 56.60 -12.47
CA ALA E 399 2.64 56.83 -11.04
C ALA E 399 3.63 57.91 -10.61
N TYR E 400 4.03 58.77 -11.54
CA TYR E 400 5.01 59.81 -11.22
C TYR E 400 4.55 60.68 -10.06
N ASP E 401 3.27 61.06 -10.05
CA ASP E 401 2.78 61.95 -9.00
C ASP E 401 2.77 61.26 -7.64
N GLN E 402 2.41 59.98 -7.60
CA GLN E 402 2.45 59.25 -6.35
C GLN E 402 3.88 59.06 -5.85
N LEU E 403 4.83 58.89 -6.77
CA LEU E 403 6.24 58.80 -6.36
C LEU E 403 6.72 60.13 -5.79
N ILE E 404 6.39 61.24 -6.45
CA ILE E 404 6.85 62.55 -5.98
C ILE E 404 6.14 62.92 -4.68
N HIS E 405 4.80 62.96 -4.72
CA HIS E 405 4.02 63.59 -3.67
C HIS E 405 3.87 62.69 -2.45
N ASP E 406 3.63 61.40 -2.66
CA ASP E 406 3.35 60.50 -1.54
C ASP E 406 4.60 59.83 -0.97
N VAL E 407 5.65 59.66 -1.77
CA VAL E 407 6.87 58.99 -1.33
C VAL E 407 8.01 59.98 -1.09
N ALA E 408 8.45 60.67 -2.14
CA ALA E 408 9.67 61.46 -2.03
C ALA E 408 9.47 62.69 -1.16
N VAL E 409 8.33 63.37 -1.29
CA VAL E 409 8.07 64.55 -0.48
C VAL E 409 8.07 64.18 1.00
N GLN E 410 7.65 62.97 1.33
CA GLN E 410 7.66 62.47 2.69
C GLN E 410 8.93 61.68 3.00
N HIS E 411 9.81 61.48 2.02
CA HIS E 411 11.06 60.74 2.20
C HIS E 411 10.80 59.36 2.81
N LEU E 412 9.80 58.67 2.27
CA LEU E 412 9.41 57.38 2.83
C LEU E 412 10.29 56.26 2.27
N ASP E 413 10.40 55.20 3.06
CA ASP E 413 11.31 54.08 2.78
C ASP E 413 10.65 53.14 1.78
N VAL E 414 10.80 53.46 0.49
CA VAL E 414 10.22 52.68 -0.59
C VAL E 414 11.31 52.45 -1.64
N LEU E 415 11.47 51.21 -2.07
CA LEU E 415 12.39 50.85 -3.14
C LEU E 415 11.61 50.60 -4.43
N PHE E 416 12.05 51.23 -5.51
CA PHE E 416 11.48 51.03 -6.83
C PHE E 416 12.44 50.17 -7.65
N ALA E 417 12.02 48.97 -8.01
CA ALA E 417 12.80 48.06 -8.84
C ALA E 417 12.33 48.25 -10.28
N ILE E 418 13.09 49.02 -11.06
CA ILE E 418 12.64 49.54 -12.35
C ILE E 418 13.20 48.64 -13.45
N ASP E 419 12.35 47.76 -13.96
CA ASP E 419 12.69 46.85 -15.05
C ASP E 419 12.44 47.52 -16.39
N ARG E 420 12.90 46.85 -17.46
CA ARG E 420 12.71 47.32 -18.83
C ARG E 420 13.25 48.74 -19.00
N ALA E 421 14.35 49.04 -18.31
CA ALA E 421 15.01 50.32 -18.46
C ALA E 421 15.76 50.37 -19.79
N GLY E 422 15.57 51.44 -20.54
CA GLY E 422 16.20 51.58 -21.84
C GLY E 422 15.33 51.07 -22.98
N LEU E 423 15.97 50.64 -24.06
CA LEU E 423 15.23 50.13 -25.22
C LEU E 423 14.75 48.70 -24.97
N VAL E 424 13.52 48.41 -25.37
CA VAL E 424 12.89 47.14 -25.04
C VAL E 424 12.72 46.24 -26.26
N GLY E 425 13.05 46.70 -27.45
CA GLY E 425 13.06 45.86 -28.63
C GLY E 425 11.75 45.95 -29.40
N GLU E 426 11.12 44.80 -29.65
CA GLU E 426 10.06 44.71 -30.64
C GLU E 426 8.78 45.41 -30.20
N ASP E 427 8.56 45.54 -28.89
CA ASP E 427 7.36 46.25 -28.42
C ASP E 427 7.39 47.72 -28.80
N GLY E 428 8.56 48.27 -29.13
CA GLY E 428 8.64 49.56 -29.76
C GLY E 428 8.61 50.72 -28.77
N PRO E 429 8.37 51.93 -29.28
CA PRO E 429 8.57 53.13 -28.46
C PRO E 429 7.51 53.35 -27.39
N THR E 430 6.31 52.77 -27.52
CA THR E 430 5.31 52.94 -26.47
C THR E 430 5.78 52.32 -25.15
N HIS E 431 6.71 51.37 -25.20
CA HIS E 431 7.17 50.64 -24.02
C HIS E 431 8.61 50.97 -23.64
N ALA E 432 9.25 51.91 -24.34
CA ALA E 432 10.64 52.24 -24.06
C ALA E 432 10.79 52.86 -22.68
N GLY E 433 11.77 52.37 -21.91
CA GLY E 433 12.11 52.97 -20.64
C GLY E 433 13.19 54.02 -20.82
N SER E 434 12.85 55.10 -21.52
CA SER E 434 13.85 56.04 -22.01
C SER E 434 14.12 57.19 -21.05
N PHE E 435 13.27 57.43 -20.06
CA PHE E 435 13.25 58.71 -19.37
C PHE E 435 13.41 58.65 -17.85
N ASP E 436 13.48 57.45 -17.25
CA ASP E 436 13.38 57.39 -15.78
C ASP E 436 14.55 58.06 -15.09
N ILE E 437 15.76 58.01 -15.66
CA ILE E 437 16.85 58.77 -15.04
C ILE E 437 16.53 60.25 -15.06
N SER E 438 15.95 60.73 -16.16
CA SER E 438 15.66 62.16 -16.28
C SER E 438 14.53 62.58 -15.34
N TYR E 439 13.45 61.81 -15.28
CA TYR E 439 12.31 62.26 -14.49
C TYR E 439 12.42 61.90 -13.01
N LEU E 440 13.35 61.03 -12.62
CA LEU E 440 13.56 60.73 -11.21
C LEU E 440 14.70 61.54 -10.59
N ARG E 441 15.76 61.85 -11.35
CA ARG E 441 16.93 62.48 -10.75
C ARG E 441 16.67 63.94 -10.37
N CYS E 442 15.65 64.58 -10.94
CA CYS E 442 15.31 65.95 -10.56
C CYS E 442 14.48 66.01 -9.28
N ILE E 443 14.08 64.86 -8.73
CA ILE E 443 13.19 64.82 -7.57
C ILE E 443 14.06 64.76 -6.32
N PRO E 444 13.96 65.73 -5.41
CA PRO E 444 14.79 65.69 -4.20
C PRO E 444 14.48 64.46 -3.36
N GLY E 445 15.53 63.92 -2.74
CA GLY E 445 15.41 62.77 -1.86
C GLY E 445 15.58 61.43 -2.51
N MET E 446 15.57 61.37 -3.85
CA MET E 446 15.64 60.10 -4.55
C MET E 446 17.07 59.60 -4.66
N LEU E 447 17.27 58.34 -4.28
CA LEU E 447 18.49 57.60 -4.58
C LEU E 447 18.29 56.89 -5.91
N VAL E 448 19.14 57.18 -6.89
CA VAL E 448 18.97 56.71 -8.26
C VAL E 448 20.22 55.95 -8.67
N MET E 449 20.04 54.67 -9.01
CA MET E 449 21.15 53.74 -9.21
C MET E 449 21.01 53.01 -10.53
N THR E 450 22.17 52.71 -11.14
CA THR E 450 22.24 52.14 -12.48
C THR E 450 23.22 50.98 -12.50
N PRO E 451 22.78 49.79 -12.10
CA PRO E 451 23.71 48.64 -12.06
C PRO E 451 24.20 48.25 -13.44
N SER E 452 25.45 47.78 -13.49
CA SER E 452 26.09 47.45 -14.76
C SER E 452 26.07 45.96 -15.09
N ASP E 453 25.74 45.10 -14.13
CA ASP E 453 25.63 43.66 -14.41
C ASP E 453 24.81 43.00 -13.30
N GLU E 454 24.81 41.67 -13.32
CA GLU E 454 23.95 40.91 -12.40
C GLU E 454 24.38 41.10 -10.95
N ASP E 455 25.68 41.02 -10.69
CA ASP E 455 26.16 41.21 -9.32
C ASP E 455 25.88 42.62 -8.83
N GLU E 456 26.03 43.61 -9.71
CA GLU E 456 25.78 45.00 -9.32
C GLU E 456 24.30 45.22 -9.05
N LEU E 457 23.42 44.55 -9.80
CA LEU E 457 21.99 44.69 -9.56
C LEU E 457 21.64 44.18 -8.16
N ARG E 458 22.12 42.98 -7.81
CA ARG E 458 21.87 42.45 -6.48
C ARG E 458 22.39 43.40 -5.40
N LYS E 459 23.60 43.92 -5.58
CA LYS E 459 24.20 44.80 -4.58
C LYS E 459 23.43 46.10 -4.46
N LEU E 460 22.98 46.67 -5.58
CA LEU E 460 22.33 47.98 -5.51
C LEU E 460 20.87 47.88 -5.07
N LEU E 461 20.21 46.75 -5.35
CA LEU E 461 18.91 46.50 -4.74
C LEU E 461 19.04 46.49 -3.21
N THR E 462 20.02 45.76 -2.69
CA THR E 462 20.26 45.76 -1.25
C THR E 462 20.57 47.15 -0.75
N THR E 463 21.39 47.90 -1.47
CA THR E 463 21.74 49.26 -1.05
C THR E 463 20.50 50.13 -0.94
N GLY E 464 19.67 50.16 -1.99
CA GLY E 464 18.47 50.97 -1.94
C GLY E 464 17.46 50.45 -0.93
N TYR E 465 17.35 49.12 -0.80
CA TYR E 465 16.42 48.56 0.16
C TYR E 465 16.75 49.01 1.57
N LEU E 466 18.02 48.87 1.98
CA LEU E 466 18.41 49.21 3.34
C LEU E 466 18.48 50.72 3.54
N PHE E 467 18.66 51.50 2.48
CA PHE E 467 18.65 52.94 2.60
C PHE E 467 17.33 53.42 3.18
N ASP E 468 17.42 54.31 4.17
CA ASP E 468 16.23 54.83 4.85
C ASP E 468 15.67 56.00 4.06
N GLY E 469 14.90 55.68 3.03
CA GLY E 469 14.34 56.67 2.15
C GLY E 469 14.02 56.10 0.78
N PRO E 470 13.61 56.97 -0.15
CA PRO E 470 13.22 56.49 -1.48
C PRO E 470 14.44 56.14 -2.32
N ALA E 471 14.36 55.00 -3.00
CA ALA E 471 15.47 54.50 -3.81
C ALA E 471 14.94 53.86 -5.08
N ALA E 472 15.69 54.02 -6.16
CA ALA E 472 15.34 53.47 -7.47
C ALA E 472 16.53 52.74 -8.06
N VAL E 473 16.29 51.53 -8.57
CA VAL E 473 17.29 50.72 -9.24
C VAL E 473 16.74 50.34 -10.60
N ARG E 474 17.42 50.75 -11.67
CA ARG E 474 16.95 50.55 -13.04
C ARG E 474 17.80 49.49 -13.72
N TYR E 475 17.17 48.65 -14.54
CA TYR E 475 17.90 47.60 -15.25
C TYR E 475 17.10 47.20 -16.48
N PRO E 476 17.77 46.70 -17.52
CA PRO E 476 17.09 46.41 -18.78
C PRO E 476 16.43 45.04 -18.82
N ARG E 477 15.54 44.88 -19.80
CA ARG E 477 15.02 43.57 -20.13
C ARG E 477 16.15 42.69 -20.68
N GLY E 478 15.96 41.38 -20.57
CA GLY E 478 16.94 40.45 -21.08
C GLY E 478 17.99 40.06 -20.05
N SER E 479 19.06 39.45 -20.55
CA SER E 479 20.17 38.99 -19.74
C SER E 479 21.38 39.89 -19.91
N GLY E 480 22.42 39.62 -19.12
CA GLY E 480 23.58 40.47 -19.08
C GLY E 480 24.85 39.75 -19.47
N PRO E 481 26.01 40.28 -19.05
CA PRO E 481 27.28 39.64 -19.41
C PRO E 481 27.54 38.34 -18.66
N ASN E 482 26.70 37.98 -17.69
CA ASN E 482 26.81 36.71 -16.97
C ASN E 482 28.07 36.67 -16.11
N HIS E 483 28.22 37.69 -15.26
CA HIS E 483 29.33 37.70 -14.32
C HIS E 483 28.93 37.00 -13.03
N PRO E 484 29.90 36.53 -12.25
CA PRO E 484 29.56 35.88 -10.98
C PRO E 484 28.78 36.81 -10.07
N ILE E 485 27.85 36.22 -9.32
CA ILE E 485 26.99 36.96 -8.40
C ILE E 485 27.36 36.57 -6.98
N ASP E 486 27.73 37.56 -6.17
CA ASP E 486 28.02 37.32 -4.76
C ASP E 486 26.75 36.90 -4.03
N PRO E 487 26.72 35.74 -3.38
CA PRO E 487 25.46 35.31 -2.73
C PRO E 487 25.08 36.13 -1.52
N ASP E 488 26.01 36.88 -0.94
CA ASP E 488 25.72 37.62 0.28
C ASP E 488 24.72 38.76 -0.01
N LEU E 489 24.22 39.35 1.07
CA LEU E 489 23.28 40.47 1.01
C LEU E 489 23.89 41.63 1.79
N GLN E 490 24.77 42.36 1.14
CA GLN E 490 25.42 43.53 1.74
C GLN E 490 25.30 44.72 0.82
N PRO E 491 25.13 45.92 1.35
CA PRO E 491 25.08 47.12 0.52
C PRO E 491 26.48 47.58 0.13
N VAL E 492 26.52 48.57 -0.76
CA VAL E 492 27.76 49.25 -1.13
C VAL E 492 27.64 50.71 -0.72
N GLU E 493 28.78 51.38 -0.66
CA GLU E 493 28.79 52.77 -0.20
C GLU E 493 28.00 53.66 -1.15
N ILE E 494 27.10 54.46 -0.59
CA ILE E 494 26.24 55.30 -1.41
C ILE E 494 27.04 56.44 -1.98
N GLY E 495 26.80 56.75 -3.26
CA GLY E 495 27.43 57.89 -3.90
C GLY E 495 28.85 57.67 -4.36
N LYS E 496 29.28 56.41 -4.51
CA LYS E 496 30.65 56.11 -4.92
C LYS E 496 30.65 55.18 -6.11
N GLY E 497 31.38 55.56 -7.16
CA GLY E 497 31.62 54.67 -8.26
C GLY E 497 32.86 53.82 -8.03
N VAL E 498 33.07 52.86 -8.93
CA VAL E 498 34.27 52.04 -8.89
C VAL E 498 34.98 52.16 -10.23
N VAL E 499 36.28 52.42 -10.18
CA VAL E 499 37.09 52.47 -11.38
C VAL E 499 37.35 51.03 -11.83
N ARG E 500 36.82 50.67 -13.00
CA ARG E 500 37.00 49.35 -13.56
C ARG E 500 38.26 49.22 -14.41
N ARG E 501 38.85 50.34 -14.80
CA ARG E 501 40.02 50.31 -15.68
C ARG E 501 40.76 51.64 -15.57
N ARG E 502 42.05 51.58 -15.27
CA ARG E 502 42.88 52.77 -15.19
C ARG E 502 43.60 52.95 -16.53
N GLY E 503 43.37 54.09 -17.16
CA GLY E 503 44.00 54.40 -18.44
C GLY E 503 44.47 55.84 -18.49
N GLY E 504 44.31 56.47 -19.64
CA GLY E 504 44.68 57.88 -19.75
C GLY E 504 43.96 58.56 -20.90
N ARG E 505 44.04 59.89 -20.88
CA ARG E 505 43.53 60.76 -21.95
C ARG E 505 42.02 60.91 -21.92
N VAL E 506 41.29 59.80 -22.06
CA VAL E 506 39.83 59.83 -22.09
C VAL E 506 39.30 58.91 -21.00
N ALA E 507 38.26 59.37 -20.31
CA ALA E 507 37.63 58.62 -19.24
C ALA E 507 36.17 58.36 -19.59
N LEU E 508 35.75 57.11 -19.50
CA LEU E 508 34.37 56.72 -19.82
C LEU E 508 33.61 56.55 -18.51
N LEU E 509 32.66 57.44 -18.27
CA LEU E 509 31.80 57.40 -17.08
C LEU E 509 30.50 56.70 -17.47
N VAL E 510 30.38 55.43 -17.09
CA VAL E 510 29.28 54.57 -17.53
C VAL E 510 28.27 54.44 -16.40
N PHE E 511 27.02 54.78 -16.69
CA PHE E 511 25.89 54.57 -15.79
C PHE E 511 25.06 53.43 -16.37
N GLY E 512 25.38 52.20 -15.98
CA GLY E 512 24.54 51.06 -16.31
C GLY E 512 25.23 50.06 -17.22
N VAL E 513 24.42 49.36 -18.02
CA VAL E 513 24.83 48.10 -18.64
C VAL E 513 25.67 48.27 -19.90
N GLN E 514 25.96 49.49 -20.34
CA GLN E 514 26.90 49.65 -21.43
C GLN E 514 28.35 49.48 -20.99
N LEU E 515 28.58 49.16 -19.72
CA LEU E 515 29.94 49.04 -19.22
C LEU E 515 30.74 48.02 -20.02
N ALA E 516 30.13 46.89 -20.38
CA ALA E 516 30.85 45.87 -21.13
C ALA E 516 31.30 46.40 -22.49
N GLU E 517 30.43 47.13 -23.19
CA GLU E 517 30.82 47.72 -24.47
C GLU E 517 31.88 48.80 -24.27
N ALA E 518 31.76 49.59 -23.20
CA ALA E 518 32.76 50.62 -22.94
C ALA E 518 34.12 50.00 -22.66
N MET E 519 34.15 48.87 -21.97
CA MET E 519 35.43 48.20 -21.72
C MET E 519 36.07 47.75 -23.02
N LYS E 520 35.26 47.32 -23.99
CA LYS E 520 35.79 46.96 -25.30
C LYS E 520 36.48 48.15 -25.95
N VAL E 521 35.79 49.29 -26.01
CA VAL E 521 36.37 50.49 -26.60
C VAL E 521 37.63 50.88 -25.84
N ALA E 522 37.62 50.79 -24.51
CA ALA E 522 38.77 51.19 -23.73
C ALA E 522 39.99 50.36 -24.07
N GLU E 523 39.79 49.14 -24.57
CA GLU E 523 40.91 48.30 -24.97
C GLU E 523 41.73 48.95 -26.08
N SER E 524 41.06 49.53 -27.07
CA SER E 524 41.79 50.10 -28.21
C SER E 524 42.29 51.51 -27.93
N LEU E 525 41.62 52.26 -27.05
CA LEU E 525 41.99 53.64 -26.75
C LEU E 525 42.75 53.77 -25.43
N ASP E 526 42.97 52.68 -24.70
CA ASP E 526 43.58 52.70 -23.37
C ASP E 526 42.92 53.77 -22.49
N ALA E 527 41.60 53.74 -22.44
CA ALA E 527 40.85 54.74 -21.70
C ALA E 527 40.61 54.29 -20.26
N THR E 528 40.44 55.28 -19.38
CA THR E 528 39.90 55.01 -18.05
C THR E 528 38.42 54.71 -18.16
N VAL E 529 37.94 53.77 -17.32
CA VAL E 529 36.54 53.37 -17.32
C VAL E 529 36.05 53.32 -15.88
N VAL E 530 34.92 53.99 -15.64
CA VAL E 530 34.32 54.06 -14.31
C VAL E 530 32.91 53.49 -14.38
N ASP E 531 32.61 52.57 -13.48
CA ASP E 531 31.26 52.08 -13.24
C ASP E 531 30.65 52.99 -12.18
N MET E 532 29.82 53.95 -12.62
CA MET E 532 29.41 55.04 -11.74
C MET E 532 28.49 54.58 -10.63
N ARG E 533 27.64 53.59 -10.90
CA ARG E 533 26.70 53.05 -9.91
C ARG E 533 25.58 54.00 -9.55
N PHE E 534 25.89 55.26 -9.26
CA PHE E 534 24.92 56.21 -8.74
C PHE E 534 24.81 57.42 -9.67
N VAL E 535 23.58 57.73 -10.08
CA VAL E 535 23.34 59.03 -10.70
C VAL E 535 23.16 60.10 -9.62
N LYS E 536 22.49 59.74 -8.54
CA LYS E 536 22.18 60.66 -7.45
C LYS E 536 22.16 59.90 -6.13
N PRO E 537 23.02 60.25 -5.16
CA PRO E 537 24.06 61.29 -5.21
C PRO E 537 25.21 60.88 -6.12
N LEU E 538 25.74 61.84 -6.88
CA LEU E 538 26.85 61.60 -7.78
C LEU E 538 28.16 61.50 -7.01
N ASP E 539 29.09 60.71 -7.54
CA ASP E 539 30.44 60.61 -6.98
C ASP E 539 31.22 61.84 -7.43
N GLU E 540 30.97 62.95 -6.74
CA GLU E 540 31.56 64.22 -7.14
C GLU E 540 33.08 64.20 -6.98
N ALA E 541 33.59 63.57 -5.92
CA ALA E 541 35.03 63.52 -5.73
C ALA E 541 35.71 62.81 -6.88
N LEU E 542 35.11 61.72 -7.39
CA LEU E 542 35.74 60.98 -8.48
C LEU E 542 35.66 61.75 -9.79
N VAL E 543 34.52 62.38 -10.08
CA VAL E 543 34.42 63.19 -11.29
C VAL E 543 35.43 64.33 -11.23
N ARG E 544 35.57 64.96 -10.06
CA ARG E 544 36.55 66.03 -9.90
C ARG E 544 37.95 65.54 -10.23
N GLU E 545 38.33 64.38 -9.70
CA GLU E 545 39.66 63.84 -9.98
C GLU E 545 39.83 63.58 -11.48
N LEU E 546 38.86 62.91 -12.10
CA LEU E 546 38.97 62.57 -13.51
C LEU E 546 39.04 63.82 -14.38
N ALA E 547 38.27 64.85 -14.02
CA ALA E 547 38.26 66.07 -14.82
C ALA E 547 39.63 66.73 -14.85
N GLY E 548 40.40 66.61 -13.77
CA GLY E 548 41.72 67.20 -13.70
C GLY E 548 42.85 66.33 -14.20
N SER E 549 42.57 65.08 -14.60
CA SER E 549 43.59 64.15 -15.05
C SER E 549 43.35 63.60 -16.45
N HIS E 550 42.27 64.01 -17.12
CA HIS E 550 41.97 63.54 -18.47
C HIS E 550 41.64 64.72 -19.36
N GLU E 551 41.74 64.49 -20.68
CA GLU E 551 41.41 65.51 -21.66
C GLU E 551 39.97 65.46 -22.13
N LEU E 552 39.27 64.35 -21.90
CA LEU E 552 37.88 64.21 -22.32
C LEU E 552 37.17 63.28 -21.36
N LEU E 553 35.98 63.70 -20.92
CA LEU E 553 35.09 62.86 -20.15
C LEU E 553 33.92 62.46 -21.05
N VAL E 554 33.58 61.17 -21.04
CA VAL E 554 32.49 60.63 -21.84
C VAL E 554 31.50 59.95 -20.92
N THR E 555 30.25 60.40 -20.95
CA THR E 555 29.19 59.78 -20.17
C THR E 555 28.38 58.87 -21.09
N ILE E 556 27.95 57.72 -20.56
CA ILE E 556 27.24 56.71 -21.32
C ILE E 556 26.10 56.18 -20.45
N GLU E 557 24.89 56.17 -21.01
CA GLU E 557 23.68 55.80 -20.29
C GLU E 557 22.65 55.32 -21.31
N GLU E 558 21.77 54.41 -20.88
CA GLU E 558 20.64 53.98 -21.70
C GLU E 558 19.37 54.72 -21.28
N ASN E 559 19.45 56.04 -21.46
CA ASN E 559 18.41 56.99 -21.07
C ASN E 559 18.57 58.20 -21.98
N ALA E 560 17.50 58.97 -22.12
CA ALA E 560 17.56 60.19 -22.92
C ALA E 560 18.76 61.03 -22.49
N VAL E 561 19.53 61.51 -23.48
CA VAL E 561 20.62 62.43 -23.17
C VAL E 561 20.07 63.66 -22.47
N MET E 562 18.93 64.18 -22.94
CA MET E 562 18.33 65.36 -22.33
C MET E 562 17.90 65.04 -20.90
N GLY E 563 18.51 65.73 -19.94
CA GLY E 563 18.19 65.55 -18.54
C GLY E 563 18.78 64.32 -17.90
N GLY E 564 19.59 63.54 -18.62
CA GLY E 564 20.03 62.25 -18.16
C GLY E 564 21.21 62.31 -17.20
N ALA E 565 21.82 61.14 -17.01
CA ALA E 565 22.94 61.03 -16.07
C ALA E 565 24.12 61.88 -16.53
N GLY E 566 24.39 61.90 -17.84
CA GLY E 566 25.46 62.75 -18.34
C GLY E 566 25.25 64.20 -18.00
N SER E 567 24.00 64.66 -17.95
CA SER E 567 23.73 66.04 -17.62
C SER E 567 23.92 66.31 -16.14
N ALA E 568 23.77 65.28 -15.28
CA ALA E 568 24.14 65.46 -13.88
C ALA E 568 25.64 65.68 -13.73
N VAL E 569 26.44 65.04 -14.58
CA VAL E 569 27.88 65.28 -14.56
C VAL E 569 28.18 66.68 -15.06
N GLY E 570 27.58 67.07 -16.18
CA GLY E 570 27.76 68.43 -16.68
C GLY E 570 27.33 69.48 -15.68
N GLU E 571 26.25 69.21 -14.93
CA GLU E 571 25.80 70.16 -13.92
C GLU E 571 26.84 70.33 -12.84
N PHE E 572 27.46 69.23 -12.40
CA PHE E 572 28.49 69.32 -11.37
C PHE E 572 29.73 70.04 -11.91
N LEU E 573 30.18 69.66 -13.11
CA LEU E 573 31.34 70.34 -13.70
C LEU E 573 31.12 71.84 -13.79
N ALA E 574 29.93 72.25 -14.25
CA ALA E 574 29.62 73.67 -14.37
C ALA E 574 29.67 74.37 -13.02
N SER E 575 29.08 73.74 -11.98
CA SER E 575 29.01 74.39 -10.68
C SER E 575 30.38 74.55 -10.03
N GLU E 576 31.34 73.70 -10.38
CA GLU E 576 32.70 73.79 -9.86
C GLU E 576 33.63 74.56 -10.78
N GLY E 577 33.18 74.94 -11.97
CA GLY E 577 34.03 75.65 -12.90
C GLY E 577 35.08 74.79 -13.57
N LEU E 578 34.83 73.48 -13.68
CA LEU E 578 35.76 72.56 -14.33
C LEU E 578 35.43 72.51 -15.82
N GLU E 579 36.37 72.93 -16.66
CA GLU E 579 36.14 73.13 -18.08
C GLU E 579 36.67 71.99 -18.94
N VAL E 580 36.68 70.78 -18.41
CA VAL E 580 37.10 69.60 -19.18
C VAL E 580 36.05 69.31 -20.24
N PRO E 581 36.43 68.99 -21.48
CA PRO E 581 35.43 68.61 -22.48
C PRO E 581 34.57 67.44 -22.01
N LEU E 582 33.30 67.49 -22.42
CA LEU E 582 32.31 66.50 -22.00
C LEU E 582 31.53 66.02 -23.22
N LEU E 583 31.52 64.71 -23.45
CA LEU E 583 30.76 64.08 -24.52
C LEU E 583 29.69 63.20 -23.89
N GLN E 584 28.43 63.48 -24.20
CA GLN E 584 27.30 62.77 -23.60
C GLN E 584 26.71 61.81 -24.63
N LEU E 585 26.77 60.52 -24.33
CA LEU E 585 26.23 59.47 -25.18
C LEU E 585 25.02 58.85 -24.49
N GLY E 586 23.98 58.59 -25.27
CA GLY E 586 22.74 58.08 -24.72
C GLY E 586 21.66 57.97 -25.77
N LEU E 587 20.41 58.05 -25.32
CA LEU E 587 19.31 57.90 -26.25
C LEU E 587 18.99 59.24 -26.92
N PRO E 588 18.77 59.25 -28.22
CA PRO E 588 18.50 60.51 -28.92
C PRO E 588 17.10 61.04 -28.64
N ASP E 589 16.87 62.28 -29.06
CA ASP E 589 15.61 62.97 -28.81
C ASP E 589 14.55 62.64 -29.86
N TYR E 590 14.30 61.35 -30.05
CA TYR E 590 13.20 60.91 -30.88
C TYR E 590 12.81 59.50 -30.43
N TYR E 591 11.69 59.02 -30.96
CA TYR E 591 11.17 57.71 -30.61
C TYR E 591 11.75 56.67 -31.55
N VAL E 592 12.52 55.73 -31.00
CA VAL E 592 13.26 54.76 -31.79
C VAL E 592 12.31 53.70 -32.30
N GLU E 593 12.34 53.45 -33.60
CA GLU E 593 11.45 52.47 -34.21
C GLU E 593 11.80 51.06 -33.73
N HIS E 594 10.77 50.22 -33.65
CA HIS E 594 10.95 48.87 -33.14
C HIS E 594 11.92 48.07 -34.00
N ALA E 595 12.63 47.15 -33.36
CA ALA E 595 13.59 46.27 -34.02
C ALA E 595 14.15 45.32 -32.98
N LYS E 596 15.19 44.56 -33.34
CA LYS E 596 15.90 43.78 -32.33
C LYS E 596 16.56 44.74 -31.35
N PRO E 597 16.60 44.42 -30.05
CA PRO E 597 17.33 45.29 -29.11
C PRO E 597 18.73 45.65 -29.59
N SER E 598 19.44 44.71 -30.21
CA SER E 598 20.78 45.02 -30.72
C SER E 598 20.74 46.02 -31.86
N GLU E 599 19.68 46.00 -32.67
CA GLU E 599 19.58 46.94 -33.78
C GLU E 599 19.23 48.33 -33.29
N MET E 600 18.38 48.44 -32.25
CA MET E 600 18.02 49.75 -31.72
C MET E 600 19.19 50.37 -30.98
N LEU E 601 19.96 49.56 -30.25
CA LEU E 601 21.15 50.08 -29.59
C LEU E 601 22.19 50.55 -30.60
N ALA E 602 22.37 49.80 -31.69
CA ALA E 602 23.31 50.21 -32.73
C ALA E 602 22.87 51.52 -33.37
N GLU E 603 21.57 51.66 -33.66
CA GLU E 603 21.06 52.91 -34.22
C GLU E 603 21.38 54.08 -33.31
N CYS E 604 21.22 53.91 -32.00
CA CYS E 604 21.51 54.97 -31.05
C CYS E 604 23.00 55.12 -30.77
N GLY E 605 23.84 54.27 -31.34
CA GLY E 605 25.27 54.37 -31.13
C GLY E 605 25.73 53.93 -29.76
N LEU E 606 25.02 53.01 -29.12
CA LEU E 606 25.33 52.56 -27.77
C LEU E 606 25.95 51.18 -27.74
N ASP E 607 26.45 50.69 -28.88
CA ASP E 607 27.32 49.52 -28.91
C ASP E 607 28.78 49.98 -29.03
N ALA E 608 29.69 49.02 -28.91
CA ALA E 608 31.11 49.35 -28.91
C ALA E 608 31.50 50.14 -30.14
N ALA E 609 31.05 49.70 -31.33
CA ALA E 609 31.38 50.40 -32.56
C ALA E 609 30.90 51.85 -32.52
N GLY E 610 29.66 52.05 -32.07
CA GLY E 610 29.10 53.40 -32.04
C GLY E 610 29.78 54.28 -31.00
N ILE E 611 30.05 53.73 -29.81
CA ILE E 611 30.75 54.49 -28.79
C ILE E 611 32.15 54.85 -29.27
N GLU E 612 32.86 53.88 -29.83
CA GLU E 612 34.22 54.12 -30.32
C GLU E 612 34.22 55.22 -31.38
N LYS E 613 33.29 55.14 -32.33
CA LYS E 613 33.24 56.16 -33.38
C LYS E 613 33.03 57.54 -32.79
N ALA E 614 32.08 57.69 -31.87
CA ALA E 614 31.78 58.99 -31.29
C ALA E 614 32.97 59.53 -30.48
N VAL E 615 33.66 58.66 -29.76
CA VAL E 615 34.79 59.11 -28.96
C VAL E 615 35.94 59.55 -29.84
N ARG E 616 36.25 58.75 -30.87
CA ARG E 616 37.35 59.09 -31.77
C ARG E 616 37.09 60.42 -32.48
N GLN E 617 35.84 60.66 -32.89
CA GLN E 617 35.53 61.90 -33.62
C GLN E 617 35.64 63.11 -32.70
N ARG E 618 35.22 62.97 -31.44
CA ARG E 618 35.36 64.08 -30.49
C ARG E 618 36.84 64.39 -30.24
N LEU E 619 37.65 63.35 -30.03
CA LEU E 619 39.08 63.53 -29.79
C LEU E 619 39.75 64.19 -30.98
N MET F 29 43.66 29.50 -5.73
CA MET F 29 44.58 28.38 -5.93
C MET F 29 44.29 27.24 -4.97
N PRO F 30 44.19 26.02 -5.50
CA PRO F 30 43.94 24.87 -4.62
C PRO F 30 45.18 24.53 -3.79
N LYS F 31 44.94 24.18 -2.53
CA LYS F 31 45.99 23.85 -1.59
C LYS F 31 46.12 22.34 -1.45
N THR F 32 47.36 21.86 -1.32
CA THR F 32 47.64 20.45 -1.14
C THR F 32 47.87 20.18 0.35
N LEU F 33 47.01 19.36 0.93
CA LEU F 33 47.19 18.92 2.31
C LEU F 33 48.25 17.81 2.35
N HIS F 34 49.07 17.84 3.41
CA HIS F 34 50.24 16.97 3.47
C HIS F 34 50.26 16.03 4.67
N GLU F 35 49.43 16.25 5.68
CA GLU F 35 49.40 15.38 6.85
C GLU F 35 47.97 15.01 7.19
N ILE F 36 47.80 13.80 7.71
CA ILE F 36 46.48 13.32 8.12
C ILE F 36 46.15 13.91 9.49
N PRO F 37 45.01 14.59 9.64
CA PRO F 37 44.66 15.13 10.96
C PRO F 37 44.49 14.02 11.99
N ARG F 38 45.06 14.25 13.17
CA ARG F 38 44.90 13.32 14.29
C ARG F 38 43.71 13.66 15.17
N GLU F 39 43.14 14.86 15.03
CA GLU F 39 42.02 15.31 15.85
C GLU F 39 40.85 15.67 14.95
N ARG F 40 39.63 15.52 15.50
CA ARG F 40 38.41 15.84 14.78
C ARG F 40 38.51 17.24 14.20
N PRO F 41 38.57 17.39 12.89
CA PRO F 41 38.65 18.73 12.30
C PRO F 41 37.33 19.48 12.46
N ALA F 42 37.44 20.81 12.44
CA ALA F 42 36.28 21.68 12.56
C ALA F 42 35.57 21.73 11.21
N THR F 43 34.35 21.19 11.16
CA THR F 43 33.59 21.07 9.93
C THR F 43 32.16 21.56 10.15
N PRO F 44 31.98 22.85 10.45
CA PRO F 44 30.63 23.35 10.75
C PRO F 44 29.65 23.22 9.59
N LEU F 45 30.13 23.31 8.34
CA LEU F 45 29.24 23.22 7.19
C LEU F 45 28.90 21.78 6.86
N LEU F 46 29.89 20.87 6.96
CA LEU F 46 29.59 19.45 6.79
C LEU F 46 28.57 18.97 7.81
N ASP F 47 28.64 19.50 9.03
CA ASP F 47 27.71 19.10 10.08
C ASP F 47 26.28 19.54 9.78
N ARG F 48 26.10 20.54 8.92
CA ARG F 48 24.77 20.94 8.48
C ARG F 48 24.32 20.17 7.24
N ALA F 49 25.17 19.29 6.70
CA ALA F 49 24.81 18.46 5.56
C ALA F 49 24.87 17.00 5.97
N SER F 50 24.11 16.63 7.01
CA SER F 50 24.12 15.26 7.50
C SER F 50 23.38 14.31 6.59
N SER F 51 22.54 14.83 5.71
CA SER F 51 21.76 14.01 4.79
C SER F 51 21.61 14.77 3.49
N PRO F 52 21.26 14.08 2.39
CA PRO F 52 21.11 14.80 1.11
C PRO F 52 20.06 15.90 1.16
N ALA F 53 18.96 15.69 1.88
CA ALA F 53 17.94 16.74 1.99
C ALA F 53 18.53 18.00 2.62
N GLU F 54 19.33 17.83 3.66
CA GLU F 54 19.96 18.99 4.30
C GLU F 54 21.00 19.62 3.38
N LEU F 55 21.80 18.81 2.71
CA LEU F 55 22.78 19.32 1.76
C LEU F 55 22.10 20.19 0.70
N ARG F 56 20.94 19.75 0.21
CA ARG F 56 20.26 20.47 -0.86
C ARG F 56 19.64 21.79 -0.39
N ARG F 57 19.62 22.04 0.91
CA ARG F 57 19.21 23.34 1.43
C ARG F 57 20.36 24.34 1.48
N LEU F 58 21.59 23.90 1.22
CA LEU F 58 22.73 24.80 1.19
C LEU F 58 22.82 25.50 -0.17
N GLY F 59 23.62 26.56 -0.22
CA GLY F 59 23.79 27.32 -1.43
C GLY F 59 24.96 26.82 -2.26
N GLU F 60 24.82 26.91 -3.58
CA GLU F 60 25.86 26.42 -4.49
C GLU F 60 27.21 27.05 -4.19
N ALA F 61 27.23 28.28 -3.69
CA ALA F 61 28.49 28.94 -3.36
C ALA F 61 29.14 28.39 -2.11
N ASP F 62 28.44 27.54 -1.36
CA ASP F 62 28.98 26.93 -0.15
C ASP F 62 29.61 25.57 -0.40
N LEU F 63 29.43 24.99 -1.60
CA LEU F 63 29.79 23.59 -1.81
C LEU F 63 31.29 23.38 -1.80
N GLU F 64 32.06 24.35 -2.32
CA GLU F 64 33.51 24.17 -2.35
C GLU F 64 34.12 24.23 -0.96
N THR F 65 33.53 25.03 -0.06
CA THR F 65 33.93 24.96 1.34
C THR F 65 33.54 23.62 1.95
N LEU F 66 32.32 23.16 1.65
CA LEU F 66 31.90 21.83 2.09
C LEU F 66 32.87 20.76 1.61
N ALA F 67 33.33 20.87 0.36
CA ALA F 67 34.25 19.86 -0.17
C ALA F 67 35.56 19.84 0.61
N ASP F 68 36.09 21.01 0.96
CA ASP F 68 37.30 21.06 1.77
C ASP F 68 37.07 20.40 3.13
N GLU F 69 35.93 20.67 3.75
CA GLU F 69 35.64 20.12 5.07
C GLU F 69 35.42 18.61 4.98
N LEU F 70 34.70 18.15 3.96
CA LEU F 70 34.51 16.72 3.77
C LEU F 70 35.84 16.01 3.59
N ARG F 71 36.77 16.62 2.84
CA ARG F 71 38.10 16.04 2.69
C ARG F 71 38.81 15.95 4.04
N GLN F 72 38.74 17.02 4.83
CA GLN F 72 39.40 17.02 6.13
C GLN F 72 38.83 15.92 7.03
N TYR F 73 37.50 15.80 7.07
CA TYR F 73 36.90 14.75 7.88
C TYR F 73 37.24 13.37 7.33
N LEU F 74 37.26 13.22 6.00
CA LEU F 74 37.58 11.93 5.40
C LEU F 74 38.99 11.49 5.78
N LEU F 75 39.97 12.37 5.59
CA LEU F 75 41.34 12.05 6.00
C LEU F 75 41.38 11.69 7.48
N TYR F 76 40.64 12.43 8.31
CA TYR F 76 40.69 12.19 9.75
C TYR F 76 40.11 10.84 10.11
N THR F 77 38.94 10.50 9.57
CA THR F 77 38.24 9.31 10.04
C THR F 77 38.90 8.03 9.52
N VAL F 78 39.42 8.05 8.29
CA VAL F 78 40.12 6.87 7.78
C VAL F 78 41.44 6.68 8.52
N GLY F 79 42.11 7.79 8.88
CA GLY F 79 43.27 7.69 9.74
C GLY F 79 42.96 7.08 11.09
N GLN F 80 41.70 7.15 11.53
CA GLN F 80 41.32 6.59 12.81
C GLN F 80 41.00 5.09 12.71
N THR F 81 40.41 4.67 11.59
CA THR F 81 39.94 3.30 11.45
C THR F 81 40.67 2.49 10.39
N GLY F 82 41.44 3.14 9.51
CA GLY F 82 41.96 2.46 8.35
C GLY F 82 40.86 2.15 7.36
N GLY F 83 41.22 1.88 6.12
CA GLY F 83 40.25 1.56 5.09
C GLY F 83 40.70 2.08 3.75
N HIS F 84 39.77 2.10 2.81
CA HIS F 84 40.05 2.63 1.47
C HIS F 84 40.15 4.15 1.54
N PHE F 85 41.02 4.70 0.70
CA PHE F 85 41.57 6.03 0.92
C PHE F 85 41.55 6.88 -0.34
N GLY F 86 42.43 6.56 -1.30
CA GLY F 86 42.61 7.44 -2.45
C GLY F 86 41.37 7.56 -3.31
N ALA F 87 40.64 6.46 -3.51
CA ALA F 87 39.47 6.51 -4.38
C ALA F 87 38.42 7.47 -3.85
N GLY F 88 38.18 7.44 -2.53
CA GLY F 88 37.20 8.34 -1.95
C GLY F 88 37.57 9.80 -2.12
N LEU F 89 38.85 10.12 -1.88
CA LEU F 89 39.29 11.49 -2.08
C LEU F 89 39.03 11.99 -3.49
N GLY F 90 39.11 11.08 -4.48
CA GLY F 90 38.92 11.47 -5.86
C GLY F 90 37.49 11.82 -6.24
N VAL F 91 36.51 11.40 -5.44
CA VAL F 91 35.10 11.60 -5.79
C VAL F 91 34.40 12.50 -4.77
N VAL F 92 35.15 13.29 -3.99
CA VAL F 92 34.51 14.16 -3.01
C VAL F 92 33.58 15.15 -3.71
N GLU F 93 34.11 15.90 -4.68
CA GLU F 93 33.28 16.85 -5.40
C GLU F 93 32.15 16.15 -6.16
N LEU F 94 32.48 15.05 -6.84
CA LEU F 94 31.46 14.31 -7.58
C LEU F 94 30.35 13.85 -6.66
N THR F 95 30.69 13.34 -5.47
CA THR F 95 29.67 12.88 -4.54
C THR F 95 28.79 14.04 -4.08
N ILE F 96 29.40 15.18 -3.76
CA ILE F 96 28.63 16.35 -3.34
C ILE F 96 27.67 16.77 -4.45
N ALA F 97 28.19 16.88 -5.68
CA ALA F 97 27.35 17.32 -6.79
C ALA F 97 26.20 16.36 -7.03
N LEU F 98 26.43 15.06 -6.85
CA LEU F 98 25.40 14.07 -7.17
C LEU F 98 24.21 14.19 -6.22
N HIS F 99 24.47 14.29 -4.91
CA HIS F 99 23.38 14.41 -3.95
C HIS F 99 22.76 15.80 -3.94
N TYR F 100 23.50 16.82 -4.39
CA TYR F 100 22.93 18.15 -4.53
C TYR F 100 21.94 18.21 -5.68
N VAL F 101 22.29 17.61 -6.82
CA VAL F 101 21.47 17.74 -8.02
C VAL F 101 20.35 16.72 -8.08
N PHE F 102 20.58 15.50 -7.58
CA PHE F 102 19.61 14.43 -7.70
C PHE F 102 18.79 14.29 -6.41
N ASP F 103 17.58 13.76 -6.57
CA ASP F 103 16.62 13.67 -5.47
C ASP F 103 16.77 12.34 -4.74
N THR F 104 17.95 12.13 -4.18
CA THR F 104 18.20 10.93 -3.39
C THR F 104 17.45 11.03 -2.06
N PRO F 105 16.96 9.91 -1.53
CA PRO F 105 17.10 8.52 -1.99
C PRO F 105 16.09 8.09 -3.05
N ASP F 106 15.15 8.94 -3.44
CA ASP F 106 14.15 8.54 -4.43
C ASP F 106 14.80 8.27 -5.78
N ASP F 107 15.66 9.18 -6.23
CA ASP F 107 16.52 8.89 -7.37
C ASP F 107 17.57 7.86 -6.94
N ARG F 108 17.83 6.90 -7.82
CA ARG F 108 18.67 5.75 -7.48
C ARG F 108 20.11 6.02 -7.91
N LEU F 109 21.02 5.98 -6.94
CA LEU F 109 22.45 6.14 -7.18
C LEU F 109 23.15 4.82 -6.87
N VAL F 110 23.87 4.28 -7.83
CA VAL F 110 24.59 3.02 -7.69
C VAL F 110 26.08 3.32 -7.79
N TRP F 111 26.83 2.95 -6.76
CA TRP F 111 28.28 3.11 -6.72
C TRP F 111 28.94 1.80 -7.10
N ASP F 112 29.85 1.85 -8.08
CA ASP F 112 30.55 0.66 -8.52
C ASP F 112 31.70 0.33 -7.57
N VAL F 113 31.77 -0.92 -7.13
CA VAL F 113 32.75 -1.39 -6.16
C VAL F 113 32.36 -0.89 -4.78
N GLY F 114 32.29 0.43 -4.61
CA GLY F 114 31.89 1.04 -3.36
C GLY F 114 33.03 1.43 -2.45
N HIS F 115 34.26 1.05 -2.78
CA HIS F 115 35.41 1.47 -1.99
C HIS F 115 35.58 3.00 -1.98
N GLN F 116 34.98 3.70 -2.95
CA GLN F 116 35.04 5.14 -3.03
C GLN F 116 33.82 5.81 -2.39
N ALA F 117 33.01 5.07 -1.66
CA ALA F 117 31.72 5.55 -1.18
C ALA F 117 31.76 6.08 0.26
N TYR F 118 32.94 6.30 0.82
CA TYR F 118 33.00 6.91 2.14
C TYR F 118 32.39 8.30 2.14
N PRO F 119 32.75 9.21 1.22
CA PRO F 119 32.02 10.49 1.15
C PRO F 119 30.51 10.31 1.06
N HIS F 120 30.07 9.33 0.26
CA HIS F 120 28.64 9.04 0.15
C HIS F 120 28.05 8.70 1.51
N LYS F 121 28.72 7.83 2.26
CA LYS F 121 28.22 7.46 3.59
C LYS F 121 28.21 8.67 4.51
N ILE F 122 29.22 9.52 4.41
CA ILE F 122 29.33 10.68 5.28
C ILE F 122 28.17 11.66 5.05
N LEU F 123 27.69 11.74 3.81
CA LEU F 123 26.59 12.63 3.46
C LEU F 123 25.22 11.97 3.59
N THR F 124 25.17 10.69 3.97
CA THR F 124 23.90 9.99 4.06
C THR F 124 23.69 9.42 5.46
N GLU F 125 23.76 10.29 6.47
CA GLU F 125 23.34 10.01 7.84
C GLU F 125 24.28 9.08 8.59
N ARG F 126 25.53 8.93 8.14
CA ARG F 126 26.47 8.03 8.77
C ARG F 126 27.81 8.68 9.10
N ARG F 127 27.90 10.01 9.03
CA ARG F 127 29.16 10.68 9.35
C ARG F 127 29.66 10.29 10.73
N GLU F 128 28.81 10.45 11.75
CA GLU F 128 29.21 10.21 13.13
C GLU F 128 29.32 8.72 13.44
N LEU F 129 29.01 7.84 12.50
CA LEU F 129 29.23 6.42 12.65
C LEU F 129 30.47 5.93 11.89
N MET F 130 31.13 6.82 11.15
CA MET F 130 32.36 6.43 10.45
C MET F 130 33.42 5.92 11.41
N GLY F 131 33.37 6.33 12.68
CA GLY F 131 34.32 5.83 13.66
C GLY F 131 34.22 4.34 13.91
N THR F 132 33.08 3.74 13.58
CA THR F 132 32.89 2.30 13.70
C THR F 132 33.18 1.56 12.39
N LEU F 133 33.74 2.25 11.39
CA LEU F 133 33.86 1.68 10.06
C LEU F 133 34.74 0.43 10.07
N ARG F 134 34.26 -0.63 9.43
CA ARG F 134 34.99 -1.87 9.21
C ARG F 134 35.33 -2.59 10.51
N GLN F 135 34.65 -2.24 11.61
CA GLN F 135 34.75 -2.96 12.86
C GLN F 135 33.50 -3.81 13.05
N LYS F 136 33.61 -4.80 13.94
CA LYS F 136 32.47 -5.66 14.24
C LYS F 136 31.28 -4.82 14.68
N ASN F 137 30.13 -5.05 14.02
CA ASN F 137 28.87 -4.36 14.28
C ASN F 137 28.89 -2.89 13.86
N GLY F 138 29.96 -2.45 13.18
CA GLY F 138 30.02 -1.10 12.64
C GLY F 138 29.67 -1.06 11.16
N LEU F 139 29.83 0.13 10.58
CA LEU F 139 29.55 0.31 9.16
C LEU F 139 30.39 -0.66 8.33
N ALA F 140 29.78 -1.19 7.28
CA ALA F 140 30.46 -2.15 6.42
C ALA F 140 31.44 -1.44 5.48
N ALA F 141 32.25 -2.24 4.80
CA ALA F 141 33.29 -1.71 3.93
C ALA F 141 32.74 -1.04 2.68
N PHE F 142 31.53 -1.42 2.25
CA PHE F 142 30.96 -0.91 1.01
C PHE F 142 29.50 -0.55 1.22
N PRO F 143 28.88 0.16 0.27
CA PRO F 143 27.43 0.38 0.36
C PRO F 143 26.71 -0.95 0.53
N ARG F 144 25.60 -0.91 1.27
CA ARG F 144 24.89 -2.12 1.65
C ARG F 144 23.42 -1.78 1.83
N ARG F 145 22.56 -2.47 1.10
CA ARG F 145 21.14 -2.15 1.14
C ARG F 145 20.59 -2.23 2.55
N ALA F 146 21.00 -3.24 3.32
CA ALA F 146 20.51 -3.39 4.68
C ALA F 146 21.02 -2.29 5.62
N GLU F 147 22.09 -1.60 5.25
CA GLU F 147 22.69 -0.62 6.13
C GLU F 147 22.03 0.76 6.01
N SER F 148 21.55 1.13 4.83
CA SER F 148 20.96 2.45 4.64
C SER F 148 20.04 2.44 3.43
N GLU F 149 18.97 3.23 3.51
CA GLU F 149 18.09 3.42 2.37
C GLU F 149 18.79 4.17 1.24
N TYR F 150 19.87 4.89 1.53
CA TYR F 150 20.63 5.59 0.52
C TYR F 150 21.58 4.66 -0.25
N ASP F 151 21.69 3.40 0.16
CA ASP F 151 22.51 2.41 -0.53
C ASP F 151 21.57 1.53 -1.37
N THR F 152 21.60 1.74 -2.69
CA THR F 152 20.67 1.08 -3.58
C THR F 152 21.11 -0.32 -4.00
N PHE F 153 22.40 -0.63 -3.91
CA PHE F 153 22.89 -1.92 -4.35
C PHE F 153 24.16 -2.28 -3.57
N GLY F 154 24.16 -3.45 -2.95
CA GLY F 154 25.34 -3.94 -2.26
C GLY F 154 26.43 -4.28 -3.26
N VAL F 155 27.59 -3.66 -3.12
CA VAL F 155 28.69 -3.83 -4.06
C VAL F 155 29.94 -4.27 -3.30
N GLY F 156 30.97 -4.59 -4.06
CA GLY F 156 32.23 -5.07 -3.51
C GLY F 156 33.04 -5.62 -4.66
N HIS F 157 32.51 -6.66 -5.30
CA HIS F 157 32.93 -7.00 -6.65
C HIS F 157 32.60 -5.83 -7.57
N SER F 158 33.40 -5.66 -8.61
CA SER F 158 33.29 -4.49 -9.46
C SER F 158 32.38 -4.74 -10.65
N SER F 159 32.00 -3.66 -11.31
CA SER F 159 31.39 -3.64 -12.64
C SER F 159 29.93 -4.06 -12.64
N THR F 160 29.27 -4.08 -11.48
CA THR F 160 27.86 -4.43 -11.40
C THR F 160 26.94 -3.22 -11.44
N SER F 161 27.49 -2.00 -11.40
CA SER F 161 26.65 -0.82 -11.21
C SER F 161 25.73 -0.58 -12.41
N ILE F 162 26.28 -0.68 -13.63
CA ILE F 162 25.47 -0.37 -14.81
C ILE F 162 24.32 -1.38 -14.95
N SER F 163 24.63 -2.66 -14.80
CA SER F 163 23.58 -3.68 -14.88
C SER F 163 22.50 -3.43 -13.83
N ALA F 164 22.92 -3.15 -12.59
CA ALA F 164 21.96 -2.96 -11.50
C ALA F 164 21.10 -1.73 -11.74
N ALA F 165 21.72 -0.61 -12.14
CA ALA F 165 20.95 0.60 -12.38
C ALA F 165 20.01 0.42 -13.57
N LEU F 166 20.43 -0.32 -14.59
CA LEU F 166 19.54 -0.59 -15.72
C LEU F 166 18.29 -1.33 -15.26
N GLY F 167 18.47 -2.41 -14.49
CA GLY F 167 17.32 -3.13 -13.97
C GLY F 167 16.40 -2.24 -13.16
N MET F 168 16.98 -1.36 -12.35
CA MET F 168 16.17 -0.40 -11.58
C MET F 168 15.40 0.51 -12.52
N ALA F 169 16.07 1.04 -13.55
CA ALA F 169 15.41 1.95 -14.47
C ALA F 169 14.29 1.27 -15.23
N ILE F 170 14.50 0.01 -15.62
CA ILE F 170 13.46 -0.71 -16.36
C ILE F 170 12.24 -0.92 -15.47
N ALA F 171 12.45 -1.31 -14.22
CA ALA F 171 11.34 -1.52 -13.30
C ALA F 171 10.62 -0.21 -12.99
N ALA F 172 11.36 0.87 -12.76
CA ALA F 172 10.74 2.15 -12.44
C ALA F 172 9.89 2.65 -13.61
N ARG F 173 10.35 2.43 -14.84
CA ARG F 173 9.58 2.86 -16.00
C ARG F 173 8.25 2.10 -16.08
N LEU F 174 8.29 0.78 -15.92
CA LEU F 174 7.06 0.00 -15.94
C LEU F 174 6.13 0.40 -14.81
N GLN F 175 6.67 0.79 -13.66
CA GLN F 175 5.86 1.19 -12.53
C GLN F 175 5.39 2.63 -12.59
N GLY F 176 5.99 3.45 -13.46
CA GLY F 176 5.56 4.83 -13.61
C GLY F 176 6.03 5.76 -12.51
N LYS F 177 7.20 5.49 -11.93
CA LYS F 177 7.69 6.27 -10.79
C LYS F 177 8.54 7.46 -11.20
N GLU F 178 8.89 7.59 -12.48
CA GLU F 178 9.71 8.70 -12.97
C GLU F 178 10.92 8.91 -12.07
N ARG F 179 11.64 7.82 -11.81
CA ARG F 179 12.89 7.87 -11.06
C ARG F 179 14.06 8.11 -12.01
N LYS F 180 15.09 8.76 -11.47
CA LYS F 180 16.38 8.81 -12.13
C LYS F 180 17.23 7.63 -11.65
N SER F 181 18.06 7.12 -12.55
CA SER F 181 18.96 6.01 -12.24
C SER F 181 20.36 6.40 -12.67
N VAL F 182 21.31 6.37 -11.73
CA VAL F 182 22.67 6.82 -11.97
C VAL F 182 23.64 5.75 -11.50
N ALA F 183 24.59 5.40 -12.38
CA ALA F 183 25.66 4.47 -12.05
C ALA F 183 26.99 5.19 -12.16
N VAL F 184 27.78 5.16 -11.09
CA VAL F 184 29.12 5.74 -11.08
C VAL F 184 30.11 4.59 -11.14
N ILE F 185 30.84 4.50 -12.25
CA ILE F 185 31.74 3.38 -12.51
C ILE F 185 33.11 3.93 -12.84
N GLY F 186 34.14 3.38 -12.20
CA GLY F 186 35.50 3.80 -12.46
C GLY F 186 36.04 3.22 -13.75
N ASP F 187 37.10 3.86 -14.26
CA ASP F 187 37.72 3.39 -15.49
C ASP F 187 38.24 1.97 -15.35
N GLY F 188 38.66 1.58 -14.14
CA GLY F 188 39.09 0.20 -13.94
C GLY F 188 37.95 -0.79 -14.02
N ALA F 189 36.85 -0.49 -13.31
CA ALA F 189 35.70 -1.40 -13.32
C ALA F 189 35.08 -1.51 -14.71
N LEU F 190 35.24 -0.48 -15.55
CA LEU F 190 34.69 -0.51 -16.90
C LEU F 190 35.38 -1.50 -17.81
N THR F 191 36.55 -2.03 -17.42
CA THR F 191 37.27 -2.99 -18.24
C THR F 191 36.64 -4.38 -18.19
N ALA F 192 35.67 -4.61 -17.33
CA ALA F 192 35.08 -5.94 -17.16
C ALA F 192 34.02 -6.19 -18.24
N GLY F 193 33.94 -7.45 -18.66
CA GLY F 193 33.00 -7.81 -19.72
C GLY F 193 31.56 -7.47 -19.38
N MET F 194 31.17 -7.66 -18.12
CA MET F 194 29.77 -7.46 -17.76
C MET F 194 29.35 -6.00 -17.87
N ALA F 195 30.29 -5.06 -17.75
CA ALA F 195 29.96 -3.66 -17.99
C ALA F 195 29.65 -3.42 -19.46
N PHE F 196 30.42 -4.06 -20.36
CA PHE F 196 30.15 -3.97 -21.79
C PHE F 196 28.79 -4.57 -22.13
N GLU F 197 28.45 -5.71 -21.51
CA GLU F 197 27.15 -6.32 -21.73
C GLU F 197 26.02 -5.38 -21.33
N ALA F 198 26.16 -4.70 -20.19
CA ALA F 198 25.10 -3.81 -19.73
C ALA F 198 24.97 -2.59 -20.63
N LEU F 199 26.10 -1.99 -21.02
CA LEU F 199 26.04 -0.83 -21.89
C LEU F 199 25.31 -1.15 -23.19
N ASN F 200 25.52 -2.35 -23.72
CA ASN F 200 24.88 -2.72 -24.97
C ASN F 200 23.39 -3.00 -24.78
N HIS F 201 23.02 -3.59 -23.65
CA HIS F 201 21.60 -3.86 -23.41
C HIS F 201 20.85 -2.57 -23.15
N ALA F 202 21.44 -1.66 -22.37
CA ALA F 202 20.75 -0.40 -22.06
C ALA F 202 20.38 0.35 -23.33
N SER F 203 21.26 0.31 -24.34
CA SER F 203 20.94 0.94 -25.62
C SER F 203 19.73 0.28 -26.26
N GLU F 204 19.63 -1.05 -26.15
CA GLU F 204 18.52 -1.77 -26.77
C GLU F 204 17.18 -1.33 -26.20
N VAL F 205 17.08 -1.27 -24.87
CA VAL F 205 15.80 -0.94 -24.24
C VAL F 205 15.55 0.55 -24.13
N ASP F 206 16.48 1.39 -24.59
CA ASP F 206 16.33 2.84 -24.55
C ASP F 206 16.00 3.30 -23.12
N ALA F 207 16.78 2.80 -22.17
CA ALA F 207 16.56 3.12 -20.76
C ALA F 207 16.94 4.56 -20.48
N ASP F 208 16.16 5.21 -19.61
CA ASP F 208 16.49 6.54 -19.11
C ASP F 208 17.40 6.36 -17.91
N MET F 209 18.71 6.44 -18.14
CA MET F 209 19.68 6.25 -17.08
C MET F 209 20.94 7.03 -17.41
N LEU F 210 21.73 7.29 -16.37
CA LEU F 210 22.97 8.05 -16.48
C LEU F 210 24.12 7.20 -15.98
N VAL F 211 25.13 7.03 -16.83
CA VAL F 211 26.38 6.36 -16.46
C VAL F 211 27.46 7.43 -16.36
N ILE F 212 28.09 7.55 -15.20
CA ILE F 212 29.18 8.50 -14.98
C ILE F 212 30.47 7.69 -14.93
N LEU F 213 31.30 7.83 -15.96
CA LEU F 213 32.63 7.23 -15.97
C LEU F 213 33.55 8.07 -15.09
N ASN F 214 33.95 7.52 -13.95
CA ASN F 214 34.90 8.17 -13.06
C ASN F 214 36.30 7.76 -13.52
N ASP F 215 36.87 8.57 -14.41
CA ASP F 215 38.13 8.26 -15.08
C ASP F 215 39.27 8.96 -14.34
N ASN F 216 40.17 8.15 -13.75
CA ASN F 216 41.38 8.69 -13.14
C ASN F 216 42.63 7.95 -13.62
N ASP F 217 42.52 7.20 -14.71
CA ASP F 217 43.67 6.50 -15.29
C ASP F 217 44.32 5.55 -14.29
N MET F 218 43.55 5.04 -13.35
CA MET F 218 44.06 4.17 -12.30
C MET F 218 43.07 3.03 -12.07
N SER F 219 43.61 1.87 -11.72
CA SER F 219 42.88 0.82 -11.03
C SER F 219 43.43 0.75 -9.58
N ILE F 220 43.85 -0.41 -9.09
CA ILE F 220 44.73 -0.41 -7.92
C ILE F 220 46.16 -0.12 -8.36
N SER F 221 46.72 -0.99 -9.19
CA SER F 221 47.87 -0.63 -10.00
C SER F 221 47.44 0.38 -11.07
N HIS F 222 48.39 0.80 -11.89
CA HIS F 222 48.05 1.61 -13.05
C HIS F 222 47.12 0.83 -13.96
N ASN F 223 46.09 1.51 -14.48
CA ASN F 223 45.14 0.85 -15.36
C ASN F 223 45.80 0.60 -16.71
N VAL F 224 46.05 -0.68 -17.02
CA VAL F 224 46.78 -1.09 -18.20
C VAL F 224 45.82 -1.90 -19.07
N GLY F 225 45.48 -1.37 -20.23
CA GLY F 225 44.59 -2.08 -21.14
C GLY F 225 44.21 -1.20 -22.31
N GLY F 226 43.58 -1.84 -23.30
CA GLY F 226 43.19 -1.13 -24.50
C GLY F 226 42.12 -0.09 -24.25
N LEU F 227 41.19 -0.38 -23.34
CA LEU F 227 40.18 0.62 -22.99
C LEU F 227 40.82 1.83 -22.34
N SER F 228 41.77 1.60 -21.42
CA SER F 228 42.48 2.71 -20.81
C SER F 228 43.19 3.55 -21.86
N ASN F 229 43.77 2.90 -22.87
CA ASN F 229 44.44 3.64 -23.94
C ASN F 229 43.44 4.52 -24.70
N TYR F 230 42.26 3.97 -25.00
CA TYR F 230 41.26 4.75 -25.74
C TYR F 230 40.76 5.92 -24.90
N LEU F 231 40.51 5.69 -23.61
CA LEU F 231 39.99 6.76 -22.76
C LEU F 231 40.98 7.91 -22.65
N ALA F 232 42.29 7.62 -22.68
CA ALA F 232 43.28 8.68 -22.66
C ALA F 232 43.16 9.55 -23.91
N LYS F 233 42.90 8.93 -25.06
CA LYS F 233 42.76 9.70 -26.30
C LYS F 233 41.61 10.68 -26.21
N ILE F 234 40.42 10.20 -25.83
CA ILE F 234 39.27 11.07 -25.64
C ILE F 234 39.37 11.75 -24.28
N LEU F 244 33.39 3.91 -29.75
CA LEU F 244 32.73 4.99 -29.01
C LEU F 244 31.57 4.47 -28.17
N PHE F 245 31.32 5.16 -27.06
CA PHE F 245 30.04 4.99 -26.39
C PHE F 245 28.90 5.55 -27.23
N GLU F 246 29.22 6.54 -28.09
CA GLU F 246 28.23 7.06 -29.02
C GLU F 246 27.91 6.06 -30.13
N GLU F 247 28.88 5.23 -30.52
CA GLU F 247 28.59 4.18 -31.48
C GLU F 247 27.60 3.17 -30.91
N LEU F 248 27.81 2.75 -29.65
CA LEU F 248 26.73 2.18 -28.87
C LEU F 248 25.67 3.26 -28.73
N GLY F 249 24.53 2.93 -28.15
CA GLY F 249 23.42 3.88 -28.19
C GLY F 249 23.44 4.95 -27.13
N TRP F 250 24.60 5.53 -26.82
CA TRP F 250 24.75 6.44 -25.70
C TRP F 250 25.07 7.86 -26.15
N ASN F 251 24.48 8.83 -25.44
CA ASN F 251 24.76 10.25 -25.65
C ASN F 251 25.95 10.63 -24.77
N TYR F 252 27.08 10.92 -25.39
CA TYR F 252 28.34 11.14 -24.68
C TYR F 252 28.56 12.63 -24.43
N ILE F 253 28.89 12.97 -23.18
CA ILE F 253 29.20 14.33 -22.78
C ILE F 253 30.53 14.33 -22.05
N GLY F 254 31.45 15.18 -22.47
CA GLY F 254 32.68 15.39 -21.74
C GLY F 254 33.92 15.30 -22.61
N PRO F 255 35.08 15.06 -21.98
CA PRO F 255 35.29 14.90 -20.53
C PRO F 255 35.19 16.22 -19.79
N ILE F 256 34.80 16.20 -18.51
CA ILE F 256 34.72 17.40 -17.69
C ILE F 256 35.60 17.22 -16.46
N ASP F 257 35.95 18.34 -15.85
CA ASP F 257 36.79 18.35 -14.66
C ASP F 257 35.98 17.85 -13.47
N GLY F 258 36.32 16.67 -12.97
CA GLY F 258 35.61 16.07 -11.86
C GLY F 258 35.83 16.74 -10.53
N HIS F 259 36.68 17.76 -10.46
CA HIS F 259 36.92 18.52 -9.24
C HIS F 259 36.48 19.97 -9.37
N ASP F 260 35.73 20.30 -10.41
CA ASP F 260 35.19 21.64 -10.64
C ASP F 260 33.71 21.58 -10.30
N LEU F 261 33.38 21.90 -9.04
CA LEU F 261 32.00 21.79 -8.60
C LEU F 261 31.02 22.63 -9.41
N PRO F 262 31.32 23.88 -9.77
CA PRO F 262 30.37 24.61 -10.63
C PRO F 262 30.07 23.88 -11.94
N THR F 263 31.08 23.31 -12.57
CA THR F 263 30.87 22.57 -13.82
C THR F 263 30.08 21.30 -13.57
N LEU F 264 30.49 20.52 -12.57
CA LEU F 264 29.78 19.27 -12.25
C LEU F 264 28.30 19.52 -12.05
N VAL F 265 27.96 20.49 -11.20
CA VAL F 265 26.56 20.76 -10.89
C VAL F 265 25.80 21.17 -12.14
N ALA F 266 26.37 22.10 -12.90
CA ALA F 266 25.70 22.57 -14.12
C ALA F 266 25.50 21.42 -15.10
N THR F 267 26.53 20.58 -15.27
CA THR F 267 26.43 19.48 -16.23
C THR F 267 25.41 18.44 -15.77
N LEU F 268 25.50 18.01 -14.51
CA LEU F 268 24.54 17.04 -14.00
C LEU F 268 23.12 17.57 -14.10
N ARG F 269 22.92 18.86 -13.81
CA ARG F 269 21.60 19.46 -13.93
C ARG F 269 21.07 19.31 -15.36
N ASN F 270 21.90 19.61 -16.35
CA ASN F 270 21.47 19.50 -17.74
C ASN F 270 21.14 18.05 -18.11
N MET F 271 21.93 17.10 -17.63
CA MET F 271 21.77 15.72 -18.04
C MET F 271 20.70 14.98 -17.24
N ARG F 272 20.36 15.47 -16.05
CA ARG F 272 19.35 14.81 -15.23
C ARG F 272 18.02 14.71 -15.98
N ASP F 273 17.65 15.76 -16.71
CA ASP F 273 16.36 15.80 -17.39
C ASP F 273 16.45 15.36 -18.85
N MET F 274 17.61 14.88 -19.30
CA MET F 274 17.71 14.30 -20.63
C MET F 274 17.18 12.88 -20.62
N LYS F 275 16.76 12.41 -21.79
CA LYS F 275 16.14 11.11 -21.92
C LYS F 275 17.09 10.12 -22.58
N GLY F 276 16.80 8.84 -22.38
CA GLY F 276 17.56 7.77 -22.96
C GLY F 276 18.90 7.58 -22.27
N PRO F 277 19.73 6.68 -22.81
CA PRO F 277 21.04 6.40 -22.19
C PRO F 277 21.97 7.61 -22.30
N GLN F 278 22.43 8.09 -21.15
CA GLN F 278 23.34 9.22 -21.07
C GLN F 278 24.66 8.76 -20.44
N PHE F 279 25.77 9.26 -20.98
CA PHE F 279 27.11 8.86 -20.57
C PHE F 279 27.94 10.11 -20.33
N LEU F 280 28.27 10.37 -19.07
CA LEU F 280 29.06 11.55 -18.68
C LEU F 280 30.48 11.11 -18.34
N HIS F 281 31.45 11.65 -19.08
CA HIS F 281 32.87 11.35 -18.85
C HIS F 281 33.44 12.38 -17.89
N VAL F 282 33.82 11.94 -16.70
CA VAL F 282 34.39 12.80 -15.66
C VAL F 282 35.82 12.35 -15.41
N VAL F 283 36.72 13.32 -15.26
CA VAL F 283 38.14 13.06 -15.02
C VAL F 283 38.46 13.51 -13.60
N THR F 284 39.00 12.60 -12.81
CA THR F 284 39.39 12.88 -11.43
C THR F 284 40.84 12.45 -11.20
N LYS F 285 41.36 12.83 -10.04
CA LYS F 285 42.71 12.50 -9.61
C LYS F 285 42.61 11.65 -8.36
N LYS F 286 43.06 10.40 -8.44
CA LYS F 286 43.07 9.54 -7.28
C LYS F 286 43.94 10.15 -6.18
N GLY F 287 43.40 10.25 -4.98
CA GLY F 287 44.09 10.89 -3.88
C GLY F 287 44.03 12.39 -3.88
N LYS F 288 43.13 12.99 -4.67
CA LYS F 288 43.06 14.45 -4.78
C LYS F 288 43.01 15.12 -3.41
N GLY F 289 43.90 16.08 -3.21
CA GLY F 289 43.93 16.88 -2.01
C GLY F 289 44.96 16.46 -0.98
N PHE F 290 45.43 15.21 -1.03
CA PHE F 290 46.44 14.71 -0.12
C PHE F 290 47.69 14.40 -0.93
N ALA F 291 48.70 15.26 -0.81
CA ALA F 291 49.90 15.15 -1.64
C ALA F 291 50.53 13.75 -1.62
N PRO F 292 50.70 13.10 -0.47
CA PRO F 292 51.28 11.74 -0.50
C PRO F 292 50.47 10.77 -1.35
N ALA F 293 49.14 10.87 -1.32
CA ALA F 293 48.32 9.97 -2.11
C ALA F 293 48.35 10.33 -3.59
N GLU F 294 48.46 11.61 -3.91
CA GLU F 294 48.62 12.02 -5.31
C GLU F 294 49.93 11.49 -5.88
N LEU F 295 51.01 11.54 -5.08
CA LEU F 295 52.30 11.05 -5.54
C LEU F 295 52.29 9.53 -5.69
N ASP F 296 51.74 8.82 -4.71
CA ASP F 296 51.78 7.36 -4.64
C ASP F 296 50.35 6.82 -4.59
N PRO F 297 49.61 6.90 -5.70
CA PRO F 297 48.22 6.42 -5.69
C PRO F 297 48.09 4.94 -5.42
N ILE F 298 49.08 4.12 -5.82
CA ILE F 298 49.01 2.70 -5.53
C ILE F 298 49.10 2.46 -4.04
N GLY F 299 50.12 3.02 -3.37
CA GLY F 299 50.30 2.81 -1.95
C GLY F 299 49.18 3.38 -1.10
N TYR F 300 48.47 4.38 -1.60
CA TYR F 300 47.39 5.02 -0.85
C TYR F 300 46.01 4.59 -1.34
N HIS F 301 45.94 3.51 -2.12
CA HIS F 301 44.63 2.92 -2.42
C HIS F 301 43.92 2.52 -1.14
N ALA F 302 44.67 2.08 -0.13
CA ALA F 302 44.14 1.79 1.19
C ALA F 302 45.24 2.00 2.22
N ILE F 303 44.85 2.21 3.47
CA ILE F 303 45.79 2.43 4.56
C ILE F 303 45.29 1.72 5.82
N THR F 304 46.23 1.48 6.74
CA THR F 304 45.89 1.02 8.07
C THR F 304 45.72 2.22 9.00
N LYS F 305 45.05 2.00 10.12
CA LYS F 305 44.82 3.08 11.08
C LYS F 305 46.15 3.61 11.60
N LEU F 306 46.16 4.89 11.95
CA LEU F 306 47.38 5.56 12.38
C LEU F 306 47.85 5.03 13.73
N GLU F 307 49.17 5.12 13.96
CA GLU F 307 49.77 4.72 15.22
C GLU F 307 49.41 3.29 15.59
N GLY F 317 55.90 -11.31 12.78
CA GLY F 317 55.35 -12.52 12.20
C GLY F 317 56.02 -12.93 10.89
N GLY F 318 55.65 -14.09 10.37
CA GLY F 318 56.22 -14.58 9.14
C GLY F 318 55.68 -13.86 7.93
N PRO F 319 56.09 -14.31 6.75
CA PRO F 319 55.63 -13.68 5.51
C PRO F 319 54.15 -13.94 5.27
N LYS F 320 53.51 -13.00 4.59
CA LYS F 320 52.15 -13.25 4.11
C LYS F 320 52.17 -14.37 3.08
N TYR F 321 51.10 -15.16 3.05
CA TYR F 321 51.01 -16.23 2.07
C TYR F 321 51.14 -15.69 0.66
N SER F 322 50.58 -14.51 0.39
CA SER F 322 50.74 -13.90 -0.92
C SER F 322 52.22 -13.67 -1.22
N SER F 323 53.01 -13.29 -0.21
CA SER F 323 54.44 -13.10 -0.45
C SER F 323 55.17 -14.42 -0.64
N VAL F 324 54.73 -15.47 0.03
CA VAL F 324 55.29 -16.80 -0.23
C VAL F 324 55.02 -17.21 -1.68
N PHE F 325 53.81 -16.96 -2.16
CA PHE F 325 53.48 -17.25 -3.55
C PHE F 325 54.36 -16.43 -4.49
N GLY F 326 54.48 -15.13 -4.22
CA GLY F 326 55.27 -14.28 -5.10
C GLY F 326 56.71 -14.71 -5.19
N GLN F 327 57.28 -15.19 -4.08
CA GLN F 327 58.65 -15.68 -4.11
C GLN F 327 58.74 -16.99 -4.89
N TRP F 328 57.77 -17.88 -4.73
CA TRP F 328 57.76 -19.11 -5.51
C TRP F 328 57.65 -18.81 -7.00
N LEU F 329 56.81 -17.85 -7.37
CA LEU F 329 56.63 -17.51 -8.78
C LEU F 329 57.95 -17.07 -9.39
N CYS F 330 58.68 -16.19 -8.70
CA CYS F 330 59.99 -15.76 -9.18
C CYS F 330 60.97 -16.92 -9.24
N ASP F 331 60.99 -17.74 -8.19
CA ASP F 331 61.95 -18.84 -8.12
C ASP F 331 61.72 -19.84 -9.24
N MET F 332 60.46 -20.22 -9.48
CA MET F 332 60.17 -21.17 -10.55
C MET F 332 60.44 -20.54 -11.91
N ALA F 333 60.12 -19.26 -12.07
CA ALA F 333 60.37 -18.59 -13.34
C ALA F 333 61.86 -18.56 -13.68
N ALA F 334 62.72 -18.48 -12.66
CA ALA F 334 64.16 -18.53 -12.90
C ALA F 334 64.61 -19.92 -13.36
N GLN F 335 63.83 -20.96 -13.04
CA GLN F 335 64.17 -22.32 -13.41
C GLN F 335 63.46 -22.80 -14.68
N ASP F 336 62.43 -22.09 -15.12
CA ASP F 336 61.54 -22.59 -16.18
C ASP F 336 61.07 -21.41 -17.01
N ALA F 337 61.60 -21.29 -18.22
CA ALA F 337 61.20 -20.21 -19.12
C ALA F 337 59.75 -20.31 -19.56
N ARG F 338 59.08 -21.43 -19.28
CA ARG F 338 57.69 -21.62 -19.70
C ARG F 338 56.70 -20.91 -18.79
N LEU F 339 57.08 -20.58 -17.57
CA LEU F 339 56.13 -20.03 -16.61
C LEU F 339 55.66 -18.66 -17.04
N LEU F 340 54.34 -18.47 -17.09
CA LEU F 340 53.72 -17.18 -17.33
C LEU F 340 52.81 -16.85 -16.16
N GLY F 341 52.82 -15.59 -15.74
CA GLY F 341 52.04 -15.14 -14.59
C GLY F 341 50.95 -14.17 -15.02
N ILE F 342 49.72 -14.47 -14.61
CA ILE F 342 48.53 -13.73 -15.01
C ILE F 342 47.78 -13.27 -13.77
N THR F 343 47.36 -12.01 -13.76
CA THR F 343 46.50 -11.51 -12.70
C THR F 343 45.43 -10.61 -13.30
N PRO F 344 44.19 -10.65 -12.79
CA PRO F 344 43.19 -9.65 -13.21
C PRO F 344 43.26 -8.42 -12.31
N ALA F 345 44.27 -7.58 -12.59
CA ALA F 345 44.42 -6.26 -11.95
C ALA F 345 44.67 -6.37 -10.45
N MET F 346 45.32 -7.42 -9.98
CA MET F 346 45.66 -7.56 -8.57
C MET F 346 47.12 -7.93 -8.38
N LYS F 347 48.01 -7.24 -9.11
CA LYS F 347 49.44 -7.46 -8.91
C LYS F 347 49.84 -7.25 -7.46
N GLU F 348 49.32 -6.20 -6.82
CA GLU F 348 49.73 -5.86 -5.47
C GLU F 348 49.15 -6.86 -4.46
N GLY F 349 47.87 -7.17 -4.59
CA GLY F 349 47.23 -8.04 -3.60
C GLY F 349 47.73 -9.47 -3.67
N SER F 350 47.76 -10.04 -4.87
CA SER F 350 48.33 -11.37 -5.07
C SER F 350 49.85 -11.36 -5.03
N ASP F 351 50.47 -10.18 -5.11
CA ASP F 351 51.91 -10.01 -5.00
C ASP F 351 52.67 -10.66 -6.14
N LEU F 352 52.41 -10.21 -7.37
CA LEU F 352 53.27 -10.49 -8.52
C LEU F 352 54.27 -9.36 -8.75
N VAL F 353 54.57 -8.58 -7.71
CA VAL F 353 55.32 -7.34 -7.89
C VAL F 353 56.73 -7.64 -8.40
N ALA F 354 57.48 -8.44 -7.65
CA ALA F 354 58.84 -8.76 -8.07
C ALA F 354 58.85 -9.51 -9.38
N PHE F 355 57.86 -10.39 -9.59
CA PHE F 355 57.79 -11.13 -10.83
C PHE F 355 57.60 -10.21 -12.03
N SER F 356 56.71 -9.22 -11.90
CA SER F 356 56.47 -8.30 -12.99
C SER F 356 57.72 -7.48 -13.31
N GLU F 357 58.53 -7.18 -12.31
CA GLU F 357 59.75 -6.41 -12.54
C GLU F 357 60.84 -7.27 -13.16
N ARG F 358 60.98 -8.52 -12.71
CA ARG F 358 62.05 -9.37 -13.18
C ARG F 358 61.74 -10.02 -14.52
N TYR F 359 60.47 -10.28 -14.81
CA TYR F 359 60.06 -10.98 -16.03
C TYR F 359 58.92 -10.23 -16.70
N PRO F 360 59.16 -9.00 -17.14
CA PRO F 360 58.07 -8.20 -17.72
C PRO F 360 57.44 -8.85 -18.95
N GLU F 361 58.24 -9.58 -19.74
CA GLU F 361 57.72 -10.22 -20.95
C GLU F 361 56.84 -11.43 -20.63
N ARG F 362 56.80 -11.88 -19.39
CA ARG F 362 56.05 -13.06 -18.98
C ARG F 362 54.98 -12.73 -17.95
N TYR F 363 54.68 -11.45 -17.75
CA TYR F 363 53.70 -11.00 -16.77
C TYR F 363 52.53 -10.36 -17.51
N PHE F 364 51.32 -10.73 -17.14
CA PHE F 364 50.13 -10.28 -17.87
C PHE F 364 49.05 -9.84 -16.89
N ASP F 365 48.83 -8.53 -16.83
CA ASP F 365 47.70 -7.94 -16.16
C ASP F 365 46.60 -7.71 -17.21
N VAL F 366 45.48 -8.41 -17.06
CA VAL F 366 44.41 -8.37 -18.05
C VAL F 366 43.32 -7.35 -17.68
N ALA F 367 43.62 -6.45 -16.75
CA ALA F 367 42.60 -5.54 -16.21
C ALA F 367 41.62 -6.36 -15.38
N ILE F 368 40.47 -5.77 -15.01
CA ILE F 368 39.51 -6.48 -14.18
C ILE F 368 38.70 -7.41 -15.08
N ALA F 369 39.34 -8.49 -15.55
CA ALA F 369 38.80 -9.37 -16.57
C ALA F 369 39.11 -10.82 -16.19
N GLU F 370 38.46 -11.29 -15.12
CA GLU F 370 38.73 -12.64 -14.62
C GLU F 370 38.45 -13.70 -15.69
N GLN F 371 37.35 -13.53 -16.44
CA GLN F 371 37.01 -14.51 -17.47
C GLN F 371 38.13 -14.65 -18.49
N HIS F 372 38.60 -13.52 -19.04
CA HIS F 372 39.63 -13.58 -20.08
C HIS F 372 40.94 -14.12 -19.53
N ALA F 373 41.25 -13.84 -18.26
CA ALA F 373 42.48 -14.34 -17.67
C ALA F 373 42.58 -15.85 -17.78
N VAL F 374 41.47 -16.56 -17.53
CA VAL F 374 41.49 -18.02 -17.48
C VAL F 374 41.56 -18.60 -18.88
N THR F 375 40.74 -18.09 -19.80
CA THR F 375 40.76 -18.60 -21.17
C THR F 375 42.08 -18.26 -21.86
N LEU F 376 42.66 -17.10 -21.54
CA LEU F 376 43.98 -16.77 -22.05
C LEU F 376 45.00 -17.80 -21.59
N ALA F 377 44.97 -18.15 -20.31
CA ALA F 377 45.83 -19.20 -19.79
C ALA F 377 45.65 -20.50 -20.58
N ALA F 378 44.40 -20.85 -20.90
CA ALA F 378 44.14 -22.06 -21.67
C ALA F 378 44.85 -22.01 -23.02
N GLY F 379 44.73 -20.88 -23.73
CA GLY F 379 45.41 -20.75 -25.01
C GLY F 379 46.91 -20.88 -24.88
N MET F 380 47.49 -20.24 -23.86
CA MET F 380 48.93 -20.37 -23.61
C MET F 380 49.31 -21.83 -23.38
N ALA F 381 48.53 -22.55 -22.59
CA ALA F 381 48.84 -23.94 -22.30
C ALA F 381 48.74 -24.80 -23.55
N CYS F 382 47.95 -24.38 -24.53
CA CYS F 382 47.84 -25.15 -25.77
C CYS F 382 49.16 -25.17 -26.52
N GLU F 383 50.00 -24.14 -26.36
CA GLU F 383 51.29 -24.07 -27.04
C GLU F 383 52.44 -24.61 -26.19
N GLY F 384 52.15 -25.15 -25.01
CA GLY F 384 53.18 -25.71 -24.17
C GLY F 384 53.74 -24.78 -23.12
N MET F 385 53.23 -23.56 -23.00
CA MET F 385 53.63 -22.70 -21.91
C MET F 385 52.94 -23.14 -20.62
N LYS F 386 53.39 -22.59 -19.49
CA LYS F 386 52.95 -23.00 -18.16
C LYS F 386 52.35 -21.80 -17.43
N PRO F 387 51.12 -21.42 -17.77
CA PRO F 387 50.51 -20.24 -17.13
C PRO F 387 50.10 -20.51 -15.69
N VAL F 388 50.28 -19.50 -14.85
CA VAL F 388 49.78 -19.49 -13.48
C VAL F 388 48.79 -18.34 -13.38
N VAL F 389 47.55 -18.65 -13.00
CA VAL F 389 46.51 -17.65 -12.83
C VAL F 389 46.39 -17.33 -11.35
N ALA F 390 46.82 -16.13 -10.97
CA ALA F 390 46.68 -15.64 -9.60
C ALA F 390 45.33 -14.93 -9.50
N ILE F 391 44.48 -15.41 -8.60
CA ILE F 391 43.10 -14.94 -8.54
C ILE F 391 42.54 -15.27 -7.16
N TYR F 392 41.84 -14.31 -6.57
CA TYR F 392 41.21 -14.54 -5.27
C TYR F 392 40.06 -15.52 -5.41
N SER F 393 39.82 -16.28 -4.34
CA SER F 393 38.72 -17.24 -4.35
C SER F 393 37.40 -16.59 -4.73
N THR F 394 37.12 -15.40 -4.18
CA THR F 394 35.84 -14.76 -4.45
C THR F 394 35.75 -14.23 -5.87
N PHE F 395 36.86 -13.90 -6.51
CA PHE F 395 36.82 -13.42 -7.88
C PHE F 395 36.86 -14.55 -8.90
N LEU F 396 37.39 -15.72 -8.52
CA LEU F 396 37.40 -16.86 -9.42
C LEU F 396 36.00 -17.36 -9.73
N GLN F 397 35.01 -17.11 -8.86
CA GLN F 397 33.64 -17.52 -9.18
C GLN F 397 33.11 -16.78 -10.40
N ARG F 398 33.74 -15.67 -10.79
CA ARG F 398 33.36 -14.97 -12.01
C ARG F 398 33.99 -15.58 -13.26
N ALA F 399 35.00 -16.45 -13.11
CA ALA F 399 35.61 -17.16 -14.21
C ALA F 399 35.33 -18.66 -14.15
N TYR F 400 34.27 -19.05 -13.43
CA TYR F 400 33.96 -20.46 -13.23
C TYR F 400 33.76 -21.19 -14.55
N ASP F 401 33.03 -20.58 -15.48
CA ASP F 401 32.75 -21.25 -16.75
C ASP F 401 34.00 -21.40 -17.60
N GLN F 402 34.91 -20.43 -17.53
CA GLN F 402 36.17 -20.56 -18.25
C GLN F 402 37.04 -21.65 -17.64
N LEU F 403 37.01 -21.79 -16.32
CA LEU F 403 37.77 -22.86 -15.67
C LEU F 403 37.23 -24.24 -16.06
N ILE F 404 35.91 -24.40 -16.05
CA ILE F 404 35.31 -25.68 -16.40
C ILE F 404 35.47 -25.96 -17.88
N HIS F 405 34.91 -25.08 -18.72
CA HIS F 405 34.74 -25.37 -20.14
C HIS F 405 36.06 -25.27 -20.90
N ASP F 406 36.88 -24.27 -20.61
CA ASP F 406 38.09 -24.04 -21.38
C ASP F 406 39.31 -24.75 -20.81
N VAL F 407 39.37 -24.97 -19.50
CA VAL F 407 40.56 -25.56 -18.90
C VAL F 407 40.29 -27.03 -18.54
N ALA F 408 39.29 -27.28 -17.70
CA ALA F 408 39.12 -28.62 -17.14
C ALA F 408 38.60 -29.60 -18.18
N VAL F 409 37.63 -29.18 -19.00
CA VAL F 409 37.11 -30.07 -20.03
C VAL F 409 38.22 -30.52 -20.97
N GLN F 410 39.19 -29.63 -21.22
CA GLN F 410 40.32 -29.92 -22.09
C GLN F 410 41.53 -30.45 -21.33
N HIS F 411 41.42 -30.59 -20.02
CA HIS F 411 42.52 -31.05 -19.16
C HIS F 411 43.81 -30.28 -19.45
N LEU F 412 43.69 -28.97 -19.57
CA LEU F 412 44.82 -28.14 -19.91
C LEU F 412 45.66 -27.82 -18.67
N ASP F 413 46.95 -27.60 -18.91
CA ASP F 413 47.95 -27.46 -17.85
C ASP F 413 47.97 -26.00 -17.38
N VAL F 414 47.10 -25.70 -16.41
CA VAL F 414 46.96 -24.36 -15.85
C VAL F 414 46.94 -24.48 -14.33
N LEU F 415 47.71 -23.64 -13.66
CA LEU F 415 47.73 -23.57 -12.21
C LEU F 415 46.92 -22.36 -11.76
N PHE F 416 46.03 -22.56 -10.78
CA PHE F 416 45.24 -21.51 -10.16
C PHE F 416 45.79 -21.28 -8.75
N ALA F 417 46.42 -20.13 -8.53
CA ALA F 417 46.89 -19.73 -7.21
C ALA F 417 45.78 -18.90 -6.56
N ILE F 418 45.05 -19.52 -5.64
CA ILE F 418 43.79 -18.97 -5.15
C ILE F 418 44.07 -18.34 -3.79
N ASP F 419 44.34 -17.04 -3.80
CA ASP F 419 44.53 -16.24 -2.60
C ASP F 419 43.19 -15.90 -1.96
N ARG F 420 43.24 -15.35 -0.74
CA ARG F 420 42.07 -14.91 0.00
C ARG F 420 41.05 -16.04 0.14
N ALA F 421 41.54 -17.25 0.36
CA ALA F 421 40.67 -18.40 0.59
C ALA F 421 40.25 -18.41 2.06
N GLY F 422 38.95 -18.59 2.29
CA GLY F 422 38.40 -18.53 3.64
C GLY F 422 37.80 -17.19 3.96
N LEU F 423 37.80 -16.82 5.24
CA LEU F 423 37.30 -15.53 5.68
C LEU F 423 38.38 -14.47 5.51
N VAL F 424 38.00 -13.31 4.99
CA VAL F 424 38.96 -12.27 4.64
C VAL F 424 38.97 -11.10 5.61
N GLY F 425 38.06 -11.06 6.58
CA GLY F 425 38.10 -10.03 7.60
C GLY F 425 37.20 -8.84 7.33
N GLU F 426 37.81 -7.65 7.24
CA GLU F 426 37.04 -6.41 7.27
C GLU F 426 36.24 -6.20 5.99
N ASP F 427 36.74 -6.66 4.85
CA ASP F 427 36.01 -6.48 3.60
C ASP F 427 34.66 -7.18 3.63
N GLY F 428 34.50 -8.21 4.46
CA GLY F 428 33.20 -8.79 4.71
C GLY F 428 32.79 -9.85 3.72
N PRO F 429 31.49 -10.19 3.72
CA PRO F 429 31.05 -11.38 2.97
C PRO F 429 31.13 -11.23 1.45
N THR F 430 31.08 -10.01 0.92
CA THR F 430 31.18 -9.86 -0.53
C THR F 430 32.50 -10.38 -1.08
N HIS F 431 33.53 -10.48 -0.22
CA HIS F 431 34.86 -10.90 -0.64
C HIS F 431 35.28 -12.24 -0.01
N ALA F 432 34.38 -12.91 0.71
CA ALA F 432 34.74 -14.14 1.39
C ALA F 432 35.10 -15.24 0.39
N GLY F 433 36.18 -15.95 0.68
CA GLY F 433 36.57 -17.09 -0.13
C GLY F 433 36.01 -18.39 0.41
N SER F 434 34.69 -18.49 0.45
CA SER F 434 34.00 -19.52 1.22
C SER F 434 33.69 -20.80 0.43
N PHE F 435 33.79 -20.78 -0.90
CA PHE F 435 33.19 -21.84 -1.69
C PHE F 435 34.12 -22.56 -2.66
N ASP F 436 35.38 -22.16 -2.78
CA ASP F 436 36.19 -22.68 -3.89
C ASP F 436 36.43 -24.18 -3.76
N ILE F 437 36.52 -24.72 -2.54
CA ILE F 437 36.62 -26.17 -2.43
C ILE F 437 35.35 -26.81 -2.97
N SER F 438 34.19 -26.25 -2.62
CA SER F 438 32.93 -26.84 -3.05
C SER F 438 32.77 -26.75 -4.57
N TYR F 439 33.04 -25.59 -5.16
CA TYR F 439 32.73 -25.43 -6.59
C TYR F 439 33.84 -25.96 -7.50
N LEU F 440 35.04 -26.21 -6.98
CA LEU F 440 36.07 -26.80 -7.83
C LEU F 440 36.10 -28.32 -7.75
N ARG F 441 35.76 -28.89 -6.58
CA ARG F 441 35.94 -30.33 -6.38
C ARG F 441 34.95 -31.18 -7.17
N CYS F 442 33.82 -30.61 -7.59
CA CYS F 442 32.89 -31.35 -8.42
C CYS F 442 33.27 -31.35 -9.89
N ILE F 443 34.35 -30.67 -10.27
CA ILE F 443 34.76 -30.53 -11.66
C ILE F 443 35.77 -31.63 -11.98
N PRO F 444 35.45 -32.58 -12.87
CA PRO F 444 36.43 -33.63 -13.18
C PRO F 444 37.72 -33.06 -13.73
N GLY F 445 38.84 -33.70 -13.36
CA GLY F 445 40.15 -33.30 -13.81
C GLY F 445 40.89 -32.35 -12.87
N MET F 446 40.18 -31.71 -11.95
CA MET F 446 40.79 -30.70 -11.10
C MET F 446 41.61 -31.36 -9.99
N LEU F 447 42.87 -30.93 -9.85
CA LEU F 447 43.67 -31.18 -8.66
C LEU F 447 43.42 -30.04 -7.68
N VAL F 448 42.96 -30.37 -6.47
CA VAL F 448 42.53 -29.38 -5.49
C VAL F 448 43.33 -29.56 -4.21
N MET F 449 44.04 -28.51 -3.81
CA MET F 449 45.06 -28.58 -2.76
C MET F 449 44.83 -27.50 -1.72
N THR F 450 45.20 -27.82 -0.47
CA THR F 450 44.99 -26.94 0.67
C THR F 450 46.20 -26.95 1.58
N PRO F 451 47.22 -26.13 1.28
CA PRO F 451 48.42 -26.12 2.13
C PRO F 451 48.12 -25.61 3.53
N SER F 452 48.86 -26.14 4.50
CA SER F 452 48.63 -25.83 5.90
C SER F 452 49.59 -24.79 6.47
N ASP F 453 50.69 -24.47 5.77
CA ASP F 453 51.58 -23.42 6.23
C ASP F 453 52.42 -22.93 5.05
N GLU F 454 53.43 -22.11 5.36
CA GLU F 454 54.23 -21.48 4.31
C GLU F 454 54.98 -22.53 3.49
N ASP F 455 55.63 -23.48 4.19
CA ASP F 455 56.38 -24.53 3.49
C ASP F 455 55.47 -25.37 2.62
N GLU F 456 54.26 -25.66 3.09
CA GLU F 456 53.34 -26.48 2.32
C GLU F 456 52.81 -25.73 1.10
N LEU F 457 52.62 -24.41 1.21
CA LEU F 457 52.17 -23.64 0.07
C LEU F 457 53.19 -23.68 -1.07
N ARG F 458 54.46 -23.45 -0.74
CA ARG F 458 55.51 -23.54 -1.75
C ARG F 458 55.54 -24.94 -2.37
N LYS F 459 55.40 -25.98 -1.55
CA LYS F 459 55.48 -27.34 -2.05
C LYS F 459 54.28 -27.67 -2.93
N LEU F 460 53.08 -27.26 -2.53
CA LEU F 460 51.88 -27.59 -3.30
C LEU F 460 51.76 -26.73 -4.55
N LEU F 461 52.29 -25.51 -4.54
CA LEU F 461 52.39 -24.74 -5.76
C LEU F 461 53.26 -25.46 -6.78
N THR F 462 54.43 -25.95 -6.35
CA THR F 462 55.28 -26.73 -7.24
C THR F 462 54.55 -27.98 -7.73
N THR F 463 53.85 -28.67 -6.83
CA THR F 463 53.16 -29.90 -7.21
C THR F 463 52.11 -29.63 -8.29
N GLY F 464 51.21 -28.67 -8.03
CA GLY F 464 50.20 -28.35 -9.03
C GLY F 464 50.81 -27.81 -10.31
N TYR F 465 51.85 -26.99 -10.18
CA TYR F 465 52.52 -26.45 -11.37
C TYR F 465 53.05 -27.58 -12.25
N LEU F 466 53.79 -28.52 -11.65
CA LEU F 466 54.42 -29.57 -12.44
C LEU F 466 53.40 -30.58 -12.94
N PHE F 467 52.29 -30.76 -12.22
CA PHE F 467 51.23 -31.67 -12.65
C PHE F 467 50.77 -31.34 -14.06
N ASP F 468 50.63 -32.37 -14.89
CA ASP F 468 50.22 -32.19 -16.28
C ASP F 468 48.69 -32.12 -16.33
N GLY F 469 48.17 -30.96 -15.98
CA GLY F 469 46.74 -30.75 -15.94
C GLY F 469 46.34 -29.59 -15.05
N PRO F 470 45.03 -29.44 -14.83
CA PRO F 470 44.54 -28.29 -14.06
C PRO F 470 44.70 -28.53 -12.56
N ALA F 471 45.23 -27.51 -11.86
CA ALA F 471 45.49 -27.61 -10.44
C ALA F 471 45.07 -26.32 -9.75
N ALA F 472 44.63 -26.46 -8.50
CA ALA F 472 44.23 -25.33 -7.67
C ALA F 472 44.89 -25.45 -6.30
N VAL F 473 45.51 -24.35 -5.86
CA VAL F 473 46.10 -24.26 -4.52
C VAL F 473 45.50 -23.04 -3.85
N ARG F 474 44.80 -23.25 -2.74
CA ARG F 474 44.09 -22.21 -2.01
C ARG F 474 44.82 -21.85 -0.73
N TYR F 475 44.86 -20.57 -0.40
CA TYR F 475 45.52 -20.11 0.81
C TYR F 475 44.89 -18.81 1.27
N PRO F 476 44.98 -18.49 2.56
CA PRO F 476 44.27 -17.33 3.10
C PRO F 476 45.04 -16.03 3.00
N ARG F 477 44.29 -14.93 3.17
CA ARG F 477 44.89 -13.64 3.43
C ARG F 477 45.73 -13.70 4.70
N GLY F 478 46.73 -12.84 4.79
CA GLY F 478 47.52 -12.72 5.99
C GLY F 478 48.75 -13.64 5.99
N SER F 479 49.31 -13.81 7.18
CA SER F 479 50.48 -14.64 7.39
C SER F 479 50.10 -15.91 8.16
N GLY F 480 51.07 -16.82 8.29
CA GLY F 480 50.81 -18.12 8.86
C GLY F 480 51.55 -18.37 10.17
N PRO F 481 51.80 -19.64 10.48
CA PRO F 481 52.51 -19.96 11.74
C PRO F 481 53.99 -19.63 11.70
N ASN F 482 54.52 -19.21 10.55
CA ASN F 482 55.94 -18.87 10.43
C ASN F 482 56.82 -20.10 10.67
N HIS F 483 56.55 -21.17 9.94
CA HIS F 483 57.41 -22.34 9.96
C HIS F 483 58.50 -22.20 8.91
N PRO F 484 59.60 -22.94 9.04
CA PRO F 484 60.69 -22.83 8.04
C PRO F 484 60.23 -23.28 6.67
N ILE F 485 60.70 -22.57 5.64
CA ILE F 485 60.34 -22.84 4.26
C ILE F 485 61.55 -23.47 3.56
N ASP F 486 61.35 -24.67 3.03
CA ASP F 486 62.39 -25.33 2.24
C ASP F 486 62.65 -24.53 0.97
N PRO F 487 63.87 -24.06 0.73
CA PRO F 487 64.13 -23.24 -0.46
C PRO F 487 64.17 -24.00 -1.77
N ASP F 488 64.17 -25.33 -1.74
CA ASP F 488 64.18 -26.10 -2.98
C ASP F 488 62.81 -26.02 -3.65
N LEU F 489 62.74 -26.53 -4.88
CA LEU F 489 61.52 -26.54 -5.69
C LEU F 489 61.27 -27.99 -6.13
N GLN F 490 60.64 -28.76 -5.25
CA GLN F 490 60.29 -30.15 -5.54
C GLN F 490 58.83 -30.38 -5.19
N PRO F 491 58.12 -31.22 -5.95
CA PRO F 491 56.74 -31.53 -5.62
C PRO F 491 56.66 -32.57 -4.52
N VAL F 492 55.43 -32.84 -4.08
CA VAL F 492 55.16 -33.95 -3.17
C VAL F 492 54.22 -34.91 -3.88
N GLU F 493 54.12 -36.12 -3.33
CA GLU F 493 53.27 -37.14 -3.94
C GLU F 493 51.82 -36.70 -3.96
N ILE F 494 51.19 -36.81 -5.12
CA ILE F 494 49.83 -36.33 -5.30
C ILE F 494 48.86 -37.31 -4.65
N GLY F 495 47.89 -36.79 -3.90
CA GLY F 495 46.88 -37.63 -3.29
C GLY F 495 47.30 -38.32 -2.02
N LYS F 496 48.31 -37.81 -1.33
CA LYS F 496 48.79 -38.40 -0.09
C LYS F 496 48.86 -37.33 0.99
N GLY F 497 48.21 -37.58 2.12
CA GLY F 497 48.34 -36.71 3.26
C GLY F 497 49.53 -37.08 4.13
N VAL F 498 49.81 -36.23 5.11
CA VAL F 498 50.92 -36.44 6.03
C VAL F 498 50.36 -36.52 7.44
N VAL F 499 50.58 -37.65 8.11
CA VAL F 499 50.20 -37.78 9.51
C VAL F 499 51.16 -36.93 10.34
N ARG F 500 50.65 -35.86 10.94
CA ARG F 500 51.47 -34.97 11.74
C ARG F 500 51.41 -35.29 13.23
N ARG F 501 50.56 -36.21 13.64
CA ARG F 501 50.50 -36.64 15.04
C ARG F 501 49.79 -38.00 15.08
N ARG F 502 50.44 -38.99 15.66
CA ARG F 502 49.84 -40.31 15.84
C ARG F 502 49.21 -40.38 17.23
N GLY F 503 47.92 -40.69 17.28
CA GLY F 503 47.20 -40.80 18.53
C GLY F 503 46.21 -41.95 18.47
N GLY F 504 45.02 -41.75 19.05
CA GLY F 504 44.01 -42.78 19.01
C GLY F 504 42.63 -42.19 19.22
N ARG F 505 41.63 -43.02 18.91
CA ARG F 505 40.23 -42.72 19.20
C ARG F 505 39.65 -41.67 18.26
N VAL F 506 40.19 -40.46 18.27
CA VAL F 506 39.71 -39.37 17.43
C VAL F 506 40.79 -39.01 16.41
N ALA F 507 40.38 -38.83 15.16
CA ALA F 507 41.28 -38.43 14.09
C ALA F 507 40.81 -37.11 13.52
N LEU F 508 41.70 -36.12 13.48
CA LEU F 508 41.39 -34.80 12.92
C LEU F 508 41.98 -34.74 11.52
N LEU F 509 41.10 -34.68 10.52
CA LEU F 509 41.48 -34.60 9.11
C LEU F 509 41.42 -33.14 8.69
N VAL F 510 42.58 -32.48 8.67
CA VAL F 510 42.65 -31.04 8.49
C VAL F 510 42.97 -30.73 7.04
N PHE F 511 42.15 -29.89 6.42
CA PHE F 511 42.34 -29.42 5.05
C PHE F 511 42.68 -27.94 5.11
N GLY F 512 43.95 -27.62 5.37
CA GLY F 512 44.43 -26.26 5.27
C GLY F 512 44.97 -25.73 6.58
N VAL F 513 44.78 -24.43 6.79
CA VAL F 513 45.56 -23.67 7.78
C VAL F 513 45.05 -23.80 9.21
N GLN F 514 43.97 -24.52 9.45
CA GLN F 514 43.54 -24.78 10.82
C GLN F 514 44.37 -25.88 11.50
N LEU F 515 45.43 -26.34 10.83
CA LEU F 515 46.23 -27.44 11.39
C LEU F 515 46.81 -27.08 12.75
N ALA F 516 47.36 -25.87 12.88
CA ALA F 516 47.98 -25.48 14.13
C ALA F 516 46.98 -25.49 15.28
N GLU F 517 45.75 -25.05 15.03
CA GLU F 517 44.72 -25.10 16.06
C GLU F 517 44.34 -26.55 16.38
N ALA F 518 44.26 -27.39 15.36
CA ALA F 518 43.91 -28.79 15.59
C ALA F 518 44.99 -29.53 16.38
N MET F 519 46.25 -29.15 16.20
CA MET F 519 47.31 -29.76 16.99
C MET F 519 47.15 -29.40 18.47
N LYS F 520 46.69 -28.17 18.75
CA LYS F 520 46.42 -27.80 20.13
C LYS F 520 45.32 -28.66 20.74
N VAL F 521 44.22 -28.83 20.02
CA VAL F 521 43.12 -29.65 20.53
C VAL F 521 43.57 -31.09 20.70
N ALA F 522 44.43 -31.59 19.81
CA ALA F 522 44.84 -32.98 19.87
C ALA F 522 45.64 -33.27 21.13
N GLU F 523 46.31 -32.27 21.70
CA GLU F 523 47.16 -32.51 22.86
C GLU F 523 46.36 -33.08 24.03
N SER F 524 45.21 -32.49 24.33
CA SER F 524 44.41 -32.94 25.45
C SER F 524 43.66 -34.24 25.16
N LEU F 525 43.30 -34.48 23.90
CA LEU F 525 42.57 -35.67 23.53
C LEU F 525 43.47 -36.83 23.12
N ASP F 526 44.76 -36.57 22.90
CA ASP F 526 45.67 -37.56 22.31
C ASP F 526 45.12 -38.07 20.99
N ALA F 527 44.66 -37.14 20.15
CA ALA F 527 44.13 -37.46 18.85
C ALA F 527 45.25 -37.55 17.82
N THR F 528 44.99 -38.27 16.74
CA THR F 528 45.88 -38.21 15.59
C THR F 528 45.42 -37.09 14.69
N VAL F 529 46.37 -36.49 13.98
CA VAL F 529 46.14 -35.30 13.17
C VAL F 529 46.79 -35.53 11.81
N VAL F 530 46.01 -35.37 10.75
CA VAL F 530 46.48 -35.56 9.38
C VAL F 530 46.43 -34.21 8.66
N ASP F 531 47.55 -33.82 8.08
CA ASP F 531 47.62 -32.72 7.12
C ASP F 531 47.25 -33.31 5.77
N MET F 532 45.97 -33.15 5.39
CA MET F 532 45.43 -33.92 4.26
C MET F 532 46.07 -33.52 2.94
N ARG F 533 46.41 -32.24 2.78
CA ARG F 533 47.07 -31.72 1.59
C ARG F 533 46.15 -31.67 0.37
N PHE F 534 45.44 -32.77 0.10
CA PHE F 534 44.66 -32.91 -1.13
C PHE F 534 43.19 -33.16 -0.81
N VAL F 535 42.32 -32.31 -1.33
CA VAL F 535 40.89 -32.63 -1.36
C VAL F 535 40.61 -33.60 -2.51
N LYS F 536 41.31 -33.44 -3.63
CA LYS F 536 41.06 -34.20 -4.84
C LYS F 536 42.35 -34.29 -5.65
N PRO F 537 42.89 -35.50 -5.89
CA PRO F 537 42.45 -36.81 -5.41
C PRO F 537 42.60 -36.95 -3.89
N LEU F 538 41.64 -37.58 -3.24
CA LEU F 538 41.68 -37.79 -1.81
C LEU F 538 42.60 -38.95 -1.46
N ASP F 539 43.30 -38.83 -0.33
CA ASP F 539 44.15 -39.92 0.18
C ASP F 539 43.21 -41.00 0.72
N GLU F 540 42.68 -41.81 -0.20
CA GLU F 540 41.67 -42.79 0.19
C GLU F 540 42.27 -43.87 1.09
N ALA F 541 43.50 -44.29 0.82
CA ALA F 541 44.11 -45.36 1.61
C ALA F 541 44.24 -44.96 3.07
N LEU F 542 44.60 -43.70 3.33
CA LEU F 542 44.74 -43.25 4.71
C LEU F 542 43.39 -43.09 5.38
N VAL F 543 42.41 -42.52 4.68
CA VAL F 543 41.07 -42.38 5.25
C VAL F 543 40.52 -43.75 5.62
N ARG F 544 40.69 -44.74 4.73
CA ARG F 544 40.21 -46.09 5.02
C ARG F 544 40.87 -46.65 6.27
N GLU F 545 42.19 -46.47 6.40
CA GLU F 545 42.87 -46.93 7.60
C GLU F 545 42.29 -46.28 8.84
N LEU F 546 42.22 -44.95 8.85
CA LEU F 546 41.75 -44.25 10.04
C LEU F 546 40.31 -44.62 10.38
N ALA F 547 39.46 -44.79 9.38
CA ALA F 547 38.08 -45.18 9.64
C ALA F 547 38.01 -46.54 10.34
N GLY F 548 38.98 -47.41 10.11
CA GLY F 548 38.99 -48.71 10.75
C GLY F 548 39.62 -48.73 12.12
N SER F 549 40.50 -47.76 12.41
CA SER F 549 41.27 -47.76 13.64
C SER F 549 40.80 -46.74 14.66
N HIS F 550 39.86 -45.86 14.31
CA HIS F 550 39.43 -44.80 15.20
C HIS F 550 37.92 -44.82 15.37
N GLU F 551 37.45 -44.08 16.36
CA GLU F 551 36.04 -44.02 16.70
C GLU F 551 35.32 -42.81 16.14
N LEU F 552 36.06 -41.77 15.75
CA LEU F 552 35.45 -40.54 15.24
C LEU F 552 36.43 -39.87 14.28
N LEU F 553 35.94 -39.51 13.10
CA LEU F 553 36.69 -38.70 12.15
C LEU F 553 36.14 -37.28 12.19
N VAL F 554 37.05 -36.31 12.23
CA VAL F 554 36.70 -34.89 12.31
C VAL F 554 37.39 -34.18 11.17
N THR F 555 36.62 -33.62 10.25
CA THR F 555 37.16 -32.87 9.13
C THR F 555 37.12 -31.38 9.45
N ILE F 556 38.17 -30.67 9.04
CA ILE F 556 38.32 -29.25 9.33
C ILE F 556 38.79 -28.54 8.07
N GLU F 557 38.11 -27.45 7.71
CA GLU F 557 38.38 -26.73 6.47
C GLU F 557 37.84 -25.32 6.60
N GLU F 558 38.54 -24.36 6.01
CA GLU F 558 38.03 -22.98 5.96
C GLU F 558 37.26 -22.77 4.66
N ASN F 559 36.20 -23.55 4.54
CA ASN F 559 35.32 -23.57 3.36
C ASN F 559 33.96 -24.02 3.85
N ALA F 560 32.92 -23.64 3.09
CA ALA F 560 31.57 -24.09 3.41
C ALA F 560 31.54 -25.59 3.67
N VAL F 561 30.93 -25.97 4.79
CA VAL F 561 30.73 -27.40 5.06
C VAL F 561 29.93 -28.04 3.93
N MET F 562 28.95 -27.33 3.40
CA MET F 562 28.12 -27.86 2.33
C MET F 562 28.95 -28.02 1.06
N GLY F 563 29.10 -29.26 0.61
CA GLY F 563 29.88 -29.56 -0.57
C GLY F 563 31.38 -29.49 -0.40
N GLY F 564 31.86 -29.26 0.82
CA GLY F 564 33.26 -29.00 1.06
C GLY F 564 34.11 -30.26 1.13
N ALA F 565 35.32 -30.08 1.66
CA ALA F 565 36.28 -31.18 1.70
C ALA F 565 35.83 -32.28 2.64
N GLY F 566 35.18 -31.93 3.75
CA GLY F 566 34.63 -32.96 4.63
C GLY F 566 33.61 -33.83 3.93
N SER F 567 32.84 -33.26 3.01
CA SER F 567 31.86 -34.05 2.28
C SER F 567 32.53 -34.99 1.28
N ALA F 568 33.69 -34.62 0.76
CA ALA F 568 34.46 -35.56 -0.04
C ALA F 568 34.86 -36.78 0.80
N VAL F 569 35.32 -36.55 2.03
CA VAL F 569 35.56 -37.65 2.95
C VAL F 569 34.27 -38.43 3.16
N GLY F 570 33.16 -37.72 3.41
CA GLY F 570 31.89 -38.39 3.62
C GLY F 570 31.48 -39.24 2.44
N GLU F 571 31.63 -38.71 1.22
CA GLU F 571 31.27 -39.47 0.03
C GLU F 571 32.10 -40.75 -0.08
N PHE F 572 33.41 -40.66 0.19
CA PHE F 572 34.25 -41.85 0.12
C PHE F 572 33.82 -42.90 1.13
N LEU F 573 33.58 -42.47 2.38
CA LEU F 573 33.15 -43.41 3.41
C LEU F 573 31.86 -44.12 3.00
N ALA F 574 30.91 -43.38 2.46
CA ALA F 574 29.64 -43.97 2.05
C ALA F 574 29.85 -45.01 0.95
N SER F 575 30.66 -44.67 -0.06
CA SER F 575 30.83 -45.56 -1.20
C SER F 575 31.46 -46.89 -0.79
N GLU F 576 32.29 -46.88 0.26
CA GLU F 576 32.94 -48.10 0.73
C GLU F 576 32.20 -48.76 1.88
N GLY F 577 31.03 -48.25 2.27
CA GLY F 577 30.28 -48.82 3.37
C GLY F 577 31.01 -48.76 4.69
N LEU F 578 31.80 -47.72 4.92
CA LEU F 578 32.53 -47.56 6.17
C LEU F 578 31.66 -46.82 7.18
N GLU F 579 31.50 -47.40 8.35
CA GLU F 579 30.51 -46.95 9.33
C GLU F 579 31.15 -46.28 10.53
N VAL F 580 31.89 -45.20 10.31
CA VAL F 580 32.61 -44.48 11.37
C VAL F 580 31.97 -43.11 11.52
N PRO F 581 31.65 -42.67 12.74
CA PRO F 581 31.09 -41.33 12.91
C PRO F 581 31.97 -40.26 12.28
N LEU F 582 31.33 -39.26 11.68
CA LEU F 582 32.01 -38.18 10.98
C LEU F 582 31.48 -36.84 11.47
N LEU F 583 32.38 -35.97 11.90
CA LEU F 583 32.05 -34.63 12.37
C LEU F 583 32.70 -33.63 11.42
N GLN F 584 31.88 -32.85 10.71
CA GLN F 584 32.36 -31.96 9.66
C GLN F 584 32.35 -30.52 10.19
N LEU F 585 33.54 -29.97 10.40
CA LEU F 585 33.68 -28.60 10.87
C LEU F 585 34.15 -27.71 9.71
N GLY F 586 33.62 -26.50 9.67
CA GLY F 586 33.91 -25.59 8.57
C GLY F 586 33.09 -24.32 8.68
N LEU F 587 32.81 -23.72 7.51
CA LEU F 587 32.07 -22.46 7.54
C LEU F 587 30.56 -22.73 7.47
N PRO F 588 29.76 -21.95 8.18
CA PRO F 588 28.32 -22.22 8.23
C PRO F 588 27.60 -21.74 6.98
N ASP F 589 26.32 -22.09 6.90
CA ASP F 589 25.48 -21.77 5.75
C ASP F 589 24.80 -20.41 5.92
N TYR F 590 25.64 -19.39 6.14
CA TYR F 590 25.19 -18.01 6.11
C TYR F 590 26.39 -17.13 5.82
N TYR F 591 26.13 -15.84 5.64
CA TYR F 591 27.18 -14.88 5.29
C TYR F 591 27.69 -14.23 6.57
N VAL F 592 28.99 -14.39 6.84
CA VAL F 592 29.57 -13.97 8.10
C VAL F 592 29.86 -12.47 8.05
N GLU F 593 29.34 -11.74 9.01
CA GLU F 593 29.48 -10.30 9.04
C GLU F 593 30.94 -9.90 9.23
N HIS F 594 31.27 -8.72 8.71
CA HIS F 594 32.65 -8.25 8.76
C HIS F 594 33.12 -8.10 10.20
N ALA F 595 34.39 -8.41 10.41
CA ALA F 595 35.03 -8.31 11.71
C ALA F 595 36.50 -8.65 11.50
N LYS F 596 37.28 -8.64 12.56
CA LYS F 596 38.64 -9.12 12.48
C LYS F 596 38.62 -10.59 12.07
N PRO F 597 39.58 -11.04 11.25
CA PRO F 597 39.61 -12.48 10.93
C PRO F 597 39.49 -13.39 12.14
N SER F 598 40.24 -13.10 13.21
CA SER F 598 40.17 -13.94 14.40
C SER F 598 38.75 -13.96 14.97
N GLU F 599 38.06 -12.81 14.94
CA GLU F 599 36.69 -12.76 15.43
C GLU F 599 35.75 -13.58 14.54
N MET F 600 35.96 -13.53 13.22
CA MET F 600 35.11 -14.31 12.33
C MET F 600 35.38 -15.80 12.48
N LEU F 601 36.66 -16.18 12.61
CA LEU F 601 36.98 -17.59 12.81
C LEU F 601 36.40 -18.12 14.11
N ALA F 602 36.50 -17.33 15.19
CA ALA F 602 35.89 -17.73 16.45
C ALA F 602 34.39 -17.94 16.31
N GLU F 603 33.71 -17.02 15.61
CA GLU F 603 32.27 -17.15 15.42
C GLU F 603 31.92 -18.47 14.74
N CYS F 604 32.73 -18.88 13.76
CA CYS F 604 32.46 -20.10 13.01
C CYS F 604 33.01 -21.35 13.70
N GLY F 605 33.74 -21.20 14.80
CA GLY F 605 34.21 -22.36 15.54
C GLY F 605 35.47 -22.98 15.01
N LEU F 606 36.34 -22.20 14.36
CA LEU F 606 37.54 -22.73 13.73
C LEU F 606 38.82 -22.31 14.45
N ASP F 607 38.71 -21.88 15.70
CA ASP F 607 39.87 -21.78 16.58
C ASP F 607 39.93 -23.01 17.46
N ALA F 608 41.03 -23.14 18.22
CA ALA F 608 41.18 -24.30 19.09
C ALA F 608 39.97 -24.48 19.99
N ALA F 609 39.50 -23.39 20.59
CA ALA F 609 38.37 -23.47 21.52
C ALA F 609 37.13 -24.04 20.84
N GLY F 610 36.77 -23.51 19.67
CA GLY F 610 35.59 -23.97 18.98
C GLY F 610 35.70 -25.42 18.53
N ILE F 611 36.86 -25.79 18.02
CA ILE F 611 37.06 -27.18 17.56
C ILE F 611 36.96 -28.13 18.74
N GLU F 612 37.58 -27.78 19.87
CA GLU F 612 37.52 -28.64 21.05
C GLU F 612 36.08 -28.81 21.53
N LYS F 613 35.34 -27.72 21.61
CA LYS F 613 33.95 -27.81 22.05
C LYS F 613 33.14 -28.73 21.15
N ALA F 614 33.34 -28.62 19.83
CA ALA F 614 32.56 -29.44 18.90
C ALA F 614 32.89 -30.92 19.06
N VAL F 615 34.18 -31.26 19.14
CA VAL F 615 34.57 -32.64 19.33
C VAL F 615 34.12 -33.15 20.69
N ARG F 616 34.21 -32.30 21.71
CA ARG F 616 33.79 -32.71 23.05
C ARG F 616 32.29 -32.98 23.10
N GLN F 617 31.50 -32.10 22.48
CA GLN F 617 30.05 -32.25 22.53
C GLN F 617 29.56 -33.44 21.71
N ARG F 618 30.36 -33.90 20.74
CA ARG F 618 29.98 -35.10 19.99
C ARG F 618 30.32 -36.37 20.76
N LEU F 619 31.37 -36.34 21.57
CA LEU F 619 31.82 -37.53 22.29
C LEU F 619 31.10 -37.66 23.63
#